data_7YZQ
#
_entry.id   7YZQ
#
_cell.length_a   78.032
_cell.length_b   81.587
_cell.length_c   121.485
_cell.angle_alpha   100.830
_cell.angle_beta   96.920
_cell.angle_gamma   90.170
#
_symmetry.space_group_name_H-M   'P 1'
#
loop_
_entity.id
_entity.type
_entity.pdbx_description
1 polymer 'Dehydratase family protein'
2 polymer 'Putative CoA-substrate-specific enzyme activase'
3 non-polymer 'Double cubane cluster'
4 non-polymer 'TETRAETHYLENE GLYCOL'
5 non-polymer GLYCEROL
6 non-polymer TRIS(HYDROXYETHYL)AMINOMETHANE
7 non-polymer (R,R)-2,3-BUTANEDIOL
8 non-polymer "ADENOSINE-5'-DIPHOSPHATE"
9 non-polymer 'MAGNESIUM ION'
10 non-polymer 'TETRAFLUOROALUMINATE ION'
11 non-polymer 'IRON/SULFUR CLUSTER'
12 non-polymer 'SULFATE ION'
13 non-polymer 'AMMONIUM ION'
14 water water
#
loop_
_entity_poly.entity_id
_entity_poly.type
_entity_poly.pdbx_seq_one_letter_code
_entity_poly.pdbx_strand_id
1 'polypeptide(L)'
;GMDNRELWKVLNVDLEKHDEFLAPVPAVYRELFLNRPNRPRAMAYFDAVVGDIHGIRVHELYNLKQEGKKVFATFCVYVP
EEIINATGSACIGLCGGAQYTVPAGETVLPRNLCPLIKSAMGFKIERICPYFQVADYVVGETTCDGKKKAWEILNEYIPV
YVMELPQKKEERDRKFWEEEIKDFAQFVEEKTGVKLNAENLRAGIEKINKKRKALKRLSDLRKHNPAPIHGLDVLLINQL
AFFDDPERFATKVNELCDELEERVAKGEGVVSKDAPRILITGTPQPIPHWKIHALIEGAGGVVVGEETCIGERYFKDLVE
PAADVEGMLKNIAARSLKVNCACFTPNTGRLEDILSMVQKLQVDGVIHYSLQFCQPYGVESYLVGRELERRNIPFLKLES
DFSEEDQGQLKTRIEAFLEMIK
;
C,D,A,B
2 'polypeptide(L)'
;MFAGLDLGSTNSKLVIIKEDGSYTFKVVPTRYEPVKAGELLLKNTGEIRNLVVTGYGRVAFNRGKVVTEITCQARGCHEL
FPEVDYILDLGGQDAKIIKKDGQGRVVNFLMNDKCAAGTGRFLEIILTAIGDDYRDEDLINEENAVPINSMCTVFAESEV
ISLLARGTSKRAVIAGLFKTTAKRLAKFAESLGKPRKLIFTGGGAKYPALRLFLQKEMGVEVVVPPEPSVTAALGAALIA
RET
;
E,F,G,H
#
loop_
_chem_comp.id
_chem_comp.type
_chem_comp.name
_chem_comp.formula
ADP non-polymer ADENOSINE-5'-DIPHOSPHATE 'C10 H15 N5 O10 P2'
ALF non-polymer 'TETRAFLUOROALUMINATE ION' 'Al F4 -1'
BJ8 non-polymer 'Double cubane cluster' 'Fe8 S9'
BU3 non-polymer (R,R)-2,3-BUTANEDIOL 'C4 H10 O2'
GOL non-polymer GLYCEROL 'C3 H8 O3'
MG non-polymer 'MAGNESIUM ION' 'Mg 2'
NH4 non-polymer 'AMMONIUM ION' 'H4 N 1'
PG4 non-polymer 'TETRAETHYLENE GLYCOL' 'C8 H18 O5'
SF4 non-polymer 'IRON/SULFUR CLUSTER' 'Fe4 S4'
SO4 non-polymer 'SULFATE ION' 'O4 S -2'
TAM non-polymer TRIS(HYDROXYETHYL)AMINOMETHANE 'C7 H17 N O3'
#
# COMPACT_ATOMS: atom_id res chain seq x y z
N ASP A 3 5.47 -46.98 -39.46
CA ASP A 3 6.12 -45.91 -38.71
C ASP A 3 5.31 -44.62 -38.80
N ASN A 4 5.89 -43.50 -38.32
CA ASN A 4 5.11 -42.27 -38.15
C ASN A 4 4.47 -41.84 -39.47
N ARG A 5 5.25 -41.84 -40.56
CA ARG A 5 4.76 -41.31 -41.84
C ARG A 5 3.62 -42.15 -42.40
N GLU A 6 3.65 -43.46 -42.19
CA GLU A 6 2.52 -44.26 -42.64
C GLU A 6 1.27 -44.00 -41.79
N LEU A 7 1.43 -43.81 -40.49
CA LEU A 7 0.30 -43.42 -39.65
C LEU A 7 -0.31 -42.12 -40.14
N TRP A 8 0.51 -41.09 -40.38
CA TRP A 8 -0.05 -39.83 -40.86
C TRP A 8 -0.77 -39.99 -42.20
N LYS A 9 -0.27 -40.87 -43.07
CA LYS A 9 -0.96 -41.14 -44.34
C LYS A 9 -2.35 -41.73 -44.12
N VAL A 10 -2.44 -42.74 -43.27
CA VAL A 10 -3.75 -43.34 -42.98
C VAL A 10 -4.72 -42.33 -42.35
N LEU A 11 -4.19 -41.38 -41.58
CA LEU A 11 -5.03 -40.34 -40.99
C LEU A 11 -5.39 -39.24 -41.98
N ASN A 12 -4.92 -39.34 -43.22
CA ASN A 12 -5.16 -38.36 -44.25
C ASN A 12 -4.57 -37.00 -43.88
N VAL A 13 -3.43 -37.00 -43.19
CA VAL A 13 -2.68 -35.76 -42.98
C VAL A 13 -2.09 -35.25 -44.29
N ASP A 14 -2.18 -33.94 -44.50
CA ASP A 14 -1.49 -33.31 -45.62
C ASP A 14 0.00 -33.35 -45.28
N LEU A 15 0.71 -34.30 -45.89
CA LEU A 15 2.07 -34.61 -45.44
C LEU A 15 3.01 -33.43 -45.68
N GLU A 16 2.86 -32.74 -46.81
CA GLU A 16 3.82 -31.68 -47.11
C GLU A 16 3.63 -30.47 -46.18
N LYS A 17 2.36 -30.08 -45.96
CA LYS A 17 2.10 -28.95 -45.07
C LYS A 17 2.47 -29.30 -43.65
N HIS A 18 2.28 -30.55 -43.26
CA HIS A 18 2.66 -30.99 -41.93
C HIS A 18 4.18 -30.94 -41.73
N ASP A 19 4.95 -31.42 -42.72
CA ASP A 19 6.40 -31.32 -42.63
C ASP A 19 6.81 -29.88 -42.49
N GLU A 20 6.21 -29.00 -43.33
CA GLU A 20 6.49 -27.58 -43.30
C GLU A 20 6.19 -26.98 -41.93
N PHE A 21 5.08 -27.38 -41.33
CA PHE A 21 4.72 -26.91 -40.00
C PHE A 21 5.72 -27.37 -38.94
N LEU A 22 6.12 -28.64 -38.99
CA LEU A 22 7.02 -29.16 -37.96
C LEU A 22 8.49 -28.79 -38.17
N ALA A 23 8.89 -28.44 -39.40
CA ALA A 23 10.30 -28.24 -39.72
C ALA A 23 11.03 -27.27 -38.80
N PRO A 24 10.49 -26.10 -38.46
CA PRO A 24 11.22 -25.19 -37.59
C PRO A 24 11.19 -25.54 -36.11
N VAL A 25 10.46 -26.57 -35.70
CA VAL A 25 10.22 -26.72 -34.26
C VAL A 25 11.45 -27.24 -33.53
N PRO A 26 12.23 -28.17 -34.09
CA PRO A 26 13.41 -28.65 -33.34
C PRO A 26 14.40 -27.56 -33.03
N ALA A 27 14.64 -26.66 -33.99
CA ALA A 27 15.54 -25.53 -33.71
C ALA A 27 15.02 -24.67 -32.54
N VAL A 28 13.73 -24.37 -32.54
CA VAL A 28 13.19 -23.53 -31.47
C VAL A 28 13.33 -24.25 -30.12
N TYR A 29 12.99 -25.54 -30.09
CA TYR A 29 13.06 -26.29 -28.84
C TYR A 29 14.51 -26.35 -28.35
N ARG A 30 15.47 -26.50 -29.26
CA ARG A 30 16.88 -26.48 -28.90
C ARG A 30 17.27 -25.16 -28.23
N GLU A 31 16.84 -24.05 -28.81
CA GLU A 31 17.21 -22.75 -28.31
C GLU A 31 16.57 -22.45 -26.96
N LEU A 32 15.27 -22.75 -26.82
CA LEU A 32 14.48 -22.36 -25.67
C LEU A 32 14.53 -23.40 -24.58
N PHE A 33 14.81 -24.67 -24.89
CA PHE A 33 14.83 -25.70 -23.87
C PHE A 33 16.18 -26.39 -23.80
N LEU A 34 16.58 -27.15 -24.82
CA LEU A 34 17.70 -28.09 -24.68
C LEU A 34 19.02 -27.37 -24.38
N ASN A 35 19.25 -26.20 -24.94
CA ASN A 35 20.48 -25.48 -24.65
C ASN A 35 20.40 -24.60 -23.40
N ARG A 36 19.27 -24.59 -22.69
CA ARG A 36 19.16 -23.89 -21.42
C ARG A 36 19.76 -24.76 -20.34
N PRO A 37 20.76 -24.28 -19.58
CA PRO A 37 21.37 -25.13 -18.53
C PRO A 37 20.51 -25.30 -17.28
N ASN A 38 20.98 -26.21 -16.44
CA ASN A 38 20.45 -26.50 -15.10
CA ASN A 38 20.46 -26.52 -15.10
C ASN A 38 19.03 -27.03 -15.09
N ARG A 39 18.56 -27.61 -16.22
CA ARG A 39 17.21 -28.17 -16.24
C ARG A 39 17.21 -29.54 -15.55
N PRO A 40 16.13 -29.89 -14.84
CA PRO A 40 16.11 -31.16 -14.11
C PRO A 40 16.28 -32.32 -15.07
N ARG A 41 16.91 -33.38 -14.56
CA ARG A 41 17.13 -34.58 -15.37
C ARG A 41 15.80 -35.18 -15.85
N ALA A 42 14.78 -35.14 -15.01
CA ALA A 42 13.44 -35.63 -15.27
C ALA A 42 12.70 -34.85 -16.39
N MET A 43 13.32 -33.81 -16.94
CA MET A 43 12.72 -33.21 -18.12
C MET A 43 12.92 -34.08 -19.34
N ALA A 44 13.77 -35.11 -19.25
CA ALA A 44 14.13 -35.90 -20.43
C ALA A 44 12.91 -36.56 -21.05
N TYR A 45 11.96 -36.99 -20.20
CA TYR A 45 10.75 -37.61 -20.71
C TYR A 45 9.95 -36.62 -21.55
N PHE A 46 9.76 -35.43 -21.03
CA PHE A 46 9.00 -34.43 -21.75
C PHE A 46 9.75 -33.95 -22.98
N ASP A 47 11.06 -33.80 -22.88
CA ASP A 47 11.83 -33.47 -24.08
C ASP A 47 11.59 -34.50 -25.19
N ALA A 48 11.53 -35.80 -24.80
CA ALA A 48 11.33 -36.84 -25.79
C ALA A 48 9.90 -36.83 -26.34
N VAL A 49 8.94 -36.37 -25.54
CA VAL A 49 7.59 -36.26 -26.05
C VAL A 49 7.56 -35.19 -27.14
N VAL A 50 8.20 -34.03 -26.89
CA VAL A 50 8.18 -32.99 -27.92
C VAL A 50 8.89 -33.49 -29.16
N GLY A 51 10.00 -34.22 -28.96
CA GLY A 51 10.79 -34.77 -30.06
C GLY A 51 10.01 -35.73 -30.95
N ASP A 52 8.93 -36.32 -30.44
CA ASP A 52 8.10 -37.24 -31.21
C ASP A 52 6.64 -36.89 -31.02
N ILE A 53 6.37 -35.59 -31.06
CA ILE A 53 5.09 -35.02 -30.60
C ILE A 53 3.92 -35.58 -31.38
N HIS A 54 4.13 -35.98 -32.63
CA HIS A 54 3.05 -36.53 -33.44
C HIS A 54 3.23 -38.01 -33.69
N GLY A 55 4.00 -38.68 -32.82
CA GLY A 55 4.35 -40.06 -33.03
C GLY A 55 3.62 -40.96 -32.05
N ILE A 56 4.32 -41.37 -31.00
CA ILE A 56 3.89 -42.48 -30.17
C ILE A 56 2.49 -42.25 -29.61
N ARG A 57 2.18 -41.03 -29.13
CA ARG A 57 0.83 -40.80 -28.57
C ARG A 57 -0.25 -40.94 -29.64
N VAL A 58 0.02 -40.46 -30.85
CA VAL A 58 -0.93 -40.57 -31.95
C VAL A 58 -1.08 -42.03 -32.34
N HIS A 59 -0.01 -42.83 -32.24
CA HIS A 59 -0.13 -44.28 -32.44
C HIS A 59 -1.05 -44.90 -31.38
N GLU A 60 -0.89 -44.49 -30.12
CA GLU A 60 -1.74 -45.00 -29.05
C GLU A 60 -3.20 -44.71 -29.29
N LEU A 61 -3.51 -43.48 -29.71
CA LEU A 61 -4.89 -43.07 -29.95
C LEU A 61 -5.48 -43.84 -31.13
N TYR A 62 -4.68 -44.01 -32.18
CA TYR A 62 -5.13 -44.82 -33.32
C TYR A 62 -5.41 -46.25 -32.90
N ASN A 63 -4.51 -46.83 -32.10
CA ASN A 63 -4.75 -48.20 -31.65
C ASN A 63 -6.02 -48.30 -30.77
N LEU A 64 -6.29 -47.27 -29.97
CA LEU A 64 -7.50 -47.29 -29.14
C LEU A 64 -8.76 -47.33 -30.02
N LYS A 65 -8.74 -46.59 -31.13
CA LYS A 65 -9.89 -46.63 -32.03
C LYS A 65 -10.03 -47.99 -32.71
N GLN A 66 -8.94 -48.62 -33.12
CA GLN A 66 -9.11 -49.97 -33.69
C GLN A 66 -9.63 -50.98 -32.67
N GLU A 67 -9.46 -50.73 -31.37
CA GLU A 67 -10.04 -51.54 -30.32
C GLU A 67 -11.49 -51.19 -30.02
N GLY A 68 -12.09 -50.23 -30.72
CA GLY A 68 -13.47 -49.87 -30.46
C GLY A 68 -13.66 -48.66 -29.58
N LYS A 69 -12.58 -48.09 -29.04
CA LYS A 69 -12.68 -46.88 -28.23
C LYS A 69 -12.72 -45.63 -29.12
N LYS A 70 -12.98 -44.49 -28.49
CA LYS A 70 -13.13 -43.24 -29.22
C LYS A 70 -12.10 -42.21 -28.76
N VAL A 71 -11.95 -41.15 -29.55
CA VAL A 71 -11.03 -40.05 -29.26
C VAL A 71 -11.86 -38.79 -29.31
N PHE A 72 -11.94 -38.10 -28.16
CA PHE A 72 -12.70 -36.88 -27.99
C PHE A 72 -11.72 -35.71 -27.89
N ALA A 73 -11.94 -34.69 -28.72
CA ALA A 73 -11.12 -33.48 -28.75
C ALA A 73 -11.84 -32.32 -28.06
N THR A 74 -11.14 -31.64 -27.16
CA THR A 74 -11.78 -30.57 -26.40
C THR A 74 -10.91 -29.32 -26.47
N PHE A 75 -11.50 -28.19 -26.10
CA PHE A 75 -10.81 -26.92 -26.12
C PHE A 75 -10.97 -26.11 -24.85
N CYS A 76 -11.59 -26.66 -23.81
CA CYS A 76 -11.87 -25.94 -22.58
C CYS A 76 -11.76 -26.90 -21.41
N VAL A 77 -11.27 -26.42 -20.26
CA VAL A 77 -11.09 -27.29 -19.11
C VAL A 77 -12.42 -27.73 -18.54
N TYR A 78 -13.52 -27.11 -18.96
CA TYR A 78 -14.85 -27.40 -18.45
C TYR A 78 -15.40 -28.72 -18.96
N VAL A 79 -14.88 -29.22 -20.08
CA VAL A 79 -15.38 -30.50 -20.57
C VAL A 79 -14.89 -31.61 -19.65
N PRO A 80 -15.77 -32.48 -19.18
CA PRO A 80 -15.37 -33.43 -18.13
C PRO A 80 -14.55 -34.61 -18.65
N GLU A 81 -13.22 -34.48 -18.50
CA GLU A 81 -12.31 -35.57 -18.82
C GLU A 81 -12.65 -36.86 -18.07
N GLU A 82 -13.13 -36.71 -16.84
CA GLU A 82 -13.46 -37.87 -16.03
C GLU A 82 -14.46 -38.79 -16.70
N ILE A 83 -15.43 -38.21 -17.41
CA ILE A 83 -16.52 -38.98 -17.99
C ILE A 83 -16.02 -39.72 -19.23
N ILE A 84 -15.25 -39.04 -20.06
CA ILE A 84 -14.66 -39.69 -21.21
C ILE A 84 -13.76 -40.85 -20.76
N ASN A 85 -12.84 -40.58 -19.83
CA ASN A 85 -11.85 -41.60 -19.51
C ASN A 85 -12.50 -42.79 -18.81
N ALA A 86 -13.65 -42.56 -18.16
CA ALA A 86 -14.39 -43.63 -17.52
C ALA A 86 -14.69 -44.77 -18.49
N THR A 87 -14.99 -44.44 -19.73
CA THR A 87 -15.30 -45.44 -20.73
C THR A 87 -14.07 -46.06 -21.36
N GLY A 88 -12.86 -45.61 -21.02
CA GLY A 88 -11.65 -46.06 -21.66
C GLY A 88 -11.35 -45.37 -22.97
N SER A 89 -12.18 -44.40 -23.36
CA SER A 89 -11.81 -43.53 -24.46
C SER A 89 -10.84 -42.44 -23.98
N ALA A 90 -10.32 -41.70 -24.98
CA ALA A 90 -9.31 -40.67 -24.79
C ALA A 90 -9.91 -39.29 -24.91
N CYS A 91 -9.40 -38.39 -24.09
CA CYS A 91 -9.75 -36.98 -24.16
C CYS A 91 -8.44 -36.23 -24.42
N ILE A 92 -8.41 -35.48 -25.49
CA ILE A 92 -7.25 -34.67 -25.82
C ILE A 92 -7.71 -33.23 -25.98
N GLY A 93 -6.82 -32.29 -25.63
CA GLY A 93 -7.14 -30.89 -25.74
C GLY A 93 -6.40 -30.29 -26.90
N LEU A 94 -7.13 -29.76 -27.88
CA LEU A 94 -6.51 -29.28 -29.12
C LEU A 94 -6.60 -27.76 -29.32
N CYS A 95 -6.61 -26.97 -28.23
CA CYS A 95 -6.41 -25.53 -28.38
C CYS A 95 -5.17 -25.22 -29.23
N GLY A 96 -5.33 -24.32 -30.22
CA GLY A 96 -4.25 -24.01 -31.13
C GLY A 96 -3.22 -23.04 -30.55
N GLY A 97 -1.99 -23.20 -31.01
CA GLY A 97 -0.88 -22.42 -30.50
C GLY A 97 0.11 -21.99 -31.57
N ALA A 98 -0.26 -22.18 -32.84
CA ALA A 98 0.66 -22.03 -33.97
C ALA A 98 0.19 -20.96 -34.93
N GLN A 99 1.11 -20.08 -35.33
CA GLN A 99 0.77 -19.07 -36.31
C GLN A 99 0.64 -19.68 -37.70
N TYR A 100 1.40 -20.74 -37.99
CA TYR A 100 1.34 -21.36 -39.32
C TYR A 100 -0.09 -21.55 -39.82
N THR A 101 -1.00 -22.00 -38.99
CA THR A 101 -2.34 -22.39 -39.44
C THR A 101 -3.32 -21.23 -39.40
N VAL A 102 -2.88 -20.04 -38.99
CA VAL A 102 -3.86 -18.95 -38.81
C VAL A 102 -4.42 -18.54 -40.15
N PRO A 103 -3.62 -18.34 -41.20
CA PRO A 103 -4.23 -17.94 -42.48
C PRO A 103 -5.28 -18.94 -42.95
N ALA A 104 -5.06 -20.25 -42.75
CA ALA A 104 -6.06 -21.24 -43.13
C ALA A 104 -7.34 -21.05 -42.30
N GLY A 105 -7.20 -20.77 -41.01
CA GLY A 105 -8.37 -20.53 -40.19
C GLY A 105 -9.16 -19.34 -40.67
N GLU A 106 -8.46 -18.31 -41.16
CA GLU A 106 -9.12 -17.10 -41.65
C GLU A 106 -9.89 -17.34 -42.93
N THR A 107 -9.80 -18.52 -43.54
CA THR A 107 -10.64 -18.75 -44.70
C THR A 107 -12.11 -18.75 -44.31
N VAL A 108 -12.42 -19.04 -43.04
CA VAL A 108 -13.81 -19.16 -42.63
C VAL A 108 -14.10 -18.35 -41.38
N LEU A 109 -13.08 -17.78 -40.77
CA LEU A 109 -13.22 -16.99 -39.55
C LEU A 109 -12.76 -15.55 -39.78
N PRO A 110 -13.31 -14.61 -39.01
CA PRO A 110 -12.78 -13.24 -39.05
C PRO A 110 -11.31 -13.18 -38.66
N ARG A 111 -10.58 -12.24 -39.26
CA ARG A 111 -9.18 -12.10 -38.89
C ARG A 111 -9.03 -11.42 -37.52
N ASN A 112 -9.98 -10.56 -37.15
CA ASN A 112 -10.07 -9.96 -35.80
C ASN A 112 -10.66 -10.97 -34.80
N LEU A 113 -9.97 -12.08 -34.59
CA LEU A 113 -10.45 -13.12 -33.69
C LEU A 113 -9.24 -13.68 -32.97
N CYS A 114 -9.51 -14.32 -31.83
CA CYS A 114 -8.47 -14.94 -31.04
C CYS A 114 -7.63 -15.88 -31.92
N PRO A 115 -6.29 -15.78 -31.84
CA PRO A 115 -5.42 -16.75 -32.52
C PRO A 115 -5.66 -18.18 -32.11
N LEU A 116 -5.98 -18.42 -30.84
CA LEU A 116 -6.23 -19.80 -30.43
C LEU A 116 -7.29 -20.43 -31.32
N ILE A 117 -8.37 -19.73 -31.57
CA ILE A 117 -9.48 -20.29 -32.33
C ILE A 117 -9.08 -20.45 -33.80
N LYS A 118 -8.44 -19.43 -34.35
CA LYS A 118 -8.12 -19.42 -35.76
C LYS A 118 -7.14 -20.53 -36.10
N SER A 119 -6.17 -20.73 -35.22
CA SER A 119 -5.12 -21.73 -35.42
C SER A 119 -5.70 -23.12 -35.37
N ALA A 120 -6.55 -23.41 -34.37
CA ALA A 120 -7.21 -24.71 -34.30
C ALA A 120 -8.04 -24.99 -35.55
N MET A 121 -8.81 -24.00 -35.99
CA MET A 121 -9.61 -24.17 -37.19
C MET A 121 -8.71 -24.49 -38.38
N GLY A 122 -7.60 -23.74 -38.52
CA GLY A 122 -6.70 -23.96 -39.63
C GLY A 122 -6.08 -25.35 -39.60
N PHE A 123 -5.74 -25.85 -38.40
CA PHE A 123 -5.20 -27.20 -38.31
C PHE A 123 -6.16 -28.22 -38.91
N LYS A 124 -7.45 -28.12 -38.55
CA LYS A 124 -8.39 -29.13 -39.04
C LYS A 124 -8.63 -28.98 -40.54
N ILE A 125 -8.75 -27.73 -41.01
CA ILE A 125 -9.05 -27.45 -42.41
C ILE A 125 -7.92 -27.94 -43.32
N GLU A 126 -6.69 -27.59 -42.97
CA GLU A 126 -5.58 -28.05 -43.81
C GLU A 126 -5.22 -29.50 -43.59
N ARG A 127 -5.79 -30.16 -42.57
CA ARG A 127 -5.47 -31.57 -42.26
C ARG A 127 -4.00 -31.68 -41.84
N ILE A 128 -3.55 -30.71 -41.03
CA ILE A 128 -2.17 -30.60 -40.64
C ILE A 128 -1.86 -31.34 -39.36
N CYS A 129 -2.87 -31.63 -38.53
CA CYS A 129 -2.62 -32.11 -37.18
C CYS A 129 -3.01 -33.56 -37.07
N PRO A 130 -2.11 -34.50 -36.75
CA PRO A 130 -2.53 -35.91 -36.60
C PRO A 130 -3.50 -36.13 -35.45
N TYR A 131 -3.40 -35.33 -34.38
CA TYR A 131 -4.39 -35.45 -33.30
C TYR A 131 -5.79 -35.06 -33.77
N PHE A 132 -5.92 -33.90 -34.43
CA PHE A 132 -7.22 -33.51 -34.98
C PHE A 132 -7.71 -34.51 -36.05
N GLN A 133 -6.78 -35.12 -36.77
CA GLN A 133 -7.19 -36.09 -37.78
C GLN A 133 -7.69 -37.40 -37.16
N VAL A 134 -7.11 -37.81 -36.02
CA VAL A 134 -7.50 -39.07 -35.41
C VAL A 134 -8.71 -38.93 -34.50
N ALA A 135 -9.06 -37.71 -34.10
CA ALA A 135 -10.22 -37.51 -33.23
C ALA A 135 -11.52 -37.97 -33.88
N ASP A 136 -12.40 -38.58 -33.07
CA ASP A 136 -13.74 -38.97 -33.54
C ASP A 136 -14.71 -37.80 -33.44
N TYR A 137 -14.62 -37.04 -32.34
CA TYR A 137 -15.60 -36.01 -32.03
C TYR A 137 -14.90 -34.80 -31.43
N VAL A 138 -15.53 -33.65 -31.54
CA VAL A 138 -15.11 -32.42 -30.87
C VAL A 138 -16.21 -32.10 -29.85
N VAL A 139 -15.82 -31.77 -28.64
CA VAL A 139 -16.74 -31.22 -27.65
C VAL A 139 -16.45 -29.73 -27.51
N GLY A 140 -17.36 -28.91 -28.06
CA GLY A 140 -17.29 -27.48 -27.88
C GLY A 140 -18.11 -27.04 -26.68
N GLU A 141 -17.89 -25.82 -26.28
CA GLU A 141 -18.57 -25.22 -25.15
C GLU A 141 -18.93 -23.77 -25.51
N THR A 142 -19.96 -23.25 -24.85
CA THR A 142 -20.42 -21.89 -25.08
C THR A 142 -19.75 -20.93 -24.11
N THR A 143 -18.50 -20.66 -24.37
CA THR A 143 -17.72 -19.71 -23.58
C THR A 143 -17.60 -18.40 -24.34
N CYS A 144 -16.49 -18.16 -25.04
CA CYS A 144 -16.30 -16.88 -25.67
C CYS A 144 -17.06 -16.87 -26.97
N ASP A 145 -17.26 -15.69 -27.52
CA ASP A 145 -18.08 -15.54 -28.72
C ASP A 145 -17.46 -16.27 -29.90
N GLY A 146 -16.13 -16.15 -30.06
CA GLY A 146 -15.47 -16.72 -31.20
C GLY A 146 -15.59 -18.23 -31.24
N LYS A 147 -15.44 -18.87 -30.09
CA LYS A 147 -15.53 -20.33 -30.01
C LYS A 147 -16.95 -20.78 -30.28
N LYS A 148 -17.92 -20.15 -29.59
CA LYS A 148 -19.33 -20.53 -29.74
C LYS A 148 -19.72 -20.56 -31.22
N LYS A 149 -19.40 -19.49 -31.93
CA LYS A 149 -19.79 -19.39 -33.32
C LYS A 149 -18.86 -20.20 -34.23
N ALA A 150 -17.61 -20.42 -33.82
CA ALA A 150 -16.72 -21.28 -34.59
C ALA A 150 -17.24 -22.71 -34.63
N TRP A 151 -17.83 -23.19 -33.53
CA TRP A 151 -18.28 -24.57 -33.51
C TRP A 151 -19.28 -24.83 -34.65
N GLU A 152 -20.14 -23.85 -34.95
CA GLU A 152 -21.12 -24.01 -36.02
C GLU A 152 -20.45 -24.31 -37.34
N ILE A 153 -19.29 -23.70 -37.58
CA ILE A 153 -18.55 -23.90 -38.81
C ILE A 153 -17.76 -25.19 -38.73
N LEU A 154 -17.09 -25.42 -37.59
CA LEU A 154 -16.25 -26.61 -37.45
C LEU A 154 -17.06 -27.90 -37.64
N ASN A 155 -18.35 -27.85 -37.32
CA ASN A 155 -19.22 -29.02 -37.41
C ASN A 155 -19.32 -29.57 -38.84
N GLU A 156 -19.10 -28.74 -39.85
CA GLU A 156 -19.01 -29.24 -41.22
C GLU A 156 -17.81 -30.17 -41.45
N TYR A 157 -16.76 -30.03 -40.67
CA TYR A 157 -15.54 -30.84 -40.85
C TYR A 157 -15.42 -32.03 -39.90
N ILE A 158 -16.13 -32.02 -38.77
CA ILE A 158 -15.98 -33.03 -37.73
C ILE A 158 -17.19 -32.82 -36.82
N PRO A 159 -17.86 -33.89 -36.36
CA PRO A 159 -19.04 -33.70 -35.52
C PRO A 159 -18.66 -32.99 -34.24
N VAL A 160 -19.37 -31.91 -33.95
CA VAL A 160 -19.15 -31.14 -32.74
C VAL A 160 -20.37 -31.24 -31.84
N TYR A 161 -20.17 -31.71 -30.61
CA TYR A 161 -21.18 -31.64 -29.56
C TYR A 161 -20.90 -30.40 -28.71
N VAL A 162 -21.91 -29.57 -28.52
CA VAL A 162 -21.72 -28.26 -27.89
C VAL A 162 -22.38 -28.26 -26.51
N MET A 163 -21.56 -28.22 -25.45
CA MET A 163 -22.05 -28.11 -24.08
C MET A 163 -22.38 -26.65 -23.80
N GLU A 164 -23.59 -26.40 -23.30
CA GLU A 164 -23.96 -25.04 -22.92
C GLU A 164 -23.48 -24.77 -21.50
N LEU A 165 -22.39 -24.03 -21.40
CA LEU A 165 -21.98 -23.55 -20.07
C LEU A 165 -22.66 -22.21 -19.78
N PRO A 166 -23.25 -22.03 -18.59
CA PRO A 166 -23.91 -20.75 -18.26
C PRO A 166 -22.88 -19.64 -18.04
N GLN A 167 -23.32 -18.45 -17.63
CA GLN A 167 -22.50 -17.25 -17.52
C GLN A 167 -22.45 -16.66 -16.12
N LYS A 168 -23.16 -17.25 -15.17
CA LYS A 168 -23.09 -16.91 -13.75
CA LYS A 168 -23.05 -16.90 -13.75
C LYS A 168 -22.92 -18.20 -12.94
N LYS A 169 -22.70 -18.04 -11.63
CA LYS A 169 -22.55 -19.22 -10.78
C LYS A 169 -23.54 -19.28 -9.63
N GLU A 170 -24.76 -18.82 -9.87
CA GLU A 170 -25.83 -18.92 -8.92
C GLU A 170 -26.41 -20.33 -8.95
N GLU A 171 -27.40 -20.56 -8.06
CA GLU A 171 -28.00 -21.89 -7.90
C GLU A 171 -28.65 -22.36 -9.21
N ARG A 172 -29.40 -21.49 -9.86
CA ARG A 172 -29.99 -21.83 -11.14
C ARG A 172 -28.91 -22.23 -12.14
N ASP A 173 -27.79 -21.53 -12.13
CA ASP A 173 -26.74 -21.84 -13.09
C ASP A 173 -26.14 -23.18 -12.81
N ARG A 174 -25.89 -23.48 -11.52
CA ARG A 174 -25.26 -24.74 -11.13
C ARG A 174 -26.14 -25.93 -11.48
N LYS A 175 -27.48 -25.78 -11.38
CA LYS A 175 -28.38 -26.85 -11.77
C LYS A 175 -28.36 -27.04 -13.27
N PHE A 176 -28.43 -25.92 -14.03
CA PHE A 176 -28.35 -25.98 -15.47
C PHE A 176 -27.11 -26.76 -15.92
N TRP A 177 -25.96 -26.46 -15.32
CA TRP A 177 -24.71 -27.11 -15.70
C TRP A 177 -24.71 -28.58 -15.33
N GLU A 178 -25.32 -28.91 -14.19
CA GLU A 178 -25.52 -30.30 -13.81
C GLU A 178 -26.24 -31.06 -14.90
N GLU A 179 -27.34 -30.49 -15.39
CA GLU A 179 -28.11 -31.14 -16.45
C GLU A 179 -27.30 -31.27 -17.72
N GLU A 180 -26.50 -30.24 -18.05
CA GLU A 180 -25.64 -30.33 -19.22
C GLU A 180 -24.65 -31.47 -19.08
N ILE A 181 -24.07 -31.63 -17.89
CA ILE A 181 -23.13 -32.72 -17.64
C ILE A 181 -23.79 -34.09 -17.79
N LYS A 182 -25.04 -34.23 -17.35
CA LYS A 182 -25.73 -35.51 -17.50
C LYS A 182 -26.11 -35.79 -18.96
N ASP A 183 -26.50 -34.76 -19.69
CA ASP A 183 -26.72 -34.91 -21.13
C ASP A 183 -25.45 -35.36 -21.83
N PHE A 184 -24.32 -34.76 -21.47
CA PHE A 184 -23.04 -35.15 -22.09
C PHE A 184 -22.69 -36.59 -21.75
N ALA A 185 -22.88 -36.98 -20.48
CA ALA A 185 -22.69 -38.37 -20.07
C ALA A 185 -23.45 -39.33 -20.97
N GLN A 186 -24.71 -39.01 -21.25
CA GLN A 186 -25.49 -39.86 -22.14
C GLN A 186 -24.90 -39.90 -23.53
N PHE A 187 -24.47 -38.74 -24.05
CA PHE A 187 -23.82 -38.67 -25.35
C PHE A 187 -22.62 -39.61 -25.40
N VAL A 188 -21.74 -39.52 -24.41
CA VAL A 188 -20.55 -40.37 -24.37
C VAL A 188 -20.94 -41.83 -24.37
N GLU A 189 -21.89 -42.19 -23.50
CA GLU A 189 -22.39 -43.56 -23.45
C GLU A 189 -22.84 -44.04 -24.82
N GLU A 190 -23.64 -43.21 -25.51
CA GLU A 190 -24.17 -43.57 -26.81
C GLU A 190 -23.07 -43.83 -27.80
N LYS A 191 -22.09 -42.93 -27.84
CA LYS A 191 -21.07 -42.99 -28.87
C LYS A 191 -20.11 -44.12 -28.61
N THR A 192 -19.78 -44.35 -27.34
CA THR A 192 -18.85 -45.40 -26.99
C THR A 192 -19.51 -46.77 -26.80
N GLY A 193 -20.80 -46.80 -26.51
CA GLY A 193 -21.45 -48.05 -26.17
C GLY A 193 -21.03 -48.58 -24.81
N VAL A 194 -20.43 -47.74 -23.97
CA VAL A 194 -19.92 -48.11 -22.66
C VAL A 194 -20.78 -47.40 -21.61
N LYS A 195 -21.57 -48.17 -20.88
CA LYS A 195 -22.41 -47.60 -19.85
C LYS A 195 -21.56 -47.15 -18.67
N LEU A 196 -21.86 -45.96 -18.14
CA LEU A 196 -21.24 -45.51 -16.91
C LEU A 196 -21.87 -46.26 -15.73
N ASN A 197 -21.01 -46.76 -14.84
CA ASN A 197 -21.44 -47.30 -13.57
C ASN A 197 -20.52 -46.78 -12.46
N ALA A 198 -20.81 -47.17 -11.22
CA ALA A 198 -20.05 -46.64 -10.09
C ALA A 198 -18.58 -46.95 -10.25
N GLU A 199 -18.26 -48.14 -10.73
CA GLU A 199 -16.85 -48.54 -10.75
C GLU A 199 -16.06 -47.79 -11.83
N ASN A 200 -16.59 -47.70 -13.06
CA ASN A 200 -15.78 -47.09 -14.11
C ASN A 200 -15.76 -45.56 -14.00
N LEU A 201 -16.84 -44.94 -13.50
CA LEU A 201 -16.80 -43.50 -13.26
C LEU A 201 -15.85 -43.17 -12.11
N ARG A 202 -15.89 -43.97 -11.04
CA ARG A 202 -14.91 -43.74 -9.99
C ARG A 202 -13.48 -43.83 -10.51
N ALA A 203 -13.21 -44.83 -11.36
CA ALA A 203 -11.87 -45.02 -11.90
C ALA A 203 -11.47 -43.84 -12.79
N GLY A 204 -12.43 -43.28 -13.53
CA GLY A 204 -12.11 -42.14 -14.39
C GLY A 204 -11.81 -40.91 -13.56
N ILE A 205 -12.63 -40.67 -12.53
CA ILE A 205 -12.34 -39.61 -11.60
C ILE A 205 -10.96 -39.82 -11.00
N GLU A 206 -10.67 -41.03 -10.54
CA GLU A 206 -9.39 -41.25 -9.89
C GLU A 206 -8.23 -40.94 -10.83
N LYS A 207 -8.35 -41.33 -12.10
CA LYS A 207 -7.27 -41.14 -13.06
C LYS A 207 -6.99 -39.65 -13.30
N ILE A 208 -8.04 -38.85 -13.43
CA ILE A 208 -7.84 -37.44 -13.73
C ILE A 208 -7.48 -36.68 -12.45
N ASN A 209 -8.03 -37.04 -11.29
CA ASN A 209 -7.57 -36.45 -10.04
C ASN A 209 -6.07 -36.69 -9.85
N LYS A 210 -5.61 -37.89 -10.22
CA LYS A 210 -4.18 -38.20 -10.08
C LYS A 210 -3.30 -37.26 -10.93
N LYS A 211 -3.72 -37.03 -12.18
CA LYS A 211 -3.02 -36.10 -13.05
C LYS A 211 -3.04 -34.68 -12.48
N ARG A 212 -4.22 -34.19 -12.06
CA ARG A 212 -4.29 -32.85 -11.47
C ARG A 212 -3.41 -32.75 -10.22
N LYS A 213 -3.50 -33.75 -9.35
CA LYS A 213 -2.71 -33.80 -8.13
C LYS A 213 -1.23 -33.72 -8.42
N ALA A 214 -0.76 -34.49 -9.41
CA ALA A 214 0.61 -34.38 -9.90
C ALA A 214 0.97 -32.93 -10.27
N LEU A 215 0.11 -32.27 -11.06
CA LEU A 215 0.43 -30.91 -11.47
C LEU A 215 0.36 -29.93 -10.32
N LYS A 216 -0.54 -30.15 -9.36
CA LYS A 216 -0.63 -29.34 -8.15
C LYS A 216 0.63 -29.49 -7.31
N ARG A 217 1.17 -30.71 -7.25
CA ARG A 217 2.41 -30.96 -6.52
C ARG A 217 3.57 -30.17 -7.14
N LEU A 218 3.64 -30.14 -8.47
CA LEU A 218 4.66 -29.42 -9.19
C LEU A 218 4.48 -27.92 -9.00
N SER A 219 3.25 -27.42 -9.08
CA SER A 219 3.02 -26.00 -8.82
C SER A 219 3.48 -25.60 -7.42
N ASP A 220 3.22 -26.43 -6.43
CA ASP A 220 3.53 -26.05 -5.06
C ASP A 220 5.03 -25.90 -4.86
N LEU A 221 5.81 -26.77 -5.50
CA LEU A 221 7.24 -26.74 -5.37
C LEU A 221 7.82 -25.44 -5.88
N ARG A 222 7.11 -24.73 -6.75
CA ARG A 222 7.61 -23.46 -7.29
C ARG A 222 7.61 -22.32 -6.28
N LYS A 223 6.92 -22.49 -5.14
CA LYS A 223 6.96 -21.47 -4.09
C LYS A 223 8.33 -21.34 -3.46
N HIS A 224 9.20 -22.31 -3.70
CA HIS A 224 10.49 -22.28 -3.00
C HIS A 224 11.45 -21.27 -3.63
N ASN A 225 12.45 -20.87 -2.82
CA ASN A 225 13.42 -19.83 -3.12
C ASN A 225 14.79 -20.40 -2.78
N PRO A 226 15.69 -20.55 -3.75
CA PRO A 226 15.55 -20.19 -5.18
C PRO A 226 14.62 -21.14 -5.92
N ALA A 227 13.93 -20.59 -6.91
CA ALA A 227 13.02 -21.38 -7.71
C ALA A 227 13.73 -22.64 -8.20
N PRO A 228 13.15 -23.82 -7.99
CA PRO A 228 13.88 -25.05 -8.36
C PRO A 228 13.79 -25.40 -9.83
N ILE A 229 13.00 -24.68 -10.61
CA ILE A 229 12.76 -25.01 -11.99
C ILE A 229 12.28 -23.75 -12.69
N HIS A 230 12.74 -23.56 -13.92
CA HIS A 230 12.25 -22.45 -14.72
C HIS A 230 10.78 -22.66 -15.07
N GLY A 231 10.03 -21.57 -15.04
CA GLY A 231 8.64 -21.63 -15.42
C GLY A 231 8.38 -22.20 -16.79
N LEU A 232 9.27 -21.92 -17.73
CA LEU A 232 9.03 -22.40 -19.10
C LEU A 232 8.94 -23.92 -19.14
N ASP A 233 9.74 -24.61 -18.33
CA ASP A 233 9.63 -26.06 -18.28
C ASP A 233 8.27 -26.50 -17.73
N VAL A 234 7.75 -25.74 -16.75
CA VAL A 234 6.46 -26.12 -16.16
C VAL A 234 5.32 -25.88 -17.14
N LEU A 235 5.36 -24.73 -17.83
CA LEU A 235 4.40 -24.47 -18.88
C LEU A 235 4.35 -25.63 -19.85
N LEU A 236 5.51 -26.08 -20.34
CA LEU A 236 5.58 -27.18 -21.29
C LEU A 236 4.86 -28.41 -20.75
N ILE A 237 5.13 -28.72 -19.49
CA ILE A 237 4.52 -29.86 -18.83
C ILE A 237 3.00 -29.69 -18.74
N ASN A 238 2.53 -28.50 -18.35
CA ASN A 238 1.10 -28.22 -18.35
C ASN A 238 0.51 -28.29 -19.75
N GLN A 239 1.26 -27.88 -20.76
CA GLN A 239 0.75 -28.02 -22.11
C GLN A 239 0.57 -29.49 -22.49
N LEU A 240 1.55 -30.35 -22.16
CA LEU A 240 1.53 -31.74 -22.59
C LEU A 240 0.48 -32.52 -21.81
N ALA A 241 0.01 -31.98 -20.68
CA ALA A 241 -1.08 -32.62 -19.95
C ALA A 241 -2.29 -32.86 -20.83
N PHE A 242 -2.49 -32.04 -21.85
CA PHE A 242 -3.65 -32.14 -22.68
C PHE A 242 -3.53 -33.19 -23.77
N PHE A 243 -2.37 -33.79 -23.94
CA PHE A 243 -2.15 -34.77 -25.02
C PHE A 243 -1.77 -36.16 -24.54
N ASP A 244 -1.11 -36.25 -23.41
CA ASP A 244 -0.42 -37.46 -22.98
C ASP A 244 -1.38 -38.45 -22.32
N ASP A 245 -0.92 -39.70 -22.21
CA ASP A 245 -1.63 -40.67 -21.39
C ASP A 245 -1.67 -40.22 -19.93
N PRO A 246 -2.85 -40.08 -19.29
CA PRO A 246 -2.88 -39.50 -17.93
C PRO A 246 -2.14 -40.29 -16.89
N GLU A 247 -2.13 -41.62 -16.98
CA GLU A 247 -1.40 -42.40 -15.99
C GLU A 247 0.12 -42.23 -16.15
N ARG A 248 0.62 -42.38 -17.38
CA ARG A 248 2.06 -42.20 -17.60
C ARG A 248 2.47 -40.79 -17.27
N PHE A 249 1.72 -39.82 -17.79
CA PHE A 249 1.98 -38.39 -17.54
C PHE A 249 2.10 -38.12 -16.04
N ALA A 250 1.16 -38.62 -15.25
CA ALA A 250 1.23 -38.36 -13.81
C ALA A 250 2.48 -39.00 -13.19
N THR A 251 2.84 -40.20 -13.63
CA THR A 251 4.04 -40.85 -13.11
C THR A 251 5.27 -40.00 -13.39
N LYS A 252 5.35 -39.45 -14.60
CA LYS A 252 6.55 -38.72 -15.01
C LYS A 252 6.63 -37.36 -14.32
N VAL A 253 5.47 -36.73 -14.13
CA VAL A 253 5.43 -35.49 -13.36
C VAL A 253 5.87 -35.75 -11.92
N ASN A 254 5.37 -36.85 -11.34
CA ASN A 254 5.71 -37.14 -9.96
C ASN A 254 7.20 -37.46 -9.82
N GLU A 255 7.77 -38.11 -10.85
CA GLU A 255 9.21 -38.36 -10.85
C GLU A 255 10.00 -37.04 -10.89
N LEU A 256 9.52 -36.09 -11.69
CA LEU A 256 10.16 -34.78 -11.65
C LEU A 256 10.05 -34.15 -10.26
N CYS A 257 8.89 -34.22 -9.62
CA CYS A 257 8.73 -33.58 -8.32
C CYS A 257 9.72 -34.16 -7.31
N ASP A 258 9.93 -35.47 -7.31
CA ASP A 258 10.92 -36.08 -6.42
C ASP A 258 12.30 -35.42 -6.61
N GLU A 259 12.73 -35.24 -7.87
CA GLU A 259 13.99 -34.55 -8.12
C GLU A 259 13.96 -33.12 -7.59
N LEU A 260 12.89 -32.39 -7.85
CA LEU A 260 12.79 -31.02 -7.36
C LEU A 260 12.83 -30.97 -5.84
N GLU A 261 12.24 -31.94 -5.16
CA GLU A 261 12.29 -31.94 -3.70
C GLU A 261 13.73 -32.00 -3.19
N GLU A 262 14.57 -32.77 -3.89
CA GLU A 262 15.97 -32.84 -3.52
C GLU A 262 16.67 -31.52 -3.77
N ARG A 263 16.34 -30.84 -4.87
CA ARG A 263 16.87 -29.50 -5.10
C ARG A 263 16.48 -28.53 -3.97
N VAL A 264 15.21 -28.56 -3.59
CA VAL A 264 14.74 -27.69 -2.52
C VAL A 264 15.51 -27.97 -1.23
N ALA A 265 15.67 -29.26 -0.90
CA ALA A 265 16.35 -29.66 0.32
C ALA A 265 17.77 -29.09 0.38
N LYS A 266 18.44 -28.98 -0.77
CA LYS A 266 19.79 -28.44 -0.83
C LYS A 266 19.84 -26.96 -1.19
N GLY A 267 18.69 -26.29 -1.25
CA GLY A 267 18.68 -24.89 -1.60
C GLY A 267 19.20 -24.60 -2.98
N GLU A 268 19.09 -25.54 -3.89
CA GLU A 268 19.47 -25.37 -5.28
C GLU A 268 18.31 -24.83 -6.10
N GLY A 269 18.63 -24.02 -7.11
CA GLY A 269 17.63 -23.42 -7.96
C GLY A 269 18.22 -23.06 -9.31
N VAL A 270 17.36 -22.57 -10.19
CA VAL A 270 17.79 -22.21 -11.54
C VAL A 270 18.12 -20.74 -11.67
N VAL A 271 17.89 -19.93 -10.64
CA VAL A 271 18.25 -18.53 -10.62
C VAL A 271 18.78 -18.20 -9.23
N SER A 272 19.30 -16.98 -9.09
CA SER A 272 19.65 -16.51 -7.77
C SER A 272 18.39 -16.04 -7.04
N LYS A 273 18.50 -15.98 -5.72
CA LYS A 273 17.41 -15.54 -4.87
C LYS A 273 17.01 -14.09 -5.13
N ASP A 274 17.85 -13.32 -5.83
CA ASP A 274 17.47 -11.95 -6.10
C ASP A 274 16.71 -11.79 -7.40
N ALA A 275 16.66 -12.83 -8.26
CA ALA A 275 15.97 -12.69 -9.53
C ALA A 275 14.48 -12.43 -9.27
N PRO A 276 13.84 -11.60 -10.08
CA PRO A 276 12.42 -11.30 -9.85
C PRO A 276 11.51 -12.49 -10.18
N ARG A 277 10.58 -12.78 -9.26
CA ARG A 277 9.63 -13.87 -9.35
C ARG A 277 8.36 -13.27 -9.94
N ILE A 278 7.90 -13.86 -11.02
CA ILE A 278 6.81 -13.36 -11.84
C ILE A 278 5.64 -14.33 -11.84
N LEU A 279 4.44 -13.80 -11.66
CA LEU A 279 3.20 -14.54 -11.85
C LEU A 279 2.60 -14.14 -13.21
N ILE A 280 2.31 -15.11 -14.02
CA ILE A 280 1.57 -14.90 -15.26
C ILE A 280 0.11 -15.13 -14.95
N THR A 281 -0.75 -14.29 -15.52
CA THR A 281 -2.17 -14.44 -15.36
C THR A 281 -2.80 -14.03 -16.68
N GLY A 282 -3.89 -14.72 -17.06
CA GLY A 282 -4.68 -14.40 -18.24
C GLY A 282 -5.14 -15.65 -18.97
N THR A 283 -4.92 -15.68 -20.29
CA THR A 283 -5.41 -16.72 -21.18
C THR A 283 -4.46 -17.91 -21.21
N PRO A 284 -4.95 -19.09 -21.58
CA PRO A 284 -4.02 -20.22 -21.73
C PRO A 284 -3.01 -19.99 -22.85
N GLN A 285 -1.85 -20.60 -22.68
CA GLN A 285 -0.79 -20.62 -23.69
C GLN A 285 -0.64 -22.04 -24.24
N PRO A 286 -1.34 -22.43 -25.29
CA PRO A 286 -1.20 -23.80 -25.79
C PRO A 286 0.15 -23.99 -26.47
N ILE A 287 0.58 -25.25 -26.46
CA ILE A 287 1.84 -25.57 -27.14
C ILE A 287 1.76 -25.19 -28.63
N PRO A 288 2.80 -24.58 -29.23
CA PRO A 288 4.11 -24.23 -28.70
C PRO A 288 4.28 -22.74 -28.44
N HIS A 289 3.22 -22.12 -27.94
CA HIS A 289 3.25 -20.68 -27.61
C HIS A 289 4.04 -20.37 -26.33
N TRP A 290 5.36 -20.47 -26.46
CA TRP A 290 6.33 -20.35 -25.38
C TRP A 290 6.89 -18.94 -25.22
N LYS A 291 6.50 -18.01 -26.12
CA LYS A 291 7.21 -16.74 -26.32
C LYS A 291 7.31 -15.90 -25.04
N ILE A 292 6.19 -15.75 -24.33
CA ILE A 292 6.15 -14.84 -23.18
C ILE A 292 6.99 -15.40 -22.02
N HIS A 293 6.90 -16.70 -21.74
CA HIS A 293 7.79 -17.27 -20.73
C HIS A 293 9.25 -17.11 -21.13
N ALA A 294 9.55 -17.41 -22.39
CA ALA A 294 10.92 -17.38 -22.86
C ALA A 294 11.53 -15.99 -22.69
N LEU A 295 10.76 -14.94 -22.96
CA LEU A 295 11.27 -13.58 -22.90
C LEU A 295 11.49 -13.13 -21.48
N ILE A 296 10.60 -13.56 -20.57
CA ILE A 296 10.69 -13.16 -19.18
C ILE A 296 11.91 -13.81 -18.55
N GLU A 297 12.09 -15.11 -18.77
CA GLU A 297 13.19 -15.83 -18.16
C GLU A 297 14.50 -15.59 -18.90
N GLY A 298 14.45 -15.22 -20.17
CA GLY A 298 15.66 -14.80 -20.83
C GLY A 298 16.16 -13.43 -20.37
N ALA A 299 15.29 -12.59 -19.84
CA ALA A 299 15.66 -11.32 -19.24
C ALA A 299 16.06 -11.49 -17.78
N GLY A 300 16.13 -12.70 -17.25
CA GLY A 300 16.58 -12.91 -15.89
C GLY A 300 15.49 -13.08 -14.85
N GLY A 301 14.23 -12.98 -15.24
CA GLY A 301 13.16 -13.32 -14.35
C GLY A 301 12.96 -14.83 -14.21
N VAL A 302 12.08 -15.22 -13.28
CA VAL A 302 11.64 -16.60 -13.19
C VAL A 302 10.14 -16.56 -13.00
N VAL A 303 9.43 -17.25 -13.87
CA VAL A 303 7.97 -17.37 -13.77
C VAL A 303 7.67 -18.49 -12.79
N VAL A 304 6.95 -18.18 -11.70
CA VAL A 304 6.75 -19.18 -10.66
C VAL A 304 5.31 -19.62 -10.56
N GLY A 305 4.42 -19.09 -11.38
CA GLY A 305 3.10 -19.67 -11.51
C GLY A 305 2.41 -19.07 -12.71
N GLU A 306 1.37 -19.78 -13.15
CA GLU A 306 0.51 -19.34 -14.24
C GLU A 306 -0.94 -19.37 -13.77
N GLU A 307 -1.57 -18.21 -13.66
CA GLU A 307 -3.01 -18.19 -13.38
C GLU A 307 -3.74 -18.23 -14.71
N THR A 308 -3.84 -19.44 -15.27
CA THR A 308 -4.42 -19.68 -16.58
C THR A 308 -4.87 -21.14 -16.65
N CYS A 309 -5.60 -21.48 -17.72
CA CYS A 309 -6.13 -22.84 -17.87
C CYS A 309 -5.11 -23.81 -18.43
N ILE A 310 -3.94 -23.34 -18.87
CA ILE A 310 -2.79 -24.21 -19.04
C ILE A 310 -1.81 -23.83 -17.94
N GLY A 311 -2.14 -24.26 -16.73
CA GLY A 311 -1.67 -23.67 -15.50
C GLY A 311 -2.69 -23.94 -14.37
N GLU A 312 -2.66 -23.06 -13.36
CA GLU A 312 -3.37 -23.34 -12.10
C GLU A 312 -4.86 -23.66 -12.31
N ARG A 313 -5.55 -22.93 -13.19
CA ARG A 313 -6.98 -23.14 -13.35
C ARG A 313 -7.32 -24.57 -13.81
N TYR A 314 -6.38 -25.26 -14.44
CA TYR A 314 -6.61 -26.64 -14.85
C TYR A 314 -6.57 -27.64 -13.70
N PHE A 315 -5.60 -27.56 -12.82
CA PHE A 315 -5.38 -28.64 -11.89
C PHE A 315 -5.68 -28.33 -10.45
N LYS A 316 -6.12 -27.12 -10.12
CA LYS A 316 -6.21 -26.80 -8.71
C LYS A 316 -7.38 -27.48 -8.02
N ASP A 317 -8.45 -27.79 -8.75
CA ASP A 317 -9.65 -28.35 -8.15
C ASP A 317 -9.84 -29.81 -8.55
N LEU A 318 -9.90 -30.69 -7.55
CA LEU A 318 -10.16 -32.11 -7.72
C LEU A 318 -11.65 -32.46 -7.50
N VAL A 319 -12.06 -33.57 -8.11
CA VAL A 319 -13.43 -34.04 -7.89
C VAL A 319 -13.52 -34.67 -6.50
N GLU A 320 -14.57 -34.39 -5.81
CA GLU A 320 -14.84 -35.07 -4.54
C GLU A 320 -15.51 -36.41 -4.84
N PRO A 321 -15.17 -37.43 -4.07
CA PRO A 321 -15.73 -38.76 -4.32
C PRO A 321 -17.20 -38.83 -3.91
N ALA A 322 -17.89 -39.80 -4.50
CA ALA A 322 -19.25 -40.16 -4.13
C ALA A 322 -19.46 -41.63 -4.48
N ALA A 323 -20.46 -42.23 -3.84
CA ALA A 323 -20.66 -43.68 -3.94
C ALA A 323 -21.40 -44.09 -5.20
N ASP A 324 -22.20 -43.23 -5.82
CA ASP A 324 -22.98 -43.61 -7.00
C ASP A 324 -22.73 -42.66 -8.17
N VAL A 325 -23.21 -43.08 -9.34
CA VAL A 325 -23.01 -42.30 -10.56
C VAL A 325 -23.65 -40.95 -10.42
N GLU A 326 -24.89 -40.89 -9.90
CA GLU A 326 -25.61 -39.63 -9.80
C GLU A 326 -24.76 -38.61 -9.04
N GLY A 327 -24.22 -39.02 -7.89
CA GLY A 327 -23.40 -38.15 -7.06
C GLY A 327 -22.07 -37.79 -7.71
N MET A 328 -21.42 -38.76 -8.35
CA MET A 328 -20.18 -38.48 -9.03
C MET A 328 -20.38 -37.50 -10.18
N LEU A 329 -21.53 -37.59 -10.84
CA LEU A 329 -21.80 -36.65 -11.92
C LEU A 329 -22.07 -35.25 -11.37
N LYS A 330 -22.83 -35.15 -10.29
CA LYS A 330 -22.96 -33.86 -9.62
C LYS A 330 -21.61 -33.32 -9.17
N ASN A 331 -20.76 -34.19 -8.63
CA ASN A 331 -19.46 -33.70 -8.16
C ASN A 331 -18.54 -33.29 -9.30
N ILE A 332 -18.64 -33.97 -10.45
CA ILE A 332 -17.84 -33.59 -11.61
C ILE A 332 -18.28 -32.21 -12.14
N ALA A 333 -19.60 -31.94 -12.13
CA ALA A 333 -20.08 -30.63 -12.54
C ALA A 333 -19.57 -29.54 -11.58
N ALA A 334 -19.64 -29.82 -10.27
CA ALA A 334 -19.22 -28.83 -9.28
C ALA A 334 -17.72 -28.52 -9.41
N ARG A 335 -16.92 -29.55 -9.67
CA ARG A 335 -15.50 -29.33 -9.77
C ARG A 335 -15.19 -28.30 -10.85
N SER A 336 -15.75 -28.50 -12.04
CA SER A 336 -15.45 -27.62 -13.16
C SER A 336 -15.94 -26.21 -12.90
N LEU A 337 -17.06 -26.05 -12.17
CA LEU A 337 -17.56 -24.71 -11.92
C LEU A 337 -16.70 -23.92 -10.93
N LYS A 338 -15.72 -24.56 -10.29
CA LYS A 338 -14.75 -23.83 -9.49
C LYS A 338 -13.77 -23.05 -10.36
N VAL A 339 -13.73 -23.31 -11.65
CA VAL A 339 -12.81 -22.64 -12.55
C VAL A 339 -13.29 -21.22 -12.81
N ASN A 340 -12.49 -20.25 -12.44
CA ASN A 340 -12.87 -18.84 -12.44
C ASN A 340 -12.46 -18.18 -13.77
N CYS A 341 -13.18 -18.59 -14.81
CA CYS A 341 -12.89 -18.09 -16.14
C CYS A 341 -13.61 -16.76 -16.35
N ALA A 342 -12.99 -15.88 -17.16
CA ALA A 342 -13.55 -14.55 -17.40
C ALA A 342 -14.83 -14.56 -18.20
N CYS A 343 -15.24 -15.71 -18.73
CA CYS A 343 -16.54 -15.79 -19.38
C CYS A 343 -17.70 -15.80 -18.38
N PHE A 344 -17.40 -15.98 -17.10
CA PHE A 344 -18.35 -15.77 -16.02
C PHE A 344 -18.42 -14.32 -15.53
N THR A 345 -19.61 -13.93 -15.04
CA THR A 345 -19.80 -12.59 -14.49
C THR A 345 -20.58 -12.67 -13.19
N PRO A 346 -20.14 -11.98 -12.12
CA PRO A 346 -18.81 -11.36 -12.04
C PRO A 346 -17.79 -12.50 -11.98
N ASN A 347 -16.51 -12.19 -11.94
CA ASN A 347 -15.50 -13.24 -11.87
C ASN A 347 -14.52 -12.91 -10.74
N THR A 348 -15.09 -12.49 -9.61
CA THR A 348 -14.25 -11.96 -8.52
C THR A 348 -13.36 -13.05 -7.94
N GLY A 349 -13.78 -14.30 -8.04
CA GLY A 349 -12.93 -15.36 -7.51
C GLY A 349 -11.57 -15.42 -8.19
N ARG A 350 -11.51 -15.05 -9.46
CA ARG A 350 -10.22 -15.06 -10.16
C ARG A 350 -9.27 -14.05 -9.52
N LEU A 351 -9.80 -12.87 -9.19
CA LEU A 351 -9.00 -11.87 -8.50
C LEU A 351 -8.49 -12.40 -7.16
N GLU A 352 -9.38 -13.07 -6.40
CA GLU A 352 -8.95 -13.67 -5.14
C GLU A 352 -7.81 -14.67 -5.36
N ASP A 353 -7.96 -15.53 -6.38
CA ASP A 353 -6.92 -16.49 -6.77
C ASP A 353 -5.59 -15.81 -7.07
N ILE A 354 -5.64 -14.74 -7.87
CA ILE A 354 -4.40 -14.01 -8.20
C ILE A 354 -3.76 -13.45 -6.94
N LEU A 355 -4.56 -12.82 -6.06
CA LEU A 355 -3.98 -12.25 -4.86
C LEU A 355 -3.39 -13.34 -3.97
N SER A 356 -4.05 -14.48 -3.88
CA SER A 356 -3.55 -15.57 -3.04
C SER A 356 -2.23 -16.11 -3.59
N MET A 357 -2.16 -16.29 -4.90
CA MET A 357 -0.93 -16.75 -5.56
C MET A 357 0.22 -15.78 -5.37
N VAL A 358 -0.04 -14.48 -5.51
CA VAL A 358 1.01 -13.50 -5.22
C VAL A 358 1.67 -13.79 -3.87
N GLN A 359 0.85 -14.07 -2.85
CA GLN A 359 1.39 -14.23 -1.50
C GLN A 359 1.99 -15.63 -1.33
N LYS A 360 1.31 -16.68 -1.80
CA LYS A 360 1.86 -18.02 -1.63
C LYS A 360 3.14 -18.22 -2.44
N LEU A 361 3.29 -17.53 -3.58
CA LEU A 361 4.46 -17.68 -4.43
C LEU A 361 5.47 -16.56 -4.23
N GLN A 362 5.22 -15.63 -3.31
CA GLN A 362 6.09 -14.48 -3.08
C GLN A 362 6.54 -13.86 -4.39
N VAL A 363 5.62 -13.33 -5.09
CA VAL A 363 5.80 -12.74 -6.42
C VAL A 363 6.24 -11.30 -6.29
N ASP A 364 7.24 -10.93 -7.08
CA ASP A 364 7.68 -9.54 -7.22
C ASP A 364 6.91 -8.75 -8.25
N GLY A 365 6.25 -9.40 -9.21
CA GLY A 365 5.45 -8.70 -10.19
C GLY A 365 4.50 -9.63 -10.89
N VAL A 366 3.38 -9.07 -11.36
CA VAL A 366 2.35 -9.83 -12.06
C VAL A 366 2.32 -9.36 -13.50
N ILE A 367 2.44 -10.31 -14.46
CA ILE A 367 2.32 -10.01 -15.87
C ILE A 367 1.02 -10.64 -16.34
N HIS A 368 0.09 -9.78 -16.74
CA HIS A 368 -1.22 -10.19 -17.23
C HIS A 368 -1.11 -10.28 -18.74
N TYR A 369 -1.11 -11.50 -19.25
CA TYR A 369 -0.95 -11.75 -20.66
C TYR A 369 -2.22 -12.34 -21.24
N SER A 370 -2.79 -11.67 -22.28
CA SER A 370 -3.98 -12.19 -22.95
C SER A 370 -3.80 -12.11 -24.45
N LEU A 371 -4.34 -13.10 -25.15
CA LEU A 371 -4.18 -13.14 -26.60
C LEU A 371 -4.97 -12.00 -27.20
N GLN A 372 -4.42 -11.45 -28.29
CA GLN A 372 -5.12 -10.43 -29.11
C GLN A 372 -6.52 -10.87 -29.51
N PHE A 373 -7.49 -9.96 -29.29
CA PHE A 373 -8.91 -10.11 -29.56
C PHE A 373 -9.61 -11.10 -28.62
N CYS A 374 -8.98 -11.49 -27.51
CA CYS A 374 -9.71 -12.24 -26.49
C CYS A 374 -10.40 -11.19 -25.66
N GLN A 375 -11.69 -11.03 -25.86
CA GLN A 375 -12.37 -9.92 -25.22
CA GLN A 375 -12.39 -9.93 -25.23
C GLN A 375 -12.74 -10.23 -23.78
N PRO A 376 -13.10 -11.48 -23.41
CA PRO A 376 -13.34 -11.75 -21.97
C PRO A 376 -12.14 -11.37 -21.10
N TYR A 377 -10.92 -11.84 -21.45
CA TYR A 377 -9.76 -11.52 -20.63
C TYR A 377 -9.23 -10.11 -20.91
N GLY A 378 -9.36 -9.64 -22.15
CA GLY A 378 -8.96 -8.27 -22.46
C GLY A 378 -9.72 -7.23 -21.66
N VAL A 379 -11.06 -7.37 -21.57
CA VAL A 379 -11.87 -6.39 -20.86
C VAL A 379 -11.64 -6.53 -19.36
N GLU A 380 -11.62 -7.77 -18.87
CA GLU A 380 -11.51 -8.02 -17.44
C GLU A 380 -10.17 -7.56 -16.91
N SER A 381 -9.18 -7.37 -17.80
CA SER A 381 -7.85 -6.96 -17.33
C SER A 381 -7.87 -5.58 -16.66
N TYR A 382 -8.83 -4.73 -17.02
CA TYR A 382 -8.94 -3.40 -16.40
C TYR A 382 -9.17 -3.50 -14.90
N LEU A 383 -10.18 -4.27 -14.48
CA LEU A 383 -10.48 -4.32 -13.06
C LEU A 383 -9.44 -5.12 -12.32
N VAL A 384 -8.81 -6.09 -12.97
CA VAL A 384 -7.73 -6.82 -12.29
C VAL A 384 -6.57 -5.87 -12.04
N GLY A 385 -6.15 -5.13 -13.07
CA GLY A 385 -5.08 -4.16 -12.88
C GLY A 385 -5.37 -3.12 -11.80
N ARG A 386 -6.60 -2.58 -11.82
CA ARG A 386 -7.01 -1.62 -10.82
C ARG A 386 -6.87 -2.17 -9.40
N GLU A 387 -7.27 -3.42 -9.16
CA GLU A 387 -7.14 -3.94 -7.80
C GLU A 387 -5.69 -4.22 -7.44
N LEU A 388 -4.91 -4.77 -8.35
CA LEU A 388 -3.51 -5.04 -7.99
C LEU A 388 -2.75 -3.73 -7.74
N GLU A 389 -3.09 -2.69 -8.49
CA GLU A 389 -2.51 -1.36 -8.26
C GLU A 389 -2.81 -0.85 -6.86
N ARG A 390 -4.06 -0.89 -6.42
CA ARG A 390 -4.33 -0.31 -5.11
C ARG A 390 -3.76 -1.16 -3.97
N ARG A 391 -3.40 -2.41 -4.26
CA ARG A 391 -2.65 -3.23 -3.31
C ARG A 391 -1.16 -3.12 -3.49
N ASN A 392 -0.72 -2.21 -4.36
CA ASN A 392 0.69 -1.97 -4.60
C ASN A 392 1.42 -3.24 -5.07
N ILE A 393 0.75 -4.02 -5.91
CA ILE A 393 1.36 -5.16 -6.60
C ILE A 393 1.75 -4.72 -8.00
N PRO A 394 3.03 -4.71 -8.34
CA PRO A 394 3.42 -4.32 -9.71
C PRO A 394 2.71 -5.20 -10.74
N PHE A 395 2.26 -4.54 -11.82
CA PHE A 395 1.35 -5.11 -12.82
C PHE A 395 1.78 -4.62 -14.20
N LEU A 396 2.00 -5.55 -15.13
CA LEU A 396 2.23 -5.27 -16.54
C LEU A 396 1.22 -6.01 -17.39
N LYS A 397 0.46 -5.26 -18.22
CA LYS A 397 -0.48 -5.86 -19.15
C LYS A 397 0.19 -6.04 -20.51
N LEU A 398 0.12 -7.27 -21.03
CA LEU A 398 0.71 -7.64 -22.31
C LEU A 398 -0.32 -8.36 -23.16
N GLU A 399 -0.25 -8.09 -24.48
CA GLU A 399 -1.03 -8.79 -25.47
C GLU A 399 -0.16 -9.12 -26.68
N SER A 400 -0.44 -10.24 -27.32
CA SER A 400 0.21 -10.59 -28.56
C SER A 400 -0.63 -11.66 -29.27
N ASP A 401 -0.12 -12.13 -30.39
CA ASP A 401 -0.68 -13.26 -31.09
C ASP A 401 0.43 -14.27 -31.27
N PHE A 402 0.19 -15.27 -32.11
CA PHE A 402 1.13 -16.37 -32.21
C PHE A 402 2.31 -16.06 -33.12
N SER A 403 2.23 -14.99 -33.89
CA SER A 403 3.36 -14.56 -34.70
C SER A 403 4.54 -14.28 -33.79
N GLU A 404 5.67 -14.90 -34.09
CA GLU A 404 6.77 -14.94 -33.13
C GLU A 404 7.70 -13.72 -33.17
N GLU A 405 7.54 -12.82 -34.12
CA GLU A 405 8.59 -11.84 -34.42
C GLU A 405 8.36 -10.45 -33.82
N ASP A 406 7.37 -10.29 -32.94
CA ASP A 406 7.19 -9.04 -32.22
C ASP A 406 8.02 -9.08 -30.95
N GLN A 407 9.15 -9.78 -31.00
CA GLN A 407 9.98 -9.94 -29.80
C GLN A 407 10.48 -8.60 -29.26
N GLY A 408 10.91 -7.68 -30.15
CA GLY A 408 11.52 -6.45 -29.70
C GLY A 408 10.58 -5.63 -28.85
N GLN A 409 9.32 -5.51 -29.29
CA GLN A 409 8.33 -4.76 -28.54
C GLN A 409 8.09 -5.38 -27.18
N LEU A 410 7.99 -6.71 -27.15
CA LEU A 410 7.68 -7.40 -25.92
C LEU A 410 8.84 -7.37 -24.97
N LYS A 411 10.07 -7.45 -25.49
CA LYS A 411 11.26 -7.40 -24.66
C LYS A 411 11.37 -6.06 -23.96
N THR A 412 11.07 -4.98 -24.66
CA THR A 412 11.27 -3.68 -24.03
C THR A 412 10.27 -3.52 -22.88
N ARG A 413 9.03 -3.93 -23.11
CA ARG A 413 8.02 -3.81 -22.07
C ARG A 413 8.32 -4.72 -20.89
N ILE A 414 8.63 -6.00 -21.16
CA ILE A 414 8.99 -6.90 -20.07
C ILE A 414 10.22 -6.38 -19.31
N GLU A 415 11.32 -6.13 -20.01
CA GLU A 415 12.56 -5.74 -19.35
C GLU A 415 12.42 -4.40 -18.62
N ALA A 416 11.61 -3.46 -19.12
CA ALA A 416 11.42 -2.21 -18.37
C ALA A 416 10.69 -2.49 -17.07
N PHE A 417 9.81 -3.49 -17.11
CA PHE A 417 9.07 -3.89 -15.92
C PHE A 417 10.00 -4.53 -14.90
N LEU A 418 10.83 -5.48 -15.36
CA LEU A 418 11.79 -6.12 -14.48
C LEU A 418 12.76 -5.09 -13.90
N GLU A 419 13.30 -4.20 -14.73
CA GLU A 419 14.09 -3.07 -14.24
C GLU A 419 13.37 -2.28 -13.16
N MET A 420 12.08 -2.02 -13.35
CA MET A 420 11.34 -1.20 -12.41
C MET A 420 11.17 -1.87 -11.05
N ILE A 421 10.90 -3.18 -11.02
CA ILE A 421 10.60 -3.85 -9.76
C ILE A 421 11.84 -4.34 -9.01
N LYS A 422 13.01 -4.23 -9.59
CA LYS A 422 14.24 -4.64 -8.91
C LYS A 422 14.48 -3.82 -7.64
N MET B 2 -32.33 28.58 -22.03
CA MET B 2 -31.62 27.87 -20.91
C MET B 2 -32.54 26.94 -20.13
N ASP B 3 -33.74 26.67 -20.66
CA ASP B 3 -34.57 25.65 -20.04
C ASP B 3 -33.93 24.28 -20.19
N ASN B 4 -33.32 24.01 -21.35
CA ASN B 4 -32.64 22.74 -21.56
C ASN B 4 -31.28 22.74 -20.89
N ARG B 5 -30.54 23.86 -20.96
CA ARG B 5 -29.23 23.91 -20.33
C ARG B 5 -29.33 23.93 -18.81
N GLU B 6 -30.42 24.46 -18.28
CA GLU B 6 -30.60 24.40 -16.83
C GLU B 6 -30.88 22.96 -16.41
N LEU B 7 -31.71 22.25 -17.17
CA LEU B 7 -31.96 20.85 -16.87
C LEU B 7 -30.67 20.06 -16.96
N TRP B 8 -29.88 20.28 -18.01
CA TRP B 8 -28.64 19.52 -18.15
C TRP B 8 -27.70 19.80 -16.99
N LYS B 9 -27.63 21.06 -16.56
CA LYS B 9 -26.80 21.39 -15.42
C LYS B 9 -27.26 20.66 -14.18
N VAL B 10 -28.57 20.51 -14.01
CA VAL B 10 -29.10 19.76 -12.88
C VAL B 10 -28.80 18.26 -12.99
N LEU B 11 -28.65 17.74 -14.21
CA LEU B 11 -28.26 16.35 -14.46
C LEU B 11 -26.75 16.14 -14.39
N ASN B 12 -25.99 17.18 -14.04
CA ASN B 12 -24.54 17.13 -13.98
C ASN B 12 -23.93 16.73 -15.33
N VAL B 13 -24.58 17.16 -16.41
CA VAL B 13 -23.96 17.02 -17.72
C VAL B 13 -22.71 17.88 -17.81
N ASP B 14 -21.67 17.36 -18.45
CA ASP B 14 -20.52 18.20 -18.79
C ASP B 14 -20.95 19.11 -19.93
N LEU B 15 -21.36 20.34 -19.59
CA LEU B 15 -21.98 21.24 -20.57
C LEU B 15 -21.04 21.56 -21.71
N GLU B 16 -19.76 21.75 -21.43
CA GLU B 16 -18.81 22.07 -22.49
C GLU B 16 -18.71 20.94 -23.52
N LYS B 17 -18.49 19.70 -23.05
CA LYS B 17 -18.32 18.59 -23.98
C LYS B 17 -19.62 18.25 -24.68
N HIS B 18 -20.74 18.47 -24.01
CA HIS B 18 -22.04 18.19 -24.59
C HIS B 18 -22.35 19.11 -25.76
N ASP B 19 -21.99 20.40 -25.66
CA ASP B 19 -22.14 21.30 -26.80
C ASP B 19 -21.22 20.88 -27.95
N GLU B 20 -19.97 20.56 -27.64
CA GLU B 20 -19.05 20.13 -28.67
C GLU B 20 -19.50 18.82 -29.30
N PHE B 21 -20.13 17.94 -28.53
CA PHE B 21 -20.74 16.76 -29.13
C PHE B 21 -21.84 17.17 -30.10
N LEU B 22 -22.70 18.10 -29.67
CA LEU B 22 -23.91 18.44 -30.40
C LEU B 22 -23.63 19.38 -31.57
N ALA B 23 -22.60 20.21 -31.46
CA ALA B 23 -22.40 21.28 -32.44
C ALA B 23 -22.45 20.80 -33.88
N PRO B 24 -21.92 19.63 -34.25
CA PRO B 24 -21.89 19.24 -35.66
C PRO B 24 -23.16 18.62 -36.18
N VAL B 25 -24.14 18.32 -35.34
CA VAL B 25 -25.21 17.42 -35.79
C VAL B 25 -26.21 18.10 -36.74
N PRO B 26 -26.67 19.32 -36.45
CA PRO B 26 -27.67 19.93 -37.37
C PRO B 26 -27.21 19.95 -38.83
N ALA B 27 -25.95 20.27 -39.09
CA ALA B 27 -25.50 20.26 -40.48
C ALA B 27 -25.62 18.88 -41.08
N VAL B 28 -25.29 17.84 -40.32
CA VAL B 28 -25.44 16.47 -40.83
C VAL B 28 -26.91 16.19 -41.14
N TYR B 29 -27.79 16.50 -40.19
CA TYR B 29 -29.20 16.23 -40.36
C TYR B 29 -29.75 17.02 -41.55
N ARG B 30 -29.42 18.31 -41.61
CA ARG B 30 -29.76 19.11 -42.78
CA ARG B 30 -29.73 19.13 -42.78
C ARG B 30 -29.31 18.41 -44.06
N GLU B 31 -28.09 17.90 -44.08
CA GLU B 31 -27.55 17.32 -45.32
C GLU B 31 -28.20 16.00 -45.66
N LEU B 32 -28.39 15.12 -44.67
CA LEU B 32 -28.86 13.76 -44.92
C LEU B 32 -30.36 13.62 -44.83
N PHE B 33 -31.03 14.58 -44.18
CA PHE B 33 -32.47 14.51 -44.02
C PHE B 33 -33.19 15.75 -44.55
N LEU B 34 -32.98 16.92 -43.93
CA LEU B 34 -33.89 18.04 -44.20
C LEU B 34 -33.82 18.48 -45.66
N ASN B 35 -32.62 18.51 -46.24
CA ASN B 35 -32.48 18.92 -47.63
C ASN B 35 -32.76 17.78 -48.62
N ARG B 36 -33.07 16.59 -48.16
CA ARG B 36 -33.37 15.47 -49.05
C ARG B 36 -34.79 15.62 -49.58
N PRO B 37 -35.01 15.52 -50.88
CA PRO B 37 -36.36 15.75 -51.40
C PRO B 37 -37.28 14.56 -51.22
N ASN B 38 -38.58 14.85 -51.37
CA ASN B 38 -39.64 13.85 -51.46
C ASN B 38 -39.93 13.12 -50.15
N ARG B 39 -39.48 13.66 -49.02
CA ARG B 39 -39.74 13.00 -47.75
C ARG B 39 -41.20 13.18 -47.35
N PRO B 40 -41.83 12.16 -46.79
CA PRO B 40 -43.20 12.34 -46.28
C PRO B 40 -43.34 13.56 -45.36
N ARG B 41 -44.53 14.15 -45.42
CA ARG B 41 -44.82 15.27 -44.53
CA ARG B 41 -44.87 15.27 -44.53
C ARG B 41 -44.74 14.86 -43.08
N ALA B 42 -45.16 13.64 -42.75
CA ALA B 42 -45.21 13.14 -41.38
C ALA B 42 -43.82 12.89 -40.77
N MET B 43 -42.74 13.12 -41.53
CA MET B 43 -41.41 13.11 -40.94
C MET B 43 -41.22 14.33 -40.04
N ALA B 44 -42.12 15.33 -40.17
CA ALA B 44 -41.96 16.56 -39.40
C ALA B 44 -41.84 16.26 -37.92
N TYR B 45 -42.63 15.31 -37.41
CA TYR B 45 -42.53 15.00 -35.98
C TYR B 45 -41.11 14.58 -35.60
N PHE B 46 -40.62 13.50 -36.22
CA PHE B 46 -39.31 12.98 -35.87
C PHE B 46 -38.21 13.99 -36.16
N ASP B 47 -38.36 14.77 -37.23
CA ASP B 47 -37.41 15.85 -37.48
C ASP B 47 -37.36 16.79 -36.29
N ALA B 48 -38.51 17.02 -35.66
CA ALA B 48 -38.55 17.92 -34.50
C ALA B 48 -37.88 17.27 -33.32
N VAL B 49 -38.09 15.95 -33.15
CA VAL B 49 -37.40 15.21 -32.10
C VAL B 49 -35.90 15.39 -32.23
N VAL B 50 -35.35 15.12 -33.42
CA VAL B 50 -33.92 15.29 -33.62
C VAL B 50 -33.51 16.72 -33.30
N GLY B 51 -34.34 17.68 -33.72
CA GLY B 51 -33.97 19.08 -33.55
C GLY B 51 -33.76 19.44 -32.10
N ASP B 52 -34.45 18.75 -31.20
CA ASP B 52 -34.35 18.98 -29.76
C ASP B 52 -34.11 17.65 -29.04
N ILE B 53 -33.13 16.90 -29.53
CA ILE B 53 -33.02 15.49 -29.15
C ILE B 53 -32.80 15.33 -27.66
N HIS B 54 -32.21 16.33 -27.03
CA HIS B 54 -31.92 16.24 -25.61
C HIS B 54 -32.76 17.18 -24.77
N GLY B 55 -33.94 17.57 -25.27
CA GLY B 55 -34.81 18.46 -24.53
C GLY B 55 -36.14 17.87 -24.07
N ILE B 56 -37.18 18.01 -24.90
CA ILE B 56 -38.53 17.61 -24.52
C ILE B 56 -38.52 16.27 -23.78
N ARG B 57 -37.95 15.24 -24.41
CA ARG B 57 -38.02 13.89 -23.85
C ARG B 57 -37.28 13.83 -22.54
N VAL B 58 -36.09 14.44 -22.46
CA VAL B 58 -35.32 14.39 -21.22
C VAL B 58 -36.10 15.08 -20.11
N HIS B 59 -36.78 16.20 -20.45
CA HIS B 59 -37.62 16.89 -19.46
C HIS B 59 -38.72 15.96 -18.96
N GLU B 60 -39.37 15.25 -19.89
CA GLU B 60 -40.40 14.30 -19.49
C GLU B 60 -39.85 13.28 -18.49
N LEU B 61 -38.70 12.70 -18.82
CA LEU B 61 -38.10 11.70 -17.95
C LEU B 61 -37.80 12.27 -16.57
N TYR B 62 -37.19 13.44 -16.53
CA TYR B 62 -36.90 14.10 -15.27
C TYR B 62 -38.18 14.32 -14.46
N ASN B 63 -39.22 14.84 -15.11
CA ASN B 63 -40.49 15.03 -14.42
C ASN B 63 -41.04 13.70 -13.91
N LEU B 64 -40.83 12.62 -14.66
CA LEU B 64 -41.26 11.31 -14.18
C LEU B 64 -40.54 10.94 -12.88
N LYS B 65 -39.24 11.21 -12.81
CA LYS B 65 -38.51 10.92 -11.56
C LYS B 65 -39.01 11.78 -10.41
N GLN B 66 -39.42 13.02 -10.71
CA GLN B 66 -39.93 13.91 -9.67
C GLN B 66 -41.19 13.37 -9.03
N GLU B 67 -41.89 12.46 -9.70
CA GLU B 67 -43.13 11.89 -9.20
C GLU B 67 -42.94 10.53 -8.57
N GLY B 68 -41.69 10.04 -8.46
CA GLY B 68 -41.38 8.81 -7.78
C GLY B 68 -41.22 7.59 -8.68
N LYS B 69 -41.49 7.74 -9.96
CA LYS B 69 -41.23 6.72 -10.97
C LYS B 69 -39.73 6.66 -11.26
N LYS B 70 -39.33 5.71 -12.11
CA LYS B 70 -37.91 5.49 -12.39
C LYS B 70 -37.64 5.39 -13.88
N VAL B 71 -36.38 5.60 -14.22
CA VAL B 71 -35.89 5.55 -15.58
C VAL B 71 -34.88 4.40 -15.67
N PHE B 72 -35.20 3.43 -16.53
CA PHE B 72 -34.31 2.28 -16.75
C PHE B 72 -33.64 2.44 -18.10
N ALA B 73 -32.32 2.27 -18.14
CA ALA B 73 -31.57 2.33 -19.39
C ALA B 73 -31.20 0.91 -19.82
N THR B 74 -31.43 0.60 -21.10
CA THR B 74 -31.17 -0.72 -21.64
C THR B 74 -30.34 -0.63 -22.92
N PHE B 75 -29.80 -1.78 -23.32
CA PHE B 75 -28.89 -1.86 -24.46
C PHE B 75 -29.22 -3.02 -25.39
N CYS B 76 -30.34 -3.69 -25.18
CA CYS B 76 -30.70 -4.89 -25.94
C CYS B 76 -32.21 -5.09 -25.91
N VAL B 77 -32.76 -5.48 -27.06
CA VAL B 77 -34.20 -5.67 -27.19
C VAL B 77 -34.76 -6.76 -26.29
N TYR B 78 -33.91 -7.59 -25.70
CA TYR B 78 -34.39 -8.67 -24.85
C TYR B 78 -34.95 -8.18 -23.51
N VAL B 79 -34.48 -7.04 -23.04
CA VAL B 79 -34.94 -6.50 -21.76
C VAL B 79 -36.42 -6.18 -21.91
N PRO B 80 -37.29 -6.70 -21.07
CA PRO B 80 -38.72 -6.51 -21.32
C PRO B 80 -39.25 -5.12 -20.98
N GLU B 81 -39.30 -4.26 -22.00
CA GLU B 81 -39.95 -2.96 -21.87
C GLU B 81 -41.32 -3.07 -21.20
N GLU B 82 -42.01 -4.19 -21.39
CA GLU B 82 -43.37 -4.36 -20.93
C GLU B 82 -43.49 -4.29 -19.40
N ILE B 83 -42.51 -4.88 -18.70
CA ILE B 83 -42.56 -4.93 -17.25
C ILE B 83 -42.26 -3.56 -16.67
N ILE B 84 -41.24 -2.89 -17.20
CA ILE B 84 -40.91 -1.54 -16.77
C ILE B 84 -42.10 -0.61 -16.98
N ASN B 85 -42.68 -0.65 -18.17
CA ASN B 85 -43.76 0.27 -18.49
C ASN B 85 -45.02 -0.01 -17.68
N ALA B 86 -45.22 -1.26 -17.29
CA ALA B 86 -46.41 -1.57 -16.51
C ALA B 86 -46.48 -0.74 -15.23
N THR B 87 -45.34 -0.42 -14.60
CA THR B 87 -45.31 0.30 -13.34
C THR B 87 -45.43 1.80 -13.51
N GLY B 88 -45.44 2.30 -14.74
CA GLY B 88 -45.38 3.73 -14.95
C GLY B 88 -43.99 4.28 -15.20
N SER B 89 -42.95 3.52 -14.85
CA SER B 89 -41.56 3.92 -15.09
C SER B 89 -41.23 3.87 -16.59
N ALA B 90 -40.13 4.50 -16.96
CA ALA B 90 -39.71 4.61 -18.35
C ALA B 90 -38.59 3.64 -18.66
N CYS B 91 -38.55 3.23 -19.93
CA CYS B 91 -37.50 2.38 -20.48
C CYS B 91 -36.94 3.08 -21.70
N ILE B 92 -35.61 3.27 -21.75
CA ILE B 92 -34.93 3.88 -22.89
C ILE B 92 -33.71 3.05 -23.29
N GLY B 93 -33.41 3.01 -24.58
CA GLY B 93 -32.29 2.24 -25.07
C GLY B 93 -31.15 3.19 -25.40
N LEU B 94 -29.96 2.89 -24.87
CA LEU B 94 -28.83 3.80 -24.95
C LEU B 94 -27.59 3.21 -25.63
N CYS B 95 -27.78 2.29 -26.58
CA CYS B 95 -26.66 1.88 -27.42
C CYS B 95 -26.01 3.08 -28.05
N GLY B 96 -24.67 3.10 -28.02
CA GLY B 96 -23.93 4.23 -28.56
C GLY B 96 -23.79 4.17 -30.07
N GLY B 97 -23.86 5.35 -30.70
CA GLY B 97 -23.67 5.46 -32.12
C GLY B 97 -22.73 6.57 -32.57
N ALA B 98 -21.86 7.06 -31.67
CA ALA B 98 -21.07 8.26 -31.91
C ALA B 98 -19.58 8.06 -31.65
N GLN B 99 -18.78 8.46 -32.62
CA GLN B 99 -17.32 8.43 -32.46
C GLN B 99 -16.83 9.33 -31.34
N TYR B 100 -17.59 10.37 -31.00
CA TYR B 100 -17.09 11.41 -30.10
C TYR B 100 -16.65 10.81 -28.78
N THR B 101 -17.46 9.91 -28.23
CA THR B 101 -17.27 9.31 -26.93
C THR B 101 -16.37 8.07 -26.95
N VAL B 102 -15.86 7.66 -28.09
CA VAL B 102 -15.09 6.42 -28.20
C VAL B 102 -13.78 6.58 -27.43
N PRO B 103 -13.05 7.69 -27.54
CA PRO B 103 -11.82 7.78 -26.76
C PRO B 103 -12.08 7.71 -25.27
N ALA B 104 -13.16 8.34 -24.80
CA ALA B 104 -13.50 8.28 -23.39
C ALA B 104 -13.78 6.83 -22.97
N GLY B 105 -14.51 6.08 -23.80
CA GLY B 105 -14.80 4.69 -23.46
C GLY B 105 -13.54 3.85 -23.36
N GLU B 106 -12.57 4.16 -24.20
CA GLU B 106 -11.28 3.47 -24.24
C GLU B 106 -10.40 3.76 -23.05
N THR B 107 -10.79 4.67 -22.16
CA THR B 107 -10.01 4.79 -20.92
C THR B 107 -10.20 3.59 -20.01
N VAL B 108 -11.31 2.86 -20.15
CA VAL B 108 -11.57 1.68 -19.35
C VAL B 108 -11.82 0.42 -20.17
N LEU B 109 -11.82 0.51 -21.49
CA LEU B 109 -12.09 -0.62 -22.35
C LEU B 109 -11.01 -0.76 -23.42
N PRO B 110 -10.79 -1.98 -23.91
CA PRO B 110 -9.84 -2.16 -25.03
C PRO B 110 -10.26 -1.32 -26.24
N ARG B 111 -9.27 -0.88 -27.01
CA ARG B 111 -9.59 -0.09 -28.21
C ARG B 111 -10.10 -0.99 -29.34
N ASN B 112 -9.66 -2.23 -29.36
CA ASN B 112 -10.17 -3.18 -30.36
C ASN B 112 -11.36 -3.94 -29.74
N LEU B 113 -12.42 -3.17 -29.46
CA LEU B 113 -13.70 -3.66 -28.97
C LEU B 113 -14.78 -2.95 -29.79
N CYS B 114 -15.97 -3.52 -29.78
CA CYS B 114 -17.08 -2.99 -30.54
C CYS B 114 -17.31 -1.52 -30.24
N PRO B 115 -17.43 -0.67 -31.27
CA PRO B 115 -17.66 0.76 -31.02
C PRO B 115 -18.97 1.08 -30.33
N LEU B 116 -20.02 0.28 -30.55
CA LEU B 116 -21.27 0.49 -29.83
C LEU B 116 -21.02 0.58 -28.32
N ILE B 117 -20.25 -0.39 -27.81
CA ILE B 117 -19.95 -0.47 -26.38
C ILE B 117 -19.05 0.68 -25.91
N LYS B 118 -17.95 0.92 -26.62
CA LYS B 118 -17.04 2.00 -26.25
C LYS B 118 -17.73 3.36 -26.26
N SER B 119 -18.58 3.62 -27.27
CA SER B 119 -19.27 4.91 -27.34
C SER B 119 -20.26 5.06 -26.18
N ALA B 120 -20.97 4.00 -25.84
CA ALA B 120 -21.91 4.12 -24.72
C ALA B 120 -21.17 4.35 -23.40
N MET B 121 -20.12 3.57 -23.15
CA MET B 121 -19.28 3.74 -21.97
C MET B 121 -18.79 5.17 -21.88
N GLY B 122 -18.34 5.73 -23.02
CA GLY B 122 -17.79 7.06 -23.02
C GLY B 122 -18.81 8.12 -22.69
N PHE B 123 -20.04 7.97 -23.22
CA PHE B 123 -21.11 8.93 -22.94
C PHE B 123 -21.32 9.07 -21.43
N LYS B 124 -21.32 7.93 -20.74
CA LYS B 124 -21.54 7.98 -19.30
CA LYS B 124 -21.53 7.96 -19.30
CA LYS B 124 -21.54 7.96 -19.29
C LYS B 124 -20.31 8.54 -18.58
N ILE B 125 -19.12 8.06 -18.93
CA ILE B 125 -17.89 8.48 -18.25
C ILE B 125 -17.75 10.00 -18.35
N GLU B 126 -17.93 10.54 -19.55
CA GLU B 126 -17.74 11.97 -19.78
C GLU B 126 -18.93 12.80 -19.31
N ARG B 127 -20.05 12.16 -18.93
CA ARG B 127 -21.25 12.89 -18.56
C ARG B 127 -21.70 13.73 -19.75
N ILE B 128 -21.81 13.06 -20.90
CA ILE B 128 -22.19 13.75 -22.12
C ILE B 128 -23.68 13.68 -22.39
N CYS B 129 -24.33 12.58 -21.97
CA CYS B 129 -25.63 12.22 -22.50
C CYS B 129 -26.67 12.52 -21.44
N PRO B 130 -27.61 13.43 -21.71
CA PRO B 130 -28.64 13.74 -20.70
C PRO B 130 -29.54 12.56 -20.39
N TYR B 131 -29.73 11.65 -21.35
CA TYR B 131 -30.53 10.45 -21.09
C TYR B 131 -29.79 9.52 -20.12
N PHE B 132 -28.53 9.27 -20.40
CA PHE B 132 -27.73 8.47 -19.49
C PHE B 132 -27.61 9.15 -18.12
N GLN B 133 -27.58 10.48 -18.09
CA GLN B 133 -27.48 11.18 -16.82
C GLN B 133 -28.79 11.10 -16.03
N VAL B 134 -29.93 11.00 -16.72
CA VAL B 134 -31.20 10.96 -15.99
C VAL B 134 -31.57 9.53 -15.59
N ALA B 135 -31.00 8.52 -16.24
CA ALA B 135 -31.37 7.15 -15.94
C ALA B 135 -31.02 6.78 -14.50
N ASP B 136 -31.95 6.07 -13.85
CA ASP B 136 -31.73 5.55 -12.49
C ASP B 136 -30.90 4.29 -12.51
N TYR B 137 -31.23 3.38 -13.41
CA TYR B 137 -30.61 2.07 -13.45
C TYR B 137 -30.23 1.73 -14.89
N VAL B 138 -29.22 0.90 -15.01
CA VAL B 138 -28.89 0.23 -16.27
C VAL B 138 -29.29 -1.24 -16.13
N VAL B 139 -29.94 -1.75 -17.15
CA VAL B 139 -30.22 -3.18 -17.27
C VAL B 139 -29.29 -3.74 -18.34
N GLY B 140 -28.29 -4.51 -17.91
CA GLY B 140 -27.39 -5.17 -18.84
C GLY B 140 -27.70 -6.64 -19.01
N GLU B 141 -27.38 -7.16 -20.18
CA GLU B 141 -27.69 -8.53 -20.52
C GLU B 141 -26.40 -9.25 -20.88
N THR B 142 -26.39 -10.59 -20.70
CA THR B 142 -25.23 -11.42 -21.00
C THR B 142 -25.32 -11.93 -22.44
N THR B 143 -25.11 -10.99 -23.37
CA THR B 143 -25.08 -11.32 -24.80
C THR B 143 -23.64 -11.49 -25.30
N CYS B 144 -23.05 -10.45 -25.89
CA CYS B 144 -21.69 -10.61 -26.38
C CYS B 144 -20.67 -10.40 -25.24
N ASP B 145 -19.44 -10.83 -25.50
CA ASP B 145 -18.37 -10.77 -24.50
C ASP B 145 -18.12 -9.36 -24.04
N GLY B 146 -18.05 -8.43 -24.98
CA GLY B 146 -17.71 -7.07 -24.63
C GLY B 146 -18.74 -6.44 -23.72
N LYS B 147 -20.04 -6.65 -24.02
CA LYS B 147 -21.09 -6.05 -23.21
C LYS B 147 -21.12 -6.66 -21.82
N LYS B 148 -21.07 -7.99 -21.77
CA LYS B 148 -21.13 -8.67 -20.49
C LYS B 148 -20.00 -8.20 -19.57
N LYS B 149 -18.78 -8.08 -20.09
CA LYS B 149 -17.68 -7.67 -19.22
C LYS B 149 -17.69 -6.16 -18.96
N ALA B 150 -18.22 -5.38 -19.90
CA ALA B 150 -18.31 -3.94 -19.70
C ALA B 150 -19.27 -3.60 -18.57
N TRP B 151 -20.33 -4.39 -18.39
CA TRP B 151 -21.28 -4.10 -17.32
C TRP B 151 -20.58 -4.04 -15.98
N GLU B 152 -19.58 -4.92 -15.79
CA GLU B 152 -18.89 -4.97 -14.50
C GLU B 152 -18.16 -3.65 -14.24
N ILE B 153 -17.66 -3.02 -15.31
CA ILE B 153 -17.01 -1.72 -15.18
C ILE B 153 -18.06 -0.62 -15.05
N LEU B 154 -19.17 -0.74 -15.81
CA LEU B 154 -20.18 0.31 -15.81
C LEU B 154 -20.85 0.44 -14.45
N ASN B 155 -20.93 -0.67 -13.71
CA ASN B 155 -21.57 -0.63 -12.40
C ASN B 155 -20.90 0.36 -11.45
N GLU B 156 -19.63 0.71 -11.69
CA GLU B 156 -19.00 1.72 -10.85
C GLU B 156 -19.57 3.10 -11.06
N TYR B 157 -20.30 3.34 -12.15
CA TYR B 157 -20.81 4.66 -12.44
C TYR B 157 -22.32 4.80 -12.28
N ILE B 158 -23.05 3.69 -12.32
CA ILE B 158 -24.51 3.67 -12.28
C ILE B 158 -24.92 2.23 -12.00
N PRO B 159 -25.89 1.96 -11.13
CA PRO B 159 -26.18 0.56 -10.76
C PRO B 159 -26.65 -0.23 -11.96
N VAL B 160 -26.06 -1.42 -12.12
CA VAL B 160 -26.32 -2.31 -13.24
C VAL B 160 -26.97 -3.57 -12.71
N TYR B 161 -28.14 -3.89 -13.24
CA TYR B 161 -28.78 -5.18 -13.08
C TYR B 161 -28.47 -6.01 -14.31
N VAL B 162 -27.92 -7.19 -14.10
CA VAL B 162 -27.52 -8.06 -15.21
C VAL B 162 -28.51 -9.20 -15.34
N MET B 163 -29.22 -9.26 -16.48
CA MET B 163 -30.04 -10.39 -16.84
C MET B 163 -29.18 -11.42 -17.58
N GLU B 164 -29.32 -12.67 -17.22
CA GLU B 164 -28.57 -13.73 -17.88
C GLU B 164 -29.48 -14.33 -18.96
N LEU B 165 -29.14 -14.10 -20.18
CA LEU B 165 -29.80 -14.73 -21.33
C LEU B 165 -29.13 -16.05 -21.60
N PRO B 166 -29.90 -17.12 -21.82
CA PRO B 166 -29.30 -18.40 -22.25
C PRO B 166 -28.64 -18.24 -23.61
N GLN B 167 -27.93 -19.31 -24.05
CA GLN B 167 -27.21 -19.26 -25.31
C GLN B 167 -27.77 -20.25 -26.35
N LYS B 168 -28.78 -21.03 -25.99
CA LYS B 168 -29.54 -21.88 -26.89
C LYS B 168 -31.03 -21.61 -26.64
N LYS B 169 -31.90 -22.29 -27.38
CA LYS B 169 -33.33 -22.08 -27.31
C LYS B 169 -34.12 -23.38 -27.11
N GLU B 170 -33.51 -24.34 -26.44
CA GLU B 170 -34.19 -25.58 -26.09
C GLU B 170 -35.04 -25.39 -24.83
N GLU B 171 -35.76 -26.46 -24.46
CA GLU B 171 -36.73 -26.34 -23.38
C GLU B 171 -36.08 -25.83 -22.10
N ARG B 172 -34.92 -26.38 -21.74
CA ARG B 172 -34.24 -25.92 -20.52
C ARG B 172 -33.85 -24.44 -20.62
N ASP B 173 -33.47 -23.98 -21.81
CA ASP B 173 -33.16 -22.56 -22.00
C ASP B 173 -34.41 -21.71 -21.84
N ARG B 174 -35.51 -22.16 -22.43
CA ARG B 174 -36.76 -21.43 -22.34
CA ARG B 174 -36.76 -21.43 -22.34
C ARG B 174 -37.22 -21.29 -20.89
N LYS B 175 -37.10 -22.37 -20.12
CA LYS B 175 -37.49 -22.30 -18.70
C LYS B 175 -36.55 -21.36 -17.95
N PHE B 176 -35.24 -21.51 -18.17
CA PHE B 176 -34.24 -20.59 -17.62
C PHE B 176 -34.60 -19.14 -17.87
N TRP B 177 -34.94 -18.81 -19.10
CA TRP B 177 -35.19 -17.41 -19.42
C TRP B 177 -36.45 -16.92 -18.71
N GLU B 178 -37.45 -17.81 -18.58
CA GLU B 178 -38.66 -17.51 -17.82
C GLU B 178 -38.32 -17.12 -16.40
N GLU B 179 -37.43 -17.87 -15.76
CA GLU B 179 -37.07 -17.57 -14.39
C GLU B 179 -36.33 -16.24 -14.31
N GLU B 180 -35.50 -15.92 -15.32
CA GLU B 180 -34.79 -14.64 -15.30
C GLU B 180 -35.76 -13.47 -15.45
N ILE B 181 -36.81 -13.66 -16.26
CA ILE B 181 -37.83 -12.62 -16.42
C ILE B 181 -38.58 -12.41 -15.11
N LYS B 182 -38.88 -13.50 -14.40
CA LYS B 182 -39.55 -13.36 -13.11
C LYS B 182 -38.63 -12.69 -12.09
N ASP B 183 -37.34 -13.03 -12.12
CA ASP B 183 -36.38 -12.30 -11.29
C ASP B 183 -36.36 -10.81 -11.65
N PHE B 184 -36.33 -10.50 -12.93
CA PHE B 184 -36.30 -9.10 -13.33
C PHE B 184 -37.56 -8.38 -12.87
N ALA B 185 -38.70 -9.05 -12.97
CA ALA B 185 -39.96 -8.43 -12.58
C ALA B 185 -39.91 -8.01 -11.12
N GLN B 186 -39.38 -8.91 -10.27
CA GLN B 186 -39.24 -8.58 -8.86
CA GLN B 186 -39.23 -8.58 -8.85
C GLN B 186 -38.33 -7.37 -8.64
N PHE B 187 -37.25 -7.27 -9.41
CA PHE B 187 -36.33 -6.16 -9.29
C PHE B 187 -37.01 -4.83 -9.60
N VAL B 188 -37.80 -4.79 -10.68
CA VAL B 188 -38.54 -3.59 -11.05
C VAL B 188 -39.57 -3.24 -10.00
N GLU B 189 -40.35 -4.23 -9.54
CA GLU B 189 -41.26 -4.00 -8.42
C GLU B 189 -40.53 -3.39 -7.23
N GLU B 190 -39.37 -3.93 -6.86
CA GLU B 190 -38.63 -3.43 -5.70
C GLU B 190 -38.19 -1.98 -5.90
N LYS B 191 -37.56 -1.69 -7.04
CA LYS B 191 -37.04 -0.35 -7.26
C LYS B 191 -38.16 0.68 -7.47
N THR B 192 -39.32 0.30 -8.01
CA THR B 192 -40.40 1.24 -8.25
C THR B 192 -41.38 1.32 -7.08
N GLY B 193 -41.47 0.28 -6.25
CA GLY B 193 -42.56 0.17 -5.30
C GLY B 193 -43.90 -0.19 -5.89
N VAL B 194 -43.96 -0.52 -7.18
CA VAL B 194 -45.22 -0.87 -7.81
C VAL B 194 -45.24 -2.39 -8.01
N LYS B 195 -46.03 -3.07 -7.18
CA LYS B 195 -46.31 -4.48 -7.43
C LYS B 195 -47.10 -4.61 -8.71
N LEU B 196 -46.70 -5.57 -9.54
CA LEU B 196 -47.41 -5.83 -10.78
C LEU B 196 -48.69 -6.61 -10.51
N ASN B 197 -49.72 -6.34 -11.33
CA ASN B 197 -50.96 -7.10 -11.28
C ASN B 197 -51.46 -7.29 -12.70
N ALA B 198 -52.55 -8.05 -12.84
CA ALA B 198 -53.10 -8.30 -14.16
C ALA B 198 -53.43 -7.01 -14.90
N GLU B 199 -53.90 -5.99 -14.17
CA GLU B 199 -54.34 -4.76 -14.81
C GLU B 199 -53.16 -4.02 -15.42
N ASN B 200 -52.16 -3.66 -14.61
CA ASN B 200 -51.07 -2.83 -15.10
C ASN B 200 -50.08 -3.60 -15.98
N LEU B 201 -50.04 -4.93 -15.87
CA LEU B 201 -49.14 -5.69 -16.72
C LEU B 201 -49.73 -5.86 -18.11
N ARG B 202 -51.02 -6.16 -18.19
CA ARG B 202 -51.69 -6.10 -19.49
C ARG B 202 -51.54 -4.72 -20.11
N ALA B 203 -51.76 -3.66 -19.31
CA ALA B 203 -51.60 -2.29 -19.81
C ALA B 203 -50.20 -2.07 -20.35
N GLY B 204 -49.19 -2.55 -19.62
CA GLY B 204 -47.83 -2.39 -20.10
C GLY B 204 -47.60 -3.11 -21.41
N ILE B 205 -48.16 -4.32 -21.54
CA ILE B 205 -47.99 -5.12 -22.74
C ILE B 205 -48.68 -4.43 -23.92
N GLU B 206 -49.89 -3.90 -23.72
CA GLU B 206 -50.60 -3.28 -24.83
C GLU B 206 -49.84 -2.06 -25.33
N LYS B 207 -49.18 -1.36 -24.43
CA LYS B 207 -48.51 -0.11 -24.80
C LYS B 207 -47.30 -0.39 -25.68
N ILE B 208 -46.56 -1.46 -25.37
CA ILE B 208 -45.38 -1.79 -26.17
C ILE B 208 -45.78 -2.59 -27.40
N ASN B 209 -46.76 -3.50 -27.26
CA ASN B 209 -47.33 -4.16 -28.43
C ASN B 209 -47.81 -3.15 -29.48
N LYS B 210 -48.41 -2.04 -29.03
CA LYS B 210 -48.91 -1.03 -29.95
C LYS B 210 -47.78 -0.33 -30.67
N LYS B 211 -46.71 0.02 -29.96
CA LYS B 211 -45.51 0.59 -30.57
C LYS B 211 -44.90 -0.38 -31.57
N ARG B 212 -44.73 -1.65 -31.16
CA ARG B 212 -44.23 -2.66 -32.08
C ARG B 212 -45.14 -2.78 -33.30
N LYS B 213 -46.45 -2.79 -33.07
CA LYS B 213 -47.36 -2.94 -34.21
C LYS B 213 -47.22 -1.77 -35.20
N ALA B 214 -47.09 -0.55 -34.69
CA ALA B 214 -46.95 0.57 -35.61
C ALA B 214 -45.67 0.41 -36.43
N LEU B 215 -44.59 -0.02 -35.78
CA LEU B 215 -43.36 -0.24 -36.54
C LEU B 215 -43.51 -1.38 -37.54
N LYS B 216 -44.21 -2.46 -37.17
CA LYS B 216 -44.50 -3.52 -38.14
C LYS B 216 -45.25 -2.97 -39.35
N ARG B 217 -46.24 -2.13 -39.09
CA ARG B 217 -47.07 -1.56 -40.15
C ARG B 217 -46.22 -0.77 -41.14
N LEU B 218 -45.31 0.06 -40.63
CA LEU B 218 -44.46 0.83 -41.51
C LEU B 218 -43.51 -0.07 -42.29
N SER B 219 -43.06 -1.16 -41.65
CA SER B 219 -42.14 -2.08 -42.31
C SER B 219 -42.79 -2.72 -43.51
N ASP B 220 -44.05 -3.17 -43.37
CA ASP B 220 -44.75 -3.83 -44.47
C ASP B 220 -44.97 -2.89 -45.64
N LEU B 221 -45.18 -1.61 -45.36
CA LEU B 221 -45.43 -0.67 -46.44
C LEU B 221 -44.21 -0.46 -47.31
N ARG B 222 -43.02 -0.79 -46.80
CA ARG B 222 -41.83 -0.63 -47.62
C ARG B 222 -41.72 -1.69 -48.69
N LYS B 223 -42.57 -2.72 -48.63
CA LYS B 223 -42.59 -3.76 -49.66
C LYS B 223 -43.07 -3.25 -51.02
N HIS B 224 -43.71 -2.10 -51.07
CA HIS B 224 -44.26 -1.60 -52.32
C HIS B 224 -43.18 -1.01 -53.22
N ASN B 225 -43.48 -1.04 -54.52
CA ASN B 225 -42.54 -0.62 -55.56
C ASN B 225 -43.35 0.29 -56.49
N PRO B 226 -42.97 1.56 -56.65
CA PRO B 226 -41.76 2.18 -56.11
C PRO B 226 -41.79 2.41 -54.62
N ALA B 227 -40.63 2.28 -53.96
CA ALA B 227 -40.56 2.45 -52.52
C ALA B 227 -41.20 3.77 -52.12
N PRO B 228 -42.14 3.77 -51.17
CA PRO B 228 -42.77 5.04 -50.77
C PRO B 228 -41.94 5.91 -49.85
N ILE B 229 -40.88 5.37 -49.23
CA ILE B 229 -40.07 6.12 -48.28
C ILE B 229 -38.64 5.62 -48.39
N HIS B 230 -37.68 6.51 -48.12
CA HIS B 230 -36.27 6.13 -48.12
C HIS B 230 -35.97 5.37 -46.83
N GLY B 231 -35.13 4.34 -46.94
CA GLY B 231 -34.79 3.58 -45.75
C GLY B 231 -34.15 4.40 -44.65
N LEU B 232 -33.47 5.51 -45.00
CA LEU B 232 -32.79 6.33 -43.99
C LEU B 232 -33.77 6.96 -43.02
N ASP B 233 -34.91 7.44 -43.54
CA ASP B 233 -35.97 7.95 -42.68
C ASP B 233 -36.54 6.88 -41.77
N VAL B 234 -36.69 5.64 -42.28
CA VAL B 234 -37.26 4.61 -41.41
C VAL B 234 -36.25 4.16 -40.37
N LEU B 235 -34.96 4.13 -40.75
CA LEU B 235 -33.92 3.86 -39.76
C LEU B 235 -34.02 4.83 -38.59
N LEU B 236 -34.11 6.13 -38.93
CA LEU B 236 -34.25 7.17 -37.92
C LEU B 236 -35.41 6.88 -36.98
N ILE B 237 -36.57 6.59 -37.55
CA ILE B 237 -37.77 6.29 -36.75
C ILE B 237 -37.50 5.10 -35.83
N ASN B 238 -36.88 4.06 -36.36
CA ASN B 238 -36.61 2.89 -35.53
C ASN B 238 -35.61 3.21 -34.45
N GLN B 239 -34.70 4.15 -34.73
CA GLN B 239 -33.75 4.57 -33.72
C GLN B 239 -34.46 5.31 -32.59
N LEU B 240 -35.40 6.21 -32.95
CA LEU B 240 -36.04 7.06 -31.96
C LEU B 240 -37.07 6.29 -31.14
N ALA B 241 -37.45 5.09 -31.56
CA ALA B 241 -38.35 4.28 -30.78
C ALA B 241 -37.79 3.96 -29.40
N PHE B 242 -36.47 3.97 -29.23
CA PHE B 242 -35.81 3.63 -27.99
C PHE B 242 -35.72 4.81 -27.02
N PHE B 243 -36.02 6.03 -27.47
CA PHE B 243 -36.04 7.22 -26.63
C PHE B 243 -37.44 7.74 -26.34
N ASP B 244 -38.34 7.64 -27.31
CA ASP B 244 -39.58 8.40 -27.31
C ASP B 244 -40.63 7.79 -26.39
N ASP B 245 -41.70 8.55 -26.18
CA ASP B 245 -42.85 8.05 -25.44
C ASP B 245 -43.56 7.01 -26.28
N PRO B 246 -43.77 5.79 -25.76
CA PRO B 246 -44.34 4.74 -26.61
C PRO B 246 -45.65 5.14 -27.24
N GLU B 247 -46.56 5.72 -26.45
CA GLU B 247 -47.87 6.09 -26.96
C GLU B 247 -47.78 7.20 -28.02
N ARG B 248 -47.12 8.31 -27.69
CA ARG B 248 -46.95 9.36 -28.68
C ARG B 248 -46.24 8.83 -29.92
N PHE B 249 -45.17 8.05 -29.70
CA PHE B 249 -44.41 7.50 -30.82
C PHE B 249 -45.30 6.66 -31.72
N ALA B 250 -46.05 5.71 -31.13
CA ALA B 250 -46.92 4.86 -31.94
C ALA B 250 -47.88 5.70 -32.75
N THR B 251 -48.46 6.73 -32.12
CA THR B 251 -49.44 7.55 -32.81
C THR B 251 -48.83 8.23 -34.02
N LYS B 252 -47.58 8.70 -33.89
CA LYS B 252 -46.95 9.44 -34.97
C LYS B 252 -46.44 8.52 -36.07
N VAL B 253 -46.03 7.28 -35.72
CA VAL B 253 -45.70 6.30 -36.75
C VAL B 253 -46.94 5.95 -37.59
N ASN B 254 -48.07 5.71 -36.89
CA ASN B 254 -49.34 5.40 -37.55
C ASN B 254 -49.79 6.55 -38.46
N GLU B 255 -49.56 7.80 -38.04
CA GLU B 255 -49.87 8.93 -38.91
C GLU B 255 -48.99 8.92 -40.15
N LEU B 256 -47.73 8.53 -40.00
CA LEU B 256 -46.86 8.40 -41.16
C LEU B 256 -47.34 7.30 -42.09
N CYS B 257 -47.72 6.15 -41.55
CA CYS B 257 -48.19 5.04 -42.39
C CYS B 257 -49.40 5.46 -43.21
N ASP B 258 -50.31 6.22 -42.62
CA ASP B 258 -51.46 6.72 -43.37
C ASP B 258 -51.02 7.47 -44.60
N GLU B 259 -50.09 8.43 -44.44
CA GLU B 259 -49.58 9.18 -45.58
C GLU B 259 -48.89 8.27 -46.60
N LEU B 260 -48.24 7.20 -46.14
CA LEU B 260 -47.55 6.32 -47.07
C LEU B 260 -48.53 5.48 -47.86
N GLU B 261 -49.64 5.07 -47.23
CA GLU B 261 -50.70 4.38 -47.97
C GLU B 261 -51.23 5.25 -49.10
N GLU B 262 -51.34 6.55 -48.87
CA GLU B 262 -51.76 7.47 -49.94
C GLU B 262 -50.73 7.50 -51.05
N ARG B 263 -49.45 7.45 -50.70
CA ARG B 263 -48.41 7.34 -51.72
C ARG B 263 -48.56 6.07 -52.54
N VAL B 264 -48.70 4.93 -51.84
CA VAL B 264 -48.86 3.65 -52.53
C VAL B 264 -50.07 3.68 -53.46
N ALA B 265 -51.16 4.30 -53.02
CA ALA B 265 -52.38 4.34 -53.82
C ALA B 265 -52.25 5.15 -55.10
N LYS B 266 -51.18 5.93 -55.27
CA LYS B 266 -50.97 6.71 -56.48
C LYS B 266 -49.67 6.33 -57.19
N GLY B 267 -49.06 5.21 -56.83
CA GLY B 267 -47.81 4.84 -57.46
C GLY B 267 -46.70 5.83 -57.20
N GLU B 268 -46.78 6.57 -56.11
CA GLU B 268 -45.77 7.54 -55.75
C GLU B 268 -44.66 6.86 -54.94
N GLY B 269 -43.40 7.21 -55.27
CA GLY B 269 -42.24 6.66 -54.60
C GLY B 269 -41.20 7.72 -54.36
N VAL B 270 -40.11 7.29 -53.70
CA VAL B 270 -38.97 8.16 -53.43
C VAL B 270 -37.86 7.96 -54.45
N VAL B 271 -37.86 6.83 -55.17
CA VAL B 271 -36.88 6.52 -56.20
C VAL B 271 -37.64 5.91 -57.38
N SER B 272 -36.92 5.72 -58.48
CA SER B 272 -37.52 5.18 -59.68
C SER B 272 -37.89 3.71 -59.49
N LYS B 273 -38.61 3.18 -60.47
CA LYS B 273 -38.95 1.77 -60.46
C LYS B 273 -37.72 0.89 -60.51
N ASP B 274 -36.63 1.37 -61.10
CA ASP B 274 -35.45 0.57 -61.42
C ASP B 274 -34.30 0.70 -60.43
N ALA B 275 -34.42 1.53 -59.40
CA ALA B 275 -33.35 1.66 -58.42
C ALA B 275 -33.15 0.34 -57.66
N PRO B 276 -31.90 0.00 -57.32
CA PRO B 276 -31.66 -1.28 -56.64
C PRO B 276 -32.31 -1.29 -55.26
N ARG B 277 -33.02 -2.37 -54.95
CA ARG B 277 -33.71 -2.51 -53.68
C ARG B 277 -32.85 -3.36 -52.76
N ILE B 278 -32.52 -2.82 -51.58
CA ILE B 278 -31.47 -3.38 -50.73
C ILE B 278 -32.03 -3.80 -49.38
N LEU B 279 -31.62 -4.98 -48.91
CA LEU B 279 -31.87 -5.42 -47.56
C LEU B 279 -30.58 -5.30 -46.77
N ILE B 280 -30.61 -4.54 -45.66
CA ILE B 280 -29.51 -4.53 -44.68
C ILE B 280 -29.76 -5.65 -43.69
N THR B 281 -28.68 -6.38 -43.34
CA THR B 281 -28.77 -7.38 -42.27
C THR B 281 -27.54 -7.29 -41.40
N GLY B 282 -27.72 -7.50 -40.08
CA GLY B 282 -26.60 -7.59 -39.16
C GLY B 282 -26.83 -6.87 -37.84
N THR B 283 -25.90 -6.04 -37.43
CA THR B 283 -25.97 -5.38 -36.13
C THR B 283 -26.84 -4.12 -36.14
N PRO B 284 -27.33 -3.73 -34.98
CA PRO B 284 -28.13 -2.49 -34.91
C PRO B 284 -27.27 -1.26 -35.20
N GLN B 285 -27.92 -0.21 -35.69
CA GLN B 285 -27.25 1.03 -36.11
C GLN B 285 -27.85 2.11 -35.22
N PRO B 286 -27.29 2.36 -34.05
CA PRO B 286 -27.91 3.33 -33.14
C PRO B 286 -27.70 4.73 -33.67
N ILE B 287 -28.58 5.64 -33.26
CA ILE B 287 -28.43 7.04 -33.65
C ILE B 287 -27.13 7.59 -33.08
N PRO B 288 -26.38 8.43 -33.83
CA PRO B 288 -26.59 8.85 -35.20
C PRO B 288 -25.73 8.11 -36.25
N HIS B 289 -25.69 6.78 -36.19
CA HIS B 289 -24.86 6.00 -37.11
C HIS B 289 -25.63 5.74 -38.42
N TRP B 290 -25.72 6.80 -39.22
CA TRP B 290 -26.50 6.82 -40.45
C TRP B 290 -25.68 6.45 -41.68
N LYS B 291 -24.35 6.32 -41.52
CA LYS B 291 -23.44 6.26 -42.66
C LYS B 291 -23.89 5.28 -43.76
N ILE B 292 -24.14 4.02 -43.39
CA ILE B 292 -24.37 2.97 -44.40
C ILE B 292 -25.61 3.28 -45.22
N HIS B 293 -26.72 3.60 -44.56
CA HIS B 293 -27.93 3.93 -45.29
C HIS B 293 -27.69 5.13 -46.19
N ALA B 294 -27.06 6.17 -45.64
CA ALA B 294 -26.78 7.39 -46.39
C ALA B 294 -25.99 7.08 -47.64
N LEU B 295 -25.03 6.17 -47.55
CA LEU B 295 -24.19 5.85 -48.71
C LEU B 295 -24.94 5.01 -49.75
N ILE B 296 -25.71 4.02 -49.32
CA ILE B 296 -26.47 3.20 -50.26
C ILE B 296 -27.44 4.08 -51.06
N GLU B 297 -28.17 4.92 -50.37
CA GLU B 297 -29.23 5.71 -50.98
C GLU B 297 -28.70 6.95 -51.71
N GLY B 298 -27.55 7.48 -51.26
CA GLY B 298 -26.87 8.49 -52.04
C GLY B 298 -26.27 7.95 -53.32
N ALA B 299 -26.09 6.64 -53.41
CA ALA B 299 -25.62 6.00 -54.62
C ALA B 299 -26.78 5.53 -55.51
N GLY B 300 -28.00 5.94 -55.22
CA GLY B 300 -29.14 5.62 -56.06
C GLY B 300 -29.93 4.41 -55.63
N GLY B 301 -29.51 3.70 -54.61
CA GLY B 301 -30.28 2.58 -54.11
C GLY B 301 -31.32 3.03 -53.11
N VAL B 302 -32.17 2.08 -52.71
CA VAL B 302 -33.10 2.30 -51.62
C VAL B 302 -33.06 1.08 -50.71
N VAL B 303 -32.84 1.33 -49.41
CA VAL B 303 -32.94 0.30 -48.40
C VAL B 303 -34.42 0.09 -48.11
N VAL B 304 -34.87 -1.15 -48.21
CA VAL B 304 -36.28 -1.50 -48.03
C VAL B 304 -36.55 -2.34 -46.82
N GLY B 305 -35.51 -2.81 -46.11
CA GLY B 305 -35.68 -3.43 -44.82
C GLY B 305 -34.37 -3.52 -44.08
N GLU B 306 -34.47 -3.69 -42.76
CA GLU B 306 -33.34 -3.85 -41.85
C GLU B 306 -33.55 -5.08 -40.96
N GLU B 307 -32.80 -6.14 -41.24
CA GLU B 307 -32.79 -7.33 -40.40
C GLU B 307 -31.78 -7.09 -39.28
N THR B 308 -32.15 -6.20 -38.36
CA THR B 308 -31.32 -5.84 -37.22
C THR B 308 -32.22 -5.49 -36.04
N CYS B 309 -31.61 -5.34 -34.86
CA CYS B 309 -32.39 -4.97 -33.68
C CYS B 309 -32.81 -3.50 -33.64
N ILE B 310 -32.26 -2.65 -34.50
CA ILE B 310 -32.87 -1.34 -34.76
C ILE B 310 -33.48 -1.47 -36.14
N GLY B 311 -34.66 -2.06 -36.19
CA GLY B 311 -35.23 -2.64 -37.37
C GLY B 311 -36.07 -3.86 -36.98
N GLU B 312 -36.13 -4.81 -37.91
CA GLU B 312 -37.11 -5.90 -37.86
C GLU B 312 -37.06 -6.69 -36.55
N ARG B 313 -35.86 -6.96 -36.05
CA ARG B 313 -35.75 -7.77 -34.84
C ARG B 313 -36.38 -7.08 -33.65
N TYR B 314 -36.53 -5.77 -33.70
CA TYR B 314 -37.14 -5.07 -32.57
C TYR B 314 -38.65 -5.30 -32.52
N PHE B 315 -39.33 -5.24 -33.67
CA PHE B 315 -40.78 -5.13 -33.66
C PHE B 315 -41.53 -6.31 -34.26
N LYS B 316 -40.82 -7.32 -34.76
CA LYS B 316 -41.49 -8.41 -35.46
C LYS B 316 -42.46 -9.14 -34.55
N ASP B 317 -42.08 -9.39 -33.31
CA ASP B 317 -42.78 -10.30 -32.42
C ASP B 317 -43.53 -9.52 -31.34
N LEU B 318 -44.80 -9.85 -31.17
CA LEU B 318 -45.64 -9.21 -30.17
C LEU B 318 -45.92 -10.18 -29.04
N VAL B 319 -46.18 -9.64 -27.85
CA VAL B 319 -46.56 -10.50 -26.72
C VAL B 319 -47.97 -11.01 -26.93
N GLU B 320 -48.17 -12.25 -26.64
CA GLU B 320 -49.50 -12.83 -26.73
C GLU B 320 -50.22 -12.65 -25.41
N PRO B 321 -51.55 -12.49 -25.45
CA PRO B 321 -52.31 -12.24 -24.23
C PRO B 321 -52.30 -13.44 -23.30
N ALA B 322 -52.37 -13.13 -22.01
CA ALA B 322 -52.54 -14.10 -20.93
C ALA B 322 -53.48 -13.51 -19.88
N ALA B 323 -54.15 -14.40 -19.14
CA ALA B 323 -55.18 -13.94 -18.22
C ALA B 323 -54.61 -13.33 -16.95
N ASP B 324 -53.52 -13.89 -16.45
CA ASP B 324 -52.97 -13.47 -15.16
C ASP B 324 -51.53 -13.01 -15.31
N VAL B 325 -50.98 -12.51 -14.20
CA VAL B 325 -49.61 -12.03 -14.19
C VAL B 325 -48.66 -13.15 -14.56
N GLU B 326 -48.83 -14.33 -13.96
CA GLU B 326 -47.90 -15.43 -14.22
C GLU B 326 -47.85 -15.77 -15.69
N GLY B 327 -49.00 -15.78 -16.36
CA GLY B 327 -49.03 -16.13 -17.76
C GLY B 327 -48.48 -15.03 -18.63
N MET B 328 -48.66 -13.78 -18.22
CA MET B 328 -48.13 -12.64 -18.97
C MET B 328 -46.60 -12.59 -18.89
N LEU B 329 -46.03 -12.90 -17.73
CA LEU B 329 -44.58 -12.98 -17.60
C LEU B 329 -44.03 -14.08 -18.48
N LYS B 330 -44.69 -15.25 -18.51
CA LYS B 330 -44.24 -16.33 -19.39
C LYS B 330 -44.29 -15.90 -20.85
N ASN B 331 -45.34 -15.16 -21.23
CA ASN B 331 -45.51 -14.70 -22.60
C ASN B 331 -44.55 -13.58 -22.96
N ILE B 332 -44.23 -12.71 -22.00
CA ILE B 332 -43.19 -11.70 -22.21
C ILE B 332 -41.85 -12.39 -22.46
N ALA B 333 -41.54 -13.42 -21.68
CA ALA B 333 -40.29 -14.14 -21.84
C ALA B 333 -40.20 -14.78 -23.22
N ALA B 334 -41.31 -15.39 -23.67
CA ALA B 334 -41.28 -16.07 -24.96
C ALA B 334 -41.18 -15.07 -26.11
N ARG B 335 -41.81 -13.88 -25.97
CA ARG B 335 -41.69 -12.89 -27.03
C ARG B 335 -40.22 -12.58 -27.32
N SER B 336 -39.45 -12.23 -26.29
CA SER B 336 -38.07 -11.83 -26.52
C SER B 336 -37.21 -13.01 -26.99
N LEU B 337 -37.53 -14.23 -26.56
CA LEU B 337 -36.76 -15.38 -27.02
C LEU B 337 -36.99 -15.71 -28.49
N LYS B 338 -37.98 -15.11 -29.13
CA LYS B 338 -38.13 -15.22 -30.58
C LYS B 338 -37.09 -14.41 -31.38
N VAL B 339 -36.41 -13.46 -30.76
CA VAL B 339 -35.43 -12.65 -31.47
C VAL B 339 -34.22 -13.50 -31.82
N ASN B 340 -33.87 -13.53 -33.09
CA ASN B 340 -32.82 -14.42 -33.58
C ASN B 340 -31.49 -13.66 -33.65
N CYS B 341 -30.89 -13.46 -32.49
CA CYS B 341 -29.62 -12.76 -32.37
C CYS B 341 -28.50 -13.76 -32.56
N ALA B 342 -27.38 -13.27 -33.10
CA ALA B 342 -26.21 -14.11 -33.35
C ALA B 342 -25.55 -14.61 -32.07
N CYS B 343 -25.99 -14.11 -30.90
CA CYS B 343 -25.48 -14.63 -29.65
C CYS B 343 -26.05 -16.01 -29.33
N PHE B 344 -27.07 -16.46 -30.04
CA PHE B 344 -27.59 -17.81 -29.84
C PHE B 344 -26.95 -18.77 -30.84
N THR B 345 -26.89 -20.05 -30.47
CA THR B 345 -26.34 -21.08 -31.34
C THR B 345 -27.24 -22.31 -31.39
N PRO B 346 -27.56 -22.81 -32.59
CA PRO B 346 -27.31 -22.18 -33.88
C PRO B 346 -28.32 -21.04 -33.94
N ASN B 347 -28.27 -20.23 -34.96
CA ASN B 347 -29.24 -19.13 -35.08
C ASN B 347 -29.94 -19.20 -36.42
N THR B 348 -30.49 -20.38 -36.73
CA THR B 348 -31.04 -20.61 -38.08
C THR B 348 -32.30 -19.80 -38.37
N GLY B 349 -33.01 -19.35 -37.34
CA GLY B 349 -34.16 -18.48 -37.60
C GLY B 349 -33.79 -17.20 -38.31
N ARG B 350 -32.67 -16.59 -37.91
CA ARG B 350 -32.23 -15.35 -38.55
C ARG B 350 -32.06 -15.55 -40.06
N LEU B 351 -31.53 -16.69 -40.46
CA LEU B 351 -31.41 -16.93 -41.90
C LEU B 351 -32.76 -17.13 -42.58
N GLU B 352 -33.73 -17.77 -41.92
CA GLU B 352 -35.06 -17.89 -42.47
C GLU B 352 -35.72 -16.51 -42.58
N ASP B 353 -35.51 -15.65 -41.59
CA ASP B 353 -36.05 -14.30 -41.68
C ASP B 353 -35.45 -13.56 -42.86
N ILE B 354 -34.14 -13.69 -43.06
CA ILE B 354 -33.49 -13.01 -44.16
C ILE B 354 -34.11 -13.45 -45.48
N LEU B 355 -34.19 -14.76 -45.71
CA LEU B 355 -34.79 -15.24 -46.98
C LEU B 355 -36.22 -14.74 -47.14
N SER B 356 -37.00 -14.77 -46.05
CA SER B 356 -38.39 -14.35 -46.10
C SER B 356 -38.50 -12.89 -46.50
N MET B 357 -37.61 -12.04 -46.00
CA MET B 357 -37.67 -10.63 -46.31
C MET B 357 -37.13 -10.31 -47.69
N VAL B 358 -36.19 -11.10 -48.21
CA VAL B 358 -35.78 -10.91 -49.59
C VAL B 358 -36.96 -11.11 -50.52
N GLN B 359 -37.81 -12.11 -50.23
CA GLN B 359 -38.95 -12.39 -51.09
C GLN B 359 -40.04 -11.33 -50.90
N LYS B 360 -40.37 -11.03 -49.64
CA LYS B 360 -41.51 -10.16 -49.41
C LYS B 360 -41.23 -8.73 -49.85
N LEU B 361 -39.99 -8.26 -49.64
CA LEU B 361 -39.62 -6.88 -49.94
C LEU B 361 -39.03 -6.69 -51.34
N GLN B 362 -39.03 -7.74 -52.17
CA GLN B 362 -38.54 -7.67 -53.54
C GLN B 362 -37.13 -7.08 -53.58
N VAL B 363 -36.22 -7.79 -52.91
CA VAL B 363 -34.86 -7.32 -52.71
C VAL B 363 -33.98 -7.79 -53.87
N ASP B 364 -33.20 -6.88 -54.42
CA ASP B 364 -32.20 -7.21 -55.43
C ASP B 364 -30.83 -7.54 -54.86
N GLY B 365 -30.49 -7.02 -53.69
CA GLY B 365 -29.22 -7.36 -53.07
C GLY B 365 -29.28 -7.21 -51.56
N VAL B 366 -28.53 -8.07 -50.88
CA VAL B 366 -28.42 -8.06 -49.43
C VAL B 366 -27.05 -7.52 -49.04
N ILE B 367 -27.01 -6.52 -48.17
CA ILE B 367 -25.77 -5.94 -47.66
C ILE B 367 -25.68 -6.29 -46.18
N HIS B 368 -24.75 -7.16 -45.84
CA HIS B 368 -24.54 -7.57 -44.45
C HIS B 368 -23.57 -6.58 -43.79
N TYR B 369 -24.08 -5.73 -42.90
CA TYR B 369 -23.26 -4.75 -42.23
C TYR B 369 -23.18 -5.09 -40.74
N SER B 370 -21.95 -5.20 -40.25
CA SER B 370 -21.71 -5.42 -38.83
C SER B 370 -20.53 -4.53 -38.42
N LEU B 371 -20.61 -4.03 -37.19
CA LEU B 371 -19.59 -3.16 -36.62
C LEU B 371 -18.27 -3.90 -36.37
N GLN B 372 -17.19 -3.19 -36.63
CA GLN B 372 -15.83 -3.66 -36.37
C GLN B 372 -15.74 -4.28 -34.98
N PHE B 373 -15.13 -5.45 -34.90
CA PHE B 373 -14.89 -6.18 -33.65
C PHE B 373 -16.17 -6.76 -33.06
N CYS B 374 -17.29 -6.70 -33.80
CA CYS B 374 -18.47 -7.46 -33.40
C CYS B 374 -18.25 -8.93 -33.77
N GLN B 375 -17.94 -9.75 -32.80
CA GLN B 375 -17.53 -11.09 -33.14
C GLN B 375 -18.73 -12.02 -33.38
N PRO B 376 -19.82 -11.91 -32.62
CA PRO B 376 -20.95 -12.81 -32.93
C PRO B 376 -21.42 -12.66 -34.37
N TYR B 377 -21.65 -11.44 -34.82
CA TYR B 377 -22.16 -11.25 -36.17
C TYR B 377 -21.03 -11.37 -37.19
N GLY B 378 -19.82 -11.03 -36.77
CA GLY B 378 -18.68 -11.16 -37.65
C GLY B 378 -18.47 -12.60 -38.05
N VAL B 379 -18.53 -13.51 -37.08
CA VAL B 379 -18.30 -14.92 -37.38
C VAL B 379 -19.49 -15.49 -38.15
N GLU B 380 -20.70 -15.24 -37.66
CA GLU B 380 -21.89 -15.82 -38.27
C GLU B 380 -22.04 -15.37 -39.73
N SER B 381 -21.45 -14.23 -40.09
CA SER B 381 -21.50 -13.74 -41.46
C SER B 381 -21.02 -14.78 -42.48
N TYR B 382 -20.13 -15.67 -42.07
CA TYR B 382 -19.66 -16.68 -43.02
C TYR B 382 -20.80 -17.58 -43.49
N LEU B 383 -21.55 -18.17 -42.54
CA LEU B 383 -22.56 -19.14 -42.93
C LEU B 383 -23.73 -18.45 -43.61
N VAL B 384 -24.01 -17.22 -43.21
CA VAL B 384 -25.11 -16.46 -43.80
C VAL B 384 -24.83 -16.16 -45.26
N GLY B 385 -23.65 -15.62 -45.56
CA GLY B 385 -23.30 -15.35 -46.95
C GLY B 385 -23.20 -16.63 -47.78
N ARG B 386 -22.82 -17.72 -47.15
CA ARG B 386 -22.68 -18.97 -47.87
CA ARG B 386 -22.68 -18.99 -47.84
C ARG B 386 -24.04 -19.50 -48.32
N GLU B 387 -25.04 -19.42 -47.45
CA GLU B 387 -26.37 -19.88 -47.79
C GLU B 387 -27.06 -18.93 -48.76
N LEU B 388 -26.81 -17.63 -48.66
CA LEU B 388 -27.35 -16.71 -49.66
C LEU B 388 -26.67 -16.90 -51.01
N GLU B 389 -25.40 -17.30 -51.01
CA GLU B 389 -24.72 -17.67 -52.25
C GLU B 389 -25.34 -18.93 -52.87
N ARG B 390 -25.62 -19.95 -52.05
CA ARG B 390 -26.27 -21.14 -52.60
C ARG B 390 -27.62 -20.83 -53.23
N ARG B 391 -28.27 -19.76 -52.78
CA ARG B 391 -29.59 -19.40 -53.26
C ARG B 391 -29.56 -18.27 -54.28
N ASN B 392 -28.38 -17.92 -54.79
CA ASN B 392 -28.25 -16.93 -55.84
C ASN B 392 -28.86 -15.59 -55.44
N ILE B 393 -28.66 -15.21 -54.17
CA ILE B 393 -29.06 -13.91 -53.65
C ILE B 393 -27.79 -13.05 -53.56
N PRO B 394 -27.69 -11.97 -54.33
CA PRO B 394 -26.48 -11.14 -54.25
C PRO B 394 -26.23 -10.66 -52.82
N PHE B 395 -24.97 -10.71 -52.42
CA PHE B 395 -24.59 -10.56 -51.01
C PHE B 395 -23.27 -9.82 -50.93
N LEU B 396 -23.27 -8.77 -50.13
CA LEU B 396 -22.09 -7.92 -49.93
C LEU B 396 -21.89 -7.78 -48.43
N LYS B 397 -20.71 -8.14 -47.96
CA LYS B 397 -20.36 -8.02 -46.55
C LYS B 397 -19.59 -6.71 -46.35
N LEU B 398 -20.09 -5.86 -45.48
CA LEU B 398 -19.41 -4.64 -45.08
C LEU B 398 -19.14 -4.63 -43.58
N GLU B 399 -18.10 -3.88 -43.20
CA GLU B 399 -17.80 -3.61 -41.79
C GLU B 399 -17.23 -2.21 -41.64
N SER B 400 -17.51 -1.59 -40.50
CA SER B 400 -16.99 -0.25 -40.28
C SER B 400 -17.16 0.08 -38.81
N ASP B 401 -16.58 1.19 -38.42
CA ASP B 401 -16.76 1.74 -37.08
C ASP B 401 -17.46 3.10 -37.22
N PHE B 402 -17.48 3.88 -36.12
CA PHE B 402 -18.25 5.11 -36.13
C PHE B 402 -17.50 6.25 -36.80
N SER B 403 -16.30 6.03 -37.28
CA SER B 403 -15.54 7.09 -37.93
C SER B 403 -16.12 7.28 -39.33
N GLU B 404 -16.30 8.53 -39.74
CA GLU B 404 -17.10 8.84 -40.92
C GLU B 404 -16.30 8.90 -42.20
N GLU B 405 -14.97 8.94 -42.13
CA GLU B 405 -14.18 9.32 -43.29
C GLU B 405 -13.64 8.12 -44.09
N ASP B 406 -14.19 6.94 -43.88
CA ASP B 406 -13.94 5.82 -44.79
C ASP B 406 -15.00 5.74 -45.87
N GLN B 407 -15.69 6.86 -46.16
CA GLN B 407 -16.69 6.95 -47.23
C GLN B 407 -16.14 6.41 -48.54
N GLY B 408 -14.92 6.80 -48.89
CA GLY B 408 -14.38 6.42 -50.19
C GLY B 408 -14.32 4.91 -50.37
N GLN B 409 -13.86 4.23 -49.32
CA GLN B 409 -13.76 2.78 -49.35
C GLN B 409 -15.16 2.15 -49.43
N LEU B 410 -16.10 2.63 -48.62
CA LEU B 410 -17.42 2.02 -48.62
C LEU B 410 -18.16 2.32 -49.91
N LYS B 411 -17.95 3.50 -50.49
CA LYS B 411 -18.67 3.84 -51.72
C LYS B 411 -18.30 2.90 -52.86
N THR B 412 -17.00 2.60 -53.00
CA THR B 412 -16.56 1.76 -54.09
C THR B 412 -17.11 0.36 -53.95
N ARG B 413 -17.17 -0.14 -52.70
CA ARG B 413 -17.71 -1.49 -52.46
C ARG B 413 -19.21 -1.51 -52.74
N ILE B 414 -19.94 -0.54 -52.18
CA ILE B 414 -21.39 -0.50 -52.37
C ILE B 414 -21.71 -0.31 -53.85
N GLU B 415 -21.05 0.66 -54.48
CA GLU B 415 -21.38 1.01 -55.87
C GLU B 415 -21.02 -0.11 -56.82
N ALA B 416 -19.92 -0.81 -56.58
CA ALA B 416 -19.60 -1.97 -57.41
C ALA B 416 -20.66 -3.05 -57.23
N PHE B 417 -21.18 -3.20 -56.02
CA PHE B 417 -22.28 -4.13 -55.80
C PHE B 417 -23.55 -3.68 -56.52
N LEU B 418 -23.87 -2.38 -56.42
CA LEU B 418 -25.05 -1.88 -57.13
C LEU B 418 -24.89 -2.09 -58.64
N GLU B 419 -23.73 -1.73 -59.18
CA GLU B 419 -23.45 -2.02 -60.59
C GLU B 419 -23.61 -3.52 -60.90
N MET B 420 -23.23 -4.37 -59.98
CA MET B 420 -23.30 -5.79 -60.25
C MET B 420 -24.73 -6.28 -60.32
N ILE B 421 -25.66 -5.67 -59.58
CA ILE B 421 -27.04 -6.13 -59.55
C ILE B 421 -27.95 -5.24 -60.40
N LYS B 422 -27.38 -4.37 -61.23
CA LYS B 422 -28.17 -3.54 -62.15
C LYS B 422 -28.98 -4.45 -63.06
N MET C 1 33.76 10.22 -22.30
CA MET C 1 34.17 9.45 -21.10
C MET C 1 33.06 8.49 -20.66
N PHE C 2 31.83 8.98 -20.56
CA PHE C 2 30.66 8.16 -20.25
C PHE C 2 29.66 8.32 -21.38
N ALA C 3 29.29 7.20 -21.99
CA ALA C 3 28.53 7.21 -23.24
C ALA C 3 27.17 6.56 -23.07
N GLY C 4 26.16 7.18 -23.66
CA GLY C 4 24.87 6.55 -23.83
C GLY C 4 24.48 6.50 -25.30
N LEU C 5 24.20 5.29 -25.76
CA LEU C 5 23.84 5.04 -27.15
C LEU C 5 22.40 4.55 -27.23
N ASP C 6 21.56 5.31 -27.95
CA ASP C 6 20.13 5.03 -28.06
C ASP C 6 19.88 4.63 -29.49
N LEU C 7 19.69 3.32 -29.71
CA LEU C 7 19.58 2.79 -31.04
C LEU C 7 18.11 2.54 -31.26
N GLY C 8 17.43 3.56 -31.71
CA GLY C 8 16.01 3.49 -31.94
C GLY C 8 15.62 2.97 -33.31
N SER C 9 14.33 2.71 -33.43
CA SER C 9 13.80 2.20 -34.68
C SER C 9 14.06 3.15 -35.83
N THR C 10 14.07 4.44 -35.57
CA THR C 10 14.14 5.49 -36.58
C THR C 10 15.46 6.23 -36.57
N ASN C 11 15.93 6.62 -35.38
CA ASN C 11 17.14 7.42 -35.26
C ASN C 11 17.99 6.82 -34.17
N SER C 12 19.30 6.90 -34.35
CA SER C 12 20.26 6.48 -33.34
C SER C 12 20.98 7.71 -32.81
N LYS C 13 21.12 7.75 -31.48
CA LYS C 13 21.62 8.94 -30.81
C LYS C 13 22.71 8.53 -29.83
N LEU C 14 23.74 9.39 -29.72
CA LEU C 14 24.86 9.17 -28.82
C LEU C 14 25.05 10.42 -27.99
N VAL C 15 25.16 10.27 -26.68
CA VAL C 15 25.53 11.34 -25.76
C VAL C 15 26.82 10.89 -25.09
N ILE C 16 27.78 11.83 -24.98
CA ILE C 16 29.05 11.64 -24.28
C ILE C 16 29.14 12.66 -23.18
N ILE C 17 29.28 12.21 -21.94
CA ILE C 17 29.48 13.07 -20.78
C ILE C 17 30.97 13.07 -20.51
N LYS C 18 31.59 14.25 -20.50
CA LYS C 18 33.01 14.35 -20.20
C LYS C 18 33.27 14.56 -18.70
N GLU C 19 34.56 14.49 -18.34
CA GLU C 19 34.99 14.57 -16.95
C GLU C 19 34.47 15.82 -16.26
N ASP C 20 34.30 16.90 -17.00
CA ASP C 20 33.89 18.19 -16.44
C ASP C 20 32.38 18.32 -16.35
N GLY C 21 31.63 17.26 -16.62
CA GLY C 21 30.19 17.26 -16.50
C GLY C 21 29.46 17.74 -17.71
N SER C 22 30.15 18.31 -18.68
CA SER C 22 29.47 18.74 -19.90
C SER C 22 29.23 17.52 -20.81
N TYR C 23 28.46 17.74 -21.86
CA TYR C 23 28.14 16.62 -22.74
C TYR C 23 27.93 17.11 -24.15
N THR C 24 28.14 16.19 -25.08
CA THR C 24 27.88 16.40 -26.51
C THR C 24 26.91 15.32 -27.01
N PHE C 25 26.24 15.63 -28.11
CA PHE C 25 25.26 14.71 -28.65
C PHE C 25 25.32 14.70 -30.17
N LYS C 26 25.11 13.50 -30.75
CA LYS C 26 25.02 13.29 -32.19
C LYS C 26 23.82 12.39 -32.49
N VAL C 27 23.13 12.70 -33.58
CA VAL C 27 22.01 11.90 -34.07
C VAL C 27 22.28 11.49 -35.50
N VAL C 28 22.01 10.23 -35.82
CA VAL C 28 21.99 9.77 -37.22
C VAL C 28 20.79 8.84 -37.41
N PRO C 29 20.24 8.80 -38.63
CA PRO C 29 19.16 7.83 -38.88
C PRO C 29 19.65 6.40 -38.68
N THR C 30 18.74 5.56 -38.17
CA THR C 30 19.12 4.16 -37.94
C THR C 30 19.26 3.40 -39.27
N ARG C 31 18.38 3.69 -40.23
CA ARG C 31 18.32 2.99 -41.53
C ARG C 31 18.16 1.47 -41.38
N TYR C 32 17.41 1.07 -40.36
CA TYR C 32 17.15 -0.33 -40.07
C TYR C 32 18.41 -1.15 -39.82
N GLU C 33 19.52 -0.51 -39.45
CA GLU C 33 20.76 -1.22 -39.18
C GLU C 33 21.44 -0.60 -37.96
N PRO C 34 20.93 -0.89 -36.76
CA PRO C 34 21.46 -0.24 -35.56
C PRO C 34 22.93 -0.54 -35.26
N VAL C 35 23.45 -1.69 -35.67
CA VAL C 35 24.85 -1.99 -35.44
C VAL C 35 25.71 -0.99 -36.22
N LYS C 36 25.39 -0.81 -37.50
CA LYS C 36 26.15 0.14 -38.30
C LYS C 36 26.02 1.56 -37.77
N ALA C 37 24.79 1.96 -37.37
CA ALA C 37 24.56 3.31 -36.86
C ALA C 37 25.33 3.56 -35.56
N GLY C 38 25.41 2.56 -34.69
CA GLY C 38 26.17 2.73 -33.46
C GLY C 38 27.68 2.82 -33.66
N GLU C 39 28.23 1.96 -34.53
CA GLU C 39 29.64 2.06 -34.86
C GLU C 39 29.97 3.44 -35.44
N LEU C 40 29.12 3.92 -36.35
CA LEU C 40 29.30 5.23 -36.96
C LEU C 40 29.28 6.34 -35.94
N LEU C 41 28.30 6.31 -35.03
CA LEU C 41 28.21 7.31 -33.96
C LEU C 41 29.42 7.22 -33.05
N LEU C 42 29.90 6.01 -32.72
CA LEU C 42 31.04 5.92 -31.83
C LEU C 42 32.36 6.16 -32.54
N LYS C 43 32.33 6.35 -33.85
CA LYS C 43 33.56 6.59 -34.60
C LYS C 43 34.20 7.87 -34.11
N ASN C 44 35.50 7.77 -33.75
CA ASN C 44 36.30 8.90 -33.31
C ASN C 44 35.84 9.47 -31.97
N THR C 45 35.21 8.65 -31.11
CA THR C 45 34.65 9.18 -29.88
C THR C 45 35.72 9.47 -28.85
N GLY C 46 36.78 8.68 -28.83
CA GLY C 46 37.77 8.75 -27.78
C GLY C 46 37.68 7.54 -26.85
N GLU C 47 38.40 7.62 -25.74
CA GLU C 47 38.44 6.52 -24.79
C GLU C 47 37.24 6.60 -23.85
N ILE C 48 36.42 5.56 -23.89
CA ILE C 48 35.18 5.51 -23.15
C ILE C 48 35.38 4.63 -21.94
N ARG C 49 34.99 5.14 -20.78
CA ARG C 49 35.10 4.36 -19.54
C ARG C 49 33.89 3.45 -19.34
N ASN C 50 32.68 3.96 -19.60
CA ASN C 50 31.48 3.16 -19.45
C ASN C 50 30.51 3.52 -20.56
N LEU C 51 29.83 2.51 -21.05
CA LEU C 51 28.81 2.65 -22.08
C LEU C 51 27.53 1.93 -21.65
N VAL C 52 26.41 2.60 -21.87
CA VAL C 52 25.08 2.06 -21.71
C VAL C 52 24.44 2.15 -23.09
N VAL C 53 23.83 1.05 -23.54
CA VAL C 53 23.13 1.00 -24.82
CA VAL C 53 23.13 1.03 -24.82
C VAL C 53 21.65 0.75 -24.57
N THR C 54 20.79 1.50 -25.26
CA THR C 54 19.34 1.42 -25.09
C THR C 54 18.70 1.42 -26.48
N GLY C 55 17.36 1.31 -26.50
CA GLY C 55 16.59 1.21 -27.71
C GLY C 55 16.55 -0.20 -28.26
N TYR C 56 15.78 -0.36 -29.36
CA TYR C 56 15.68 -1.65 -30.05
C TYR C 56 17.04 -2.28 -30.33
N GLY C 57 18.02 -1.48 -30.75
CA GLY C 57 19.28 -2.09 -31.17
C GLY C 57 20.15 -2.54 -30.02
N ARG C 58 19.75 -2.24 -28.80
CA ARG C 58 20.47 -2.76 -27.63
C ARG C 58 20.52 -4.29 -27.60
N VAL C 59 19.60 -4.97 -28.29
CA VAL C 59 19.60 -6.43 -28.26
C VAL C 59 20.74 -6.99 -29.10
N ALA C 60 21.32 -6.20 -30.01
CA ALA C 60 22.30 -6.68 -30.97
C ALA C 60 23.68 -6.07 -30.78
N PHE C 61 23.79 -4.87 -30.22
CA PHE C 61 25.10 -4.23 -30.07
C PHE C 61 25.95 -5.04 -29.10
N ASN C 62 27.18 -5.38 -29.50
CA ASN C 62 27.92 -6.42 -28.79
C ASN C 62 28.77 -5.91 -27.63
N ARG C 63 28.54 -4.68 -27.19
CA ARG C 63 29.19 -4.20 -25.98
C ARG C 63 28.32 -3.13 -25.34
N GLY C 64 28.62 -2.84 -24.09
CA GLY C 64 27.90 -1.85 -23.31
C GLY C 64 26.90 -2.50 -22.37
N LYS C 65 26.58 -1.80 -21.28
CA LYS C 65 25.51 -2.20 -20.38
C LYS C 65 24.19 -1.91 -21.07
N VAL C 66 23.27 -2.89 -21.02
CA VAL C 66 21.96 -2.77 -21.65
C VAL C 66 20.93 -2.25 -20.64
N VAL C 67 20.09 -1.31 -21.07
CA VAL C 67 19.06 -0.70 -20.23
C VAL C 67 17.93 -0.31 -21.17
N THR C 68 16.68 -0.45 -20.74
CA THR C 68 15.60 -0.11 -21.64
C THR C 68 15.45 1.41 -21.79
N GLU C 69 14.88 1.78 -22.94
CA GLU C 69 14.57 3.18 -23.21
C GLU C 69 13.64 3.76 -22.17
N ILE C 70 12.86 2.95 -21.47
CA ILE C 70 11.96 3.51 -20.44
C ILE C 70 12.79 4.07 -19.29
N THR C 71 13.71 3.25 -18.78
CA THR C 71 14.55 3.67 -17.67
C THR C 71 15.48 4.81 -18.04
N CYS C 72 16.00 4.79 -19.27
CA CYS C 72 16.89 5.85 -19.72
C CYS C 72 16.16 7.17 -19.90
N GLN C 73 14.99 7.13 -20.51
CA GLN C 73 14.21 8.33 -20.73
C GLN C 73 13.82 8.97 -19.41
N ALA C 74 13.44 8.18 -18.43
CA ALA C 74 13.16 8.73 -17.12
C ALA C 74 14.40 9.44 -16.58
N ARG C 75 15.57 8.81 -16.69
CA ARG C 75 16.75 9.36 -16.06
C ARG C 75 17.18 10.61 -16.78
N GLY C 76 17.06 10.61 -18.10
CA GLY C 76 17.50 11.75 -18.87
C GLY C 76 16.61 12.95 -18.65
N CYS C 77 15.31 12.74 -18.74
CA CYS C 77 14.37 13.82 -18.51
C CYS C 77 14.47 14.38 -17.08
N HIS C 78 14.83 13.51 -16.11
CA HIS C 78 15.02 13.98 -14.74
C HIS C 78 16.16 14.98 -14.64
N GLU C 79 17.23 14.76 -15.42
CA GLU C 79 18.37 15.69 -15.43
C GLU C 79 17.94 17.08 -15.88
N LEU C 80 16.95 17.16 -16.76
CA LEU C 80 16.54 18.41 -17.35
C LEU C 80 15.40 19.04 -16.58
N PHE C 81 14.45 18.23 -16.11
CA PHE C 81 13.20 18.70 -15.51
C PHE C 81 12.91 17.90 -14.27
N PRO C 82 13.77 18.04 -13.24
CA PRO C 82 13.56 17.29 -11.99
C PRO C 82 12.21 17.54 -11.37
N GLU C 83 11.56 18.67 -11.67
CA GLU C 83 10.34 19.03 -10.97
C GLU C 83 9.09 18.49 -11.63
N VAL C 84 9.20 17.79 -12.76
CA VAL C 84 8.04 17.32 -13.50
C VAL C 84 8.11 15.80 -13.48
N ASP C 85 7.01 15.17 -13.10
CA ASP C 85 6.98 13.76 -12.77
C ASP C 85 6.53 12.88 -13.92
N TYR C 86 5.89 13.44 -14.94
CA TYR C 86 5.35 12.66 -16.03
C TYR C 86 6.05 13.01 -17.33
N ILE C 87 6.32 11.96 -18.13
CA ILE C 87 7.02 12.06 -19.41
C ILE C 87 6.23 11.33 -20.49
N LEU C 88 5.95 12.03 -21.58
CA LEU C 88 5.46 11.39 -22.80
C LEU C 88 6.59 11.44 -23.84
N ASP C 89 7.02 10.27 -24.28
CA ASP C 89 8.04 10.04 -25.31
C ASP C 89 7.32 9.44 -26.53
N LEU C 90 7.33 10.19 -27.62
CA LEU C 90 6.78 9.73 -28.90
C LEU C 90 7.94 9.49 -29.84
N GLY C 91 8.14 8.23 -30.21
CA GLY C 91 9.15 7.84 -31.15
C GLY C 91 8.52 7.41 -32.45
N GLY C 92 9.32 6.74 -33.29
CA GLY C 92 8.82 6.34 -34.59
C GLY C 92 7.88 5.14 -34.54
N GLN C 93 8.06 4.25 -33.58
CA GLN C 93 7.23 3.06 -33.47
C GLN C 93 6.49 2.92 -32.15
N ASP C 94 6.98 3.52 -31.07
CA ASP C 94 6.39 3.38 -29.76
C ASP C 94 6.05 4.74 -29.17
N ALA C 95 5.00 4.74 -28.36
CA ALA C 95 4.65 5.81 -27.45
C ALA C 95 4.79 5.31 -26.03
N LYS C 96 5.32 6.18 -25.18
CA LYS C 96 5.57 5.82 -23.79
C LYS C 96 5.10 6.94 -22.86
N ILE C 97 4.34 6.58 -21.83
CA ILE C 97 4.02 7.49 -20.74
C ILE C 97 4.70 6.95 -19.51
N ILE C 98 5.49 7.82 -18.84
CA ILE C 98 6.38 7.41 -17.76
C ILE C 98 6.20 8.36 -16.58
N LYS C 99 6.19 7.81 -15.39
CA LYS C 99 6.10 8.60 -14.17
C LYS C 99 7.36 8.27 -13.40
N LYS C 100 8.11 9.31 -12.99
CA LYS C 100 9.41 9.16 -12.35
C LYS C 100 9.32 9.82 -10.98
N ASP C 101 10.25 9.44 -10.08
CA ASP C 101 10.22 10.00 -8.74
C ASP C 101 11.26 11.11 -8.62
N GLY C 102 11.46 11.62 -7.40
CA GLY C 102 12.41 12.71 -7.18
C GLY C 102 13.86 12.36 -7.47
N GLN C 103 14.16 11.08 -7.73
CA GLN C 103 15.49 10.67 -8.17
C GLN C 103 15.52 10.30 -9.65
N GLY C 104 14.43 10.49 -10.37
CA GLY C 104 14.38 10.11 -11.75
C GLY C 104 14.20 8.64 -12.03
N ARG C 105 13.88 7.83 -11.01
CA ARG C 105 13.63 6.41 -11.23
C ARG C 105 12.18 6.18 -11.61
N VAL C 106 11.95 5.11 -12.38
CA VAL C 106 10.61 4.78 -12.88
C VAL C 106 9.69 4.30 -11.75
N VAL C 107 8.61 5.03 -11.52
CA VAL C 107 7.61 4.54 -10.59
CA VAL C 107 7.57 4.60 -10.59
C VAL C 107 6.51 3.79 -11.32
N ASN C 108 6.25 4.11 -12.57
CA ASN C 108 5.29 3.37 -13.38
C ASN C 108 5.45 3.81 -14.82
N PHE C 109 5.03 2.94 -15.76
CA PHE C 109 5.06 3.30 -17.17
C PHE C 109 4.01 2.55 -17.96
N LEU C 110 3.80 3.02 -19.17
CA LEU C 110 2.89 2.35 -20.10
C LEU C 110 3.36 2.68 -21.52
N MET C 111 3.44 1.65 -22.36
CA MET C 111 3.68 1.79 -23.79
C MET C 111 2.42 1.46 -24.60
N ASN C 112 2.46 1.92 -25.85
CA ASN C 112 1.33 1.76 -26.73
C ASN C 112 0.96 0.29 -26.86
N ASP C 113 -0.32 0.04 -27.13
CA ASP C 113 -0.78 -1.31 -27.47
C ASP C 113 -0.37 -1.61 -28.92
N LYS C 114 -0.61 -2.87 -29.35
CA LYS C 114 -0.13 -3.28 -30.67
C LYS C 114 -0.81 -2.51 -31.78
N CYS C 115 -2.08 -2.15 -31.58
CA CYS C 115 -2.80 -1.43 -32.63
C CYS C 115 -2.39 0.03 -32.70
N ALA C 116 -1.69 0.54 -31.68
CA ALA C 116 -1.22 1.92 -31.69
C ALA C 116 0.24 2.06 -32.09
N ALA C 117 0.85 1.00 -32.62
CA ALA C 117 2.22 1.07 -33.06
C ALA C 117 2.39 1.95 -34.27
N GLY C 118 3.57 2.57 -34.37
CA GLY C 118 3.93 3.20 -35.61
C GLY C 118 3.37 4.60 -35.82
N THR C 119 2.86 5.24 -34.77
CA THR C 119 2.27 6.57 -34.93
C THR C 119 3.28 7.57 -35.49
N GLY C 120 4.47 7.62 -34.91
CA GLY C 120 5.44 8.61 -35.32
C GLY C 120 5.89 8.43 -36.74
N ARG C 121 6.13 7.19 -37.16
CA ARG C 121 6.61 6.91 -38.51
C ARG C 121 5.53 7.23 -39.52
N PHE C 122 4.27 7.01 -39.16
CA PHE C 122 3.16 7.36 -40.04
C PHE C 122 3.08 8.88 -40.19
N LEU C 123 3.24 9.62 -39.08
CA LEU C 123 3.27 11.09 -39.17
C LEU C 123 4.39 11.53 -40.09
N GLU C 124 5.59 10.95 -39.90
CA GLU C 124 6.73 11.30 -40.75
C GLU C 124 6.40 11.04 -42.23
N ILE C 125 5.81 9.89 -42.53
CA ILE C 125 5.58 9.49 -43.91
C ILE C 125 4.53 10.38 -44.55
N ILE C 126 3.39 10.55 -43.89
CA ILE C 126 2.29 11.23 -44.57
C ILE C 126 2.60 12.70 -44.71
N LEU C 127 3.34 13.29 -43.77
CA LEU C 127 3.70 14.70 -43.90
C LEU C 127 4.65 14.92 -45.07
N THR C 128 5.50 13.94 -45.38
CA THR C 128 6.38 14.08 -46.53
C THR C 128 5.61 13.98 -47.83
N ALA C 129 4.55 13.17 -47.86
CA ALA C 129 3.79 12.96 -49.09
C ALA C 129 2.93 14.17 -49.42
N ILE C 130 2.05 14.56 -48.50
CA ILE C 130 1.13 15.69 -48.72
C ILE C 130 1.83 16.95 -48.22
N GLY C 131 3.16 16.88 -48.22
CA GLY C 131 3.98 18.02 -47.85
C GLY C 131 3.55 18.66 -46.55
N ASP C 132 4.24 19.73 -46.17
CA ASP C 132 3.70 20.75 -45.31
C ASP C 132 4.52 21.99 -45.68
N ASP C 133 4.31 22.37 -46.96
CA ASP C 133 4.84 23.59 -47.55
C ASP C 133 4.14 24.84 -46.98
N TYR C 134 3.38 24.63 -45.93
CA TYR C 134 2.91 25.63 -44.98
C TYR C 134 3.85 25.61 -43.79
N ARG C 135 3.64 26.52 -42.84
CA ARG C 135 4.40 26.49 -41.61
C ARG C 135 3.47 26.18 -40.44
N ASP C 136 3.97 25.29 -39.59
CA ASP C 136 3.30 24.79 -38.38
C ASP C 136 2.37 25.79 -37.70
N GLU C 137 2.73 27.06 -37.74
CA GLU C 137 1.96 28.08 -37.03
C GLU C 137 0.54 28.19 -37.55
N ASP C 138 0.23 27.62 -38.71
CA ASP C 138 -1.06 27.84 -39.34
C ASP C 138 -2.08 26.75 -39.06
N LEU C 139 -1.64 25.56 -38.63
CA LEU C 139 -2.58 24.49 -38.31
C LEU C 139 -3.35 24.75 -37.03
N ILE C 140 -2.90 25.71 -36.22
CA ILE C 140 -3.40 25.82 -34.85
C ILE C 140 -4.84 26.31 -34.82
N ASN C 141 -5.17 27.30 -35.68
CA ASN C 141 -6.53 27.84 -35.71
C ASN C 141 -7.29 27.45 -36.98
N GLU C 142 -6.88 26.36 -37.64
CA GLU C 142 -7.68 25.81 -38.73
C GLU C 142 -9.15 25.76 -38.31
N GLU C 143 -10.03 26.12 -39.24
CA GLU C 143 -11.46 26.04 -38.94
C GLU C 143 -11.94 24.60 -39.06
N ASN C 144 -11.44 23.88 -40.07
CA ASN C 144 -11.74 22.48 -40.37
C ASN C 144 -10.60 21.63 -40.03
N ALA C 145 -10.51 21.11 -38.78
CA ALA C 145 -9.58 20.07 -38.49
C ALA C 145 -10.38 18.79 -38.61
N VAL C 146 -10.54 18.27 -39.82
CA VAL C 146 -11.45 17.14 -40.00
C VAL C 146 -11.05 15.99 -39.08
N PRO C 147 -11.97 15.38 -38.34
CA PRO C 147 -11.61 14.27 -37.45
C PRO C 147 -11.25 13.02 -38.23
N ILE C 148 -10.17 12.37 -37.78
CA ILE C 148 -9.60 11.23 -38.49
C ILE C 148 -9.55 10.06 -37.51
N ASN C 149 -9.80 8.86 -38.02
CA ASN C 149 -9.88 7.70 -37.13
C ASN C 149 -8.62 7.60 -36.26
N SER C 150 -8.82 7.42 -34.96
CA SER C 150 -7.74 7.25 -33.99
C SER C 150 -7.36 5.79 -33.80
N MET C 151 -7.98 4.85 -34.52
CA MET C 151 -7.79 3.43 -34.21
C MET C 151 -6.33 3.01 -34.41
N CYS C 152 -5.77 3.33 -35.57
CA CYS C 152 -4.45 2.88 -35.96
C CYS C 152 -4.09 3.60 -37.25
N THR C 153 -2.85 3.41 -37.69
CA THR C 153 -2.40 4.07 -38.91
C THR C 153 -3.00 3.48 -40.16
N VAL C 154 -3.40 2.21 -40.15
CA VAL C 154 -4.10 1.65 -41.29
C VAL C 154 -5.42 2.36 -41.50
N PHE C 155 -6.26 2.44 -40.44
CA PHE C 155 -7.55 3.10 -40.58
C PHE C 155 -7.35 4.57 -40.94
N ALA C 156 -6.38 5.23 -40.32
CA ALA C 156 -6.18 6.65 -40.58
C ALA C 156 -5.77 6.87 -42.03
N GLU C 157 -4.82 6.08 -42.50
CA GLU C 157 -4.35 6.16 -43.89
C GLU C 157 -5.51 6.03 -44.86
N SER C 158 -6.43 5.08 -44.62
CA SER C 158 -7.61 4.94 -45.46
C SER C 158 -8.39 6.24 -45.54
N GLU C 159 -8.59 6.89 -44.40
CA GLU C 159 -9.39 8.12 -44.37
C GLU C 159 -8.65 9.26 -45.05
N VAL C 160 -7.32 9.31 -44.89
CA VAL C 160 -6.54 10.33 -45.58
C VAL C 160 -6.73 10.21 -47.07
N ILE C 161 -6.70 8.99 -47.60
CA ILE C 161 -6.85 8.77 -49.03
C ILE C 161 -8.22 9.24 -49.50
N SER C 162 -9.27 8.85 -48.78
CA SER C 162 -10.62 9.23 -49.20
C SER C 162 -10.84 10.74 -49.06
N LEU C 163 -10.29 11.34 -48.00
CA LEU C 163 -10.50 12.76 -47.77
C LEU C 163 -9.81 13.59 -48.85
N LEU C 164 -8.56 13.27 -49.19
CA LEU C 164 -7.90 14.01 -50.25
C LEU C 164 -8.45 13.60 -51.62
N ALA C 165 -8.93 12.38 -51.76
CA ALA C 165 -9.52 11.93 -53.01
C ALA C 165 -10.74 12.77 -53.37
N ARG C 166 -11.50 13.23 -52.38
CA ARG C 166 -12.69 14.05 -52.65
C ARG C 166 -12.42 15.55 -52.58
N GLY C 167 -11.17 15.96 -52.39
CA GLY C 167 -10.81 17.36 -52.50
C GLY C 167 -10.63 18.11 -51.19
N THR C 168 -10.68 17.42 -50.05
CA THR C 168 -10.40 18.10 -48.79
C THR C 168 -9.00 18.70 -48.87
N SER C 169 -8.84 19.86 -48.21
CA SER C 169 -7.54 20.54 -48.12
C SER C 169 -6.44 19.61 -47.62
N LYS C 170 -5.22 19.85 -48.10
CA LYS C 170 -4.04 19.25 -47.48
C LYS C 170 -3.90 19.73 -46.03
N ARG C 171 -3.97 21.05 -45.82
CA ARG C 171 -3.80 21.57 -44.47
C ARG C 171 -4.85 20.99 -43.53
N ALA C 172 -6.10 20.88 -44.00
CA ALA C 172 -7.18 20.42 -43.13
C ALA C 172 -6.93 18.99 -42.69
N VAL C 173 -6.40 18.15 -43.58
CA VAL C 173 -6.06 16.78 -43.23
C VAL C 173 -4.87 16.77 -42.27
N ILE C 174 -3.87 17.60 -42.54
CA ILE C 174 -2.72 17.68 -41.65
C ILE C 174 -3.15 18.13 -40.26
N ALA C 175 -3.97 19.17 -40.20
CA ALA C 175 -4.50 19.60 -38.91
C ALA C 175 -5.29 18.48 -38.26
N GLY C 176 -6.11 17.78 -39.03
CA GLY C 176 -6.89 16.68 -38.48
C GLY C 176 -6.04 15.56 -37.91
N LEU C 177 -4.95 15.20 -38.58
CA LEU C 177 -4.10 14.14 -38.05
C LEU C 177 -3.45 14.56 -36.76
N PHE C 178 -2.96 15.81 -36.67
CA PHE C 178 -2.32 16.27 -35.44
C PHE C 178 -3.31 16.32 -34.26
N LYS C 179 -4.54 16.78 -34.52
CA LYS C 179 -5.53 16.86 -33.46
C LYS C 179 -5.95 15.48 -32.98
N THR C 180 -6.25 14.56 -33.91
CA THR C 180 -6.59 13.22 -33.49
CA THR C 180 -6.58 13.20 -33.52
C THR C 180 -5.45 12.58 -32.71
N THR C 181 -4.22 12.73 -33.17
CA THR C 181 -3.09 12.14 -32.46
C THR C 181 -2.96 12.76 -31.08
N ALA C 182 -3.06 14.08 -31.02
CA ALA C 182 -3.00 14.80 -29.75
C ALA C 182 -4.11 14.35 -28.81
N LYS C 183 -5.32 14.18 -29.33
CA LYS C 183 -6.39 13.73 -28.44
C LYS C 183 -6.14 12.33 -27.93
N ARG C 184 -5.65 11.43 -28.78
CA ARG C 184 -5.31 10.09 -28.32
C ARG C 184 -4.13 10.12 -27.34
N LEU C 185 -3.10 10.89 -27.64
CA LEU C 185 -1.95 10.96 -26.74
C LEU C 185 -2.27 11.66 -25.43
N ALA C 186 -3.25 12.58 -25.45
CA ALA C 186 -3.68 13.22 -24.19
C ALA C 186 -4.27 12.19 -23.24
N LYS C 187 -5.16 11.33 -23.75
CA LYS C 187 -5.74 10.27 -22.91
C LYS C 187 -4.64 9.31 -22.46
N PHE C 188 -3.78 8.94 -23.40
CA PHE C 188 -2.65 8.08 -23.09
C PHE C 188 -1.83 8.61 -21.94
N ALA C 189 -1.49 9.91 -21.97
CA ALA C 189 -0.61 10.53 -20.98
C ALA C 189 -1.28 10.72 -19.64
N GLU C 190 -2.57 10.42 -19.53
CA GLU C 190 -3.25 10.40 -18.25
C GLU C 190 -3.33 9.01 -17.67
N SER C 191 -2.74 8.01 -18.35
CA SER C 191 -2.97 6.62 -17.96
C SER C 191 -2.41 6.32 -16.58
N LEU C 192 -1.35 7.02 -16.18
CA LEU C 192 -0.70 6.77 -14.90
C LEU C 192 -1.15 7.74 -13.82
N GLY C 193 -2.15 8.56 -14.13
CA GLY C 193 -2.53 9.67 -13.27
C GLY C 193 -2.62 10.95 -14.08
N LYS C 194 -3.38 11.93 -13.59
CA LYS C 194 -3.48 13.25 -14.21
C LYS C 194 -2.24 14.07 -13.89
N PRO C 195 -1.35 14.31 -14.85
CA PRO C 195 -0.17 15.14 -14.58
C PRO C 195 -0.56 16.61 -14.36
N ARG C 196 0.08 17.20 -13.35
CA ARG C 196 0.02 18.64 -13.19
C ARG C 196 0.78 19.38 -14.28
N LYS C 197 1.74 18.69 -14.90
CA LYS C 197 2.61 19.22 -15.93
C LYS C 197 3.19 18.00 -16.61
N LEU C 198 3.50 18.12 -17.91
CA LEU C 198 4.00 17.00 -18.70
C LEU C 198 5.24 17.40 -19.49
N ILE C 199 6.27 16.58 -19.42
CA ILE C 199 7.37 16.61 -20.38
C ILE C 199 7.01 15.81 -21.64
N PHE C 200 7.14 16.44 -22.81
CA PHE C 200 6.90 15.82 -24.10
C PHE C 200 8.24 15.77 -24.81
N THR C 201 8.71 14.55 -25.10
CA THR C 201 10.05 14.34 -25.62
C THR C 201 10.01 13.25 -26.69
N GLY C 202 11.19 12.91 -27.17
CA GLY C 202 11.31 12.11 -28.37
C GLY C 202 11.11 12.98 -29.59
N GLY C 203 11.41 12.39 -30.77
CA GLY C 203 11.28 13.14 -32.01
C GLY C 203 9.87 13.61 -32.34
N GLY C 204 8.87 12.86 -31.92
CA GLY C 204 7.49 13.29 -32.13
C GLY C 204 7.18 14.63 -31.48
N ALA C 205 7.95 15.00 -30.44
CA ALA C 205 7.76 16.27 -29.77
C ALA C 205 8.26 17.44 -30.61
N LYS C 206 8.91 17.16 -31.73
CA LYS C 206 9.50 18.21 -32.56
C LYS C 206 8.48 18.76 -33.56
N TYR C 207 7.24 18.28 -33.53
CA TYR C 207 6.15 18.86 -34.31
C TYR C 207 5.44 19.91 -33.47
N PRO C 208 5.73 21.21 -33.67
CA PRO C 208 5.17 22.23 -32.75
C PRO C 208 3.67 22.24 -32.71
N ALA C 209 2.99 21.89 -33.80
CA ALA C 209 1.53 21.85 -33.74
C ALA C 209 1.05 20.69 -32.86
N LEU C 210 1.77 19.57 -32.87
CA LEU C 210 1.37 18.45 -32.03
C LEU C 210 1.45 18.84 -30.55
N ARG C 211 2.53 19.51 -30.16
CA ARG C 211 2.67 19.92 -28.77
CA ARG C 211 2.66 19.90 -28.75
C ARG C 211 1.56 20.88 -28.35
N LEU C 212 1.24 21.84 -29.22
CA LEU C 212 0.17 22.80 -28.94
C LEU C 212 -1.19 22.12 -28.82
N PHE C 213 -1.52 21.21 -29.75
CA PHE C 213 -2.79 20.49 -29.65
C PHE C 213 -2.82 19.62 -28.40
N LEU C 214 -1.72 18.95 -28.07
CA LEU C 214 -1.69 18.11 -26.88
C LEU C 214 -1.94 18.95 -25.63
N GLN C 215 -1.30 20.11 -25.55
CA GLN C 215 -1.40 20.95 -24.37
C GLN C 215 -2.82 21.46 -24.19
N LYS C 216 -3.47 21.83 -25.29
CA LYS C 216 -4.86 22.27 -25.24
C LYS C 216 -5.77 21.14 -24.79
N GLU C 217 -5.52 19.92 -25.27
CA GLU C 217 -6.38 18.81 -24.87
C GLU C 217 -6.17 18.44 -23.41
N MET C 218 -4.91 18.45 -22.96
CA MET C 218 -4.65 18.02 -21.60
C MET C 218 -5.01 19.09 -20.56
N GLY C 219 -4.96 20.37 -20.91
CA GLY C 219 -5.30 21.41 -19.98
C GLY C 219 -4.24 21.72 -18.95
N VAL C 220 -3.01 21.27 -19.19
CA VAL C 220 -1.88 21.56 -18.32
C VAL C 220 -0.68 21.86 -19.22
N GLU C 221 0.35 22.40 -18.62
CA GLU C 221 1.53 22.81 -19.37
C GLU C 221 2.34 21.61 -19.86
N VAL C 222 2.75 21.67 -21.13
CA VAL C 222 3.59 20.68 -21.76
C VAL C 222 4.92 21.33 -22.08
N VAL C 223 5.97 20.86 -21.45
CA VAL C 223 7.33 21.35 -21.69
C VAL C 223 8.03 20.36 -22.60
N VAL C 224 8.82 20.88 -23.52
CA VAL C 224 9.60 20.10 -24.47
C VAL C 224 11.08 20.38 -24.21
N PRO C 225 11.91 19.37 -24.06
CA PRO C 225 13.33 19.59 -23.90
C PRO C 225 13.90 20.41 -25.15
N PRO C 226 14.96 21.13 -24.91
CA PRO C 226 15.58 21.86 -26.04
C PRO C 226 15.96 20.96 -27.19
N GLU C 227 16.36 19.71 -26.90
CA GLU C 227 16.62 18.71 -27.94
C GLU C 227 15.95 17.41 -27.52
N PRO C 228 14.70 17.22 -27.90
CA PRO C 228 13.99 16.02 -27.44
C PRO C 228 14.51 14.72 -28.06
N SER C 229 15.28 14.79 -29.15
CA SER C 229 15.79 13.55 -29.75
C SER C 229 16.73 12.80 -28.81
N VAL C 230 17.47 13.52 -27.97
CA VAL C 230 18.61 12.95 -27.30
C VAL C 230 18.39 12.71 -25.84
N THR C 231 17.18 12.96 -25.30
CA THR C 231 17.01 12.81 -23.85
C THR C 231 17.19 11.38 -23.36
N ALA C 232 16.67 10.37 -24.09
CA ALA C 232 16.93 9.01 -23.68
C ALA C 232 18.44 8.65 -23.72
N ALA C 233 19.16 9.11 -24.74
CA ALA C 233 20.60 8.87 -24.80
C ALA C 233 21.31 9.55 -23.61
N LEU C 234 20.87 10.75 -23.22
CA LEU C 234 21.46 11.41 -22.05
C LEU C 234 21.25 10.56 -20.80
N GLY C 235 20.05 10.03 -20.64
CA GLY C 235 19.82 9.15 -19.52
C GLY C 235 20.75 7.96 -19.51
N ALA C 236 20.94 7.35 -20.67
CA ALA C 236 21.89 6.22 -20.76
C ALA C 236 23.28 6.65 -20.32
N ALA C 237 23.75 7.80 -20.79
CA ALA C 237 25.06 8.30 -20.39
C ALA C 237 25.13 8.55 -18.89
N LEU C 238 24.08 9.11 -18.30
CA LEU C 238 24.09 9.32 -16.86
C LEU C 238 24.11 7.99 -16.11
N ILE C 239 23.36 6.99 -16.57
CA ILE C 239 23.44 5.68 -15.94
C ILE C 239 24.84 5.09 -16.08
N ALA C 240 25.45 5.28 -17.25
CA ALA C 240 26.80 4.75 -17.47
C ALA C 240 27.78 5.37 -16.47
N ARG C 241 27.69 6.68 -16.24
CA ARG C 241 28.57 7.33 -15.28
C ARG C 241 28.28 6.86 -13.87
N GLU C 242 26.98 6.78 -13.51
CA GLU C 242 26.59 6.28 -12.19
C GLU C 242 27.10 4.87 -11.98
N THR C 243 27.05 4.05 -13.03
CA THR C 243 27.62 2.73 -13.03
C THR C 243 29.14 2.80 -13.14
N MET D 1 -11.59 9.21 -80.34
CA MET D 1 -10.87 8.31 -79.40
C MET D 1 -11.67 8.12 -78.10
N PHE D 2 -11.59 6.91 -77.54
CA PHE D 2 -12.30 6.54 -76.32
C PHE D 2 -11.30 6.39 -75.19
N ALA D 3 -11.53 7.10 -74.08
CA ALA D 3 -10.57 7.21 -73.00
C ALA D 3 -11.07 6.60 -71.70
N GLY D 4 -10.19 5.88 -71.02
CA GLY D 4 -10.42 5.40 -69.67
C GLY D 4 -9.39 5.96 -68.71
N LEU D 5 -9.85 6.52 -67.59
CA LEU D 5 -8.99 7.23 -66.65
C LEU D 5 -9.20 6.65 -65.26
N ASP D 6 -8.19 5.98 -64.76
CA ASP D 6 -8.23 5.27 -63.48
C ASP D 6 -7.44 6.12 -62.49
N LEU D 7 -8.16 6.87 -61.63
CA LEU D 7 -7.56 7.76 -60.64
C LEU D 7 -7.46 7.02 -59.31
N GLY D 8 -6.38 6.24 -59.17
CA GLY D 8 -6.23 5.38 -58.03
C GLY D 8 -5.56 6.06 -56.84
N SER D 9 -5.54 5.31 -55.73
CA SER D 9 -4.89 5.74 -54.50
C SER D 9 -3.48 6.20 -54.80
N THR D 10 -2.75 5.42 -55.58
CA THR D 10 -1.30 5.50 -55.69
C THR D 10 -0.85 5.99 -57.06
N ASN D 11 -1.44 5.44 -58.13
CA ASN D 11 -1.12 5.93 -59.46
C ASN D 11 -2.41 6.27 -60.20
N SER D 12 -2.29 7.21 -61.14
CA SER D 12 -3.35 7.56 -62.06
C SER D 12 -2.94 7.14 -63.46
N LYS D 13 -3.84 6.47 -64.17
CA LYS D 13 -3.49 5.83 -65.45
C LYS D 13 -4.53 6.19 -66.51
N LEU D 14 -4.04 6.35 -67.73
CA LEU D 14 -4.82 6.77 -68.89
C LEU D 14 -4.66 5.75 -69.99
N VAL D 15 -5.77 5.28 -70.55
CA VAL D 15 -5.76 4.48 -71.77
C VAL D 15 -6.64 5.18 -72.82
N ILE D 16 -6.10 5.32 -74.03
CA ILE D 16 -6.83 5.89 -75.16
C ILE D 16 -6.88 4.84 -76.27
N ILE D 17 -8.09 4.52 -76.74
CA ILE D 17 -8.28 3.57 -77.83
C ILE D 17 -8.84 4.32 -79.04
N LYS D 18 -8.22 4.09 -80.21
CA LYS D 18 -8.67 4.73 -81.43
C LYS D 18 -9.79 3.92 -82.09
N GLU D 19 -10.21 4.35 -83.27
CA GLU D 19 -11.14 3.52 -84.05
C GLU D 19 -10.48 2.23 -84.45
N ASP D 20 -9.21 2.25 -84.88
CA ASP D 20 -8.50 1.03 -85.21
C ASP D 20 -8.81 -0.08 -84.20
N GLY D 21 -8.78 0.29 -82.92
CA GLY D 21 -8.80 -0.66 -81.83
C GLY D 21 -7.46 -0.78 -81.13
N SER D 22 -6.41 -0.14 -81.65
CA SER D 22 -5.14 -0.03 -80.96
C SER D 22 -5.26 0.95 -79.81
N TYR D 23 -4.36 0.81 -78.82
CA TYR D 23 -4.42 1.76 -77.72
C TYR D 23 -3.07 2.13 -77.15
N THR D 24 -3.04 3.31 -76.54
CA THR D 24 -1.89 3.87 -75.86
C THR D 24 -2.27 4.06 -74.41
N PHE D 25 -1.26 4.12 -73.53
CA PHE D 25 -1.49 4.34 -72.12
C PHE D 25 -0.45 5.31 -71.58
N LYS D 26 -0.79 5.94 -70.46
CA LYS D 26 0.09 6.85 -69.75
C LYS D 26 -0.20 6.69 -68.25
N VAL D 27 0.87 6.68 -67.45
CA VAL D 27 0.79 6.46 -66.01
C VAL D 27 1.58 7.53 -65.27
N VAL D 28 0.99 8.08 -64.21
CA VAL D 28 1.67 9.05 -63.34
C VAL D 28 1.25 8.83 -61.91
N PRO D 29 2.11 9.17 -60.96
CA PRO D 29 1.74 9.02 -59.55
C PRO D 29 0.63 9.98 -59.14
N THR D 30 -0.24 9.50 -58.25
CA THR D 30 -1.39 10.30 -57.84
C THR D 30 -1.01 11.40 -56.86
N ARG D 31 -0.02 11.12 -56.00
CA ARG D 31 0.47 12.09 -55.01
C ARG D 31 -0.67 12.68 -54.19
N TYR D 32 -1.69 11.88 -53.91
CA TYR D 32 -2.82 12.26 -53.07
C TYR D 32 -3.70 13.33 -53.70
N GLU D 33 -3.46 13.69 -54.96
CA GLU D 33 -4.23 14.72 -55.65
C GLU D 33 -4.72 14.14 -56.97
N PRO D 34 -5.76 13.30 -56.92
CA PRO D 34 -6.24 12.67 -58.17
C PRO D 34 -6.62 13.63 -59.27
N VAL D 35 -7.24 14.77 -58.96
CA VAL D 35 -7.67 15.70 -60.01
C VAL D 35 -6.46 16.20 -60.81
N LYS D 36 -5.43 16.67 -60.10
CA LYS D 36 -4.22 17.13 -60.78
C LYS D 36 -3.72 16.04 -61.72
N ALA D 37 -3.58 14.81 -61.22
CA ALA D 37 -3.03 13.74 -62.04
C ALA D 37 -3.88 13.51 -63.29
N GLY D 38 -5.21 13.50 -63.14
CA GLY D 38 -6.07 13.34 -64.29
C GLY D 38 -5.97 14.50 -65.26
N GLU D 39 -5.88 15.73 -64.73
CA GLU D 39 -5.65 16.89 -65.57
C GLU D 39 -4.35 16.74 -66.36
N LEU D 40 -3.25 16.49 -65.66
CA LEU D 40 -1.95 16.30 -66.31
C LEU D 40 -2.03 15.23 -67.38
N LEU D 41 -2.71 14.12 -67.09
CA LEU D 41 -2.73 12.99 -68.01
C LEU D 41 -3.43 13.37 -69.30
N LEU D 42 -4.60 14.00 -69.19
CA LEU D 42 -5.45 14.27 -70.35
C LEU D 42 -4.94 15.41 -71.22
N LYS D 43 -3.99 16.20 -70.73
CA LYS D 43 -3.49 17.31 -71.53
C LYS D 43 -2.81 16.79 -72.78
N ASN D 44 -3.01 17.50 -73.89
CA ASN D 44 -2.34 17.25 -75.16
C ASN D 44 -2.56 15.83 -75.68
N THR D 45 -3.62 15.17 -75.25
CA THR D 45 -3.95 13.85 -75.76
C THR D 45 -4.81 13.90 -77.02
N GLY D 46 -5.23 15.09 -77.43
CA GLY D 46 -6.26 15.20 -78.44
C GLY D 46 -7.64 15.06 -77.85
N GLU D 47 -8.62 15.62 -78.56
CA GLU D 47 -10.00 15.63 -78.06
C GLU D 47 -10.54 14.21 -77.98
N ILE D 48 -11.28 13.94 -76.91
CA ILE D 48 -11.81 12.63 -76.59
C ILE D 48 -13.32 12.67 -76.82
N ARG D 49 -13.85 11.64 -77.48
CA ARG D 49 -15.28 11.60 -77.75
C ARG D 49 -16.07 10.97 -76.61
N ASN D 50 -15.50 10.01 -75.89
CA ASN D 50 -16.15 9.44 -74.71
C ASN D 50 -15.12 9.22 -73.61
N LEU D 51 -15.56 9.36 -72.36
CA LEU D 51 -14.68 9.20 -71.21
C LEU D 51 -15.38 8.44 -70.10
N VAL D 52 -14.71 7.43 -69.56
CA VAL D 52 -15.08 6.75 -68.34
C VAL D 52 -13.98 6.98 -67.31
N VAL D 53 -14.36 7.43 -66.12
CA VAL D 53 -13.43 7.70 -65.02
C VAL D 53 -13.73 6.71 -63.90
N THR D 54 -12.67 6.09 -63.35
CA THR D 54 -12.81 5.11 -62.29
C THR D 54 -11.76 5.41 -61.22
N GLY D 55 -11.87 4.72 -60.09
CA GLY D 55 -10.92 4.89 -59.01
C GLY D 55 -11.41 5.87 -57.96
N TYR D 56 -10.60 5.98 -56.90
CA TYR D 56 -10.92 6.87 -55.78
C TYR D 56 -11.27 8.29 -56.26
N GLY D 57 -10.56 8.77 -57.26
CA GLY D 57 -10.78 10.12 -57.72
C GLY D 57 -11.95 10.35 -58.65
N ARG D 58 -12.79 9.32 -58.86
CA ARG D 58 -13.74 9.37 -59.97
C ARG D 58 -14.79 10.45 -59.75
N VAL D 59 -15.31 10.57 -58.53
CA VAL D 59 -16.33 11.59 -58.27
C VAL D 59 -15.75 12.98 -58.45
N ALA D 60 -14.66 13.28 -57.74
CA ALA D 60 -14.12 14.63 -57.74
C ALA D 60 -13.76 15.11 -59.14
N PHE D 61 -13.39 14.20 -60.03
CA PHE D 61 -13.05 14.52 -61.42
C PHE D 61 -14.37 14.60 -62.18
N ASN D 62 -14.92 15.81 -62.26
CA ASN D 62 -16.31 15.99 -62.70
C ASN D 62 -16.45 15.96 -64.22
N ARG D 63 -15.99 14.85 -64.80
CA ARG D 63 -16.11 14.61 -66.23
C ARG D 63 -16.36 13.13 -66.47
N GLY D 64 -17.06 12.83 -67.53
CA GLY D 64 -17.20 11.46 -67.99
C GLY D 64 -18.23 10.66 -67.21
N LYS D 65 -18.38 9.40 -67.63
CA LYS D 65 -19.21 8.44 -66.93
C LYS D 65 -18.38 7.77 -65.83
N VAL D 66 -18.92 7.75 -64.62
CA VAL D 66 -18.22 7.19 -63.48
C VAL D 66 -18.58 5.71 -63.35
N VAL D 67 -17.56 4.86 -63.29
CA VAL D 67 -17.71 3.42 -63.12
C VAL D 67 -16.69 2.94 -62.08
N THR D 68 -17.11 2.00 -61.21
CA THR D 68 -16.21 1.55 -60.16
C THR D 68 -15.06 0.77 -60.78
N GLU D 69 -13.96 0.71 -60.02
CA GLU D 69 -12.80 -0.04 -60.48
C GLU D 69 -13.03 -1.54 -60.54
N ILE D 70 -14.09 -2.06 -59.88
CA ILE D 70 -14.35 -3.49 -59.94
C ILE D 70 -14.86 -3.85 -61.33
N THR D 71 -15.81 -3.06 -61.81
CA THR D 71 -16.39 -3.29 -63.13
C THR D 71 -15.37 -3.03 -64.24
N CYS D 72 -14.62 -1.94 -64.12
CA CYS D 72 -13.61 -1.64 -65.14
C CYS D 72 -12.57 -2.74 -65.20
N GLN D 73 -12.03 -3.13 -64.04
CA GLN D 73 -11.01 -4.19 -64.02
C GLN D 73 -11.49 -5.45 -64.71
N ALA D 74 -12.72 -5.89 -64.42
CA ALA D 74 -13.24 -7.08 -65.08
C ALA D 74 -13.28 -6.90 -66.60
N ARG D 75 -13.71 -5.73 -67.06
CA ARG D 75 -13.77 -5.44 -68.50
C ARG D 75 -12.41 -5.56 -69.16
N GLY D 76 -11.42 -4.82 -68.66
CA GLY D 76 -10.12 -4.78 -69.30
C GLY D 76 -9.39 -6.09 -69.20
N CYS D 77 -9.59 -6.82 -68.10
CA CYS D 77 -9.04 -8.17 -68.02
C CYS D 77 -9.78 -9.14 -68.94
N HIS D 78 -11.07 -8.87 -69.23
CA HIS D 78 -11.79 -9.78 -70.10
C HIS D 78 -11.26 -9.69 -71.52
N GLU D 79 -10.92 -8.47 -71.95
CA GLU D 79 -10.33 -8.29 -73.26
C GLU D 79 -9.09 -9.15 -73.42
N LEU D 80 -8.25 -9.19 -72.39
CA LEU D 80 -6.96 -9.87 -72.50
C LEU D 80 -7.08 -11.37 -72.28
N PHE D 81 -7.93 -11.80 -71.35
CA PHE D 81 -8.06 -13.21 -71.01
C PHE D 81 -9.53 -13.58 -70.86
N PRO D 82 -10.24 -13.76 -71.97
CA PRO D 82 -11.68 -14.11 -71.88
C PRO D 82 -11.96 -15.50 -71.32
N GLU D 83 -10.95 -16.37 -71.22
CA GLU D 83 -11.20 -17.73 -70.75
C GLU D 83 -10.91 -17.91 -69.27
N VAL D 84 -10.42 -16.87 -68.59
CA VAL D 84 -10.09 -16.95 -67.17
C VAL D 84 -11.20 -16.24 -66.39
N ASP D 85 -11.76 -16.94 -65.44
CA ASP D 85 -12.96 -16.44 -64.77
C ASP D 85 -12.64 -15.59 -63.54
N TYR D 86 -11.42 -15.64 -63.02
CA TYR D 86 -11.10 -14.98 -61.76
C TYR D 86 -9.96 -13.98 -61.92
N ILE D 87 -10.08 -12.86 -61.19
CA ILE D 87 -9.17 -11.73 -61.26
C ILE D 87 -8.80 -11.30 -59.85
N LEU D 88 -7.49 -11.28 -59.57
CA LEU D 88 -6.95 -10.67 -58.36
C LEU D 88 -6.21 -9.39 -58.73
N ASP D 89 -6.72 -8.27 -58.24
CA ASP D 89 -6.18 -6.94 -58.47
C ASP D 89 -5.59 -6.44 -57.16
N LEU D 90 -4.28 -6.29 -57.13
CA LEU D 90 -3.63 -5.68 -55.97
C LEU D 90 -3.16 -4.28 -56.34
N GLY D 91 -3.77 -3.27 -55.73
CA GLY D 91 -3.32 -1.91 -55.80
C GLY D 91 -2.60 -1.44 -54.52
N GLY D 92 -2.52 -0.13 -54.37
CA GLY D 92 -1.79 0.46 -53.27
C GLY D 92 -2.53 0.40 -51.95
N GLN D 93 -3.84 0.61 -52.00
CA GLN D 93 -4.64 0.57 -50.78
C GLN D 93 -5.62 -0.61 -50.69
N ASP D 94 -6.18 -1.06 -51.82
CA ASP D 94 -7.19 -2.10 -51.84
C ASP D 94 -6.70 -3.34 -52.56
N ALA D 95 -7.21 -4.48 -52.10
CA ALA D 95 -7.07 -5.77 -52.75
C ALA D 95 -8.45 -6.26 -53.18
N LYS D 96 -8.54 -6.85 -54.38
CA LYS D 96 -9.82 -7.19 -54.96
C LYS D 96 -9.78 -8.55 -55.67
N ILE D 97 -10.77 -9.39 -55.40
CA ILE D 97 -10.92 -10.67 -56.10
C ILE D 97 -12.27 -10.63 -56.81
N ILE D 98 -12.26 -10.89 -58.12
CA ILE D 98 -13.41 -10.67 -58.99
C ILE D 98 -13.70 -11.94 -59.78
N LYS D 99 -14.95 -12.34 -59.81
CA LYS D 99 -15.41 -13.45 -60.64
C LYS D 99 -16.32 -12.88 -61.71
N LYS D 100 -15.96 -13.13 -62.96
CA LYS D 100 -16.68 -12.67 -64.13
C LYS D 100 -17.11 -13.88 -64.96
N ASP D 101 -18.09 -13.69 -65.81
CA ASP D 101 -18.59 -14.79 -66.62
C ASP D 101 -17.92 -14.78 -67.99
N GLY D 102 -18.34 -15.70 -68.85
CA GLY D 102 -17.78 -15.79 -70.20
C GLY D 102 -18.00 -14.55 -71.03
N GLN D 103 -18.96 -13.71 -70.66
CA GLN D 103 -19.18 -12.44 -71.35
C GLN D 103 -18.45 -11.25 -70.73
N GLY D 104 -17.63 -11.47 -69.71
CA GLY D 104 -16.97 -10.38 -69.02
C GLY D 104 -17.78 -9.74 -67.91
N ARG D 105 -19.01 -10.17 -67.67
CA ARG D 105 -19.85 -9.58 -66.63
C ARG D 105 -19.38 -10.03 -65.25
N VAL D 106 -19.39 -9.08 -64.30
CA VAL D 106 -19.02 -9.43 -62.93
C VAL D 106 -20.16 -10.23 -62.31
N VAL D 107 -19.86 -11.43 -61.82
CA VAL D 107 -20.86 -12.25 -61.16
C VAL D 107 -20.70 -12.26 -59.64
N ASN D 108 -19.53 -11.88 -59.12
CA ASN D 108 -19.30 -11.72 -57.69
C ASN D 108 -17.93 -11.09 -57.49
N PHE D 109 -17.75 -10.44 -56.35
CA PHE D 109 -16.46 -9.81 -56.07
C PHE D 109 -16.30 -9.70 -54.55
N LEU D 110 -15.07 -9.40 -54.13
CA LEU D 110 -14.77 -9.19 -52.72
C LEU D 110 -13.56 -8.29 -52.63
N MET D 111 -13.64 -7.28 -51.77
CA MET D 111 -12.52 -6.39 -51.51
C MET D 111 -12.05 -6.59 -50.07
N ASN D 112 -10.83 -6.14 -49.81
CA ASN D 112 -10.20 -6.40 -48.53
C ASN D 112 -10.99 -5.78 -47.39
N ASP D 113 -10.88 -6.39 -46.20
CA ASP D 113 -11.45 -5.79 -44.99
C ASP D 113 -10.59 -4.59 -44.53
N LYS D 114 -11.04 -3.91 -43.48
CA LYS D 114 -10.34 -2.69 -43.07
C LYS D 114 -8.93 -2.98 -42.58
N CYS D 115 -8.74 -4.07 -41.85
CA CYS D 115 -7.41 -4.36 -41.32
C CYS D 115 -6.43 -4.83 -42.39
N ALA D 116 -6.94 -5.16 -43.58
CA ALA D 116 -6.11 -5.57 -44.71
C ALA D 116 -5.84 -4.43 -45.67
N ALA D 117 -6.17 -3.20 -45.29
CA ALA D 117 -5.95 -2.07 -46.17
C ALA D 117 -4.48 -1.71 -46.25
N GLY D 118 -4.08 -1.20 -47.41
CA GLY D 118 -2.75 -0.63 -47.54
C GLY D 118 -1.62 -1.60 -47.74
N THR D 119 -1.92 -2.85 -48.12
CA THR D 119 -0.86 -3.84 -48.29
C THR D 119 0.16 -3.39 -49.34
N GLY D 120 -0.33 -2.90 -50.49
CA GLY D 120 0.57 -2.54 -51.57
C GLY D 120 1.49 -1.38 -51.23
N ARG D 121 0.92 -0.30 -50.71
CA ARG D 121 1.73 0.84 -50.29
C ARG D 121 2.76 0.44 -49.25
N PHE D 122 2.43 -0.48 -48.35
CA PHE D 122 3.40 -0.88 -47.35
C PHE D 122 4.59 -1.56 -47.99
N LEU D 123 4.34 -2.44 -48.97
CA LEU D 123 5.42 -3.12 -49.65
C LEU D 123 6.35 -2.10 -50.30
N GLU D 124 5.79 -1.11 -51.00
CA GLU D 124 6.61 -0.07 -51.60
C GLU D 124 7.44 0.66 -50.53
N ILE D 125 6.78 1.12 -49.46
CA ILE D 125 7.49 1.80 -48.37
C ILE D 125 8.64 0.94 -47.87
N ILE D 126 8.35 -0.33 -47.57
CA ILE D 126 9.33 -1.22 -46.96
C ILE D 126 10.49 -1.50 -47.90
N LEU D 127 10.18 -1.86 -49.14
CA LEU D 127 11.25 -2.09 -50.10
C LEU D 127 12.16 -0.87 -50.22
N THR D 128 11.57 0.33 -50.27
CA THR D 128 12.37 1.55 -50.27
C THR D 128 13.25 1.61 -49.05
N ALA D 129 12.65 1.50 -47.86
CA ALA D 129 13.40 1.66 -46.62
C ALA D 129 14.53 0.66 -46.54
N ILE D 130 14.23 -0.63 -46.75
CA ILE D 130 15.27 -1.64 -46.76
C ILE D 130 16.00 -1.64 -48.09
N GLY D 131 15.68 -0.69 -48.97
CA GLY D 131 16.17 -0.70 -50.33
C GLY D 131 16.00 -2.07 -50.94
N ASP D 132 16.56 -2.28 -52.12
CA ASP D 132 16.94 -3.64 -52.40
C ASP D 132 18.15 -3.58 -53.35
N ASP D 133 19.31 -3.31 -52.75
CA ASP D 133 20.57 -3.78 -53.29
C ASP D 133 20.40 -5.20 -53.84
N TYR D 134 19.79 -6.08 -53.06
CA TYR D 134 19.52 -7.44 -53.52
C TYR D 134 18.83 -7.41 -54.88
N ARG D 135 19.11 -8.42 -55.69
CA ARG D 135 18.37 -8.63 -56.93
C ARG D 135 17.09 -9.40 -56.63
N ASP D 136 16.06 -9.19 -57.46
CA ASP D 136 14.86 -10.01 -57.29
C ASP D 136 15.13 -11.48 -57.62
N GLU D 137 16.24 -11.76 -58.29
CA GLU D 137 16.71 -13.13 -58.48
C GLU D 137 16.58 -13.92 -57.19
N ASP D 138 16.88 -13.24 -56.08
CA ASP D 138 17.28 -13.91 -54.85
C ASP D 138 16.08 -14.40 -54.04
N LEU D 139 15.05 -13.57 -53.89
CA LEU D 139 13.97 -13.86 -52.93
C LEU D 139 13.37 -15.23 -53.14
N ILE D 140 13.51 -15.79 -54.33
CA ILE D 140 13.04 -17.14 -54.60
C ILE D 140 14.06 -18.15 -54.11
N ASN D 141 15.34 -17.81 -54.19
CA ASN D 141 16.42 -18.63 -53.66
C ASN D 141 16.56 -18.54 -52.14
N GLU D 142 15.65 -17.85 -51.45
CA GLU D 142 15.80 -17.61 -50.01
C GLU D 142 15.40 -18.86 -49.24
N GLU D 143 16.37 -19.46 -48.55
CA GLU D 143 16.18 -20.68 -47.79
C GLU D 143 15.68 -20.43 -46.38
N ASN D 144 15.65 -19.16 -45.94
CA ASN D 144 15.25 -18.84 -44.57
C ASN D 144 14.39 -17.58 -44.56
N ALA D 145 13.37 -17.55 -45.41
CA ALA D 145 12.36 -16.51 -45.30
C ALA D 145 11.76 -16.57 -43.90
N VAL D 146 11.56 -15.41 -43.29
CA VAL D 146 11.03 -15.34 -41.93
C VAL D 146 9.56 -14.99 -42.04
N PRO D 147 8.64 -15.85 -41.57
CA PRO D 147 7.21 -15.53 -41.65
C PRO D 147 6.89 -14.27 -40.84
N ILE D 148 6.15 -13.37 -41.48
CA ILE D 148 5.81 -12.08 -40.91
C ILE D 148 4.31 -12.08 -40.70
N ASN D 149 3.88 -11.39 -39.64
CA ASN D 149 2.47 -11.40 -39.28
C ASN D 149 1.62 -10.95 -40.46
N SER D 150 0.52 -11.64 -40.69
CA SER D 150 -0.37 -11.37 -41.81
C SER D 150 -1.59 -10.55 -41.38
N MET D 151 -1.71 -10.21 -40.10
CA MET D 151 -2.86 -9.45 -39.64
C MET D 151 -3.05 -8.15 -40.41
N CYS D 152 -2.03 -7.31 -40.46
CA CYS D 152 -2.14 -5.97 -41.01
C CYS D 152 -0.74 -5.43 -41.13
N THR D 153 -0.63 -4.27 -41.76
CA THR D 153 0.67 -3.66 -41.98
C THR D 153 1.24 -3.01 -40.72
N VAL D 154 0.41 -2.69 -39.72
CA VAL D 154 0.92 -2.19 -38.45
C VAL D 154 1.71 -3.28 -37.74
N PHE D 155 1.10 -4.48 -37.59
CA PHE D 155 1.78 -5.59 -36.92
C PHE D 155 3.00 -6.05 -37.73
N ALA D 156 2.90 -5.98 -39.06
CA ALA D 156 4.02 -6.40 -39.89
C ALA D 156 5.20 -5.45 -39.75
N GLU D 157 4.94 -4.13 -39.72
CA GLU D 157 6.00 -3.16 -39.50
C GLU D 157 6.68 -3.40 -38.16
N SER D 158 5.91 -3.60 -37.09
CA SER D 158 6.51 -3.88 -35.79
C SER D 158 7.47 -5.05 -35.88
N GLU D 159 7.12 -6.09 -36.63
CA GLU D 159 8.00 -7.27 -36.69
C GLU D 159 9.22 -6.99 -37.54
N VAL D 160 9.03 -6.24 -38.63
CA VAL D 160 10.17 -5.83 -39.46
C VAL D 160 11.20 -5.09 -38.62
N ILE D 161 10.74 -4.17 -37.76
CA ILE D 161 11.66 -3.43 -36.89
C ILE D 161 12.38 -4.39 -35.94
N SER D 162 11.64 -5.31 -35.33
CA SER D 162 12.25 -6.27 -34.40
C SER D 162 13.27 -7.17 -35.10
N LEU D 163 12.96 -7.63 -36.32
CA LEU D 163 13.85 -8.58 -36.99
C LEU D 163 15.15 -7.89 -37.39
N LEU D 164 15.05 -6.72 -37.99
CA LEU D 164 16.26 -6.01 -38.40
C LEU D 164 17.04 -5.55 -37.18
N ALA D 165 16.34 -5.10 -36.13
CA ALA D 165 17.01 -4.69 -34.90
C ALA D 165 17.94 -5.77 -34.37
N ARG D 166 17.55 -7.06 -34.48
CA ARG D 166 18.39 -8.12 -33.93
C ARG D 166 19.30 -8.76 -34.95
N GLY D 167 19.40 -8.21 -36.16
CA GLY D 167 20.40 -8.65 -37.11
C GLY D 167 19.94 -9.63 -38.17
N THR D 168 18.63 -9.80 -38.33
CA THR D 168 18.10 -10.60 -39.43
C THR D 168 18.47 -9.94 -40.74
N SER D 169 18.86 -10.74 -41.73
CA SER D 169 19.22 -10.19 -43.03
C SER D 169 18.02 -9.59 -43.75
N LYS D 170 18.24 -8.44 -44.39
CA LYS D 170 17.16 -7.80 -45.13
C LYS D 170 16.53 -8.76 -46.13
N ARG D 171 17.36 -9.59 -46.75
CA ARG D 171 16.86 -10.56 -47.72
C ARG D 171 15.91 -11.54 -47.07
N ALA D 172 16.25 -12.02 -45.86
CA ALA D 172 15.34 -12.92 -45.17
C ALA D 172 14.03 -12.22 -44.86
N VAL D 173 14.09 -10.92 -44.52
CA VAL D 173 12.88 -10.18 -44.16
C VAL D 173 12.05 -9.89 -45.40
N ILE D 174 12.69 -9.44 -46.47
CA ILE D 174 11.98 -9.08 -47.68
C ILE D 174 11.32 -10.33 -48.26
N ALA D 175 12.08 -11.42 -48.35
CA ALA D 175 11.50 -12.67 -48.83
C ALA D 175 10.32 -13.10 -47.96
N GLY D 176 10.44 -12.92 -46.63
CA GLY D 176 9.33 -13.28 -45.75
C GLY D 176 8.11 -12.40 -45.97
N LEU D 177 8.29 -11.12 -46.24
CA LEU D 177 7.14 -10.27 -46.47
C LEU D 177 6.37 -10.68 -47.73
N PHE D 178 7.08 -10.93 -48.83
CA PHE D 178 6.41 -11.39 -50.04
C PHE D 178 5.73 -12.73 -49.82
N LYS D 179 6.44 -13.67 -49.22
CA LYS D 179 5.86 -14.98 -49.01
C LYS D 179 4.56 -14.85 -48.20
N THR D 180 4.63 -14.15 -47.08
CA THR D 180 3.43 -13.98 -46.26
C THR D 180 2.34 -13.23 -47.04
N THR D 181 2.72 -12.23 -47.80
CA THR D 181 1.73 -11.53 -48.61
C THR D 181 1.14 -12.46 -49.67
N ALA D 182 1.96 -13.34 -50.23
CA ALA D 182 1.44 -14.30 -51.22
C ALA D 182 0.47 -15.28 -50.57
N LYS D 183 0.84 -15.78 -49.38
CA LYS D 183 0.00 -16.74 -48.69
C LYS D 183 -1.37 -16.14 -48.38
N ARG D 184 -1.42 -14.93 -47.85
CA ARG D 184 -2.72 -14.33 -47.54
C ARG D 184 -3.54 -14.04 -48.80
N LEU D 185 -2.88 -13.52 -49.83
CA LEU D 185 -3.58 -13.18 -51.06
C LEU D 185 -4.08 -14.41 -51.80
N ALA D 186 -3.34 -15.53 -51.69
CA ALA D 186 -3.78 -16.80 -52.28
C ALA D 186 -5.07 -17.27 -51.61
N LYS D 187 -5.09 -17.34 -50.28
CA LYS D 187 -6.35 -17.64 -49.61
CA LYS D 187 -6.34 -17.63 -49.59
C LYS D 187 -7.44 -16.63 -49.98
N PHE D 188 -7.09 -15.35 -50.04
CA PHE D 188 -8.06 -14.32 -50.41
C PHE D 188 -8.62 -14.52 -51.81
N ALA D 189 -7.78 -14.93 -52.75
CA ALA D 189 -8.23 -15.16 -54.13
C ALA D 189 -9.09 -16.43 -54.28
N GLU D 190 -9.32 -17.19 -53.22
CA GLU D 190 -10.21 -18.34 -53.22
C GLU D 190 -11.55 -18.07 -52.54
N SER D 191 -11.75 -16.85 -52.03
CA SER D 191 -12.98 -16.53 -51.32
C SER D 191 -14.23 -16.70 -52.18
N LEU D 192 -14.10 -16.66 -53.51
CA LEU D 192 -15.23 -16.63 -54.41
C LEU D 192 -15.41 -17.96 -55.10
N GLY D 193 -14.71 -18.99 -54.63
CA GLY D 193 -14.56 -20.24 -55.33
C GLY D 193 -13.12 -20.42 -55.76
N LYS D 194 -12.68 -21.66 -55.76
CA LYS D 194 -11.29 -21.94 -56.08
CA LYS D 194 -11.29 -21.95 -56.09
C LYS D 194 -11.10 -21.89 -57.59
N PRO D 195 -10.30 -20.95 -58.12
CA PRO D 195 -10.14 -20.87 -59.57
C PRO D 195 -9.27 -22.00 -60.09
N ARG D 196 -9.57 -22.40 -61.33
CA ARG D 196 -8.68 -23.30 -62.05
C ARG D 196 -7.54 -22.52 -62.68
N LYS D 197 -7.76 -21.23 -62.94
CA LYS D 197 -6.79 -20.32 -63.52
C LYS D 197 -7.04 -18.93 -62.91
N LEU D 198 -5.95 -18.17 -62.67
CA LEU D 198 -6.09 -16.86 -62.03
C LEU D 198 -5.40 -15.76 -62.81
N ILE D 199 -6.10 -14.64 -63.00
CA ILE D 199 -5.46 -13.43 -63.50
C ILE D 199 -5.01 -12.60 -62.31
N PHE D 200 -3.74 -12.19 -62.32
CA PHE D 200 -3.14 -11.37 -61.29
C PHE D 200 -2.72 -10.06 -61.93
N THR D 201 -3.33 -8.96 -61.49
CA THR D 201 -3.09 -7.66 -62.11
C THR D 201 -3.01 -6.57 -61.03
N GLY D 202 -2.96 -5.32 -61.47
CA GLY D 202 -2.64 -4.20 -60.61
C GLY D 202 -1.14 -4.02 -60.48
N GLY D 203 -0.76 -2.84 -59.95
CA GLY D 203 0.63 -2.58 -59.69
C GLY D 203 1.29 -3.66 -58.86
N GLY D 204 0.52 -4.34 -58.00
CA GLY D 204 1.09 -5.38 -57.16
C GLY D 204 1.65 -6.53 -57.96
N ALA D 205 1.05 -6.81 -59.10
CA ALA D 205 1.52 -7.86 -59.99
C ALA D 205 2.83 -7.52 -60.67
N LYS D 206 3.41 -6.36 -60.38
CA LYS D 206 4.69 -6.05 -61.01
C LYS D 206 5.86 -6.56 -60.21
N TYR D 207 5.64 -6.97 -58.98
CA TYR D 207 6.74 -7.52 -58.18
C TYR D 207 7.01 -8.96 -58.63
N PRO D 208 8.18 -9.25 -59.22
CA PRO D 208 8.42 -10.62 -59.69
C PRO D 208 8.28 -11.70 -58.63
N ALA D 209 8.79 -11.45 -57.42
CA ALA D 209 8.73 -12.45 -56.38
C ALA D 209 7.28 -12.70 -55.92
N LEU D 210 6.46 -11.65 -55.91
CA LEU D 210 5.07 -11.82 -55.50
C LEU D 210 4.34 -12.69 -56.51
N ARG D 211 4.67 -12.55 -57.80
CA ARG D 211 4.06 -13.41 -58.81
C ARG D 211 4.41 -14.87 -58.58
N LEU D 212 5.72 -15.14 -58.49
CA LEU D 212 6.12 -16.54 -58.29
C LEU D 212 5.54 -17.09 -56.99
N PHE D 213 5.72 -16.37 -55.87
CA PHE D 213 5.22 -16.87 -54.60
C PHE D 213 3.70 -17.04 -54.63
N LEU D 214 3.02 -16.16 -55.35
CA LEU D 214 1.56 -16.31 -55.42
C LEU D 214 1.18 -17.59 -56.17
N GLN D 215 1.83 -17.82 -57.33
CA GLN D 215 1.51 -18.99 -58.14
C GLN D 215 1.76 -20.27 -57.36
N LYS D 216 2.85 -20.31 -56.60
CA LYS D 216 3.18 -21.52 -55.86
C LYS D 216 2.19 -21.79 -54.75
N GLU D 217 1.64 -20.74 -54.14
CA GLU D 217 0.60 -20.93 -53.14
C GLU D 217 -0.70 -21.36 -53.80
N MET D 218 -1.07 -20.69 -54.89
CA MET D 218 -2.32 -21.03 -55.58
C MET D 218 -2.33 -22.49 -55.99
N GLY D 219 -1.18 -22.99 -56.47
CA GLY D 219 -1.10 -24.33 -57.04
C GLY D 219 -1.71 -24.49 -58.42
N VAL D 220 -2.18 -23.41 -59.03
CA VAL D 220 -2.78 -23.42 -60.35
C VAL D 220 -2.06 -22.39 -61.21
N GLU D 221 -2.39 -22.38 -62.49
CA GLU D 221 -1.77 -21.45 -63.42
C GLU D 221 -2.16 -20.00 -63.10
N VAL D 222 -1.15 -19.13 -63.13
CA VAL D 222 -1.35 -17.69 -62.95
C VAL D 222 -0.89 -16.99 -64.22
N VAL D 223 -1.68 -16.04 -64.69
CA VAL D 223 -1.34 -15.25 -65.86
C VAL D 223 -1.39 -13.77 -65.49
N VAL D 224 -0.40 -13.01 -65.97
CA VAL D 224 -0.23 -11.61 -65.64
C VAL D 224 -0.27 -10.80 -66.93
N PRO D 225 -1.12 -9.79 -67.03
CA PRO D 225 -1.20 -8.98 -68.26
C PRO D 225 0.14 -8.38 -68.64
N PRO D 226 0.28 -7.97 -69.91
CA PRO D 226 1.51 -7.28 -70.32
C PRO D 226 1.78 -6.03 -69.50
N GLU D 227 0.72 -5.25 -69.19
CA GLU D 227 0.82 -4.00 -68.42
C GLU D 227 -0.21 -4.03 -67.31
N PRO D 228 0.10 -4.71 -66.19
CA PRO D 228 -0.90 -4.85 -65.11
C PRO D 228 -1.40 -3.52 -64.56
N SER D 229 -0.59 -2.46 -64.67
CA SER D 229 -0.97 -1.16 -64.12
C SER D 229 -2.23 -0.60 -64.79
N VAL D 230 -2.43 -0.90 -66.08
CA VAL D 230 -3.40 -0.18 -66.89
C VAL D 230 -4.61 -1.00 -67.26
N THR D 231 -4.74 -2.22 -66.76
CA THR D 231 -5.86 -3.06 -67.21
C THR D 231 -7.19 -2.50 -66.74
N ALA D 232 -7.26 -1.91 -65.56
CA ALA D 232 -8.49 -1.25 -65.15
C ALA D 232 -8.79 -0.04 -66.03
N ALA D 233 -7.76 0.70 -66.43
CA ALA D 233 -7.99 1.84 -67.29
C ALA D 233 -8.43 1.38 -68.70
N LEU D 234 -7.87 0.27 -69.18
CA LEU D 234 -8.31 -0.30 -70.45
C LEU D 234 -9.78 -0.70 -70.37
N GLY D 235 -10.18 -1.31 -69.26
CA GLY D 235 -11.59 -1.62 -69.07
C GLY D 235 -12.45 -0.37 -69.16
N ALA D 236 -12.03 0.70 -68.49
CA ALA D 236 -12.79 1.94 -68.56
C ALA D 236 -12.89 2.42 -70.01
N ALA D 237 -11.79 2.31 -70.76
CA ALA D 237 -11.79 2.78 -72.14
C ALA D 237 -12.68 1.92 -73.01
N LEU D 238 -12.63 0.59 -72.81
CA LEU D 238 -13.55 -0.29 -73.53
C LEU D 238 -15.01 0.01 -73.17
N ILE D 239 -15.25 0.49 -71.94
CA ILE D 239 -16.61 0.86 -71.57
C ILE D 239 -17.00 2.20 -72.20
N ALA D 240 -16.05 3.12 -72.35
CA ALA D 240 -16.36 4.40 -73.00
C ALA D 240 -16.75 4.19 -74.45
N ARG D 241 -16.07 3.26 -75.13
CA ARG D 241 -16.41 2.89 -76.50
C ARG D 241 -17.79 2.26 -76.55
N GLU D 242 -18.06 1.30 -75.66
CA GLU D 242 -19.35 0.62 -75.63
C GLU D 242 -20.51 1.52 -75.24
N THR D 243 -20.24 2.67 -74.62
CA THR D 243 -21.29 3.52 -74.06
C THR D 243 -21.42 4.84 -74.79
N MET E 2 27.61 20.92 -2.99
CA MET E 2 29.00 20.91 -2.44
C MET E 2 29.35 22.22 -1.72
N ASP E 3 28.71 23.33 -2.07
CA ASP E 3 28.88 24.51 -1.23
C ASP E 3 28.18 24.32 0.12
N ASN E 4 27.08 23.53 0.15
CA ASN E 4 26.51 23.09 1.42
C ASN E 4 27.56 22.36 2.25
N ARG E 5 28.34 21.47 1.62
CA ARG E 5 29.32 20.68 2.37
C ARG E 5 30.46 21.54 2.89
N GLU E 6 30.88 22.56 2.15
CA GLU E 6 31.88 23.46 2.68
C GLU E 6 31.35 24.24 3.87
N LEU E 7 30.10 24.68 3.83
CA LEU E 7 29.52 25.33 5.00
C LEU E 7 29.54 24.37 6.18
N TRP E 8 29.13 23.13 5.97
CA TRP E 8 29.07 22.18 7.07
C TRP E 8 30.46 21.93 7.64
N LYS E 9 31.46 21.86 6.77
CA LYS E 9 32.81 21.70 7.27
C LYS E 9 33.22 22.89 8.14
N VAL E 10 32.92 24.10 7.69
CA VAL E 10 33.32 25.28 8.47
C VAL E 10 32.63 25.31 9.82
N LEU E 11 31.39 24.80 9.88
CA LEU E 11 30.66 24.71 11.15
C LEU E 11 31.10 23.52 11.97
N ASN E 12 32.10 22.76 11.51
CA ASN E 12 32.60 21.61 12.26
C ASN E 12 31.52 20.58 12.50
N VAL E 13 30.64 20.40 11.52
CA VAL E 13 29.72 19.26 11.52
C VAL E 13 30.47 17.96 11.30
N ASP E 14 30.08 16.91 12.02
CA ASP E 14 30.56 15.56 11.71
C ASP E 14 29.90 15.09 10.43
N LEU E 15 30.60 15.21 9.32
CA LEU E 15 29.97 15.03 8.02
C LEU E 15 29.40 13.64 7.84
N GLU E 16 30.15 12.60 8.27
CA GLU E 16 29.70 11.23 8.06
C GLU E 16 28.44 10.93 8.85
N LYS E 17 28.44 11.25 10.15
CA LYS E 17 27.25 11.06 10.96
C LYS E 17 26.10 11.92 10.45
N HIS E 18 26.40 13.14 10.00
CA HIS E 18 25.37 13.97 9.41
C HIS E 18 24.75 13.33 8.16
N ASP E 19 25.60 12.85 7.26
CA ASP E 19 25.11 12.25 6.04
C ASP E 19 24.18 11.09 6.39
N GLU E 20 24.61 10.27 7.35
CA GLU E 20 23.86 9.08 7.77
CA GLU E 20 23.82 9.09 7.67
C GLU E 20 22.53 9.45 8.38
N PHE E 21 22.52 10.54 9.15
CA PHE E 21 21.29 11.04 9.71
C PHE E 21 20.31 11.47 8.62
N LEU E 22 20.82 12.14 7.60
CA LEU E 22 19.95 12.71 6.56
C LEU E 22 19.55 11.71 5.48
N ALA E 23 20.34 10.66 5.29
CA ALA E 23 20.14 9.78 4.15
C ALA E 23 18.75 9.15 4.10
N PRO E 24 18.09 8.82 5.22
CA PRO E 24 16.76 8.23 5.10
C PRO E 24 15.62 9.21 4.90
N VAL E 25 15.88 10.51 4.95
CA VAL E 25 14.82 11.49 5.07
C VAL E 25 14.09 11.67 3.76
N PRO E 26 14.79 11.76 2.62
CA PRO E 26 14.06 11.90 1.34
C PRO E 26 13.06 10.79 1.08
N ALA E 27 13.39 9.54 1.44
CA ALA E 27 12.43 8.45 1.20
C ALA E 27 11.17 8.64 2.06
N VAL E 28 11.33 9.04 3.32
CA VAL E 28 10.19 9.24 4.21
C VAL E 28 9.32 10.38 3.69
N TYR E 29 9.95 11.50 3.30
CA TYR E 29 9.20 12.67 2.85
C TYR E 29 8.45 12.35 1.57
N ARG E 30 9.07 11.57 0.68
CA ARG E 30 8.37 11.08 -0.52
C ARG E 30 7.13 10.26 -0.15
N GLU E 31 7.27 9.37 0.81
CA GLU E 31 6.16 8.49 1.17
C GLU E 31 5.02 9.28 1.83
N LEU E 32 5.35 10.13 2.81
CA LEU E 32 4.35 10.79 3.62
C LEU E 32 3.84 12.10 3.03
N PHE E 33 4.59 12.73 2.13
CA PHE E 33 4.16 14.02 1.59
C PHE E 33 4.07 14.02 0.07
N LEU E 34 5.17 13.79 -0.64
CA LEU E 34 5.18 14.07 -2.07
C LEU E 34 4.25 13.12 -2.84
N ASN E 35 4.21 11.86 -2.45
CA ASN E 35 3.30 10.91 -3.12
C ASN E 35 1.87 11.01 -2.64
N ARG E 36 1.59 11.83 -1.63
CA ARG E 36 0.23 12.00 -1.17
C ARG E 36 -0.49 12.95 -2.12
N PRO E 37 -1.66 12.59 -2.64
CA PRO E 37 -2.30 13.43 -3.66
C PRO E 37 -3.13 14.57 -3.07
N ASN E 38 -3.49 15.51 -3.98
CA ASN E 38 -4.38 16.64 -3.68
CA ASN E 38 -4.39 16.64 -3.69
C ASN E 38 -3.78 17.66 -2.69
N ARG E 39 -2.47 17.77 -2.64
CA ARG E 39 -1.83 18.75 -1.75
C ARG E 39 -1.80 20.12 -2.44
N PRO E 40 -2.01 21.21 -1.70
CA PRO E 40 -2.00 22.54 -2.34
C PRO E 40 -0.71 22.78 -3.10
N ARG E 41 -0.85 23.53 -4.20
CA ARG E 41 0.32 23.92 -5.00
C ARG E 41 1.35 24.64 -4.15
N ALA E 42 0.90 25.54 -3.28
CA ALA E 42 1.72 26.36 -2.40
C ALA E 42 2.46 25.56 -1.33
N MET E 43 2.35 24.24 -1.32
CA MET E 43 3.23 23.43 -0.49
C MET E 43 4.58 23.27 -1.13
N ALA E 44 4.71 23.65 -2.41
CA ALA E 44 6.01 23.55 -3.07
C ALA E 44 7.11 24.27 -2.31
N TYR E 45 6.82 25.46 -1.75
CA TYR E 45 7.84 26.19 -0.99
C TYR E 45 8.36 25.34 0.17
N PHE E 46 7.46 24.85 0.99
CA PHE E 46 7.87 24.11 2.16
C PHE E 46 8.50 22.80 1.75
N ASP E 47 7.99 22.14 0.70
CA ASP E 47 8.65 20.94 0.19
C ASP E 47 10.10 21.24 -0.15
N ALA E 48 10.36 22.40 -0.76
CA ALA E 48 11.71 22.77 -1.14
C ALA E 48 12.55 23.13 0.08
N VAL E 49 11.93 23.59 1.16
CA VAL E 49 12.70 23.83 2.40
C VAL E 49 13.19 22.51 2.97
N VAL E 50 12.30 21.50 3.09
CA VAL E 50 12.72 20.17 3.55
C VAL E 50 13.82 19.58 2.65
N GLY E 51 13.63 19.65 1.34
CA GLY E 51 14.64 19.20 0.39
C GLY E 51 16.04 19.76 0.64
N ASP E 52 16.14 20.99 1.17
CA ASP E 52 17.43 21.63 1.42
C ASP E 52 17.46 22.12 2.85
N ILE E 53 16.97 21.28 3.77
CA ILE E 53 16.71 21.68 5.15
C ILE E 53 17.94 22.25 5.83
N HIS E 54 19.12 21.76 5.48
CA HIS E 54 20.36 22.21 6.12
C HIS E 54 21.19 23.09 5.21
N GLY E 55 20.55 23.69 4.22
CA GLY E 55 21.22 24.44 3.19
C GLY E 55 20.97 25.93 3.32
N ILE E 56 20.09 26.46 2.49
CA ILE E 56 20.07 27.91 2.31
C ILE E 56 19.82 28.63 3.66
N ARG E 57 19.00 28.06 4.54
CA ARG E 57 18.74 28.81 5.77
C ARG E 57 19.97 28.83 6.66
N VAL E 58 20.71 27.72 6.69
CA VAL E 58 21.96 27.69 7.46
C VAL E 58 22.97 28.66 6.86
N HIS E 59 22.99 28.79 5.53
CA HIS E 59 23.79 29.82 4.87
C HIS E 59 23.39 31.21 5.33
N GLU E 60 22.07 31.46 5.40
CA GLU E 60 21.60 32.77 5.83
C GLU E 60 22.09 33.09 7.23
N LEU E 61 21.97 32.13 8.16
CA LEU E 61 22.39 32.35 9.53
C LEU E 61 23.90 32.57 9.60
N TYR E 62 24.67 31.79 8.84
CA TYR E 62 26.10 31.96 8.84
C TYR E 62 26.49 33.36 8.38
N ASN E 63 25.84 33.86 7.32
CA ASN E 63 26.15 35.20 6.81
C ASN E 63 25.75 36.30 7.78
N LEU E 64 24.66 36.08 8.54
CA LEU E 64 24.28 37.04 9.58
C LEU E 64 25.39 37.14 10.62
N LYS E 65 25.97 36.01 11.00
CA LYS E 65 27.07 36.06 11.94
C LYS E 65 28.27 36.77 11.34
N GLN E 66 28.52 36.61 10.04
CA GLN E 66 29.65 37.28 9.42
C GLN E 66 29.46 38.80 9.45
N GLU E 67 28.20 39.27 9.41
CA GLU E 67 27.83 40.67 9.57
C GLU E 67 27.84 41.17 11.01
N GLY E 68 28.12 40.31 11.98
CA GLY E 68 28.16 40.67 13.39
C GLY E 68 26.86 40.43 14.14
N LYS E 69 25.85 39.91 13.48
CA LYS E 69 24.64 39.53 14.18
C LYS E 69 24.85 38.19 14.87
N LYS E 70 23.83 37.75 15.64
CA LYS E 70 23.97 36.59 16.48
C LYS E 70 22.83 35.61 16.19
N VAL E 71 23.07 34.35 16.53
CA VAL E 71 22.08 33.29 16.34
C VAL E 71 21.78 32.69 17.71
N PHE E 72 20.52 32.78 18.12
CA PHE E 72 20.04 32.30 19.41
C PHE E 72 19.19 31.07 19.18
N ALA E 73 19.52 30.00 19.89
CA ALA E 73 18.76 28.76 19.84
C ALA E 73 17.86 28.62 21.05
N THR E 74 16.62 28.22 20.81
CA THR E 74 15.62 28.12 21.88
C THR E 74 14.90 26.79 21.79
N PHE E 75 14.22 26.43 22.88
CA PHE E 75 13.47 25.19 22.93
C PHE E 75 12.07 25.37 23.49
N CYS E 76 11.61 26.59 23.69
CA CYS E 76 10.30 26.83 24.29
C CYS E 76 9.70 28.06 23.64
N VAL E 77 8.38 28.03 23.48
CA VAL E 77 7.69 29.19 22.91
C VAL E 77 7.75 30.39 23.82
N TYR E 78 8.19 30.20 25.07
CA TYR E 78 8.20 31.28 26.06
C TYR E 78 9.40 32.23 25.89
N VAL E 79 10.47 31.78 25.26
CA VAL E 79 11.58 32.71 24.99
C VAL E 79 11.13 33.79 24.02
N PRO E 80 11.38 35.07 24.26
CA PRO E 80 10.76 36.09 23.40
C PRO E 80 11.53 36.29 22.09
N GLU E 81 11.06 35.61 21.05
CA GLU E 81 11.54 35.89 19.69
C GLU E 81 11.57 37.37 19.36
N GLU E 82 10.61 38.12 19.88
CA GLU E 82 10.48 39.53 19.54
C GLU E 82 11.73 40.33 19.89
N ILE E 83 12.29 40.08 21.07
CA ILE E 83 13.44 40.81 21.55
C ILE E 83 14.68 40.44 20.73
N ILE E 84 14.86 39.15 20.49
CA ILE E 84 15.97 38.72 19.64
C ILE E 84 15.84 39.36 18.26
N ASN E 85 14.67 39.28 17.65
CA ASN E 85 14.62 39.75 16.27
C ASN E 85 14.78 41.27 16.19
N ALA E 86 14.44 41.98 17.27
CA ALA E 86 14.54 43.44 17.27
C ALA E 86 15.94 43.90 16.94
N THR E 87 16.95 43.15 17.35
CA THR E 87 18.34 43.50 17.18
C THR E 87 18.88 43.10 15.83
N GLY E 88 18.07 42.42 15.01
CA GLY E 88 18.54 41.87 13.77
C GLY E 88 19.19 40.52 13.91
N SER E 89 19.29 40.01 15.12
CA SER E 89 19.76 38.66 15.32
C SER E 89 18.64 37.67 15.00
N ALA E 90 19.03 36.40 14.94
CA ALA E 90 18.15 35.32 14.55
C ALA E 90 17.80 34.46 15.76
N CYS E 91 16.56 33.95 15.71
CA CYS E 91 16.02 33.02 16.71
C CYS E 91 15.52 31.78 16.02
N ILE E 92 16.01 30.62 16.47
CA ILE E 92 15.65 29.33 15.89
C ILE E 92 15.31 28.39 17.02
N GLY E 93 14.26 27.55 16.82
CA GLY E 93 13.86 26.59 17.79
C GLY E 93 14.41 25.24 17.41
N LEU E 94 15.19 24.65 18.32
CA LEU E 94 15.92 23.43 18.02
C LEU E 94 15.44 22.23 18.84
N CYS E 95 14.16 22.23 19.23
CA CYS E 95 13.65 21.02 19.91
C CYS E 95 13.83 19.79 18.98
N GLY E 96 14.37 18.73 19.57
CA GLY E 96 14.73 17.58 18.77
C GLY E 96 13.57 16.66 18.43
N GLY E 97 13.69 16.02 17.29
CA GLY E 97 12.62 15.19 16.76
C GLY E 97 13.08 13.87 16.19
N ALA E 98 14.34 13.50 16.41
CA ALA E 98 15.00 12.40 15.73
C ALA E 98 15.50 11.34 16.70
N GLN E 99 15.14 10.09 16.42
CA GLN E 99 15.67 8.98 17.20
C GLN E 99 17.16 8.77 16.95
N TYR E 100 17.66 9.17 15.78
CA TYR E 100 19.07 8.90 15.47
C TYR E 100 20.00 9.41 16.58
N THR E 101 19.65 10.55 17.19
CA THR E 101 20.56 11.20 18.14
C THR E 101 20.27 10.83 19.59
N VAL E 102 19.27 9.99 19.87
CA VAL E 102 18.92 9.71 21.26
C VAL E 102 20.06 8.98 21.94
N PRO E 103 20.72 8.00 21.32
CA PRO E 103 21.77 7.29 22.05
C PRO E 103 22.89 8.22 22.47
N ALA E 104 23.23 9.20 21.63
CA ALA E 104 24.28 10.14 22.01
C ALA E 104 23.85 10.97 23.22
N GLY E 105 22.60 11.40 23.25
CA GLY E 105 22.15 12.15 24.39
C GLY E 105 22.19 11.33 25.65
N GLU E 106 21.98 10.02 25.52
CA GLU E 106 22.00 9.15 26.67
C GLU E 106 23.40 8.99 27.24
N THR E 107 24.43 9.54 26.58
CA THR E 107 25.76 9.51 27.19
C THR E 107 25.83 10.45 28.40
N VAL E 108 24.93 11.43 28.48
CA VAL E 108 24.96 12.38 29.57
C VAL E 108 23.61 12.52 30.25
N LEU E 109 22.57 11.93 29.69
CA LEU E 109 21.23 12.04 30.24
C LEU E 109 20.68 10.65 30.57
N PRO E 110 19.74 10.57 31.51
CA PRO E 110 19.04 9.29 31.74
C PRO E 110 18.30 8.85 30.50
N ARG E 111 18.21 7.53 30.30
CA ARG E 111 17.41 7.01 29.20
C ARG E 111 15.93 7.19 29.48
N ASN E 112 15.52 7.26 30.74
CA ASN E 112 14.11 7.47 31.12
C ASN E 112 13.73 8.96 31.10
N LEU E 113 13.94 9.60 29.95
CA LEU E 113 13.75 11.03 29.82
C LEU E 113 13.11 11.28 28.46
N CYS E 114 12.44 12.38 28.37
CA CYS E 114 11.73 12.77 27.16
C CYS E 114 12.66 12.68 25.94
N PRO E 115 12.22 12.06 24.85
CA PRO E 115 13.06 11.99 23.64
C PRO E 115 13.40 13.35 23.08
N LEU E 116 12.54 14.35 23.26
CA LEU E 116 12.83 15.68 22.74
C LEU E 116 14.15 16.16 23.30
N ILE E 117 14.33 16.01 24.61
CA ILE E 117 15.53 16.54 25.24
C ILE E 117 16.74 15.70 24.85
N LYS E 118 16.60 14.39 24.91
CA LYS E 118 17.71 13.50 24.60
C LYS E 118 18.19 13.70 23.17
N SER E 119 17.26 13.92 22.24
CA SER E 119 17.60 14.07 20.83
C SER E 119 18.32 15.38 20.59
N ALA E 120 17.87 16.48 21.21
CA ALA E 120 18.57 17.76 21.06
C ALA E 120 19.97 17.67 21.65
N MET E 121 20.10 17.08 22.83
CA MET E 121 21.41 16.89 23.42
C MET E 121 22.32 16.13 22.47
N GLY E 122 21.82 15.01 21.91
CA GLY E 122 22.65 14.22 21.00
C GLY E 122 23.09 14.98 19.75
N PHE E 123 22.19 15.81 19.20
CA PHE E 123 22.53 16.63 18.06
C PHE E 123 23.72 17.51 18.35
N LYS E 124 23.73 18.19 19.51
CA LYS E 124 24.87 19.06 19.87
C LYS E 124 26.16 18.25 20.12
N ILE E 125 26.07 17.23 21.00
CA ILE E 125 27.22 16.43 21.37
C ILE E 125 27.91 15.84 20.14
N GLU E 126 27.15 15.20 19.27
CA GLU E 126 27.78 14.58 18.11
C GLU E 126 28.10 15.58 17.00
N ARG E 127 27.68 16.83 17.11
CA ARG E 127 27.92 17.85 16.08
C ARG E 127 27.26 17.45 14.77
N ILE E 128 26.04 16.91 14.84
CA ILE E 128 25.31 16.50 13.64
C ILE E 128 24.47 17.62 13.06
N CYS E 129 24.03 18.61 13.87
CA CYS E 129 23.07 19.60 13.39
C CYS E 129 23.75 20.89 12.96
N PRO E 130 23.64 21.31 11.71
CA PRO E 130 24.26 22.60 11.32
C PRO E 130 23.63 23.79 12.02
N TYR E 131 22.31 23.77 12.25
CA TYR E 131 21.68 24.85 13.02
C TYR E 131 22.28 24.93 14.42
N PHE E 132 22.38 23.78 15.09
CA PHE E 132 22.99 23.80 16.42
C PHE E 132 24.46 24.21 16.34
N GLN E 133 25.13 23.91 15.24
CA GLN E 133 26.55 24.26 15.13
C GLN E 133 26.76 25.76 14.87
N VAL E 134 25.84 26.39 14.16
CA VAL E 134 25.96 27.82 13.87
C VAL E 134 25.42 28.71 14.99
N ALA E 135 24.72 28.13 15.96
CA ALA E 135 24.12 28.97 16.99
C ALA E 135 25.18 29.53 17.91
N ASP E 136 25.06 30.81 18.24
CA ASP E 136 25.96 31.44 19.22
C ASP E 136 25.58 31.08 20.64
N TYR E 137 24.28 31.10 20.97
CA TYR E 137 23.82 30.89 22.33
C TYR E 137 22.57 30.02 22.36
N VAL E 138 22.39 29.32 23.48
CA VAL E 138 21.14 28.64 23.79
C VAL E 138 20.46 29.43 24.90
N VAL E 139 19.15 29.59 24.78
CA VAL E 139 18.31 30.15 25.82
C VAL E 139 17.39 29.04 26.31
N GLY E 140 17.69 28.55 27.53
CA GLY E 140 16.88 27.56 28.18
C GLY E 140 15.90 28.18 29.16
N GLU E 141 14.90 27.40 29.52
CA GLU E 141 13.86 27.87 30.43
C GLU E 141 13.61 26.82 31.51
N THR E 142 13.06 27.27 32.63
CA THR E 142 12.81 26.37 33.76
C THR E 142 11.39 25.84 33.68
N THR E 143 11.18 24.96 32.72
CA THR E 143 9.88 24.31 32.54
C THR E 143 9.91 22.91 33.13
N CYS E 144 10.10 21.90 32.29
CA CYS E 144 10.09 20.50 32.71
C CYS E 144 11.34 20.22 33.50
N ASP E 145 11.32 19.11 34.25
CA ASP E 145 12.50 18.74 35.04
C ASP E 145 13.69 18.40 34.16
N GLY E 146 13.44 17.65 33.09
CA GLY E 146 14.54 17.22 32.24
C GLY E 146 15.23 18.38 31.54
N LYS E 147 14.45 19.37 31.11
CA LYS E 147 15.02 20.52 30.42
C LYS E 147 15.86 21.36 31.38
N LYS E 148 15.27 21.74 32.51
CA LYS E 148 15.97 22.50 33.55
C LYS E 148 17.31 21.87 33.89
N LYS E 149 17.34 20.57 34.12
CA LYS E 149 18.56 19.93 34.60
C LYS E 149 19.50 19.65 33.43
N ALA E 150 18.97 19.48 32.22
CA ALA E 150 19.82 19.29 31.06
C ALA E 150 20.58 20.55 30.71
N TRP E 151 19.99 21.73 31.00
CA TRP E 151 20.68 22.96 30.64
C TRP E 151 22.04 23.06 31.34
N GLU E 152 22.13 22.58 32.58
CA GLU E 152 23.38 22.57 33.31
C GLU E 152 24.44 21.74 32.60
N ILE E 153 24.03 20.66 31.95
CA ILE E 153 24.95 19.84 31.17
C ILE E 153 25.24 20.49 29.83
N LEU E 154 24.20 20.97 29.15
CA LEU E 154 24.39 21.54 27.82
C LEU E 154 25.34 22.74 27.86
N ASN E 155 25.38 23.46 28.99
CA ASN E 155 26.23 24.63 29.11
C ASN E 155 27.70 24.32 28.85
N GLU E 156 28.13 23.09 29.11
CA GLU E 156 29.51 22.72 28.79
C GLU E 156 29.80 22.71 27.29
N TYR E 157 28.81 22.57 26.43
CA TYR E 157 29.05 22.52 24.98
C TYR E 157 28.74 23.82 24.25
N ILE E 158 28.04 24.73 24.90
CA ILE E 158 27.55 25.96 24.28
C ILE E 158 26.96 26.77 25.42
N PRO E 159 27.17 28.10 25.42
CA PRO E 159 26.67 28.90 26.55
C PRO E 159 25.17 28.85 26.58
N VAL E 160 24.62 28.52 27.75
CA VAL E 160 23.17 28.50 27.98
C VAL E 160 22.79 29.61 28.94
N TYR E 161 21.84 30.46 28.54
CA TYR E 161 21.23 31.45 29.41
C TYR E 161 19.87 30.90 29.81
N VAL E 162 19.62 30.81 31.11
CA VAL E 162 18.41 30.16 31.62
C VAL E 162 17.45 31.22 32.12
N MET E 163 16.27 31.27 31.52
CA MET E 163 15.19 32.14 31.95
C MET E 163 14.35 31.37 32.98
N GLU E 164 14.09 32.02 34.11
CA GLU E 164 13.33 31.35 35.16
C GLU E 164 11.86 31.64 34.90
N LEU E 165 11.17 30.69 34.29
CA LEU E 165 9.71 30.81 34.19
C LEU E 165 9.07 30.33 35.49
N PRO E 166 8.12 31.09 36.06
CA PRO E 166 7.39 30.61 37.24
C PRO E 166 6.42 29.49 36.89
N GLN E 167 5.72 28.99 37.93
CA GLN E 167 4.90 27.79 37.86
C GLN E 167 3.42 28.04 38.13
N LYS E 168 3.08 29.28 38.44
CA LYS E 168 1.70 29.74 38.49
C LYS E 168 1.56 31.04 37.70
N LYS E 169 0.33 31.54 37.61
CA LYS E 169 0.03 32.72 36.81
C LYS E 169 -0.68 33.78 37.64
N GLU E 170 -0.34 33.87 38.90
CA GLU E 170 -0.85 34.94 39.76
C GLU E 170 0.00 36.20 39.60
N GLU E 171 -0.45 37.27 40.24
CA GLU E 171 0.16 38.59 40.04
C GLU E 171 1.64 38.57 40.39
N ARG E 172 2.00 37.93 41.49
CA ARG E 172 3.40 37.79 41.84
C ARG E 172 4.18 37.08 40.75
N ASP E 173 3.64 35.97 40.21
CA ASP E 173 4.30 35.27 39.12
C ASP E 173 4.46 36.15 37.89
N ARG E 174 3.41 36.90 37.53
CA ARG E 174 3.42 37.73 36.34
C ARG E 174 4.50 38.82 36.45
N LYS E 175 4.64 39.41 37.64
CA LYS E 175 5.64 40.44 37.83
C LYS E 175 7.03 39.81 37.78
N PHE E 176 7.21 38.67 38.46
CA PHE E 176 8.45 37.88 38.36
C PHE E 176 8.86 37.66 36.91
N TRP E 177 7.91 37.27 36.05
CA TRP E 177 8.23 36.94 34.68
C TRP E 177 8.59 38.19 33.90
N GLU E 178 7.92 39.30 34.18
CA GLU E 178 8.30 40.59 33.61
C GLU E 178 9.76 40.90 33.90
N GLU E 179 10.20 40.72 35.15
CA GLU E 179 11.62 40.95 35.48
C GLU E 179 12.55 40.01 34.73
N GLU E 180 12.15 38.74 34.59
CA GLU E 180 12.97 37.82 33.79
C GLU E 180 13.09 38.30 32.35
N ILE E 181 11.99 38.78 31.79
CA ILE E 181 12.05 39.29 30.41
C ILE E 181 12.98 40.50 30.30
N LYS E 182 12.96 41.37 31.30
CA LYS E 182 13.85 42.55 31.28
C LYS E 182 15.32 42.14 31.43
N ASP E 183 15.61 41.20 32.31
CA ASP E 183 16.95 40.64 32.41
C ASP E 183 17.40 40.04 31.09
N PHE E 184 16.54 39.25 30.44
CA PHE E 184 16.90 38.66 29.16
C PHE E 184 17.16 39.73 28.09
N ALA E 185 16.33 40.78 28.07
CA ALA E 185 16.53 41.84 27.10
C ALA E 185 17.91 42.48 27.27
N GLN E 186 18.30 42.72 28.52
CA GLN E 186 19.63 43.25 28.77
CA GLN E 186 19.63 43.23 28.82
C GLN E 186 20.71 42.27 28.31
N PHE E 187 20.50 40.97 28.50
CA PHE E 187 21.46 39.97 28.00
C PHE E 187 21.61 40.05 26.48
N VAL E 188 20.49 40.19 25.77
CA VAL E 188 20.51 40.24 24.31
C VAL E 188 21.21 41.50 23.83
N GLU E 189 20.95 42.62 24.48
CA GLU E 189 21.67 43.86 24.21
C GLU E 189 23.18 43.69 24.38
N GLU E 190 23.60 43.20 25.53
CA GLU E 190 25.03 42.94 25.74
C GLU E 190 25.64 42.10 24.63
N LYS E 191 25.01 40.96 24.29
CA LYS E 191 25.67 40.02 23.40
C LYS E 191 25.71 40.55 21.98
N THR E 192 24.64 41.20 21.56
CA THR E 192 24.55 41.75 20.21
C THR E 192 25.21 43.11 20.09
N GLY E 193 25.27 43.87 21.16
CA GLY E 193 25.69 45.25 21.10
C GLY E 193 24.66 46.16 20.48
N VAL E 194 23.43 45.70 20.29
CA VAL E 194 22.35 46.51 19.71
C VAL E 194 21.37 46.89 20.81
N LYS E 195 21.28 48.18 21.07
CA LYS E 195 20.38 48.64 22.11
C LYS E 195 18.94 48.58 21.63
N LEU E 196 18.06 48.07 22.49
CA LEU E 196 16.63 48.12 22.19
C LEU E 196 16.12 49.55 22.31
N ASN E 197 15.34 49.98 21.32
CA ASN E 197 14.65 51.25 21.37
C ASN E 197 13.23 51.03 20.82
N ALA E 198 12.43 52.10 20.84
CA ALA E 198 11.02 51.94 20.51
C ALA E 198 10.83 51.49 19.07
N GLU E 199 11.72 51.93 18.17
CA GLU E 199 11.58 51.58 16.77
C GLU E 199 11.93 50.11 16.52
N ASN E 200 13.09 49.65 16.98
CA ASN E 200 13.48 48.29 16.61
C ASN E 200 12.71 47.24 17.40
N LEU E 201 12.30 47.55 18.63
CA LEU E 201 11.47 46.57 19.34
C LEU E 201 10.07 46.51 18.76
N ARG E 202 9.50 47.65 18.38
CA ARG E 202 8.24 47.60 17.65
C ARG E 202 8.36 46.76 16.38
N ALA E 203 9.45 46.93 15.64
CA ALA E 203 9.64 46.19 14.40
C ALA E 203 9.79 44.69 14.67
N GLY E 204 10.47 44.32 15.75
CA GLY E 204 10.58 42.91 16.08
C GLY E 204 9.25 42.32 16.48
N ILE E 205 8.47 43.06 17.30
CA ILE E 205 7.10 42.66 17.59
C ILE E 205 6.28 42.46 16.31
N GLU E 206 6.38 43.41 15.39
CA GLU E 206 5.53 43.29 14.20
C GLU E 206 5.93 42.09 13.35
N LYS E 207 7.23 41.84 13.24
CA LYS E 207 7.72 40.73 12.45
C LYS E 207 7.20 39.41 13.01
N ILE E 208 7.27 39.21 14.32
CA ILE E 208 6.84 37.93 14.88
C ILE E 208 5.31 37.85 14.95
N ASN E 209 4.63 38.98 15.22
CA ASN E 209 3.17 38.98 15.19
C ASN E 209 2.66 38.59 13.79
N LYS E 210 3.35 39.04 12.75
CA LYS E 210 2.92 38.74 11.39
C LYS E 210 3.07 37.25 11.09
N LYS E 211 4.15 36.64 11.57
CA LYS E 211 4.29 35.20 11.46
C LYS E 211 3.17 34.49 12.23
N ARG E 212 2.94 34.87 13.49
CA ARG E 212 1.89 34.20 14.25
C ARG E 212 0.54 34.36 13.54
N LYS E 213 0.25 35.57 13.06
CA LYS E 213 -1.01 35.87 12.38
C LYS E 213 -1.21 35.00 11.15
N ALA E 214 -0.16 34.80 10.36
CA ALA E 214 -0.26 33.90 9.22
C ALA E 214 -0.58 32.46 9.65
N LEU E 215 0.04 31.97 10.71
CA LEU E 215 -0.30 30.64 11.18
C LEU E 215 -1.71 30.57 11.75
N LYS E 216 -2.16 31.66 12.42
CA LYS E 216 -3.53 31.70 12.90
C LYS E 216 -4.51 31.63 11.73
N ARG E 217 -4.21 32.36 10.65
CA ARG E 217 -5.05 32.34 9.46
C ARG E 217 -5.15 30.92 8.89
N LEU E 218 -4.00 30.26 8.77
CA LEU E 218 -3.96 28.88 8.31
C LEU E 218 -4.80 27.99 9.21
N SER E 219 -4.65 28.15 10.53
CA SER E 219 -5.42 27.27 11.44
C SER E 219 -6.92 27.49 11.31
N ASP E 220 -7.33 28.74 11.12
CA ASP E 220 -8.74 29.04 11.01
C ASP E 220 -9.36 28.38 9.79
N LEU E 221 -8.61 28.32 8.68
CA LEU E 221 -9.13 27.71 7.49
C LEU E 221 -9.44 26.23 7.66
N ARG E 222 -8.78 25.54 8.61
CA ARG E 222 -9.02 24.11 8.85
C ARG E 222 -10.40 23.82 9.49
N LYS E 223 -11.12 24.88 9.88
CA LYS E 223 -12.46 24.70 10.40
C LYS E 223 -13.47 24.31 9.32
N HIS E 224 -13.14 24.49 8.05
CA HIS E 224 -14.12 24.22 6.99
C HIS E 224 -14.24 22.72 6.73
N ASN E 225 -15.30 22.38 6.07
CA ASN E 225 -15.74 21.02 5.82
C ASN E 225 -16.19 20.97 4.36
N PRO E 226 -15.57 20.15 3.50
CA PRO E 226 -14.41 19.29 3.80
C PRO E 226 -13.10 20.02 4.11
N ALA E 227 -12.29 19.41 4.94
CA ALA E 227 -11.00 19.95 5.30
C ALA E 227 -10.24 20.31 4.03
N PRO E 228 -9.81 21.56 3.88
CA PRO E 228 -9.10 21.97 2.66
C PRO E 228 -7.65 21.52 2.57
N ILE E 229 -7.09 20.95 3.63
CA ILE E 229 -5.68 20.63 3.69
C ILE E 229 -5.53 19.56 4.75
N HIS E 230 -4.66 18.59 4.48
CA HIS E 230 -4.33 17.56 5.47
C HIS E 230 -3.56 18.18 6.63
N GLY E 231 -3.83 17.69 7.84
CA GLY E 231 -3.17 18.20 9.01
C GLY E 231 -1.67 17.97 8.96
N LEU E 232 -1.24 16.88 8.34
CA LEU E 232 0.21 16.60 8.28
C LEU E 232 0.97 17.73 7.58
N ASP E 233 0.35 18.34 6.56
CA ASP E 233 0.99 19.45 5.87
C ASP E 233 1.09 20.66 6.78
N VAL E 234 0.03 20.91 7.58
CA VAL E 234 0.09 22.06 8.49
C VAL E 234 1.09 21.83 9.63
N LEU E 235 1.14 20.61 10.13
CA LEU E 235 2.18 20.30 11.09
C LEU E 235 3.55 20.69 10.55
N LEU E 236 3.87 20.25 9.33
CA LEU E 236 5.18 20.54 8.75
C LEU E 236 5.43 22.05 8.69
N ILE E 237 4.41 22.81 8.33
CA ILE E 237 4.52 24.26 8.27
C ILE E 237 4.80 24.84 9.64
N ASN E 238 4.04 24.40 10.65
CA ASN E 238 4.22 24.84 12.03
C ASN E 238 5.57 24.43 12.57
N GLN E 239 6.08 23.29 12.11
CA GLN E 239 7.44 22.93 12.49
C GLN E 239 8.45 23.89 11.88
N LEU E 240 8.25 24.26 10.60
CA LEU E 240 9.27 25.02 9.89
C LEU E 240 9.29 26.47 10.35
N ALA E 241 8.24 26.92 11.03
CA ALA E 241 8.18 28.23 11.61
C ALA E 241 9.34 28.49 12.54
N PHE E 242 9.95 27.45 13.10
CA PHE E 242 11.02 27.59 14.06
C PHE E 242 12.39 27.69 13.41
N PHE E 243 12.48 27.55 12.10
CA PHE E 243 13.76 27.59 11.40
C PHE E 243 13.82 28.72 10.38
N ASP E 244 12.70 29.07 9.74
CA ASP E 244 12.68 29.91 8.57
C ASP E 244 12.82 31.40 8.91
N ASP E 245 13.16 32.18 7.89
CA ASP E 245 13.12 33.64 7.96
C ASP E 245 11.69 34.08 8.23
N PRO E 246 11.42 34.83 9.32
CA PRO E 246 10.01 35.12 9.66
C PRO E 246 9.29 35.84 8.56
N GLU E 247 9.92 36.76 7.87
CA GLU E 247 9.23 37.52 6.82
C GLU E 247 8.89 36.65 5.61
N ARG E 248 9.84 35.84 5.17
CA ARG E 248 9.61 34.96 4.03
C ARG E 248 8.57 33.89 4.37
N PHE E 249 8.78 33.23 5.50
CA PHE E 249 7.81 32.25 6.03
C PHE E 249 6.40 32.82 6.02
N ALA E 250 6.22 34.01 6.60
CA ALA E 250 4.86 34.53 6.70
C ALA E 250 4.26 34.76 5.31
N THR E 251 5.06 35.26 4.38
CA THR E 251 4.55 35.49 3.02
C THR E 251 4.07 34.18 2.39
N LYS E 252 4.89 33.13 2.55
CA LYS E 252 4.59 31.86 1.90
C LYS E 252 3.42 31.18 2.58
N VAL E 253 3.28 31.30 3.90
CA VAL E 253 2.09 30.80 4.56
C VAL E 253 0.84 31.53 4.05
N ASN E 254 0.94 32.85 3.89
CA ASN E 254 -0.21 33.62 3.42
C ASN E 254 -0.59 33.26 1.99
N GLU E 255 0.40 32.98 1.15
CA GLU E 255 0.14 32.50 -0.21
C GLU E 255 -0.61 31.18 -0.19
N LEU E 256 -0.22 30.25 0.68
CA LEU E 256 -1.00 29.03 0.88
C LEU E 256 -2.44 29.35 1.32
N CYS E 257 -2.61 30.26 2.29
CA CYS E 257 -3.97 30.57 2.73
C CYS E 257 -4.81 31.10 1.58
N ASP E 258 -4.27 31.95 0.72
CA ASP E 258 -5.02 32.39 -0.47
C ASP E 258 -5.51 31.19 -1.28
N GLU E 259 -4.64 30.22 -1.54
CA GLU E 259 -5.07 29.03 -2.29
C GLU E 259 -6.16 28.27 -1.53
N LEU E 260 -5.99 28.08 -0.23
CA LEU E 260 -7.00 27.32 0.52
C LEU E 260 -8.34 28.04 0.51
N GLU E 261 -8.34 29.38 0.51
CA GLU E 261 -9.62 30.11 0.48
C GLU E 261 -10.39 29.81 -0.79
N GLU E 262 -9.66 29.67 -1.91
CA GLU E 262 -10.30 29.28 -3.18
C GLU E 262 -10.87 27.86 -3.09
N ARG E 263 -10.14 26.94 -2.45
CA ARG E 263 -10.69 25.60 -2.20
C ARG E 263 -11.96 25.68 -1.38
N VAL E 264 -11.93 26.46 -0.30
CA VAL E 264 -13.10 26.58 0.54
C VAL E 264 -14.29 27.15 -0.23
N ALA E 265 -14.04 28.11 -1.11
CA ALA E 265 -15.11 28.73 -1.90
C ALA E 265 -15.80 27.72 -2.81
N LYS E 266 -15.08 26.73 -3.33
CA LYS E 266 -15.62 25.74 -4.24
C LYS E 266 -16.03 24.45 -3.53
N GLY E 267 -15.99 24.43 -2.20
CA GLY E 267 -16.33 23.22 -1.49
C GLY E 267 -15.40 22.05 -1.71
N GLU E 268 -14.14 22.32 -2.03
CA GLU E 268 -13.13 21.30 -2.23
C GLU E 268 -12.32 21.05 -0.96
N GLY E 269 -11.99 19.79 -0.74
CA GLY E 269 -11.18 19.38 0.39
C GLY E 269 -10.40 18.13 0.09
N VAL E 270 -9.64 17.66 1.07
CA VAL E 270 -8.72 16.55 0.86
C VAL E 270 -9.32 15.24 1.33
N VAL E 271 -10.48 15.29 2.00
CA VAL E 271 -11.19 14.10 2.42
C VAL E 271 -12.67 14.32 2.14
N SER E 272 -13.40 13.23 2.28
CA SER E 272 -14.85 13.25 2.30
C SER E 272 -15.32 13.98 3.54
N LYS E 273 -16.45 14.68 3.41
CA LYS E 273 -17.14 15.26 4.56
C LYS E 273 -17.41 14.25 5.66
N ASP E 274 -17.52 12.97 5.31
CA ASP E 274 -17.81 11.94 6.31
C ASP E 274 -16.57 11.51 7.07
N ALA E 275 -15.37 11.86 6.62
CA ALA E 275 -14.17 11.41 7.33
C ALA E 275 -14.08 12.02 8.74
N PRO E 276 -13.53 11.28 9.70
CA PRO E 276 -13.55 11.77 11.08
C PRO E 276 -12.51 12.88 11.26
N ARG E 277 -12.93 13.98 11.85
CA ARG E 277 -12.07 15.13 12.12
C ARG E 277 -11.50 15.01 13.52
N ILE E 278 -10.18 15.08 13.60
CA ILE E 278 -9.41 14.81 14.80
C ILE E 278 -8.68 16.07 15.26
N LEU E 279 -8.78 16.35 16.55
CA LEU E 279 -7.93 17.30 17.25
C LEU E 279 -6.85 16.56 17.99
N ILE E 280 -5.61 16.98 17.76
CA ILE E 280 -4.48 16.47 18.52
C ILE E 280 -4.22 17.43 19.66
N THR E 281 -3.87 16.91 20.82
CA THR E 281 -3.54 17.74 21.95
C THR E 281 -2.42 17.05 22.72
N GLY E 282 -1.51 17.86 23.27
CA GLY E 282 -0.44 17.34 24.09
C GLY E 282 0.86 18.10 23.88
N THR E 283 1.95 17.32 23.65
CA THR E 283 3.31 17.83 23.51
C THR E 283 3.59 18.27 22.07
N PRO E 284 4.54 19.19 21.89
CA PRO E 284 4.92 19.54 20.50
C PRO E 284 5.54 18.35 19.79
N GLN E 285 5.34 18.35 18.47
CA GLN E 285 5.91 17.34 17.57
C GLN E 285 6.96 18.05 16.71
N PRO E 286 8.21 18.07 17.14
CA PRO E 286 9.22 18.76 16.34
C PRO E 286 9.54 17.94 15.09
N ILE E 287 10.04 18.63 14.07
CA ILE E 287 10.46 17.99 12.84
C ILE E 287 11.59 17.00 13.12
N PRO E 288 11.60 15.78 12.51
CA PRO E 288 10.65 15.22 11.56
C PRO E 288 9.70 14.22 12.21
N HIS E 289 9.17 14.54 13.40
CA HIS E 289 8.28 13.62 14.12
C HIS E 289 6.84 13.67 13.59
N TRP E 290 6.68 13.08 12.41
CA TRP E 290 5.44 13.11 11.66
C TRP E 290 4.50 11.93 11.91
N LYS E 291 4.95 10.95 12.72
CA LYS E 291 4.37 9.62 12.79
C LYS E 291 2.88 9.64 13.14
N ILE E 292 2.48 10.38 14.18
CA ILE E 292 1.09 10.29 14.67
C ILE E 292 0.12 10.89 13.64
N HIS E 293 0.50 12.03 13.06
CA HIS E 293 -0.32 12.59 12.01
C HIS E 293 -0.44 11.63 10.84
N ALA E 294 0.69 11.07 10.42
CA ALA E 294 0.70 10.20 9.25
C ALA E 294 -0.22 9.01 9.47
N LEU E 295 -0.24 8.45 10.67
CA LEU E 295 -1.04 7.26 10.93
C LEU E 295 -2.53 7.58 11.00
N ILE E 296 -2.87 8.76 11.56
CA ILE E 296 -4.26 9.16 11.66
C ILE E 296 -4.86 9.39 10.27
N GLU E 297 -4.11 10.09 9.40
CA GLU E 297 -4.60 10.44 8.09
C GLU E 297 -4.40 9.31 7.10
N GLY E 298 -3.45 8.41 7.37
CA GLY E 298 -3.34 7.24 6.54
C GLY E 298 -4.50 6.26 6.77
N ALA E 299 -5.12 6.29 7.95
CA ALA E 299 -6.33 5.54 8.26
C ALA E 299 -7.64 6.25 7.86
N GLY E 300 -7.54 7.37 7.14
CA GLY E 300 -8.70 8.05 6.59
C GLY E 300 -9.27 9.17 7.46
N GLY E 301 -8.68 9.44 8.59
CA GLY E 301 -9.02 10.61 9.34
C GLY E 301 -8.37 11.87 8.79
N VAL E 302 -8.76 13.01 9.34
CA VAL E 302 -8.08 14.28 9.06
C VAL E 302 -7.87 15.03 10.36
N VAL E 303 -6.62 15.43 10.62
CA VAL E 303 -6.32 16.24 11.79
C VAL E 303 -6.58 17.70 11.43
N VAL E 304 -7.48 18.33 12.19
CA VAL E 304 -7.91 19.67 11.88
C VAL E 304 -7.38 20.68 12.87
N GLY E 305 -6.63 20.26 13.88
CA GLY E 305 -5.90 21.19 14.71
C GLY E 305 -4.99 20.47 15.65
N GLU E 306 -4.05 21.23 16.21
CA GLU E 306 -3.07 20.73 17.18
C GLU E 306 -3.03 21.68 18.37
N GLU E 307 -3.47 21.18 19.54
CA GLU E 307 -3.34 21.95 20.76
C GLU E 307 -1.99 21.56 21.34
N THR E 308 -0.95 22.16 20.77
CA THR E 308 0.41 21.93 21.18
C THR E 308 1.19 23.20 20.83
N CYS E 309 2.45 23.23 21.28
CA CYS E 309 3.37 24.35 21.01
C CYS E 309 3.99 24.31 19.62
N ILE E 310 3.81 23.23 18.88
CA ILE E 310 4.04 23.26 17.44
C ILE E 310 2.67 23.09 16.79
N GLY E 311 1.93 24.18 16.82
CA GLY E 311 0.50 24.22 16.66
C GLY E 311 -0.05 25.41 17.44
N GLU E 312 -1.31 25.29 17.88
CA GLU E 312 -2.07 26.47 18.31
C GLU E 312 -1.37 27.25 19.42
N ARG E 313 -0.74 26.56 20.37
CA ARG E 313 -0.16 27.29 21.49
C ARG E 313 0.96 28.26 21.05
N TYR E 314 1.58 28.00 19.88
CA TYR E 314 2.63 28.90 19.37
C TYR E 314 2.09 30.22 18.84
N PHE E 315 1.03 30.19 18.08
CA PHE E 315 0.63 31.35 17.28
C PHE E 315 -0.68 31.98 17.75
N LYS E 316 -1.29 31.47 18.82
CA LYS E 316 -2.63 31.95 19.18
C LYS E 316 -2.59 33.41 19.64
N ASP E 317 -1.57 33.79 20.39
CA ASP E 317 -1.56 35.07 21.09
C ASP E 317 -0.51 35.99 20.50
N LEU E 318 -0.92 37.18 20.07
CA LEU E 318 -0.03 38.23 19.57
C LEU E 318 0.25 39.28 20.65
N VAL E 319 1.42 39.90 20.52
CA VAL E 319 1.78 40.97 21.44
C VAL E 319 0.90 42.19 21.17
N GLU E 320 0.41 42.82 22.28
CA GLU E 320 -0.30 44.09 22.15
C GLU E 320 0.71 45.23 21.98
N PRO E 321 0.43 46.18 21.12
CA PRO E 321 1.39 47.25 20.90
C PRO E 321 1.45 48.18 22.11
N ALA E 322 2.52 48.98 22.14
CA ALA E 322 2.73 50.03 23.14
C ALA E 322 3.76 50.98 22.57
N ALA E 323 3.82 52.18 23.13
CA ALA E 323 4.61 53.26 22.51
C ALA E 323 6.08 53.24 22.91
N ASP E 324 6.42 52.72 24.08
CA ASP E 324 7.79 52.72 24.54
C ASP E 324 8.29 51.30 24.84
N VAL E 325 9.60 51.24 25.13
CA VAL E 325 10.26 49.95 25.35
C VAL E 325 9.71 49.25 26.60
N GLU E 326 9.52 50.01 27.67
CA GLU E 326 9.02 49.41 28.90
C GLU E 326 7.69 48.71 28.68
N GLY E 327 6.75 49.41 28.02
CA GLY E 327 5.43 48.83 27.74
C GLY E 327 5.45 47.65 26.78
N MET E 328 6.29 47.74 25.73
CA MET E 328 6.45 46.57 24.86
C MET E 328 7.02 45.37 25.61
N LEU E 329 7.98 45.61 26.52
CA LEU E 329 8.51 44.49 27.27
C LEU E 329 7.45 43.85 28.16
N LYS E 330 6.67 44.67 28.88
CA LYS E 330 5.60 44.08 29.68
C LYS E 330 4.60 43.33 28.80
N ASN E 331 4.29 43.89 27.63
CA ASN E 331 3.36 43.24 26.70
C ASN E 331 3.92 41.96 26.10
N ILE E 332 5.24 41.89 25.91
CA ILE E 332 5.86 40.66 25.43
C ILE E 332 5.79 39.58 26.50
N ALA E 333 6.08 39.95 27.75
CA ALA E 333 5.93 39.01 28.86
C ALA E 333 4.49 38.49 28.96
N ALA E 334 3.53 39.42 28.86
CA ALA E 334 2.12 39.06 28.99
C ALA E 334 1.70 38.08 27.88
N ARG E 335 2.16 38.33 26.66
CA ARG E 335 1.79 37.46 25.56
C ARG E 335 2.20 36.02 25.85
N SER E 336 3.45 35.83 26.30
CA SER E 336 3.96 34.49 26.53
C SER E 336 3.23 33.79 27.65
N LEU E 337 2.81 34.54 28.67
CA LEU E 337 2.13 33.91 29.80
C LEU E 337 0.69 33.48 29.46
N LYS E 338 0.18 33.82 28.28
CA LYS E 338 -1.11 33.27 27.82
C LYS E 338 -0.98 31.81 27.40
N VAL E 339 0.23 31.31 27.27
CA VAL E 339 0.44 29.95 26.82
C VAL E 339 0.15 29.00 27.97
N ASN E 340 -0.81 28.12 27.76
CA ASN E 340 -1.28 27.23 28.81
C ASN E 340 -0.53 25.90 28.80
N CYS E 341 0.75 26.00 29.11
CA CYS E 341 1.58 24.80 29.19
C CYS E 341 1.30 24.03 30.49
N ALA E 342 1.43 22.69 30.40
CA ALA E 342 1.18 21.81 31.55
C ALA E 342 2.20 21.99 32.67
N CYS E 343 3.25 22.78 32.48
CA CYS E 343 4.18 23.05 33.57
CA CYS E 343 4.18 23.06 33.56
C CYS E 343 3.62 24.07 34.57
N PHE E 344 2.52 24.73 34.24
CA PHE E 344 1.80 25.61 35.16
C PHE E 344 0.76 24.80 35.95
N THR E 345 0.49 25.25 37.18
CA THR E 345 -0.50 24.62 38.04
C THR E 345 -1.38 25.73 38.61
N PRO E 346 -2.72 25.61 38.51
CA PRO E 346 -3.41 24.60 37.71
C PRO E 346 -3.27 25.10 36.29
N ASN E 347 -3.62 24.27 35.34
CA ASN E 347 -3.54 24.68 33.93
C ASN E 347 -4.91 24.53 33.27
N THR E 348 -5.92 25.06 33.96
CA THR E 348 -7.30 24.84 33.55
C THR E 348 -7.60 25.53 32.24
N GLY E 349 -6.88 26.60 31.91
CA GLY E 349 -7.10 27.25 30.61
C GLY E 349 -6.83 26.34 29.42
N ARG E 350 -5.88 25.42 29.57
CA ARG E 350 -5.62 24.47 28.50
C ARG E 350 -6.88 23.65 28.22
N LEU E 351 -7.55 23.22 29.29
CA LEU E 351 -8.75 22.41 29.12
C LEU E 351 -9.84 23.22 28.43
N GLU E 352 -9.92 24.52 28.74
CA GLU E 352 -10.92 25.34 28.05
C GLU E 352 -10.56 25.57 26.58
N ASP E 353 -9.27 25.72 26.27
CA ASP E 353 -8.81 25.79 24.87
C ASP E 353 -9.20 24.52 24.10
N ILE E 354 -8.93 23.36 24.68
CA ILE E 354 -9.30 22.10 24.05
C ILE E 354 -10.80 22.06 23.78
N LEU E 355 -11.63 22.39 24.77
CA LEU E 355 -13.07 22.31 24.59
C LEU E 355 -13.55 23.28 23.52
N SER E 356 -12.94 24.46 23.46
CA SER E 356 -13.30 25.49 22.50
C SER E 356 -12.92 25.04 21.09
N MET E 357 -11.70 24.50 20.95
CA MET E 357 -11.27 23.93 19.68
C MET E 357 -12.19 22.81 19.21
N VAL E 358 -12.64 21.96 20.11
CA VAL E 358 -13.55 20.89 19.71
C VAL E 358 -14.77 21.46 19.00
N GLN E 359 -15.34 22.54 19.54
CA GLN E 359 -16.51 23.19 18.98
C GLN E 359 -16.18 24.02 17.76
N LYS E 360 -15.10 24.79 17.79
CA LYS E 360 -14.75 25.63 16.65
C LYS E 360 -14.36 24.80 15.45
N LEU E 361 -13.71 23.65 15.67
CA LEU E 361 -13.24 22.83 14.55
C LEU E 361 -14.17 21.66 14.28
N GLN E 362 -15.24 21.52 15.05
CA GLN E 362 -16.22 20.46 14.88
C GLN E 362 -15.55 19.09 14.83
N VAL E 363 -14.94 18.77 15.89
CA VAL E 363 -14.08 17.60 16.04
C VAL E 363 -14.92 16.39 16.40
N ASP E 364 -14.61 15.28 15.75
CA ASP E 364 -15.24 13.99 16.05
C ASP E 364 -14.52 13.20 17.13
N GLY E 365 -13.27 13.49 17.39
CA GLY E 365 -12.55 12.78 18.43
C GLY E 365 -11.30 13.53 18.76
N VAL E 366 -10.83 13.36 19.98
CA VAL E 366 -9.66 14.07 20.49
C VAL E 366 -8.63 12.99 20.78
N ILE E 367 -7.44 13.13 20.21
CA ILE E 367 -6.31 12.25 20.45
C ILE E 367 -5.27 13.05 21.23
N HIS E 368 -5.09 12.65 22.48
CA HIS E 368 -4.11 13.25 23.37
C HIS E 368 -2.80 12.51 23.20
N TYR E 369 -1.81 13.17 22.59
CA TYR E 369 -0.52 12.52 22.33
C TYR E 369 0.57 13.24 23.10
N SER E 370 1.28 12.50 23.95
CA SER E 370 2.40 13.06 24.70
C SER E 370 3.61 12.13 24.61
N LEU E 371 4.81 12.73 24.60
CA LEU E 371 6.01 11.93 24.45
C LEU E 371 6.27 11.12 25.72
N GLN E 372 6.76 9.89 25.52
CA GLN E 372 7.15 9.00 26.63
C GLN E 372 8.09 9.72 27.62
N PHE E 373 7.74 9.61 28.91
CA PHE E 373 8.44 10.25 30.03
C PHE E 373 8.27 11.77 30.09
N CYS E 374 7.33 12.33 29.33
CA CYS E 374 6.98 13.73 29.55
C CYS E 374 5.98 13.72 30.70
N GLN E 375 6.44 14.05 31.91
CA GLN E 375 5.57 13.92 33.06
C GLN E 375 4.56 15.05 33.15
N PRO E 376 4.89 16.31 32.85
CA PRO E 376 3.84 17.33 32.94
C PRO E 376 2.60 16.97 32.12
N TYR E 377 2.80 16.59 30.85
CA TYR E 377 1.66 16.30 30.00
C TYR E 377 1.15 14.89 30.24
N GLY E 378 2.05 13.95 30.58
CA GLY E 378 1.59 12.61 30.92
C GLY E 378 0.63 12.62 32.11
N VAL E 379 1.01 13.31 33.19
CA VAL E 379 0.17 13.30 34.39
C VAL E 379 -1.12 14.08 34.14
N GLU E 380 -1.02 15.25 33.49
CA GLU E 380 -2.19 16.07 33.27
C GLU E 380 -3.21 15.38 32.37
N SER E 381 -2.79 14.38 31.58
CA SER E 381 -3.72 13.71 30.67
C SER E 381 -4.91 13.08 31.40
N TYR E 382 -4.72 12.75 32.69
CA TYR E 382 -5.80 12.17 33.49
C TYR E 382 -6.99 13.13 33.62
N LEU E 383 -6.71 14.35 34.03
CA LEU E 383 -7.81 15.26 34.30
C LEU E 383 -8.44 15.72 33.01
N VAL E 384 -7.65 15.88 31.96
CA VAL E 384 -8.19 16.27 30.68
C VAL E 384 -9.10 15.19 30.14
N GLY E 385 -8.63 13.94 30.16
CA GLY E 385 -9.50 12.83 29.74
C GLY E 385 -10.80 12.75 30.53
N ARG E 386 -10.72 12.94 31.86
CA ARG E 386 -11.92 12.87 32.69
CA ARG E 386 -11.92 12.86 32.68
C ARG E 386 -12.94 13.93 32.29
N GLU E 387 -12.48 15.14 32.01
CA GLU E 387 -13.43 16.20 31.64
C GLU E 387 -14.05 15.94 30.28
N LEU E 388 -13.24 15.52 29.29
CA LEU E 388 -13.81 15.27 27.97
C LEU E 388 -14.78 14.11 27.99
N GLU E 389 -14.57 13.12 28.87
CA GLU E 389 -15.49 12.01 28.95
CA GLU E 389 -15.47 11.99 29.02
C GLU E 389 -16.82 12.42 29.59
N ARG E 390 -16.79 13.28 30.63
CA ARG E 390 -18.08 13.72 31.14
C ARG E 390 -18.80 14.67 30.17
N ARG E 391 -18.09 15.21 29.16
CA ARG E 391 -18.70 15.99 28.10
C ARG E 391 -19.03 15.15 26.90
N ASN E 392 -18.83 13.82 26.99
CA ASN E 392 -19.14 12.89 25.92
C ASN E 392 -18.35 13.21 24.66
N ILE E 393 -17.09 13.58 24.83
CA ILE E 393 -16.20 13.86 23.71
C ILE E 393 -15.28 12.65 23.60
N PRO E 394 -15.30 11.92 22.48
CA PRO E 394 -14.39 10.78 22.34
C PRO E 394 -12.94 11.18 22.53
N PHE E 395 -12.23 10.38 23.31
CA PHE E 395 -10.87 10.66 23.77
C PHE E 395 -10.02 9.41 23.62
N LEU E 396 -8.89 9.56 22.94
CA LEU E 396 -7.84 8.54 22.89
C LEU E 396 -6.51 9.10 23.40
N LYS E 397 -5.93 8.42 24.38
CA LYS E 397 -4.61 8.78 24.90
C LYS E 397 -3.54 7.91 24.26
N LEU E 398 -2.53 8.55 23.69
CA LEU E 398 -1.42 7.88 23.07
C LEU E 398 -0.11 8.45 23.61
N GLU E 399 0.90 7.57 23.65
CA GLU E 399 2.26 7.95 23.96
C GLU E 399 3.23 7.17 23.08
N SER E 400 4.34 7.79 22.75
CA SER E 400 5.40 7.11 22.02
C SER E 400 6.71 7.87 22.23
N ASP E 401 7.75 7.39 21.57
CA ASP E 401 9.00 8.11 21.43
C ASP E 401 9.29 8.28 19.95
N PHE E 402 10.52 8.69 19.63
CA PHE E 402 10.87 8.99 18.25
C PHE E 402 11.21 7.75 17.42
N SER E 403 11.38 6.61 18.07
CA SER E 403 11.61 5.38 17.32
C SER E 403 10.40 5.10 16.44
N GLU E 404 10.63 4.92 15.13
CA GLU E 404 9.57 4.94 14.14
C GLU E 404 8.80 3.63 14.02
N GLU E 405 9.25 2.54 14.63
CA GLU E 405 8.79 1.21 14.19
C GLU E 405 7.73 0.59 15.10
N ASP E 406 7.19 1.35 16.04
CA ASP E 406 6.02 0.92 16.82
C ASP E 406 4.73 1.25 16.10
N GLN E 407 4.73 1.12 14.75
CA GLN E 407 3.57 1.56 13.96
C GLN E 407 2.36 0.66 14.18
N GLY E 408 2.61 -0.65 14.34
CA GLY E 408 1.51 -1.59 14.46
C GLY E 408 0.68 -1.35 15.71
N GLN E 409 1.36 -1.06 16.84
CA GLN E 409 0.65 -0.79 18.08
C GLN E 409 -0.17 0.48 17.95
N LEU E 410 0.42 1.53 17.39
CA LEU E 410 -0.29 2.80 17.30
C LEU E 410 -1.42 2.71 16.31
N LYS E 411 -1.21 1.95 15.22
CA LYS E 411 -2.25 1.81 14.20
C LYS E 411 -3.50 1.19 14.78
N THR E 412 -3.33 0.12 15.56
CA THR E 412 -4.50 -0.58 16.08
C THR E 412 -5.27 0.32 17.03
N ARG E 413 -4.55 1.04 17.89
CA ARG E 413 -5.21 1.98 18.80
C ARG E 413 -5.93 3.09 18.04
N ILE E 414 -5.22 3.76 17.12
CA ILE E 414 -5.83 4.84 16.34
C ILE E 414 -7.02 4.33 15.53
N GLU E 415 -6.85 3.24 14.77
CA GLU E 415 -7.89 2.74 13.89
C GLU E 415 -9.08 2.22 14.66
N ALA E 416 -8.86 1.62 15.84
CA ALA E 416 -10.01 1.22 16.67
C ALA E 416 -10.81 2.45 17.14
N PHE E 417 -10.11 3.54 17.38
CA PHE E 417 -10.74 4.80 17.78
C PHE E 417 -11.57 5.35 16.63
N LEU E 418 -11.00 5.38 15.45
CA LEU E 418 -11.73 5.88 14.30
C LEU E 418 -12.94 5.01 14.01
N GLU E 419 -12.75 3.68 14.10
CA GLU E 419 -13.89 2.78 13.96
C GLU E 419 -14.96 3.10 14.99
N MET E 420 -14.55 3.30 16.23
CA MET E 420 -15.50 3.60 17.31
C MET E 420 -16.34 4.84 16.99
N ILE E 421 -15.69 5.94 16.59
CA ILE E 421 -16.41 7.21 16.49
C ILE E 421 -17.11 7.37 15.16
N LYS E 422 -16.88 6.46 14.22
CA LYS E 422 -17.51 6.51 12.90
C LYS E 422 -19.04 6.59 12.98
N GLY F 1 -7.75 -5.68 67.78
CA GLY F 1 -7.20 -4.33 67.48
C GLY F 1 -7.42 -3.34 68.61
N MET F 2 -8.38 -3.63 69.49
CA MET F 2 -8.56 -2.82 70.67
C MET F 2 -9.09 -1.43 70.29
N ASP F 3 -8.49 -0.39 70.87
CA ASP F 3 -8.77 0.98 70.47
C ASP F 3 -8.30 1.25 69.05
N ASN F 4 -7.25 0.57 68.60
CA ASN F 4 -6.70 0.83 67.26
C ASN F 4 -7.73 0.55 66.18
N ARG F 5 -8.31 -0.66 66.17
CA ARG F 5 -9.27 -1.00 65.13
C ARG F 5 -10.55 -0.17 65.20
N GLU F 6 -10.89 0.35 66.38
CA GLU F 6 -12.05 1.25 66.45
C GLU F 6 -11.69 2.61 65.87
N LEU F 7 -10.53 3.13 66.23
CA LEU F 7 -10.10 4.42 65.67
C LEU F 7 -9.94 4.32 64.15
N TRP F 8 -9.35 3.22 63.67
CA TRP F 8 -9.21 3.07 62.23
C TRP F 8 -10.57 3.11 61.55
N LYS F 9 -11.57 2.47 62.16
CA LYS F 9 -12.90 2.42 61.58
C LYS F 9 -13.51 3.81 61.54
N VAL F 10 -13.39 4.54 62.65
CA VAL F 10 -13.84 5.93 62.69
C VAL F 10 -13.17 6.77 61.61
N LEU F 11 -11.93 6.44 61.26
CA LEU F 11 -11.16 7.18 60.26
C LEU F 11 -11.50 6.75 58.84
N ASN F 12 -12.41 5.81 58.67
CA ASN F 12 -12.78 5.31 57.36
C ASN F 12 -11.60 4.64 56.66
N VAL F 13 -10.75 3.97 57.44
CA VAL F 13 -9.69 3.14 56.88
C VAL F 13 -10.29 1.84 56.32
N ASP F 14 -9.86 1.47 55.13
CA ASP F 14 -10.19 0.15 54.56
C ASP F 14 -9.47 -0.91 55.39
N LEU F 15 -10.18 -1.51 56.35
CA LEU F 15 -9.53 -2.33 57.35
C LEU F 15 -8.83 -3.54 56.74
N GLU F 16 -9.51 -4.22 55.81
CA GLU F 16 -8.96 -5.43 55.20
C GLU F 16 -7.66 -5.11 54.47
N LYS F 17 -7.68 -4.09 53.61
CA LYS F 17 -6.47 -3.71 52.88
C LYS F 17 -5.39 -3.24 53.85
N HIS F 18 -5.77 -2.47 54.85
CA HIS F 18 -4.81 -2.02 55.86
C HIS F 18 -4.20 -3.21 56.59
N ASP F 19 -4.99 -4.22 56.91
CA ASP F 19 -4.41 -5.44 57.49
C ASP F 19 -3.43 -6.08 56.53
N GLU F 20 -3.81 -6.17 55.26
CA GLU F 20 -2.96 -6.79 54.25
C GLU F 20 -1.69 -5.98 54.01
N PHE F 21 -1.74 -4.66 54.17
CA PHE F 21 -0.53 -3.85 54.07
C PHE F 21 0.42 -4.13 55.23
N LEU F 22 -0.12 -4.21 56.45
CA LEU F 22 0.73 -4.38 57.62
C LEU F 22 1.19 -5.81 57.83
N ALA F 23 0.50 -6.80 57.25
CA ALA F 23 0.72 -8.20 57.62
C ALA F 23 2.18 -8.61 57.56
N PRO F 24 2.94 -8.33 56.52
CA PRO F 24 4.34 -8.78 56.48
C PRO F 24 5.34 -7.91 57.24
N VAL F 25 4.94 -6.76 57.79
CA VAL F 25 5.91 -5.78 58.26
C VAL F 25 6.70 -6.30 59.47
N PRO F 26 6.06 -6.86 60.51
CA PRO F 26 6.85 -7.26 61.69
C PRO F 26 7.94 -8.27 61.38
N ALA F 27 7.72 -9.18 60.43
CA ALA F 27 8.78 -10.13 60.09
C ALA F 27 9.97 -9.43 59.44
N VAL F 28 9.72 -8.48 58.56
CA VAL F 28 10.83 -7.72 57.99
C VAL F 28 11.55 -6.92 59.07
N TYR F 29 10.77 -6.26 59.94
CA TYR F 29 11.38 -5.47 61.01
C TYR F 29 12.22 -6.35 61.91
N ARG F 30 11.78 -7.59 62.11
CA ARG F 30 12.51 -8.52 62.95
C ARG F 30 13.84 -8.92 62.30
N GLU F 31 13.81 -9.26 61.03
CA GLU F 31 15.04 -9.66 60.36
C GLU F 31 16.01 -8.50 60.22
N LEU F 32 15.51 -7.29 59.94
CA LEU F 32 16.37 -6.16 59.61
C LEU F 32 16.76 -5.32 60.83
N PHE F 33 15.95 -5.38 61.89
CA PHE F 33 16.24 -4.57 63.07
C PHE F 33 16.38 -5.39 64.36
N LEU F 34 15.32 -6.11 64.74
CA LEU F 34 15.25 -6.64 66.10
C LEU F 34 16.28 -7.75 66.34
N ASN F 35 16.46 -8.63 65.37
CA ASN F 35 17.44 -9.70 65.46
C ASN F 35 18.85 -9.25 65.12
N ARG F 36 19.10 -7.96 64.86
CA ARG F 36 20.45 -7.52 64.49
C ARG F 36 21.24 -7.15 65.75
N PRO F 37 22.48 -7.63 65.90
CA PRO F 37 23.20 -7.38 67.16
C PRO F 37 23.76 -5.97 67.32
N ASN F 38 24.08 -5.65 68.58
CA ASN F 38 24.86 -4.48 68.97
C ASN F 38 24.13 -3.15 68.79
N ARG F 39 22.81 -3.18 68.70
CA ARG F 39 22.06 -1.95 68.55
C ARG F 39 22.03 -1.21 69.88
N PRO F 40 22.10 0.11 69.86
CA PRO F 40 21.96 0.86 71.12
C PRO F 40 20.70 0.45 71.85
N ARG F 41 20.81 0.39 73.18
CA ARG F 41 19.65 0.10 74.01
CA ARG F 41 19.64 0.08 73.99
C ARG F 41 18.55 1.12 73.80
N ALA F 42 18.92 2.35 73.43
CA ALA F 42 18.01 3.45 73.24
C ALA F 42 17.26 3.36 71.91
N MET F 43 17.52 2.32 71.12
CA MET F 43 16.62 2.05 69.99
C MET F 43 15.24 1.57 70.46
N ALA F 44 15.11 1.12 71.71
CA ALA F 44 13.85 0.49 72.13
C ALA F 44 12.67 1.42 71.88
N TYR F 45 12.85 2.71 72.10
CA TYR F 45 11.74 3.64 71.90
C TYR F 45 11.21 3.55 70.46
N PHE F 46 12.12 3.61 69.48
CA PHE F 46 11.73 3.63 68.08
C PHE F 46 11.21 2.26 67.65
N ASP F 47 11.80 1.19 68.19
CA ASP F 47 11.24 -0.13 67.93
C ASP F 47 9.80 -0.19 68.41
N ALA F 48 9.49 0.44 69.54
CA ALA F 48 8.12 0.43 70.05
C ALA F 48 7.19 1.22 69.13
N VAL F 49 7.70 2.30 68.54
CA VAL F 49 6.87 3.09 67.62
C VAL F 49 6.47 2.24 66.43
N VAL F 50 7.44 1.63 65.78
CA VAL F 50 7.14 0.78 64.64
C VAL F 50 6.20 -0.33 65.05
N GLY F 51 6.41 -0.89 66.24
CA GLY F 51 5.55 -1.96 66.70
C GLY F 51 4.10 -1.54 66.79
N ASP F 52 3.83 -0.25 66.94
CA ASP F 52 2.48 0.29 66.99
C ASP F 52 2.37 1.52 66.08
N ILE F 53 2.93 1.40 64.86
CA ILE F 53 3.13 2.56 63.99
C ILE F 53 1.81 3.27 63.68
N HIS F 54 0.70 2.50 63.61
CA HIS F 54 -0.60 3.11 63.30
C HIS F 54 -1.52 3.20 64.51
N GLY F 55 -0.95 3.40 65.69
CA GLY F 55 -1.70 3.43 66.91
C GLY F 55 -1.53 4.70 67.71
N ILE F 56 -0.59 4.69 68.67
CA ILE F 56 -0.50 5.76 69.64
C ILE F 56 -0.49 7.13 68.95
N ARG F 57 0.38 7.30 67.96
CA ARG F 57 0.51 8.62 67.35
C ARG F 57 -0.79 9.01 66.67
N VAL F 58 -1.45 8.06 66.00
CA VAL F 58 -2.70 8.36 65.31
C VAL F 58 -3.78 8.78 66.32
N HIS F 59 -3.83 8.08 67.46
CA HIS F 59 -4.72 8.49 68.54
C HIS F 59 -4.45 9.94 68.94
N GLU F 60 -3.18 10.28 69.11
CA GLU F 60 -2.78 11.63 69.52
C GLU F 60 -3.25 12.67 68.50
N LEU F 61 -2.98 12.40 67.23
CA LEU F 61 -3.44 13.28 66.19
C LEU F 61 -4.95 13.39 66.18
N TYR F 62 -5.64 12.27 66.38
CA TYR F 62 -7.10 12.27 66.45
C TYR F 62 -7.62 13.07 67.64
N ASN F 63 -7.01 12.87 68.82
CA ASN F 63 -7.42 13.62 70.00
C ASN F 63 -7.13 15.11 69.82
N LEU F 64 -6.05 15.44 69.11
CA LEU F 64 -5.80 16.86 68.82
C LEU F 64 -6.91 17.45 67.95
N LYS F 65 -7.45 16.67 67.04
CA LYS F 65 -8.54 17.19 66.22
C LYS F 65 -9.79 17.40 67.07
N GLN F 66 -10.01 16.50 68.04
CA GLN F 66 -11.17 16.63 68.92
C GLN F 66 -11.15 17.93 69.70
N GLU F 67 -10.00 18.55 69.88
CA GLU F 67 -9.89 19.81 70.60
C GLU F 67 -9.89 21.04 69.70
N GLY F 68 -10.06 20.88 68.37
CA GLY F 68 -10.16 22.03 67.48
C GLY F 68 -8.87 22.39 66.75
N LYS F 69 -7.80 21.67 67.00
CA LYS F 69 -6.59 21.76 66.21
C LYS F 69 -6.67 20.94 64.91
N LYS F 70 -5.72 21.18 64.02
CA LYS F 70 -5.71 20.56 62.72
C LYS F 70 -4.46 19.73 62.52
N VAL F 71 -4.53 18.86 61.54
CA VAL F 71 -3.43 18.01 61.12
C VAL F 71 -3.12 18.33 59.67
N PHE F 72 -1.89 18.81 59.43
CA PHE F 72 -1.39 19.11 58.09
C PHE F 72 -0.47 17.99 57.62
N ALA F 73 -0.70 17.49 56.41
CA ALA F 73 0.15 16.47 55.80
C ALA F 73 1.05 17.13 54.76
N THR F 74 2.34 16.81 54.82
CA THR F 74 3.34 17.40 53.94
C THR F 74 4.17 16.30 53.30
N PHE F 75 4.88 16.69 52.22
CA PHE F 75 5.70 15.76 51.45
C PHE F 75 7.05 16.36 51.11
N CYS F 76 7.40 17.49 51.71
CA CYS F 76 8.64 18.17 51.37
C CYS F 76 9.13 18.95 52.58
N VAL F 77 10.44 18.91 52.78
CA VAL F 77 11.05 19.61 53.91
C VAL F 77 10.99 21.11 53.80
N TYR F 78 10.54 21.64 52.66
CA TYR F 78 10.37 23.08 52.52
C TYR F 78 9.13 23.62 53.21
N VAL F 79 8.09 22.81 53.35
CA VAL F 79 6.88 23.22 54.06
C VAL F 79 7.30 23.62 55.48
N PRO F 80 6.98 24.82 55.94
CA PRO F 80 7.48 25.24 57.26
C PRO F 80 6.78 24.60 58.45
N GLU F 81 7.43 23.59 59.05
CA GLU F 81 6.86 22.91 60.21
C GLU F 81 6.63 23.87 61.34
N GLU F 82 7.41 24.95 61.37
CA GLU F 82 7.43 25.88 62.47
C GLU F 82 6.14 26.68 62.57
N ILE F 83 5.59 27.11 61.43
CA ILE F 83 4.34 27.87 61.42
C ILE F 83 3.19 26.98 61.90
N ILE F 84 3.06 25.80 61.31
CA ILE F 84 2.00 24.87 61.71
C ILE F 84 2.09 24.58 63.21
N ASN F 85 3.28 24.26 63.69
CA ASN F 85 3.41 23.89 65.09
C ASN F 85 3.20 25.07 66.03
N ALA F 86 3.41 26.29 65.55
CA ALA F 86 3.20 27.43 66.43
C ALA F 86 1.76 27.54 66.88
N THR F 87 0.81 26.99 66.11
CA THR F 87 -0.62 27.10 66.41
C THR F 87 -1.14 25.99 67.30
N GLY F 88 -0.29 25.05 67.68
CA GLY F 88 -0.77 23.88 68.34
C GLY F 88 -1.13 22.77 67.40
N SER F 89 -1.28 23.05 66.11
CA SER F 89 -1.61 22.03 65.12
C SER F 89 -0.41 21.13 64.80
N ALA F 90 -0.68 20.03 64.12
CA ALA F 90 0.34 19.03 63.83
C ALA F 90 0.73 19.03 62.35
N CYS F 91 1.99 18.67 62.11
CA CYS F 91 2.57 18.53 60.79
C CYS F 91 3.15 17.13 60.68
N ILE F 92 2.71 16.36 59.68
CA ILE F 92 3.27 15.03 59.45
C ILE F 92 3.70 14.92 57.99
N GLY F 93 4.74 14.15 57.74
CA GLY F 93 5.24 13.96 56.38
C GLY F 93 4.90 12.58 55.85
N LEU F 94 4.14 12.52 54.75
CA LEU F 94 3.54 11.27 54.29
C LEU F 94 4.11 10.79 52.95
N CYS F 95 5.38 11.08 52.68
CA CYS F 95 6.02 10.53 51.49
C CYS F 95 5.84 9.02 51.44
N GLY F 96 5.46 8.51 50.27
CA GLY F 96 5.24 7.08 50.12
C GLY F 96 6.52 6.26 50.10
N GLY F 97 6.49 5.11 50.77
CA GLY F 97 7.60 4.18 50.71
C GLY F 97 7.28 2.71 50.50
N ALA F 98 6.08 2.38 50.02
CA ALA F 98 5.67 0.98 49.92
C ALA F 98 5.07 0.60 48.57
N GLN F 99 5.51 -0.55 48.08
CA GLN F 99 4.96 -1.05 46.82
C GLN F 99 3.47 -1.40 46.89
N TYR F 100 2.99 -1.82 48.05
CA TYR F 100 1.60 -2.28 48.16
C TYR F 100 0.61 -1.30 47.53
N THR F 101 0.80 -0.01 47.73
CA THR F 101 -0.14 1.00 47.26
C THR F 101 0.15 1.53 45.88
N VAL F 102 1.21 1.07 45.20
CA VAL F 102 1.61 1.65 43.92
C VAL F 102 0.56 1.35 42.85
N PRO F 103 -0.03 0.15 42.80
CA PRO F 103 -1.11 -0.05 41.81
C PRO F 103 -2.31 0.88 42.01
N ALA F 104 -2.76 1.07 43.24
CA ALA F 104 -3.80 2.05 43.51
C ALA F 104 -3.44 3.44 43.01
N GLY F 105 -2.20 3.89 43.25
CA GLY F 105 -1.79 5.19 42.71
C GLY F 105 -1.83 5.24 41.19
N GLU F 106 -1.56 4.12 40.54
CA GLU F 106 -1.56 4.05 39.09
C GLU F 106 -2.95 4.10 38.49
N THR F 107 -4.03 4.08 39.30
CA THR F 107 -5.34 4.30 38.73
C THR F 107 -5.49 5.71 38.23
N VAL F 108 -4.74 6.66 38.81
CA VAL F 108 -4.84 8.07 38.41
C VAL F 108 -3.51 8.68 37.99
N LEU F 109 -2.42 7.93 38.05
CA LEU F 109 -1.08 8.43 37.75
C LEU F 109 -0.41 7.53 36.74
N PRO F 110 0.50 8.08 35.93
CA PRO F 110 1.25 7.23 35.00
C PRO F 110 2.07 6.19 35.75
N ARG F 111 2.19 5.01 35.16
CA ARG F 111 3.01 3.98 35.81
C ARG F 111 4.48 4.35 35.74
N ASN F 112 4.82 5.18 34.75
N ASN F 112 4.91 5.08 34.73
CA ASN F 112 6.14 5.75 34.51
CA ASN F 112 6.31 5.47 34.71
C ASN F 112 6.46 6.93 35.39
C ASN F 112 6.46 6.85 35.37
N LEU F 113 6.08 6.88 36.66
CA LEU F 113 6.21 8.02 37.55
C LEU F 113 6.93 7.56 38.81
N CYS F 114 7.53 8.51 39.52
CA CYS F 114 8.27 8.22 40.73
C CYS F 114 7.45 7.37 41.69
N PRO F 115 8.02 6.26 42.21
CA PRO F 115 7.24 5.40 43.11
C PRO F 115 6.79 6.11 44.36
N LEU F 116 7.64 6.99 44.92
CA LEU F 116 7.24 7.76 46.09
C LEU F 116 5.88 8.43 45.87
N ILE F 117 5.70 9.07 44.70
CA ILE F 117 4.44 9.74 44.41
C ILE F 117 3.30 8.73 44.29
N LYS F 118 3.50 7.68 43.51
CA LYS F 118 2.41 6.74 43.28
C LYS F 118 1.99 6.09 44.58
N SER F 119 2.98 5.72 45.43
CA SER F 119 2.68 5.06 46.70
C SER F 119 1.84 5.94 47.61
N ALA F 120 2.17 7.23 47.67
CA ALA F 120 1.40 8.13 48.53
C ALA F 120 -0.01 8.31 48.01
N MET F 121 -0.14 8.49 46.69
CA MET F 121 -1.45 8.62 46.06
C MET F 121 -2.30 7.38 46.32
N GLY F 122 -1.68 6.20 46.25
CA GLY F 122 -2.39 4.97 46.49
C GLY F 122 -2.86 4.81 47.92
N PHE F 123 -2.05 5.27 48.88
CA PHE F 123 -2.44 5.26 50.29
C PHE F 123 -3.74 6.04 50.50
N LYS F 124 -3.82 7.25 49.93
CA LYS F 124 -5.03 8.05 50.11
CA LYS F 124 -5.03 8.05 50.11
C LYS F 124 -6.22 7.42 49.39
N ILE F 125 -6.01 6.96 48.15
CA ILE F 125 -7.11 6.47 47.32
C ILE F 125 -7.79 5.28 47.99
N GLU F 126 -6.99 4.34 48.47
CA GLU F 126 -7.49 3.11 49.05
C GLU F 126 -7.83 3.25 50.52
N ARG F 127 -7.59 4.41 51.15
CA ARG F 127 -7.90 4.65 52.56
C ARG F 127 -7.14 3.64 53.41
N ILE F 128 -5.87 3.43 53.05
CA ILE F 128 -5.07 2.42 53.72
C ILE F 128 -4.33 2.99 54.92
N CYS F 129 -4.05 4.30 54.92
CA CYS F 129 -3.11 4.87 55.87
C CYS F 129 -3.88 5.65 56.91
N PRO F 130 -3.83 5.27 58.19
CA PRO F 130 -4.49 6.05 59.24
C PRO F 130 -3.98 7.49 59.34
N TYR F 131 -2.71 7.76 59.02
CA TYR F 131 -2.24 9.14 59.06
C TYR F 131 -2.91 9.95 57.96
N PHE F 132 -2.95 9.39 56.76
CA PHE F 132 -3.55 10.12 55.65
C PHE F 132 -5.03 10.34 55.91
N GLN F 133 -5.70 9.37 56.53
CA GLN F 133 -7.12 9.52 56.82
C GLN F 133 -7.35 10.57 57.89
N VAL F 134 -6.43 10.73 58.84
CA VAL F 134 -6.69 11.68 59.92
C VAL F 134 -6.28 13.10 59.52
N ALA F 135 -5.51 13.26 58.47
CA ALA F 135 -5.06 14.58 58.04
C ALA F 135 -6.22 15.42 57.55
N ASP F 136 -6.22 16.69 57.96
CA ASP F 136 -7.22 17.64 57.48
C ASP F 136 -6.83 18.21 56.13
N TYR F 137 -5.57 18.59 55.99
CA TYR F 137 -5.09 19.31 54.83
C TYR F 137 -3.79 18.67 54.32
N VAL F 138 -3.58 18.82 53.02
CA VAL F 138 -2.30 18.51 52.39
C VAL F 138 -1.65 19.82 51.98
N VAL F 139 -0.39 19.98 52.28
CA VAL F 139 0.40 21.09 51.76
C VAL F 139 1.36 20.53 50.70
N GLY F 140 1.03 20.78 49.43
CA GLY F 140 1.89 20.41 48.33
C GLY F 140 2.87 21.53 47.98
N GLU F 141 3.86 21.21 47.18
CA GLU F 141 4.88 22.18 46.80
C GLU F 141 5.24 21.95 45.35
N THR F 142 5.63 23.03 44.65
CA THR F 142 6.00 22.90 43.24
C THR F 142 7.49 22.58 43.09
N THR F 143 7.83 21.33 43.41
CA THR F 143 9.19 20.82 43.23
C THR F 143 9.29 20.06 41.90
N CYS F 144 9.22 18.74 41.94
CA CYS F 144 9.33 17.97 40.71
C CYS F 144 8.01 17.94 39.94
N ASP F 145 8.10 17.54 38.67
CA ASP F 145 6.92 17.58 37.80
C ASP F 145 5.82 16.66 38.30
N GLY F 146 6.20 15.44 38.65
CA GLY F 146 5.20 14.47 39.11
C GLY F 146 4.42 14.98 40.31
N LYS F 147 5.12 15.53 41.31
CA LYS F 147 4.42 16.02 42.51
C LYS F 147 3.49 17.17 42.17
N LYS F 148 4.01 18.18 41.45
CA LYS F 148 3.21 19.36 41.15
C LYS F 148 1.92 18.97 40.46
N LYS F 149 2.01 18.08 39.48
CA LYS F 149 0.79 17.71 38.75
C LYS F 149 -0.06 16.70 39.53
N ALA F 150 0.55 15.90 40.40
CA ALA F 150 -0.24 14.98 41.21
C ALA F 150 -1.16 15.74 42.17
N TRP F 151 -0.73 16.90 42.71
CA TRP F 151 -1.53 17.65 43.68
C TRP F 151 -2.86 18.07 43.07
N GLU F 152 -2.88 18.34 41.75
CA GLU F 152 -4.12 18.67 41.08
C GLU F 152 -5.10 17.51 41.19
N ILE F 153 -4.59 16.28 41.17
CA ILE F 153 -5.43 15.09 41.27
C ILE F 153 -5.77 14.81 42.72
N LEU F 154 -4.77 14.95 43.62
CA LEU F 154 -4.98 14.68 45.03
C LEU F 154 -6.03 15.60 45.64
N ASN F 155 -6.14 16.84 45.14
CA ASN F 155 -7.12 17.77 45.69
C ASN F 155 -8.56 17.23 45.59
N GLU F 156 -8.82 16.27 44.70
CA GLU F 156 -10.16 15.70 44.64
CA GLU F 156 -10.14 15.66 44.63
C GLU F 156 -10.49 14.85 45.87
N TYR F 157 -9.49 14.40 46.63
CA TYR F 157 -9.68 13.52 47.76
C TYR F 157 -9.50 14.20 49.09
N ILE F 158 -8.75 15.31 49.15
CA ILE F 158 -8.41 16.02 50.39
C ILE F 158 -7.90 17.41 49.99
N PRO F 159 -8.26 18.48 50.71
CA PRO F 159 -7.88 19.82 50.25
C PRO F 159 -6.36 19.98 50.20
N VAL F 160 -5.88 20.48 49.09
CA VAL F 160 -4.45 20.67 48.87
C VAL F 160 -4.17 22.16 48.74
N TYR F 161 -3.23 22.64 49.54
CA TYR F 161 -2.67 23.98 49.42
C TYR F 161 -1.29 23.82 48.79
N VAL F 162 -1.06 24.46 47.65
CA VAL F 162 0.19 24.34 46.90
C VAL F 162 1.05 25.55 47.18
N MET F 163 2.23 25.33 47.75
CA MET F 163 3.24 26.36 47.92
C MET F 163 4.09 26.37 46.65
N GLU F 164 4.32 27.55 46.08
CA GLU F 164 5.16 27.64 44.90
C GLU F 164 6.60 27.95 45.34
N LEU F 165 7.45 26.98 45.23
CA LEU F 165 8.86 27.16 45.51
C LEU F 165 9.54 27.68 44.26
N PRO F 166 10.39 28.70 44.34
CA PRO F 166 11.17 29.10 43.16
C PRO F 166 12.12 27.99 42.71
N GLN F 167 12.78 28.22 41.57
CA GLN F 167 13.69 27.26 40.99
C GLN F 167 15.14 27.74 40.96
N LYS F 168 15.41 28.97 41.42
CA LYS F 168 16.74 29.51 41.61
C LYS F 168 16.86 30.05 43.04
N LYS F 169 18.01 30.56 43.39
CA LYS F 169 18.23 31.04 44.77
C LYS F 169 18.85 32.43 44.77
N GLU F 170 18.51 33.23 43.77
CA GLU F 170 18.93 34.62 43.66
C GLU F 170 17.98 35.53 44.42
N GLU F 171 18.38 36.81 44.53
CA GLU F 171 17.63 37.71 45.40
C GLU F 171 16.15 37.72 45.04
N ARG F 172 15.82 37.80 43.75
CA ARG F 172 14.41 37.75 43.36
C ARG F 172 13.75 36.47 43.86
N ASP F 173 14.47 35.35 43.84
CA ASP F 173 13.87 34.08 44.27
C ASP F 173 13.63 34.06 45.76
N ARG F 174 14.60 34.58 46.51
CA ARG F 174 14.48 34.62 47.96
CA ARG F 174 14.49 34.63 47.96
C ARG F 174 13.32 35.51 48.40
N LYS F 175 13.14 36.66 47.74
CA LYS F 175 12.01 37.54 48.09
C LYS F 175 10.68 36.85 47.77
N PHE F 176 10.60 36.22 46.60
CA PHE F 176 9.43 35.44 46.19
C PHE F 176 9.09 34.38 47.21
N TRP F 177 10.09 33.64 47.65
CA TRP F 177 9.82 32.59 48.64
C TRP F 177 9.36 33.20 49.97
N GLU F 178 9.91 34.34 50.35
CA GLU F 178 9.43 35.02 51.55
C GLU F 178 7.93 35.24 51.46
N GLU F 179 7.48 35.76 50.32
CA GLU F 179 6.05 36.06 50.16
C GLU F 179 5.21 34.78 50.24
N GLU F 180 5.71 33.69 49.66
CA GLU F 180 4.97 32.43 49.72
C GLU F 180 4.78 32.02 51.17
N ILE F 181 5.84 32.15 51.98
CA ILE F 181 5.77 31.79 53.39
C ILE F 181 4.70 32.61 54.09
N LYS F 182 4.69 33.93 53.82
CA LYS F 182 3.65 34.80 54.39
C LYS F 182 2.25 34.38 53.94
N ASP F 183 2.09 34.06 52.65
CA ASP F 183 0.80 33.52 52.22
C ASP F 183 0.46 32.26 52.99
N PHE F 184 1.44 31.37 53.13
CA PHE F 184 1.18 30.12 53.82
C PHE F 184 0.81 30.35 55.26
N ALA F 185 1.53 31.25 55.93
CA ALA F 185 1.24 31.57 57.32
C ALA F 185 -0.20 32.03 57.49
N GLN F 186 -0.66 32.88 56.55
CA GLN F 186 -2.05 33.32 56.59
CA GLN F 186 -2.05 33.32 56.54
C GLN F 186 -3.01 32.16 56.46
N PHE F 187 -2.72 31.20 55.57
CA PHE F 187 -3.58 30.03 55.36
C PHE F 187 -3.70 29.19 56.63
N VAL F 188 -2.59 28.96 57.32
CA VAL F 188 -2.57 28.22 58.58
C VAL F 188 -3.40 28.95 59.65
N GLU F 189 -3.18 30.26 59.76
CA GLU F 189 -4.01 31.06 60.66
C GLU F 189 -5.49 30.89 60.33
N GLU F 190 -5.85 30.94 59.05
CA GLU F 190 -7.25 30.87 58.68
C GLU F 190 -7.84 29.54 59.10
N LYS F 191 -7.13 28.45 58.83
CA LYS F 191 -7.69 27.12 59.07
C LYS F 191 -7.64 26.70 60.53
N THR F 192 -6.69 27.23 61.30
CA THR F 192 -6.60 26.88 62.71
C THR F 192 -7.42 27.81 63.61
N GLY F 193 -7.65 29.05 63.19
CA GLY F 193 -8.19 30.05 64.07
C GLY F 193 -7.17 30.65 65.01
N VAL F 194 -5.90 30.33 64.87
CA VAL F 194 -4.88 30.83 65.77
C VAL F 194 -4.07 31.88 65.00
N LYS F 195 -4.17 33.13 65.44
CA LYS F 195 -3.27 34.17 64.92
C LYS F 195 -1.85 33.90 65.43
N LEU F 196 -0.87 34.06 64.54
CA LEU F 196 0.51 33.96 64.96
C LEU F 196 0.91 35.22 65.73
N ASN F 197 1.69 35.04 66.79
CA ASN F 197 2.30 36.16 67.51
C ASN F 197 3.75 35.79 67.87
N ALA F 198 4.47 36.77 68.39
CA ALA F 198 5.89 36.57 68.68
C ALA F 198 6.11 35.42 69.64
N GLU F 199 5.16 35.17 70.55
CA GLU F 199 5.34 34.13 71.54
C GLU F 199 5.15 32.74 70.93
N ASN F 200 4.00 32.51 70.31
CA ASN F 200 3.72 31.16 69.83
C ASN F 200 4.58 30.81 68.62
N LEU F 201 4.92 31.79 67.80
CA LEU F 201 5.80 31.50 66.67
C LEU F 201 7.20 31.15 67.13
N ARG F 202 7.73 31.88 68.12
CA ARG F 202 9.02 31.49 68.68
C ARG F 202 8.97 30.09 69.27
N ALA F 203 7.91 29.79 70.02
CA ALA F 203 7.75 28.45 70.58
C ALA F 203 7.74 27.41 69.48
N GLY F 204 7.08 27.70 68.36
CA GLY F 204 7.06 26.76 67.24
C GLY F 204 8.44 26.54 66.66
N ILE F 205 9.18 27.64 66.43
CA ILE F 205 10.55 27.56 65.92
C ILE F 205 11.44 26.74 66.87
N GLU F 206 11.31 26.97 68.18
CA GLU F 206 12.18 26.30 69.14
C GLU F 206 11.92 24.79 69.14
N LYS F 207 10.66 24.41 69.05
CA LYS F 207 10.27 23.00 69.06
C LYS F 207 10.86 22.24 67.87
N ILE F 208 10.77 22.82 66.66
CA ILE F 208 11.32 22.16 65.49
C ILE F 208 12.84 22.29 65.45
N ASN F 209 13.38 23.45 65.83
CA ASN F 209 14.83 23.60 65.98
C ASN F 209 15.40 22.53 66.91
N LYS F 210 14.68 22.24 68.01
CA LYS F 210 15.15 21.23 68.95
C LYS F 210 15.15 19.83 68.34
N LYS F 211 14.10 19.49 67.56
CA LYS F 211 14.09 18.24 66.84
C LYS F 211 15.27 18.15 65.87
N ARG F 212 15.50 19.21 65.09
CA ARG F 212 16.61 19.21 64.12
C ARG F 212 17.96 19.12 64.82
N LYS F 213 18.11 19.83 65.93
CA LYS F 213 19.38 19.81 66.65
C LYS F 213 19.71 18.40 67.14
N ALA F 214 18.71 17.69 67.68
CA ALA F 214 18.95 16.33 68.15
C ALA F 214 19.38 15.41 67.01
N LEU F 215 18.73 15.53 65.85
CA LEU F 215 19.12 14.74 64.70
C LEU F 215 20.50 15.15 64.23
N LYS F 216 20.83 16.45 64.29
CA LYS F 216 22.19 16.90 63.98
C LYS F 216 23.19 16.27 64.96
N ARG F 217 22.85 16.24 66.24
CA ARG F 217 23.74 15.63 67.22
C ARG F 217 24.01 14.17 66.88
N LEU F 218 22.97 13.44 66.47
CA LEU F 218 23.12 12.03 66.15
C LEU F 218 23.97 11.86 64.90
N SER F 219 23.78 12.74 63.92
CA SER F 219 24.55 12.65 62.68
C SER F 219 26.03 12.87 62.95
N ASP F 220 26.36 13.89 63.75
CA ASP F 220 27.77 14.19 64.03
C ASP F 220 28.46 13.04 64.76
N LEU F 221 27.73 12.28 65.58
CA LEU F 221 28.31 11.13 66.28
C LEU F 221 28.69 10.01 65.31
N ARG F 222 28.04 9.93 64.15
CA ARG F 222 28.38 8.87 63.21
C ARG F 222 29.73 9.08 62.54
N LYS F 223 30.35 10.25 62.72
CA LYS F 223 31.65 10.52 62.13
C LYS F 223 32.75 9.71 62.76
N HIS F 224 32.48 9.03 63.87
CA HIS F 224 33.52 8.42 64.66
C HIS F 224 33.80 7.01 64.16
N ASN F 225 35.06 6.60 64.31
CA ASN F 225 35.55 5.30 63.88
C ASN F 225 36.02 4.52 65.10
N PRO F 226 35.47 3.34 65.38
CA PRO F 226 34.44 2.65 64.58
C PRO F 226 33.03 3.22 64.77
N ALA F 227 32.17 2.99 63.78
CA ALA F 227 30.83 3.55 63.81
C ALA F 227 30.08 3.08 65.06
N PRO F 228 29.52 3.99 65.86
CA PRO F 228 28.82 3.57 67.08
C PRO F 228 27.42 3.06 66.84
N ILE F 229 26.88 3.26 65.63
CA ILE F 229 25.52 2.84 65.30
C ILE F 229 25.45 2.53 63.82
N HIS F 230 24.67 1.51 63.46
CA HIS F 230 24.46 1.19 62.06
C HIS F 230 23.60 2.27 61.40
N GLY F 231 23.86 2.51 60.12
CA GLY F 231 23.11 3.52 59.41
C GLY F 231 21.63 3.19 59.28
N LEU F 232 21.29 1.92 59.23
CA LEU F 232 19.88 1.55 59.11
C LEU F 232 19.05 2.04 60.29
N ASP F 233 19.58 1.95 61.50
CA ASP F 233 18.88 2.47 62.67
C ASP F 233 18.71 3.98 62.58
N VAL F 234 19.73 4.68 62.09
CA VAL F 234 19.60 6.15 61.96
C VAL F 234 18.61 6.53 60.86
N LEU F 235 18.59 5.79 59.75
CA LEU F 235 17.58 6.04 58.73
C LEU F 235 16.19 5.92 59.34
N LEU F 236 15.96 4.87 60.14
CA LEU F 236 14.65 4.68 60.75
C LEU F 236 14.29 5.88 61.60
N ILE F 237 15.22 6.33 62.44
CA ILE F 237 14.97 7.48 63.29
C ILE F 237 14.60 8.69 62.43
N ASN F 238 15.36 8.94 61.37
CA ASN F 238 15.10 10.09 60.52
C ASN F 238 13.77 9.94 59.81
N GLN F 239 13.35 8.69 59.58
CA GLN F 239 12.04 8.43 59.00
C GLN F 239 10.92 8.78 59.96
N LEU F 240 11.08 8.40 61.23
CA LEU F 240 10.03 8.62 62.21
C LEU F 240 9.95 10.06 62.64
N ALA F 241 11.00 10.83 62.37
CA ALA F 241 10.95 12.28 62.62
C ALA F 241 9.71 12.91 62.02
N PHE F 242 9.18 12.31 60.95
CA PHE F 242 8.08 12.89 60.21
C PHE F 242 6.70 12.52 60.74
N PHE F 243 6.60 11.54 61.63
CA PHE F 243 5.32 11.17 62.24
C PHE F 243 5.23 11.51 63.73
N ASP F 244 6.34 11.49 64.46
CA ASP F 244 6.31 11.49 65.92
C ASP F 244 6.08 12.89 66.47
N ASP F 245 5.67 12.93 67.75
CA ASP F 245 5.59 14.20 68.48
C ASP F 245 6.96 14.86 68.58
N PRO F 246 7.13 16.10 68.11
CA PRO F 246 8.48 16.67 68.07
C PRO F 246 9.20 16.69 69.40
N GLU F 247 8.50 17.00 70.50
CA GLU F 247 9.15 17.13 71.80
C GLU F 247 9.62 15.78 72.31
N ARG F 248 8.76 14.77 72.25
CA ARG F 248 9.13 13.42 72.66
C ARG F 248 10.20 12.86 71.75
N PHE F 249 10.07 13.07 70.44
CA PHE F 249 11.08 12.55 69.52
C PHE F 249 12.45 13.16 69.83
N ALA F 250 12.51 14.48 69.97
CA ALA F 250 13.79 15.10 70.29
C ALA F 250 14.38 14.51 71.58
N THR F 251 13.54 14.32 72.59
CA THR F 251 14.02 13.78 73.86
C THR F 251 14.55 12.38 73.67
N LYS F 252 13.86 11.57 72.84
CA LYS F 252 14.30 10.18 72.69
C LYS F 252 15.55 10.09 71.82
N VAL F 253 15.70 11.02 70.87
CA VAL F 253 16.95 11.02 70.10
C VAL F 253 18.11 11.47 70.97
N ASN F 254 17.87 12.48 71.83
CA ASN F 254 18.92 12.98 72.71
C ASN F 254 19.40 11.90 73.69
N GLU F 255 18.47 11.09 74.20
CA GLU F 255 18.83 9.98 75.07
C GLU F 255 19.67 8.97 74.33
N LEU F 256 19.40 8.78 73.04
CA LEU F 256 20.22 7.87 72.26
C LEU F 256 21.60 8.45 72.05
N CYS F 257 21.68 9.74 71.76
CA CYS F 257 22.98 10.38 71.58
C CYS F 257 23.84 10.24 72.84
N ASP F 258 23.22 10.40 74.03
CA ASP F 258 23.93 10.18 75.28
C ASP F 258 24.57 8.80 75.30
N GLU F 259 23.77 7.76 75.02
CA GLU F 259 24.31 6.41 74.98
C GLU F 259 25.44 6.32 73.97
N LEU F 260 25.26 6.91 72.77
CA LEU F 260 26.30 6.82 71.76
C LEU F 260 27.56 7.54 72.21
N GLU F 261 27.40 8.61 73.01
CA GLU F 261 28.58 9.30 73.52
C GLU F 261 29.41 8.38 74.41
N GLU F 262 28.76 7.51 75.18
CA GLU F 262 29.51 6.52 75.94
C GLU F 262 30.26 5.55 75.01
N ARG F 263 29.60 5.05 73.97
CA ARG F 263 30.25 4.11 73.06
C ARG F 263 31.50 4.73 72.45
N VAL F 264 31.39 5.94 71.92
CA VAL F 264 32.55 6.61 71.33
C VAL F 264 33.67 6.73 72.37
N ALA F 265 33.34 7.24 73.56
CA ALA F 265 34.36 7.40 74.61
C ALA F 265 35.13 6.12 74.86
N LYS F 266 34.46 4.97 74.75
CA LYS F 266 35.06 3.67 74.97
C LYS F 266 35.59 3.03 73.71
N GLY F 267 35.55 3.71 72.57
CA GLY F 267 36.04 3.12 71.34
C GLY F 267 35.21 1.96 70.85
N GLU F 268 33.96 1.86 71.28
CA GLU F 268 33.06 0.78 70.90
C GLU F 268 32.24 1.13 69.65
N GLY F 269 31.86 0.09 68.92
CA GLY F 269 31.16 0.28 67.67
C GLY F 269 30.39 -0.95 67.24
N VAL F 270 29.71 -0.82 66.09
CA VAL F 270 28.87 -1.89 65.56
C VAL F 270 29.55 -2.68 64.45
N VAL F 271 30.70 -2.20 63.95
CA VAL F 271 31.46 -2.89 62.92
C VAL F 271 32.94 -2.68 63.23
N SER F 272 33.76 -3.52 62.61
CA SER F 272 35.20 -3.39 62.72
C SER F 272 35.65 -2.06 62.12
N LYS F 273 36.86 -1.64 62.52
CA LYS F 273 37.41 -0.41 61.99
C LYS F 273 37.72 -0.49 60.50
N ASP F 274 37.76 -1.70 59.92
CA ASP F 274 38.09 -1.88 58.52
C ASP F 274 36.87 -2.00 57.60
N ALA F 275 35.66 -1.90 58.15
CA ALA F 275 34.47 -1.99 57.31
C ALA F 275 34.36 -0.74 56.43
N PRO F 276 33.90 -0.88 55.19
CA PRO F 276 33.79 0.31 54.32
C PRO F 276 32.74 1.27 54.86
N ARG F 277 33.12 2.54 54.93
CA ARG F 277 32.22 3.58 55.40
C ARG F 277 31.56 4.18 54.18
N ILE F 278 30.24 4.19 54.17
CA ILE F 278 29.50 4.59 52.97
C ILE F 278 28.66 5.83 53.25
N LEU F 279 28.68 6.76 52.30
CA LEU F 279 27.74 7.89 52.28
C LEU F 279 26.68 7.61 51.21
N ILE F 280 25.43 7.67 51.60
CA ILE F 280 24.29 7.65 50.69
C ILE F 280 23.99 9.08 50.33
N THR F 281 23.71 9.30 49.04
CA THR F 281 23.29 10.61 48.57
C THR F 281 22.22 10.41 47.51
N GLY F 282 21.25 11.30 47.47
CA GLY F 282 20.18 11.22 46.48
C GLY F 282 18.81 11.60 47.00
N THR F 283 17.83 10.76 46.75
CA THR F 283 16.45 11.01 47.07
C THR F 283 16.11 10.50 48.46
N PRO F 284 15.05 11.01 49.05
CA PRO F 284 14.65 10.52 50.38
C PRO F 284 14.21 9.06 50.32
N GLN F 285 14.39 8.35 51.44
CA GLN F 285 13.98 6.96 51.59
C GLN F 285 12.88 6.92 52.63
N PRO F 286 11.62 7.15 52.25
CA PRO F 286 10.55 7.12 53.26
C PRO F 286 10.36 5.71 53.78
N ILE F 287 9.83 5.63 55.00
CA ILE F 287 9.54 4.34 55.65
C ILE F 287 8.50 3.58 54.83
N PRO F 288 8.62 2.24 54.67
CA PRO F 288 9.71 1.38 55.12
C PRO F 288 10.63 0.99 53.99
N HIS F 289 11.16 1.97 53.25
CA HIS F 289 12.04 1.67 52.10
C HIS F 289 13.49 1.50 52.59
N TRP F 290 13.70 0.39 53.30
CA TRP F 290 14.96 0.09 53.97
C TRP F 290 15.94 -0.67 53.07
N LYS F 291 15.54 -1.01 51.85
CA LYS F 291 16.29 -1.99 51.07
C LYS F 291 17.77 -1.62 50.90
N ILE F 292 18.07 -0.36 50.55
CA ILE F 292 19.44 -0.04 50.14
C ILE F 292 20.37 -0.07 51.35
N HIS F 293 19.96 0.55 52.47
CA HIS F 293 20.78 0.47 53.69
C HIS F 293 20.97 -0.98 54.10
N ALA F 294 19.91 -1.78 54.01
CA ALA F 294 19.96 -3.13 54.47
C ALA F 294 20.96 -3.95 53.66
N LEU F 295 20.97 -3.77 52.34
CA LEU F 295 21.87 -4.56 51.50
C LEU F 295 23.32 -4.13 51.68
N ILE F 296 23.55 -2.83 51.85
CA ILE F 296 24.90 -2.33 52.11
C ILE F 296 25.46 -2.91 53.41
N GLU F 297 24.70 -2.77 54.49
CA GLU F 297 25.19 -3.16 55.81
C GLU F 297 25.14 -4.67 55.98
N GLY F 298 24.19 -5.34 55.31
CA GLY F 298 24.21 -6.78 55.32
C GLY F 298 25.40 -7.39 54.61
N ALA F 299 26.12 -6.59 53.81
CA ALA F 299 27.31 -7.06 53.11
C ALA F 299 28.61 -6.56 53.74
N GLY F 300 28.54 -6.09 54.98
CA GLY F 300 29.73 -5.73 55.71
C GLY F 300 30.07 -4.28 55.75
N GLY F 301 29.28 -3.42 55.09
CA GLY F 301 29.51 -1.99 55.17
C GLY F 301 28.74 -1.34 56.31
N VAL F 302 29.02 -0.06 56.52
CA VAL F 302 28.25 0.77 57.43
C VAL F 302 27.97 2.09 56.74
N VAL F 303 26.70 2.49 56.70
CA VAL F 303 26.33 3.82 56.19
C VAL F 303 26.52 4.80 57.32
N VAL F 304 27.31 5.84 57.08
CA VAL F 304 27.67 6.81 58.09
C VAL F 304 27.02 8.15 57.86
N GLY F 305 26.32 8.32 56.74
CA GLY F 305 25.54 9.51 56.51
C GLY F 305 24.64 9.37 55.32
N GLU F 306 23.59 10.20 55.30
CA GLU F 306 22.62 10.28 54.20
C GLU F 306 22.47 11.73 53.80
N GLU F 307 22.98 12.07 52.62
CA GLU F 307 22.73 13.37 52.01
C GLU F 307 21.41 13.29 51.22
N THR F 308 20.32 13.27 51.99
CA THR F 308 18.97 13.24 51.46
C THR F 308 18.06 13.98 52.44
N CYS F 309 16.81 14.18 52.03
CA CYS F 309 15.87 14.88 52.88
C CYS F 309 15.24 13.99 53.94
N ILE F 310 15.50 12.69 53.92
CA ILE F 310 15.30 11.85 55.09
C ILE F 310 16.69 11.49 55.57
N GLY F 311 17.35 12.48 56.19
CA GLY F 311 18.78 12.51 56.36
C GLY F 311 19.23 13.95 56.50
N GLU F 312 20.41 14.26 55.95
CA GLU F 312 21.10 15.48 56.31
C GLU F 312 20.34 16.73 55.91
N ARG F 313 19.69 16.70 54.73
CA ARG F 313 19.00 17.88 54.22
C ARG F 313 17.83 18.29 55.11
N TYR F 314 17.26 17.35 55.87
CA TYR F 314 16.14 17.69 56.74
C TYR F 314 16.60 18.54 57.93
N PHE F 315 17.66 18.11 58.62
CA PHE F 315 17.98 18.65 59.94
C PHE F 315 19.16 19.60 59.96
N LYS F 316 19.81 19.82 58.83
CA LYS F 316 21.10 20.52 58.89
C LYS F 316 20.95 21.99 59.27
N ASP F 317 19.93 22.65 58.77
CA ASP F 317 19.75 24.09 58.87
C ASP F 317 18.70 24.43 59.91
N LEU F 318 19.08 25.26 60.88
CA LEU F 318 18.18 25.71 61.92
C LEU F 318 17.73 27.14 61.70
N VAL F 319 16.50 27.46 62.14
CA VAL F 319 16.00 28.82 62.03
C VAL F 319 16.79 29.72 62.95
N GLU F 320 17.29 30.85 62.42
CA GLU F 320 17.95 31.88 63.19
C GLU F 320 16.93 32.71 63.97
N PRO F 321 17.31 33.22 65.14
CA PRO F 321 16.33 33.92 65.99
C PRO F 321 15.98 35.29 65.41
N ALA F 322 14.83 35.79 65.83
CA ALA F 322 14.38 37.11 65.39
C ALA F 322 13.40 37.66 66.42
N ALA F 323 13.25 38.99 66.41
CA ALA F 323 12.52 39.66 67.49
C ALA F 323 11.01 39.62 67.32
N ASP F 324 10.51 39.74 66.09
CA ASP F 324 9.08 39.85 65.87
C ASP F 324 8.60 38.81 64.87
N VAL F 325 7.31 38.84 64.57
CA VAL F 325 6.71 37.89 63.64
C VAL F 325 7.26 38.07 62.23
N GLU F 326 7.41 39.32 61.79
CA GLU F 326 7.96 39.55 60.45
C GLU F 326 9.32 38.88 60.30
N GLY F 327 10.24 39.22 61.20
CA GLY F 327 11.59 38.69 61.09
C GLY F 327 11.62 37.18 61.22
N MET F 328 10.79 36.62 62.09
CA MET F 328 10.73 35.16 62.21
C MET F 328 10.27 34.51 60.90
N LEU F 329 9.23 35.05 60.28
CA LEU F 329 8.75 34.49 59.01
C LEU F 329 9.86 34.53 57.96
N LYS F 330 10.60 35.64 57.88
CA LYS F 330 11.69 35.72 56.90
C LYS F 330 12.77 34.69 57.21
N ASN F 331 13.08 34.52 58.50
CA ASN F 331 14.12 33.55 58.89
C ASN F 331 13.66 32.12 58.67
N ILE F 332 12.36 31.84 58.87
CA ILE F 332 11.80 30.53 58.55
C ILE F 332 11.95 30.27 57.06
N ALA F 333 11.68 31.30 56.25
CA ALA F 333 11.81 31.16 54.81
C ALA F 333 13.27 30.93 54.41
N ALA F 334 14.19 31.69 55.04
CA ALA F 334 15.60 31.53 54.70
C ALA F 334 16.09 30.14 55.07
N ARG F 335 15.58 29.57 56.16
CA ARG F 335 16.03 28.23 56.57
C ARG F 335 15.69 27.21 55.50
N SER F 336 14.43 27.20 55.04
CA SER F 336 13.99 26.23 54.05
C SER F 336 14.83 26.33 52.78
N LEU F 337 15.16 27.56 52.40
CA LEU F 337 15.83 27.77 51.11
C LEU F 337 17.32 27.48 51.15
N LYS F 338 17.87 27.14 52.30
CA LYS F 338 19.21 26.58 52.37
C LYS F 338 19.28 25.11 51.95
N VAL F 339 18.14 24.43 51.81
CA VAL F 339 18.14 23.03 51.42
C VAL F 339 18.48 22.90 49.95
N ASN F 340 19.49 22.08 49.65
CA ASN F 340 20.06 21.97 48.31
C ASN F 340 19.42 20.82 47.53
N CYS F 341 18.15 21.04 47.22
CA CYS F 341 17.37 20.07 46.44
C CYS F 341 17.73 20.15 44.96
N ALA F 342 17.72 18.99 44.29
CA ALA F 342 18.02 18.93 42.85
C ALA F 342 16.99 19.64 41.97
N CYS F 343 15.85 20.06 42.55
CA CYS F 343 14.89 20.88 41.81
C CYS F 343 15.34 22.33 41.60
N PHE F 344 16.39 22.78 42.27
CA PHE F 344 16.94 24.10 41.99
C PHE F 344 18.08 24.00 40.98
N THR F 345 18.30 25.09 40.22
CA THR F 345 19.34 25.15 39.22
C THR F 345 20.16 26.41 39.47
N PRO F 346 21.50 26.33 39.44
CA PRO F 346 22.26 25.06 39.52
C PRO F 346 22.14 24.62 41.00
N ASN F 347 22.74 23.52 41.37
CA ASN F 347 22.62 23.05 42.76
C ASN F 347 24.00 22.72 43.28
N THR F 348 24.90 23.68 43.12
CA THR F 348 26.30 23.48 43.49
C THR F 348 26.46 23.28 44.98
N GLY F 349 25.58 23.84 45.80
CA GLY F 349 25.65 23.58 47.23
C GLY F 349 25.60 22.11 47.59
N ARG F 350 24.71 21.37 46.94
CA ARG F 350 24.60 19.93 47.24
C ARG F 350 25.94 19.24 46.99
N LEU F 351 26.61 19.60 45.90
CA LEU F 351 27.94 19.03 45.67
C LEU F 351 28.90 19.40 46.79
N GLU F 352 28.89 20.67 47.23
CA GLU F 352 29.72 21.06 48.37
C GLU F 352 29.39 20.24 49.61
N ASP F 353 28.10 20.03 49.88
CA ASP F 353 27.69 19.18 51.00
C ASP F 353 28.25 17.76 50.86
N ILE F 354 28.18 17.19 49.67
CA ILE F 354 28.67 15.83 49.47
C ILE F 354 30.15 15.78 49.81
N LEU F 355 30.93 16.74 49.29
CA LEU F 355 32.37 16.71 49.51
C LEU F 355 32.70 16.91 50.99
N SER F 356 32.02 17.83 51.65
CA SER F 356 32.31 18.11 53.05
C SER F 356 31.91 16.95 53.95
N MET F 357 30.82 16.26 53.62
CA MET F 357 30.46 15.06 54.38
C MET F 357 31.42 13.91 54.13
N VAL F 358 32.00 13.80 52.93
CA VAL F 358 32.97 12.72 52.70
C VAL F 358 34.16 12.88 53.63
N GLN F 359 34.62 14.13 53.80
CA GLN F 359 35.74 14.40 54.69
C GLN F 359 35.33 14.19 56.14
N LYS F 360 34.27 14.87 56.58
CA LYS F 360 33.92 14.83 58.00
C LYS F 360 33.64 13.41 58.46
N LEU F 361 32.97 12.62 57.63
CA LEU F 361 32.49 11.30 58.03
C LEU F 361 33.47 10.20 57.67
N GLN F 362 34.65 10.54 57.12
CA GLN F 362 35.71 9.58 56.81
C GLN F 362 35.18 8.47 55.89
N VAL F 363 34.61 8.88 54.77
CA VAL F 363 33.87 8.00 53.89
C VAL F 363 34.84 7.36 52.91
N ASP F 364 34.71 6.04 52.73
CA ASP F 364 35.49 5.30 51.75
C ASP F 364 34.79 5.21 50.39
N GLY F 365 33.46 5.33 50.36
CA GLY F 365 32.75 5.31 49.09
C GLY F 365 31.40 5.99 49.15
N VAL F 366 31.01 6.66 48.06
CA VAL F 366 29.73 7.35 47.96
C VAL F 366 28.79 6.51 47.09
N ILE F 367 27.62 6.18 47.63
CA ILE F 367 26.61 5.45 46.88
C ILE F 367 25.50 6.43 46.57
N HIS F 368 25.26 6.69 45.29
CA HIS F 368 24.24 7.63 44.86
C HIS F 368 23.00 6.81 44.52
N TYR F 369 21.94 7.01 45.30
CA TYR F 369 20.70 6.29 45.14
C TYR F 369 19.56 7.28 44.91
N SER F 370 18.82 7.07 43.83
CA SER F 370 17.67 7.90 43.50
C SER F 370 16.59 6.95 42.98
N LEU F 371 15.34 7.25 43.34
CA LEU F 371 14.22 6.43 42.93
C LEU F 371 14.05 6.47 41.42
N GLN F 372 13.67 5.31 40.88
CA GLN F 372 13.31 5.15 39.47
C GLN F 372 12.32 6.22 39.03
N PHE F 373 12.63 6.84 37.88
CA PHE F 373 11.81 7.89 37.27
C PHE F 373 11.85 9.20 38.03
N CYS F 374 12.76 9.36 39.00
CA CYS F 374 12.99 10.68 39.59
C CYS F 374 13.98 11.43 38.69
N GLN F 375 13.51 12.39 37.95
CA GLN F 375 14.34 13.03 36.94
C GLN F 375 15.22 14.14 37.48
N PRO F 376 14.76 14.95 38.44
CA PRO F 376 15.69 15.96 38.99
C PRO F 376 16.99 15.30 39.47
N TYR F 377 16.88 14.25 40.27
CA TYR F 377 18.09 13.64 40.83
C TYR F 377 18.75 12.72 39.80
N GLY F 378 17.96 12.11 38.92
CA GLY F 378 18.54 11.25 37.89
C GLY F 378 19.44 12.01 36.95
N VAL F 379 18.98 13.17 36.47
CA VAL F 379 19.77 13.96 35.57
C VAL F 379 21.00 14.51 36.30
N GLU F 380 20.79 15.20 37.41
CA GLU F 380 21.90 15.78 38.16
C GLU F 380 22.94 14.73 38.58
N SER F 381 22.59 13.46 38.61
CA SER F 381 23.60 12.48 39.02
C SER F 381 24.79 12.47 38.08
N TYR F 382 24.62 12.91 36.84
CA TYR F 382 25.76 12.92 35.92
C TYR F 382 26.85 13.91 36.38
N LEU F 383 26.44 15.14 36.76
CA LEU F 383 27.42 16.13 37.15
C LEU F 383 28.05 15.79 38.49
N VAL F 384 27.29 15.16 39.37
CA VAL F 384 27.80 14.80 40.68
C VAL F 384 28.87 13.72 40.56
N GLY F 385 28.56 12.66 39.81
CA GLY F 385 29.53 11.60 39.57
C GLY F 385 30.82 12.08 38.95
N ARG F 386 30.72 13.00 37.98
N ARG F 386 30.73 13.01 38.00
CA ARG F 386 31.90 13.50 37.30
CA ARG F 386 31.95 13.43 37.32
C ARG F 386 32.81 14.23 38.27
C ARG F 386 32.83 14.25 38.25
N GLU F 387 32.24 15.12 39.09
CA GLU F 387 33.02 15.85 40.07
C GLU F 387 33.65 14.91 41.11
N LEU F 388 32.92 13.89 41.55
CA LEU F 388 33.49 12.95 42.51
C LEU F 388 34.62 12.14 41.90
N GLU F 389 34.49 11.79 40.61
CA GLU F 389 35.58 11.07 39.93
C GLU F 389 36.78 11.98 39.65
N ARG F 390 36.56 13.25 39.39
CA ARG F 390 37.68 14.18 39.31
C ARG F 390 38.50 14.17 40.60
N ARG F 391 37.84 13.99 41.74
CA ARG F 391 38.50 13.99 43.03
C ARG F 391 38.81 12.60 43.54
N ASN F 392 38.70 11.59 42.69
CA ASN F 392 39.02 10.20 43.05
C ASN F 392 38.31 9.76 44.33
N ILE F 393 37.05 10.14 44.47
CA ILE F 393 36.15 9.58 45.46
C ILE F 393 35.36 8.46 44.79
N PRO F 394 35.46 7.23 45.28
CA PRO F 394 34.67 6.14 44.66
C PRO F 394 33.17 6.41 44.75
N PHE F 395 32.49 6.13 43.64
CA PHE F 395 31.12 6.56 43.38
C PHE F 395 30.39 5.46 42.66
N LEU F 396 29.21 5.12 43.15
CA LEU F 396 28.36 4.10 42.54
C LEU F 396 26.94 4.64 42.44
N LYS F 397 26.39 4.69 41.22
CA LYS F 397 25.03 5.12 40.98
C LYS F 397 24.10 3.92 41.01
N LEU F 398 23.12 3.95 41.90
CA LEU F 398 22.09 2.93 41.98
C LEU F 398 20.72 3.55 41.75
N GLU F 399 19.83 2.76 41.11
CA GLU F 399 18.44 3.12 40.92
C GLU F 399 17.56 1.92 41.22
N SER F 400 16.45 2.14 41.90
CA SER F 400 15.50 1.05 42.13
C SER F 400 14.13 1.66 42.41
N ASP F 401 13.15 0.81 42.66
CA ASP F 401 11.82 1.23 43.07
C ASP F 401 11.51 0.47 44.37
N PHE F 402 10.23 0.41 44.73
CA PHE F 402 9.85 -0.14 46.01
C PHE F 402 9.63 -1.66 45.97
N SER F 403 9.77 -2.29 44.81
CA SER F 403 9.64 -3.73 44.72
C SER F 403 10.93 -4.35 45.24
N GLU F 404 10.79 -5.35 46.11
CA GLU F 404 11.91 -5.80 46.92
C GLU F 404 12.80 -6.84 46.26
N GLU F 405 12.35 -7.50 45.19
CA GLU F 405 13.02 -8.73 44.77
C GLU F 405 14.09 -8.50 43.72
N ASP F 406 14.54 -7.27 43.51
CA ASP F 406 15.75 -7.03 42.71
C ASP F 406 16.99 -6.98 43.57
N GLN F 407 16.96 -7.60 44.76
CA GLN F 407 18.14 -7.70 45.62
CA GLN F 407 18.16 -7.62 45.59
C GLN F 407 19.32 -8.33 44.89
N GLY F 408 19.05 -9.33 44.07
CA GLY F 408 20.15 -10.00 43.39
C GLY F 408 20.95 -9.05 42.53
N GLN F 409 20.26 -8.20 41.79
CA GLN F 409 20.93 -7.20 40.97
C GLN F 409 21.65 -6.19 41.85
N LEU F 410 20.97 -5.67 42.86
CA LEU F 410 21.57 -4.64 43.70
C LEU F 410 22.79 -5.17 44.45
N LYS F 411 22.70 -6.38 44.98
CA LYS F 411 23.79 -6.98 45.74
C LYS F 411 25.07 -7.03 44.95
N THR F 412 25.03 -7.47 43.69
CA THR F 412 26.21 -7.59 42.86
C THR F 412 26.84 -6.23 42.63
N ARG F 413 26.01 -5.23 42.34
CA ARG F 413 26.54 -3.88 42.15
C ARG F 413 27.18 -3.35 43.44
N ILE F 414 26.48 -3.49 44.56
CA ILE F 414 26.99 -3.01 45.84
C ILE F 414 28.28 -3.76 46.20
N GLU F 415 28.24 -5.09 46.15
CA GLU F 415 29.36 -5.88 46.65
C GLU F 415 30.57 -5.76 45.75
N ALA F 416 30.37 -5.60 44.44
CA ALA F 416 31.51 -5.29 43.56
C ALA F 416 32.12 -3.93 43.92
N PHE F 417 31.27 -2.97 44.31
CA PHE F 417 31.73 -1.67 44.78
C PHE F 417 32.50 -1.80 46.09
N LEU F 418 31.96 -2.54 47.05
CA LEU F 418 32.70 -2.78 48.30
C LEU F 418 34.03 -3.49 48.03
N GLU F 419 34.04 -4.44 47.10
CA GLU F 419 35.30 -5.11 46.76
C GLU F 419 36.32 -4.14 46.19
N MET F 420 35.87 -3.20 45.35
CA MET F 420 36.77 -2.25 44.70
C MET F 420 37.43 -1.28 45.69
N ILE F 421 36.71 -0.88 46.75
CA ILE F 421 37.19 0.14 47.68
C ILE F 421 37.74 -0.47 48.97
N LYS F 422 37.97 -1.78 49.02
CA LYS F 422 38.36 -2.44 50.28
C LYS F 422 39.73 -1.94 50.74
N MET G 1 -18.46 -19.72 4.11
CA MET G 1 -19.06 -18.72 3.23
C MET G 1 -18.62 -17.33 3.69
N PHE G 2 -18.70 -17.07 5.00
CA PHE G 2 -18.18 -15.83 5.58
C PHE G 2 -17.01 -16.14 6.52
N ALA G 3 -15.90 -15.48 6.28
CA ALA G 3 -14.65 -15.81 6.95
C ALA G 3 -14.08 -14.63 7.77
N GLY G 4 -13.56 -14.98 8.96
CA GLY G 4 -12.90 -14.04 9.85
C GLY G 4 -11.52 -14.55 10.15
N LEU G 5 -10.51 -13.78 9.73
CA LEU G 5 -9.11 -14.16 9.89
C LEU G 5 -8.41 -13.20 10.83
N ASP G 6 -7.91 -13.72 11.93
CA ASP G 6 -7.29 -12.92 12.98
C ASP G 6 -5.81 -13.25 13.03
N LEU G 7 -4.98 -12.37 12.48
CA LEU G 7 -3.57 -12.62 12.37
C LEU G 7 -2.88 -11.91 13.54
N GLY G 8 -2.76 -12.60 14.62
CA GLY G 8 -2.18 -12.01 15.79
C GLY G 8 -0.68 -12.19 15.86
N SER G 9 -0.09 -11.53 16.84
CA SER G 9 1.35 -11.56 16.97
C SER G 9 1.81 -12.96 17.25
N THR G 10 1.00 -13.75 17.90
CA THR G 10 1.38 -15.03 18.45
C THR G 10 0.69 -16.16 17.73
N ASN G 11 -0.64 -16.05 17.53
CA ASN G 11 -1.41 -17.08 16.85
C ASN G 11 -2.30 -16.47 15.82
N SER G 12 -2.52 -17.20 14.73
CA SER G 12 -3.48 -16.81 13.70
C SER G 12 -4.65 -17.77 13.78
N LYS G 13 -5.85 -17.19 13.68
CA LYS G 13 -7.08 -17.92 13.91
C LYS G 13 -8.01 -17.65 12.73
N LEU G 14 -8.76 -18.66 12.33
CA LEU G 14 -9.71 -18.51 11.22
C LEU G 14 -11.06 -19.06 11.62
N VAL G 15 -12.12 -18.28 11.41
CA VAL G 15 -13.48 -18.75 11.64
C VAL G 15 -14.23 -18.65 10.32
N ILE G 16 -14.95 -19.72 9.96
CA ILE G 16 -15.81 -19.76 8.78
C ILE G 16 -17.23 -19.98 9.27
N ILE G 17 -18.12 -19.04 8.95
CA ILE G 17 -19.54 -19.16 9.20
C ILE G 17 -20.20 -19.66 7.94
N LYS G 18 -20.94 -20.77 8.06
CA LYS G 18 -21.63 -21.43 6.95
C LYS G 18 -23.04 -20.85 6.76
N GLU G 19 -23.70 -21.31 5.70
CA GLU G 19 -25.05 -20.80 5.37
C GLU G 19 -26.04 -21.06 6.49
N ASP G 20 -25.96 -22.24 7.11
CA ASP G 20 -26.89 -22.63 8.16
C ASP G 20 -26.56 -22.02 9.52
N GLY G 21 -25.62 -21.09 9.55
CA GLY G 21 -25.23 -20.44 10.78
C GLY G 21 -24.19 -21.17 11.60
N SER G 22 -23.90 -22.42 11.26
CA SER G 22 -22.80 -23.15 11.90
C SER G 22 -21.46 -22.41 11.67
N TYR G 23 -20.48 -22.75 12.48
CA TYR G 23 -19.14 -22.22 12.20
C TYR G 23 -18.07 -23.22 12.61
N THR G 24 -16.92 -23.12 11.92
CA THR G 24 -15.72 -23.86 12.27
C THR G 24 -14.60 -22.89 12.61
N PHE G 25 -13.61 -23.38 13.33
CA PHE G 25 -12.47 -22.56 13.67
C PHE G 25 -11.20 -23.39 13.64
N LYS G 26 -10.09 -22.76 13.25
CA LYS G 26 -8.77 -23.33 13.41
C LYS G 26 -7.74 -22.28 13.79
N VAL G 27 -6.70 -22.75 14.44
CA VAL G 27 -5.65 -21.93 15.01
C VAL G 27 -4.32 -22.53 14.60
N VAL G 28 -3.40 -21.66 14.17
CA VAL G 28 -2.00 -22.04 13.99
C VAL G 28 -1.11 -20.94 14.54
N PRO G 29 0.09 -21.30 14.99
CA PRO G 29 1.04 -20.25 15.40
C PRO G 29 1.34 -19.31 14.24
N THR G 30 1.51 -18.02 14.57
CA THR G 30 1.84 -17.06 13.54
C THR G 30 3.27 -17.23 13.05
N ARG G 31 4.18 -17.59 13.94
CA ARG G 31 5.61 -17.70 13.66
C ARG G 31 6.15 -16.45 12.98
N TYR G 32 5.64 -15.29 13.39
CA TYR G 32 6.09 -14.00 12.89
C TYR G 32 5.92 -13.83 11.39
N GLU G 33 5.11 -14.65 10.73
CA GLU G 33 4.86 -14.54 9.29
C GLU G 33 3.38 -14.64 9.01
N PRO G 34 2.62 -13.56 9.30
CA PRO G 34 1.15 -13.64 9.17
C PRO G 34 0.64 -13.94 7.74
N VAL G 35 1.35 -13.47 6.71
CA VAL G 35 0.93 -13.77 5.37
C VAL G 35 0.94 -15.28 5.17
N LYS G 36 2.02 -15.95 5.60
CA LYS G 36 2.09 -17.40 5.46
C LYS G 36 1.03 -18.08 6.30
N ALA G 37 0.81 -17.59 7.54
CA ALA G 37 -0.19 -18.21 8.42
C ALA G 37 -1.60 -18.06 7.85
N GLY G 38 -1.90 -16.89 7.31
CA GLY G 38 -3.21 -16.67 6.73
C GLY G 38 -3.46 -17.55 5.52
N GLU G 39 -2.49 -17.57 4.59
CA GLU G 39 -2.67 -18.41 3.41
C GLU G 39 -2.82 -19.88 3.81
N LEU G 40 -2.04 -20.33 4.79
CA LEU G 40 -2.18 -21.68 5.29
C LEU G 40 -3.57 -21.93 5.89
N LEU G 41 -4.05 -21.03 6.74
CA LEU G 41 -5.37 -21.24 7.31
C LEU G 41 -6.42 -21.31 6.20
N LEU G 42 -6.31 -20.45 5.20
CA LEU G 42 -7.34 -20.36 4.16
C LEU G 42 -7.18 -21.49 3.16
N LYS G 43 -6.20 -22.35 3.29
CA LYS G 43 -5.94 -23.39 2.32
C LYS G 43 -7.04 -24.41 2.43
N ASN G 44 -7.71 -24.70 1.33
CA ASN G 44 -8.75 -25.71 1.25
C ASN G 44 -10.05 -25.27 1.87
N THR G 45 -10.30 -23.96 1.97
CA THR G 45 -11.44 -23.50 2.76
C THR G 45 -12.75 -23.59 1.97
N GLY G 46 -12.74 -23.13 0.72
CA GLY G 46 -13.94 -23.13 -0.08
C GLY G 46 -14.19 -21.77 -0.67
N GLU G 47 -15.32 -21.64 -1.33
CA GLU G 47 -15.69 -20.40 -2.01
C GLU G 47 -16.27 -19.47 -0.95
N ILE G 48 -15.48 -18.49 -0.56
CA ILE G 48 -15.81 -17.56 0.52
C ILE G 48 -16.39 -16.30 -0.10
N ARG G 49 -17.54 -15.86 0.42
CA ARG G 49 -18.24 -14.70 -0.11
C ARG G 49 -17.68 -13.38 0.43
N ASN G 50 -17.40 -13.33 1.74
CA ASN G 50 -16.85 -12.14 2.38
C ASN G 50 -15.76 -12.57 3.34
N LEU G 51 -14.67 -11.79 3.38
CA LEU G 51 -13.59 -11.99 4.32
C LEU G 51 -13.35 -10.67 5.07
N VAL G 52 -13.14 -10.77 6.38
CA VAL G 52 -12.65 -9.69 7.22
C VAL G 52 -11.35 -10.19 7.83
N VAL G 53 -10.31 -9.35 7.81
CA VAL G 53 -9.01 -9.67 8.39
C VAL G 53 -8.70 -8.67 9.52
N THR G 54 -8.15 -9.17 10.61
CA THR G 54 -7.89 -8.39 11.81
C THR G 54 -6.55 -8.84 12.38
N GLY G 55 -6.19 -8.25 13.49
CA GLY G 55 -4.91 -8.51 14.11
C GLY G 55 -3.79 -7.72 13.42
N TYR G 56 -2.59 -7.77 14.04
CA TYR G 56 -1.39 -7.15 13.47
C TYR G 56 -1.24 -7.44 11.97
N GLY G 57 -1.53 -8.68 11.55
CA GLY G 57 -1.27 -9.07 10.15
C GLY G 57 -2.23 -8.47 9.15
N ARG G 58 -3.29 -7.84 9.62
CA ARG G 58 -4.22 -7.19 8.72
C ARG G 58 -3.56 -6.09 7.90
N VAL G 59 -2.45 -5.51 8.39
CA VAL G 59 -1.80 -4.45 7.61
C VAL G 59 -1.16 -4.99 6.33
N ALA G 60 -0.83 -6.28 6.28
CA ALA G 60 -0.10 -6.84 5.15
C ALA G 60 -0.91 -7.80 4.30
N PHE G 61 -1.92 -8.48 4.87
CA PHE G 61 -2.70 -9.42 4.07
C PHE G 61 -3.43 -8.70 2.95
N ASN G 62 -3.27 -9.20 1.71
CA ASN G 62 -3.62 -8.41 0.52
C ASN G 62 -5.05 -8.60 0.04
N ARG G 63 -5.92 -9.16 0.87
CA ARG G 63 -7.33 -9.16 0.54
C ARG G 63 -8.12 -9.24 1.83
N GLY G 64 -9.39 -8.88 1.73
CA GLY G 64 -10.31 -8.89 2.84
C GLY G 64 -10.57 -7.48 3.36
N LYS G 65 -11.75 -7.27 3.95
CA LYS G 65 -12.04 -6.03 4.65
C LYS G 65 -11.24 -6.00 5.94
N VAL G 66 -10.60 -4.87 6.23
CA VAL G 66 -9.74 -4.73 7.40
C VAL G 66 -10.53 -4.14 8.55
N VAL G 67 -10.41 -4.74 9.73
CA VAL G 67 -11.13 -4.29 10.92
C VAL G 67 -10.22 -4.56 12.11
N THR G 68 -10.17 -3.63 13.07
CA THR G 68 -9.26 -3.84 14.19
C THR G 68 -9.78 -4.96 15.09
N GLU G 69 -8.83 -5.50 15.87
CA GLU G 69 -9.15 -6.56 16.82
C GLU G 69 -10.02 -6.08 17.95
N ILE G 70 -10.05 -4.77 18.23
CA ILE G 70 -10.95 -4.26 19.26
C ILE G 70 -12.41 -4.43 18.81
N THR G 71 -12.70 -4.01 17.60
CA THR G 71 -14.06 -4.10 17.09
C THR G 71 -14.49 -5.57 16.91
N CYS G 72 -13.61 -6.39 16.38
CA CYS G 72 -13.93 -7.80 16.19
C CYS G 72 -14.13 -8.50 17.53
N GLN G 73 -13.27 -8.23 18.50
CA GLN G 73 -13.42 -8.89 19.79
C GLN G 73 -14.75 -8.53 20.42
N ALA G 74 -15.15 -7.27 20.31
CA ALA G 74 -16.43 -6.88 20.86
C ALA G 74 -17.56 -7.66 20.18
N ARG G 75 -17.49 -7.77 18.84
CA ARG G 75 -18.57 -8.42 18.11
C ARG G 75 -18.61 -9.90 18.43
N GLY G 76 -17.44 -10.53 18.50
CA GLY G 76 -17.39 -11.96 18.73
C GLY G 76 -17.88 -12.33 20.11
N CYS G 77 -17.39 -11.62 21.13
CA CYS G 77 -17.86 -11.89 22.48
C CYS G 77 -19.35 -11.60 22.65
N HIS G 78 -19.90 -10.64 21.87
CA HIS G 78 -21.32 -10.33 21.97
C HIS G 78 -22.19 -11.51 21.52
N GLU G 79 -21.73 -12.23 20.49
CA GLU G 79 -22.44 -13.42 20.03
C GLU G 79 -22.51 -14.48 21.12
N LEU G 80 -21.47 -14.58 21.93
CA LEU G 80 -21.42 -15.58 22.99
C LEU G 80 -22.06 -15.10 24.29
N PHE G 81 -21.79 -13.88 24.72
CA PHE G 81 -22.27 -13.34 26.00
C PHE G 81 -22.88 -11.96 25.80
N PRO G 82 -24.06 -11.89 25.21
CA PRO G 82 -24.64 -10.57 24.95
C PRO G 82 -24.95 -9.82 26.21
N GLU G 83 -25.04 -10.48 27.34
CA GLU G 83 -25.49 -9.82 28.56
C GLU G 83 -24.35 -9.33 29.43
N VAL G 84 -23.10 -9.48 28.98
CA VAL G 84 -21.95 -8.98 29.72
C VAL G 84 -21.33 -7.87 28.89
N ASP G 85 -21.13 -6.73 29.50
CA ASP G 85 -20.77 -5.53 28.76
C ASP G 85 -19.27 -5.29 28.70
N TYR G 86 -18.46 -6.00 29.51
CA TYR G 86 -17.03 -5.73 29.58
C TYR G 86 -16.25 -6.97 29.17
N ILE G 87 -15.20 -6.74 28.36
CA ILE G 87 -14.34 -7.77 27.81
C ILE G 87 -12.88 -7.42 28.08
N LEU G 88 -12.17 -8.30 28.76
CA LEU G 88 -10.71 -8.28 28.84
C LEU G 88 -10.14 -9.32 27.88
N ASP G 89 -9.36 -8.87 26.91
CA ASP G 89 -8.64 -9.72 25.95
C ASP G 89 -7.16 -9.61 26.27
N LEU G 90 -6.57 -10.73 26.70
CA LEU G 90 -5.12 -10.82 26.90
C LEU G 90 -4.55 -11.69 25.78
N GLY G 91 -3.67 -11.08 24.98
CA GLY G 91 -2.94 -11.74 23.95
C GLY G 91 -1.46 -11.81 24.28
N GLY G 92 -0.66 -12.07 23.24
CA GLY G 92 0.76 -12.26 23.44
C GLY G 92 1.50 -10.96 23.63
N GLN G 93 1.06 -9.90 22.95
CA GLN G 93 1.71 -8.58 23.06
C GLN G 93 0.87 -7.50 23.70
N ASP G 94 -0.47 -7.60 23.59
CA ASP G 94 -1.35 -6.53 23.97
C ASP G 94 -2.40 -7.03 24.95
N ALA G 95 -2.86 -6.12 25.79
CA ALA G 95 -4.02 -6.35 26.64
C ALA G 95 -5.06 -5.30 26.31
N LYS G 96 -6.33 -5.73 26.23
CA LYS G 96 -7.41 -4.85 25.84
C LYS G 96 -8.58 -4.98 26.84
N ILE G 97 -9.08 -3.86 27.34
CA ILE G 97 -10.36 -3.83 28.04
C ILE G 97 -11.35 -3.10 27.13
N ILE G 98 -12.54 -3.65 27.00
CA ILE G 98 -13.51 -3.21 26.01
C ILE G 98 -14.87 -3.20 26.68
N LYS G 99 -15.64 -2.15 26.40
CA LYS G 99 -17.01 -2.06 26.83
C LYS G 99 -17.85 -2.03 25.56
N LYS G 100 -18.86 -2.90 25.49
CA LYS G 100 -19.73 -3.01 24.32
C LYS G 100 -21.18 -2.74 24.72
N ASP G 101 -22.02 -2.50 23.72
CA ASP G 101 -23.41 -2.22 23.95
C ASP G 101 -24.26 -3.42 23.56
N GLY G 102 -25.57 -3.20 23.49
CA GLY G 102 -26.53 -4.28 23.27
C GLY G 102 -26.45 -4.87 21.87
N GLN G 103 -25.77 -4.20 20.95
CA GLN G 103 -25.51 -4.74 19.62
C GLN G 103 -24.08 -5.22 19.44
N GLY G 104 -23.30 -5.28 20.52
CA GLY G 104 -21.90 -5.66 20.40
C GLY G 104 -20.97 -4.60 19.84
N ARG G 105 -21.44 -3.35 19.80
CA ARG G 105 -20.62 -2.23 19.31
C ARG G 105 -19.72 -1.68 20.41
N VAL G 106 -18.54 -1.23 20.02
CA VAL G 106 -17.60 -0.67 20.98
C VAL G 106 -18.10 0.69 21.48
N VAL G 107 -18.32 0.81 22.78
CA VAL G 107 -18.62 2.13 23.36
C VAL G 107 -17.39 2.76 23.99
N ASN G 108 -16.41 1.96 24.40
CA ASN G 108 -15.10 2.47 24.76
C ASN G 108 -14.13 1.29 24.85
N PHE G 109 -12.83 1.62 24.83
CA PHE G 109 -11.78 0.63 24.97
C PHE G 109 -10.50 1.29 25.49
N LEU G 110 -9.61 0.45 26.00
CA LEU G 110 -8.27 0.84 26.37
C LEU G 110 -7.33 -0.32 26.10
N MET G 111 -6.19 -0.06 25.48
CA MET G 111 -5.10 -1.02 25.40
C MET G 111 -3.93 -0.66 26.31
N ASN G 112 -3.06 -1.65 26.51
CA ASN G 112 -1.92 -1.47 27.41
C ASN G 112 -1.06 -0.29 26.96
N ASP G 113 -0.43 0.36 27.92
CA ASP G 113 0.60 1.36 27.68
C ASP G 113 1.87 0.63 27.20
N LYS G 114 2.84 1.41 26.73
CA LYS G 114 4.04 0.84 26.11
C LYS G 114 4.78 -0.07 27.08
N CYS G 115 4.87 0.32 28.36
CA CYS G 115 5.66 -0.47 29.30
C CYS G 115 4.93 -1.73 29.74
N ALA G 116 3.61 -1.81 29.50
CA ALA G 116 2.83 -3.03 29.78
C ALA G 116 2.79 -4.02 28.60
N ALA G 117 3.59 -3.79 27.57
CA ALA G 117 3.57 -4.67 26.40
C ALA G 117 4.17 -6.04 26.70
N GLY G 118 3.67 -7.03 25.99
CA GLY G 118 4.31 -8.32 25.97
C GLY G 118 4.04 -9.21 27.16
N THR G 119 3.00 -8.88 27.93
CA THR G 119 2.68 -9.66 29.13
C THR G 119 2.48 -11.14 28.79
N GLY G 120 1.63 -11.41 27.81
CA GLY G 120 1.30 -12.78 27.49
C GLY G 120 2.49 -13.61 27.03
N ARG G 121 3.30 -13.05 26.13
CA ARG G 121 4.49 -13.76 25.65
C ARG G 121 5.48 -14.07 26.77
N PHE G 122 5.66 -13.12 27.67
CA PHE G 122 6.53 -13.36 28.82
C PHE G 122 5.99 -14.52 29.67
N LEU G 123 4.68 -14.54 29.93
CA LEU G 123 4.08 -15.67 30.66
C LEU G 123 4.35 -16.97 29.94
N GLU G 124 4.16 -16.98 28.61
CA GLU G 124 4.43 -18.18 27.83
C GLU G 124 5.88 -18.63 27.98
N ILE G 125 6.82 -17.69 27.96
CA ILE G 125 8.24 -18.01 28.00
C ILE G 125 8.62 -18.53 29.37
N ILE G 126 8.19 -17.84 30.42
CA ILE G 126 8.63 -18.20 31.77
C ILE G 126 8.03 -19.54 32.18
N LEU G 127 6.78 -19.80 31.79
CA LEU G 127 6.16 -21.06 32.17
C LEU G 127 6.77 -22.25 31.43
N THR G 128 7.28 -22.06 30.22
CA THR G 128 7.96 -23.17 29.57
C THR G 128 9.33 -23.40 30.22
N ALA G 129 10.02 -22.32 30.58
CA ALA G 129 11.33 -22.46 31.22
C ALA G 129 11.22 -23.15 32.57
N ILE G 130 10.19 -22.85 33.36
CA ILE G 130 10.04 -23.41 34.70
C ILE G 130 8.62 -23.90 34.91
N GLY G 131 8.44 -24.69 35.95
CA GLY G 131 7.13 -25.07 36.44
C GLY G 131 6.06 -25.50 35.44
N ASP G 132 6.45 -25.99 34.27
CA ASP G 132 5.49 -26.70 33.44
C ASP G 132 5.12 -28.03 34.08
N ASP G 133 6.10 -28.68 34.71
CA ASP G 133 5.93 -29.80 35.62
C ASP G 133 4.66 -29.69 36.46
N TYR G 134 4.39 -28.49 36.95
CA TYR G 134 3.48 -28.29 38.06
C TYR G 134 2.02 -28.39 37.63
N ARG G 135 1.20 -28.92 38.55
CA ARG G 135 -0.25 -28.82 38.44
C ARG G 135 -0.70 -27.43 38.88
N ASP G 136 -1.80 -26.96 38.30
CA ASP G 136 -2.14 -25.55 38.44
C ASP G 136 -3.05 -25.25 39.62
N GLU G 137 -3.89 -26.19 40.05
CA GLU G 137 -4.70 -25.88 41.24
C GLU G 137 -3.81 -25.72 42.47
N ASP G 138 -2.62 -26.33 42.47
CA ASP G 138 -1.61 -26.03 43.48
C ASP G 138 -1.53 -24.53 43.73
N LEU G 139 -1.52 -23.76 42.63
CA LEU G 139 -1.28 -22.32 42.71
C LEU G 139 -2.37 -21.59 43.46
N ILE G 140 -3.62 -22.07 43.36
CA ILE G 140 -4.73 -21.32 43.90
C ILE G 140 -4.66 -21.26 45.42
N ASN G 141 -4.44 -22.41 46.06
CA ASN G 141 -4.29 -22.47 47.51
C ASN G 141 -2.90 -21.99 47.91
N GLU G 142 -2.32 -21.10 47.12
CA GLU G 142 -0.97 -20.63 47.38
C GLU G 142 -0.92 -19.93 48.74
N GLU G 143 0.08 -20.31 49.54
CA GLU G 143 0.31 -19.66 50.82
C GLU G 143 1.32 -18.53 50.73
N ASN G 144 2.23 -18.62 49.76
CA ASN G 144 3.43 -17.79 49.74
C ASN G 144 3.72 -17.30 48.32
N ALA G 145 2.71 -16.73 47.68
CA ALA G 145 2.87 -16.13 46.35
C ALA G 145 3.68 -14.84 46.49
N VAL G 146 4.98 -14.94 46.23
CA VAL G 146 5.87 -13.80 46.48
C VAL G 146 5.49 -12.63 45.56
N PRO G 147 5.34 -11.41 46.08
CA PRO G 147 5.09 -10.26 45.20
C PRO G 147 6.23 -10.08 44.19
N ILE G 148 5.84 -9.80 42.95
CA ILE G 148 6.78 -9.60 41.86
C ILE G 148 6.43 -8.30 41.17
N ASN G 149 7.45 -7.56 40.77
CA ASN G 149 7.26 -6.23 40.22
C ASN G 149 6.24 -6.22 39.09
N SER G 150 5.26 -5.34 39.20
CA SER G 150 4.20 -5.10 38.23
C SER G 150 4.66 -4.25 37.05
N MET G 151 5.83 -3.58 37.14
CA MET G 151 6.15 -2.51 36.18
C MET G 151 6.10 -2.99 34.72
N CYS G 152 6.81 -4.08 34.39
CA CYS G 152 7.00 -4.54 33.02
C CYS G 152 7.70 -5.89 33.09
N THR G 153 7.76 -6.56 31.94
CA THR G 153 8.37 -7.88 31.90
C THR G 153 9.88 -7.84 32.15
N VAL G 154 10.55 -6.76 31.74
CA VAL G 154 11.97 -6.62 32.02
C VAL G 154 12.20 -6.60 33.53
N PHE G 155 11.43 -5.77 34.26
CA PHE G 155 11.59 -5.69 35.71
C PHE G 155 11.18 -6.98 36.37
N ALA G 156 10.15 -7.61 35.83
CA ALA G 156 9.69 -8.88 36.37
C ALA G 156 10.76 -9.97 36.20
N GLU G 157 11.35 -10.07 35.00
CA GLU G 157 12.29 -11.15 34.78
C GLU G 157 13.50 -10.99 35.68
N SER G 158 13.94 -9.75 35.89
CA SER G 158 15.04 -9.51 36.82
C SER G 158 14.74 -10.13 38.18
N GLU G 159 13.51 -10.02 38.63
CA GLU G 159 13.16 -10.51 39.96
C GLU G 159 13.00 -12.01 39.96
N VAL G 160 12.55 -12.57 38.85
CA VAL G 160 12.48 -14.02 38.73
C VAL G 160 13.86 -14.61 38.87
N ILE G 161 14.84 -14.03 38.18
CA ILE G 161 16.21 -14.51 38.23
C ILE G 161 16.76 -14.46 39.65
N SER G 162 16.53 -13.36 40.38
CA SER G 162 17.04 -13.27 41.76
C SER G 162 16.29 -14.23 42.70
N LEU G 163 14.97 -14.32 42.55
CA LEU G 163 14.19 -15.20 43.42
C LEU G 163 14.65 -16.65 43.29
N LEU G 164 14.76 -17.13 42.06
CA LEU G 164 15.26 -18.48 41.82
C LEU G 164 16.75 -18.63 42.09
N ALA G 165 17.51 -17.53 42.02
CA ALA G 165 18.92 -17.61 42.36
C ALA G 165 19.11 -17.79 43.86
N ARG G 166 18.21 -17.25 44.68
CA ARG G 166 18.34 -17.33 46.13
C ARG G 166 17.56 -18.50 46.73
N GLY G 167 16.94 -19.34 45.91
CA GLY G 167 16.36 -20.59 46.37
C GLY G 167 14.86 -20.62 46.49
N THR G 168 14.17 -19.57 46.03
CA THR G 168 12.72 -19.57 46.06
C THR G 168 12.19 -20.71 45.19
N SER G 169 11.10 -21.32 45.63
CA SER G 169 10.50 -22.43 44.89
C SER G 169 10.04 -21.97 43.51
N LYS G 170 10.10 -22.88 42.54
CA LYS G 170 9.47 -22.64 41.25
C LYS G 170 7.98 -22.34 41.39
N ARG G 171 7.28 -23.14 42.21
CA ARG G 171 5.86 -22.93 42.44
C ARG G 171 5.55 -21.51 42.90
N ALA G 172 6.28 -21.06 43.94
CA ALA G 172 6.00 -19.76 44.54
C ALA G 172 6.20 -18.63 43.54
N VAL G 173 7.17 -18.77 42.63
CA VAL G 173 7.42 -17.73 41.63
C VAL G 173 6.30 -17.71 40.60
N ILE G 174 5.88 -18.88 40.10
CA ILE G 174 4.79 -18.92 39.14
C ILE G 174 3.52 -18.37 39.77
N ALA G 175 3.22 -18.83 40.98
CA ALA G 175 2.06 -18.29 41.68
C ALA G 175 2.18 -16.78 41.77
N GLY G 176 3.35 -16.29 42.16
CA GLY G 176 3.55 -14.86 42.25
C GLY G 176 3.35 -14.12 40.94
N LEU G 177 3.81 -14.71 39.85
CA LEU G 177 3.66 -14.05 38.55
C LEU G 177 2.19 -13.95 38.18
N PHE G 178 1.44 -15.06 38.37
CA PHE G 178 0.01 -15.04 38.08
C PHE G 178 -0.72 -14.05 38.98
N LYS G 179 -0.33 -13.99 40.26
CA LYS G 179 -1.01 -13.06 41.16
C LYS G 179 -0.69 -11.62 40.82
N THR G 180 0.58 -11.32 40.55
CA THR G 180 0.90 -9.93 40.19
C THR G 180 0.21 -9.52 38.89
N THR G 181 0.23 -10.39 37.89
CA THR G 181 -0.45 -10.08 36.64
C THR G 181 -1.93 -9.87 36.88
N ALA G 182 -2.54 -10.74 37.69
CA ALA G 182 -3.98 -10.64 37.92
C ALA G 182 -4.33 -9.33 38.62
N LYS G 183 -3.52 -8.90 39.58
CA LYS G 183 -3.76 -7.63 40.27
C LYS G 183 -3.71 -6.46 39.30
N ARG G 184 -2.72 -6.43 38.40
CA ARG G 184 -2.61 -5.33 37.47
C ARG G 184 -3.74 -5.38 36.45
N LEU G 185 -4.15 -6.60 36.05
CA LEU G 185 -5.22 -6.72 35.06
C LEU G 185 -6.57 -6.36 35.66
N ALA G 186 -6.78 -6.65 36.96
CA ALA G 186 -8.02 -6.23 37.63
C ALA G 186 -8.18 -4.73 37.59
N LYS G 187 -7.11 -3.99 37.90
CA LYS G 187 -7.18 -2.54 37.85
C LYS G 187 -7.40 -2.12 36.41
N PHE G 188 -6.66 -2.75 35.49
CA PHE G 188 -6.83 -2.43 34.08
C PHE G 188 -8.27 -2.65 33.64
N ALA G 189 -8.88 -3.78 34.03
CA ALA G 189 -10.24 -4.12 33.62
C ALA G 189 -11.30 -3.26 34.28
N GLU G 190 -10.91 -2.33 35.17
CA GLU G 190 -11.84 -1.39 35.76
C GLU G 190 -11.74 -0.01 35.12
N SER G 191 -10.91 0.15 34.08
CA SER G 191 -10.58 1.48 33.55
C SER G 191 -11.78 2.13 32.86
N LEU G 192 -12.69 1.36 32.30
CA LEU G 192 -13.86 1.93 31.64
C LEU G 192 -15.11 1.98 32.53
N GLY G 193 -14.98 1.69 33.81
CA GLY G 193 -16.11 1.45 34.67
C GLY G 193 -15.97 0.13 35.42
N LYS G 194 -16.68 0.01 36.55
CA LYS G 194 -16.64 -1.20 37.38
C LYS G 194 -17.59 -2.23 36.79
N PRO G 195 -17.11 -3.32 36.20
CA PRO G 195 -18.02 -4.29 35.62
C PRO G 195 -18.80 -5.07 36.70
N ARG G 196 -20.06 -5.34 36.39
CA ARG G 196 -20.83 -6.26 37.21
C ARG G 196 -20.40 -7.69 36.97
N LYS G 197 -19.82 -7.97 35.81
CA LYS G 197 -19.36 -9.27 35.38
C LYS G 197 -18.40 -9.02 34.22
N LEU G 198 -17.40 -9.88 34.07
CA LEU G 198 -16.36 -9.66 33.07
C LEU G 198 -16.18 -10.89 32.18
N ILE G 199 -16.12 -10.67 30.87
CA ILE G 199 -15.67 -11.71 29.94
C ILE G 199 -14.14 -11.64 29.82
N PHE G 200 -13.47 -12.76 30.04
CA PHE G 200 -12.03 -12.86 29.92
C PHE G 200 -11.72 -13.79 28.77
N THR G 201 -10.96 -13.30 27.79
CA THR G 201 -10.76 -14.05 26.55
C THR G 201 -9.37 -13.76 25.98
N GLY G 202 -9.12 -14.28 24.78
CA GLY G 202 -7.77 -14.43 24.27
C GLY G 202 -7.06 -15.60 24.93
N GLY G 203 -5.93 -15.98 24.34
CA GLY G 203 -5.14 -17.06 24.86
C GLY G 203 -4.70 -16.92 26.30
N GLY G 204 -4.57 -15.69 26.81
CA GLY G 204 -4.16 -15.51 28.18
C GLY G 204 -5.19 -15.94 29.19
N ALA G 205 -6.45 -15.98 28.79
CA ALA G 205 -7.54 -16.51 29.60
C ALA G 205 -7.55 -18.03 29.66
N LYS G 206 -6.64 -18.70 28.95
CA LYS G 206 -6.54 -20.16 29.05
C LYS G 206 -5.69 -20.62 30.22
N TYR G 207 -5.07 -19.70 30.95
CA TYR G 207 -4.37 -20.03 32.18
C TYR G 207 -5.39 -20.06 33.33
N PRO G 208 -5.85 -21.24 33.76
CA PRO G 208 -6.94 -21.26 34.75
C PRO G 208 -6.57 -20.56 36.04
N ALA G 209 -5.30 -20.62 36.44
CA ALA G 209 -4.89 -19.91 37.65
C ALA G 209 -5.04 -18.41 37.47
N LEU G 210 -4.76 -17.89 36.27
CA LEU G 210 -4.89 -16.45 36.06
C LEU G 210 -6.34 -15.99 36.19
N ARG G 211 -7.29 -16.80 35.70
CA ARG G 211 -8.70 -16.44 35.76
C ARG G 211 -9.20 -16.41 37.21
N LEU G 212 -8.76 -17.39 38.01
CA LEU G 212 -9.18 -17.46 39.40
C LEU G 212 -8.65 -16.27 40.19
N PHE G 213 -7.37 -15.95 40.05
CA PHE G 213 -6.81 -14.80 40.75
C PHE G 213 -7.48 -13.50 40.29
N LEU G 214 -7.62 -13.32 38.98
CA LEU G 214 -8.34 -12.16 38.46
C LEU G 214 -9.71 -12.03 39.11
N GLN G 215 -10.51 -13.09 39.04
CA GLN G 215 -11.84 -13.07 39.63
C GLN G 215 -11.79 -12.67 41.09
N LYS G 216 -10.82 -13.23 41.85
CA LYS G 216 -10.71 -12.93 43.26
C LYS G 216 -10.36 -11.48 43.48
N GLU G 217 -9.44 -10.94 42.67
CA GLU G 217 -9.09 -9.53 42.82
C GLU G 217 -10.27 -8.63 42.49
N MET G 218 -11.01 -8.96 41.43
CA MET G 218 -12.04 -8.04 40.97
C MET G 218 -13.30 -8.11 41.83
N GLY G 219 -13.55 -9.24 42.48
CA GLY G 219 -14.76 -9.41 43.28
C GLY G 219 -16.05 -9.57 42.50
N VAL G 220 -15.95 -9.91 41.23
CA VAL G 220 -17.09 -10.14 40.35
C VAL G 220 -16.77 -11.37 39.51
N GLU G 221 -17.81 -11.98 38.97
CA GLU G 221 -17.67 -13.20 38.19
C GLU G 221 -16.91 -12.91 36.89
N VAL G 222 -16.00 -13.82 36.55
CA VAL G 222 -15.18 -13.72 35.36
C VAL G 222 -15.48 -14.94 34.51
N VAL G 223 -16.15 -14.73 33.36
CA VAL G 223 -16.57 -15.80 32.46
C VAL G 223 -15.55 -15.86 31.33
N VAL G 224 -15.20 -17.08 30.94
CA VAL G 224 -14.25 -17.35 29.87
C VAL G 224 -15.00 -18.08 28.77
N PRO G 225 -14.91 -17.64 27.51
CA PRO G 225 -15.54 -18.40 26.41
C PRO G 225 -15.04 -19.83 26.35
N PRO G 226 -15.84 -20.75 25.81
CA PRO G 226 -15.36 -22.12 25.60
C PRO G 226 -14.08 -22.22 24.79
N GLU G 227 -13.86 -21.33 23.83
CA GLU G 227 -12.60 -21.26 23.07
C GLU G 227 -12.17 -19.80 22.97
N PRO G 228 -11.46 -19.31 23.98
CA PRO G 228 -11.09 -17.89 24.00
C PRO G 228 -10.11 -17.50 22.92
N SER G 229 -9.43 -18.46 22.29
CA SER G 229 -8.48 -18.11 21.24
C SER G 229 -9.16 -17.48 20.03
N VAL G 230 -10.40 -17.88 19.77
CA VAL G 230 -10.98 -17.62 18.47
C VAL G 230 -12.12 -16.61 18.52
N THR G 231 -12.34 -15.95 19.66
CA THR G 231 -13.48 -15.05 19.72
C THR G 231 -13.31 -13.81 18.86
N ALA G 232 -12.09 -13.28 18.73
CA ALA G 232 -11.92 -12.15 17.82
C ALA G 232 -12.16 -12.58 16.36
N ALA G 233 -11.71 -13.78 15.99
CA ALA G 233 -11.94 -14.27 14.64
C ALA G 233 -13.43 -14.48 14.33
N LEU G 234 -14.18 -14.96 15.32
CA LEU G 234 -15.63 -15.09 15.18
C LEU G 234 -16.26 -13.73 14.92
N GLY G 235 -15.82 -12.71 15.65
CA GLY G 235 -16.31 -11.37 15.39
C GLY G 235 -16.04 -10.89 13.98
N ALA G 236 -14.82 -11.10 13.48
CA ALA G 236 -14.50 -10.77 12.10
C ALA G 236 -15.43 -11.47 11.13
N ALA G 237 -15.70 -12.76 11.37
CA ALA G 237 -16.56 -13.53 10.49
C ALA G 237 -17.98 -13.01 10.50
N LEU G 238 -18.48 -12.61 11.69
CA LEU G 238 -19.82 -12.05 11.81
C LEU G 238 -19.92 -10.69 11.15
N ILE G 239 -18.86 -9.88 11.24
CA ILE G 239 -18.81 -8.62 10.51
C ILE G 239 -18.79 -8.90 9.01
N ALA G 240 -17.95 -9.86 8.61
CA ALA G 240 -17.89 -10.23 7.19
C ALA G 240 -19.28 -10.58 6.66
N ARG G 241 -20.03 -11.38 7.42
CA ARG G 241 -21.37 -11.76 7.00
C ARG G 241 -22.30 -10.54 6.98
N GLU G 242 -22.23 -9.70 8.01
CA GLU G 242 -23.06 -8.50 8.04
C GLU G 242 -22.74 -7.57 6.88
N THR G 243 -21.46 -7.44 6.55
CA THR G 243 -21.01 -6.78 5.34
C THR G 243 -21.39 -7.66 4.14
N MET H 1 43.21 -27.96 40.32
CA MET H 1 42.83 -28.12 41.76
C MET H 1 42.39 -26.78 42.37
N PHE H 2 42.48 -25.73 41.55
CA PHE H 2 41.97 -24.40 41.89
C PHE H 2 40.77 -24.14 40.98
N ALA H 3 39.57 -24.15 41.57
CA ALA H 3 38.33 -24.09 40.82
C ALA H 3 37.67 -22.73 40.97
N GLY H 4 37.08 -22.26 39.88
CA GLY H 4 36.25 -21.07 39.89
C GLY H 4 34.93 -21.36 39.22
N LEU H 5 33.82 -21.08 39.92
CA LEU H 5 32.50 -21.46 39.45
C LEU H 5 31.62 -20.22 39.31
N ASP H 6 31.22 -19.93 38.08
CA ASP H 6 30.42 -18.76 37.74
C ASP H 6 28.99 -19.24 37.50
N LEU H 7 28.13 -19.04 38.50
CA LEU H 7 26.72 -19.48 38.44
C LEU H 7 25.87 -18.32 37.91
N GLY H 8 25.93 -18.14 36.59
CA GLY H 8 25.25 -17.05 35.95
C GLY H 8 23.75 -17.22 35.87
N SER H 9 23.09 -16.17 35.37
CA SER H 9 21.64 -16.24 35.19
C SER H 9 21.28 -17.22 34.08
N THR H 10 22.11 -17.31 33.06
CA THR H 10 21.82 -18.06 31.84
C THR H 10 22.69 -19.30 31.68
N ASN H 11 23.97 -19.19 31.97
CA ASN H 11 24.85 -20.36 31.95
C ASN H 11 25.67 -20.38 33.22
N SER H 12 26.09 -21.59 33.61
CA SER H 12 27.01 -21.78 34.72
C SER H 12 28.27 -22.44 34.17
N LYS H 13 29.41 -21.92 34.64
CA LYS H 13 30.70 -22.22 34.04
C LYS H 13 31.68 -22.69 35.09
N LEU H 14 32.40 -23.76 34.77
CA LEU H 14 33.44 -24.34 35.62
C LEU H 14 34.77 -24.18 34.94
N VAL H 15 35.74 -23.59 35.64
CA VAL H 15 37.13 -23.60 35.23
C VAL H 15 37.95 -24.21 36.35
N ILE H 16 38.81 -25.18 36.00
CA ILE H 16 39.67 -25.86 36.97
C ILE H 16 41.12 -25.68 36.52
N ILE H 17 41.93 -25.06 37.36
CA ILE H 17 43.34 -24.86 37.07
C ILE H 17 44.14 -26.02 37.66
N LYS H 18 44.87 -26.74 36.80
CA LYS H 18 45.81 -27.74 37.29
C LYS H 18 47.03 -27.03 37.89
N GLU H 19 47.76 -27.76 38.73
CA GLU H 19 48.95 -27.17 39.35
C GLU H 19 49.99 -26.77 38.30
N ASP H 20 50.01 -27.47 37.16
CA ASP H 20 50.93 -27.12 36.07
C ASP H 20 50.66 -25.74 35.49
N GLY H 21 49.48 -25.16 35.75
CA GLY H 21 49.11 -23.85 35.24
C GLY H 21 48.07 -23.89 34.12
N SER H 22 47.89 -25.04 33.47
CA SER H 22 46.87 -25.17 32.44
C SER H 22 45.51 -25.42 33.09
N TYR H 23 44.45 -25.16 32.33
CA TYR H 23 43.10 -25.25 32.86
C TYR H 23 42.16 -25.90 31.86
N THR H 24 41.07 -26.44 32.37
CA THR H 24 39.95 -26.96 31.60
C THR H 24 38.70 -26.19 31.98
N PHE H 25 37.62 -26.43 31.24
CA PHE H 25 36.36 -25.79 31.60
C PHE H 25 35.17 -26.60 31.07
N LYS H 26 34.08 -26.56 31.84
CA LYS H 26 32.78 -27.05 31.36
C LYS H 26 31.73 -25.97 31.59
N VAL H 27 30.74 -25.94 30.71
CA VAL H 27 29.67 -24.94 30.72
C VAL H 27 28.36 -25.65 30.51
N VAL H 28 27.36 -25.34 31.33
CA VAL H 28 26.02 -25.90 31.16
C VAL H 28 25.00 -24.82 31.42
N PRO H 29 23.80 -24.97 30.84
CA PRO H 29 22.73 -24.00 31.09
C PRO H 29 22.33 -23.97 32.56
N THR H 30 21.93 -22.78 33.02
CA THR H 30 21.53 -22.66 34.43
C THR H 30 20.10 -23.11 34.65
N ARG H 31 19.22 -22.90 33.67
CA ARG H 31 17.81 -23.27 33.77
C ARG H 31 17.18 -22.78 35.08
N TYR H 32 17.50 -21.54 35.45
CA TYR H 32 16.94 -20.90 36.63
C TYR H 32 17.19 -21.70 37.90
N GLU H 33 18.26 -22.48 37.95
CA GLU H 33 18.55 -23.31 39.13
C GLU H 33 20.06 -23.43 39.30
N PRO H 34 20.70 -22.37 39.78
CA PRO H 34 22.18 -22.35 39.79
C PRO H 34 22.83 -23.37 40.71
N VAL H 35 22.28 -23.62 41.90
CA VAL H 35 22.90 -24.60 42.79
C VAL H 35 22.98 -25.95 42.09
N LYS H 36 21.95 -26.27 41.32
CA LYS H 36 21.83 -27.56 40.66
C LYS H 36 22.80 -27.64 39.50
N ALA H 37 22.94 -26.55 38.75
CA ALA H 37 23.95 -26.47 37.70
C ALA H 37 25.36 -26.56 38.26
N GLY H 38 25.61 -25.89 39.38
CA GLY H 38 26.93 -25.95 39.99
C GLY H 38 27.27 -27.34 40.49
N GLU H 39 26.31 -28.01 41.12
CA GLU H 39 26.54 -29.37 41.61
C GLU H 39 26.90 -30.31 40.47
N LEU H 40 26.08 -30.31 39.41
CA LEU H 40 26.36 -31.17 38.26
C LEU H 40 27.71 -30.86 37.67
N LEU H 41 28.01 -29.57 37.47
CA LEU H 41 29.31 -29.19 36.95
C LEU H 41 30.43 -29.74 37.81
N LEU H 42 30.22 -29.79 39.13
CA LEU H 42 31.26 -30.14 40.08
C LEU H 42 31.39 -31.64 40.32
N LYS H 43 30.49 -32.46 39.78
CA LYS H 43 30.58 -33.89 39.99
C LYS H 43 31.69 -34.48 39.14
N ASN H 44 32.51 -35.34 39.75
CA ASN H 44 33.59 -36.07 39.10
C ASN H 44 34.75 -35.17 38.67
N THR H 45 34.89 -34.00 39.28
CA THR H 45 35.97 -33.09 38.92
C THR H 45 37.30 -33.45 39.57
N GLY H 46 37.30 -34.40 40.50
CA GLY H 46 38.50 -34.66 41.25
C GLY H 46 38.58 -33.70 42.42
N GLU H 47 39.75 -33.62 43.01
CA GLU H 47 39.91 -32.92 44.29
C GLU H 47 40.45 -31.51 44.09
N ILE H 48 39.79 -30.58 44.79
CA ILE H 48 40.01 -29.14 44.67
C ILE H 48 40.49 -28.63 46.02
N ARG H 49 41.61 -27.91 46.01
CA ARG H 49 42.14 -27.33 47.24
C ARG H 49 41.43 -26.02 47.57
N ASN H 50 41.05 -25.24 46.54
CA ASN H 50 40.39 -23.97 46.76
C ASN H 50 39.30 -23.75 45.70
N LEU H 51 38.16 -23.25 46.16
CA LEU H 51 37.07 -22.89 45.26
C LEU H 51 36.63 -21.45 45.51
N VAL H 52 36.45 -20.72 44.42
CA VAL H 52 35.83 -19.40 44.42
C VAL H 52 34.53 -19.50 43.62
N VAL H 53 33.45 -18.97 44.16
CA VAL H 53 32.17 -18.97 43.47
C VAL H 53 31.76 -17.53 43.15
N THR H 54 31.21 -17.31 41.96
CA THR H 54 30.76 -16.00 41.53
C THR H 54 29.45 -16.18 40.77
N GLY H 55 28.83 -15.04 40.47
CA GLY H 55 27.60 -15.01 39.70
C GLY H 55 26.39 -14.94 40.61
N TYR H 56 25.23 -14.84 39.96
CA TYR H 56 23.97 -14.77 40.70
C TYR H 56 23.84 -15.87 41.74
N GLY H 57 24.25 -17.09 41.39
CA GLY H 57 24.05 -18.23 42.25
C GLY H 57 24.98 -18.35 43.45
N ARG H 58 25.79 -17.33 43.75
CA ARG H 58 26.91 -17.55 44.65
C ARG H 58 26.45 -17.82 46.09
N VAL H 59 25.47 -17.08 46.59
CA VAL H 59 25.07 -17.27 47.99
C VAL H 59 24.48 -18.66 48.20
N ALA H 60 23.48 -19.02 47.40
CA ALA H 60 22.78 -20.29 47.61
C ALA H 60 23.73 -21.48 47.53
N PHE H 61 24.80 -21.37 46.75
CA PHE H 61 25.83 -22.41 46.65
C PHE H 61 26.73 -22.20 47.87
N ASN H 62 26.44 -22.95 48.93
CA ASN H 62 27.07 -22.68 50.23
C ASN H 62 28.45 -23.30 50.32
N ARG H 63 29.31 -23.01 49.35
CA ARG H 63 30.63 -23.60 49.28
C ARG H 63 31.57 -22.58 48.63
N GLY H 64 32.80 -22.54 49.12
CA GLY H 64 33.83 -21.74 48.50
C GLY H 64 33.81 -20.27 48.92
N LYS H 65 34.82 -19.56 48.43
CA LYS H 65 34.94 -18.12 48.60
C LYS H 65 34.06 -17.39 47.59
N VAL H 66 33.38 -16.34 48.04
CA VAL H 66 32.39 -15.64 47.26
C VAL H 66 32.97 -14.31 46.78
N VAL H 67 33.06 -14.17 45.45
CA VAL H 67 33.54 -12.94 44.82
C VAL H 67 32.56 -12.55 43.71
N THR H 68 32.35 -11.24 43.52
CA THR H 68 31.43 -10.78 42.48
C THR H 68 32.02 -11.04 41.09
N GLU H 69 31.09 -11.07 40.11
CA GLU H 69 31.48 -11.32 38.73
C GLU H 69 32.25 -10.17 38.12
N ILE H 70 32.19 -8.98 38.75
CA ILE H 70 33.02 -7.87 38.27
C ILE H 70 34.49 -8.18 38.51
N THR H 71 34.84 -8.43 39.78
CA THR H 71 36.24 -8.65 40.13
C THR H 71 36.77 -9.87 39.39
N CYS H 72 35.97 -10.93 39.33
CA CYS H 72 36.39 -12.14 38.64
C CYS H 72 36.64 -11.87 37.16
N GLN H 73 35.74 -11.14 36.51
CA GLN H 73 35.90 -10.86 35.09
C GLN H 73 37.19 -10.09 34.84
N ALA H 74 37.51 -9.12 35.71
CA ALA H 74 38.74 -8.36 35.57
C ALA H 74 39.96 -9.27 35.66
N ARG H 75 40.00 -10.14 36.68
CA ARG H 75 41.13 -11.04 36.86
C ARG H 75 41.31 -11.96 35.65
N GLY H 76 40.23 -12.64 35.24
CA GLY H 76 40.32 -13.58 34.13
C GLY H 76 40.71 -12.89 32.84
N CYS H 77 40.12 -11.73 32.58
CA CYS H 77 40.45 -10.99 31.37
C CYS H 77 41.87 -10.42 31.43
N HIS H 78 42.41 -10.21 32.64
CA HIS H 78 43.74 -9.66 32.77
C HIS H 78 44.80 -10.69 32.39
N GLU H 79 44.51 -11.97 32.70
CA GLU H 79 45.43 -13.04 32.34
C GLU H 79 45.67 -13.08 30.84
N LEU H 80 44.63 -12.83 30.04
CA LEU H 80 44.71 -12.96 28.59
C LEU H 80 45.17 -11.67 27.93
N PHE H 81 44.72 -10.53 28.43
CA PHE H 81 45.01 -9.23 27.85
C PHE H 81 45.47 -8.30 28.97
N PRO H 82 46.68 -8.52 29.48
CA PRO H 82 47.18 -7.67 30.58
C PRO H 82 47.37 -6.22 30.19
N GLU H 83 47.56 -5.91 28.92
CA GLU H 83 47.88 -4.57 28.47
C GLU H 83 46.65 -3.74 28.11
N VAL H 84 45.49 -4.36 27.87
CA VAL H 84 44.27 -3.61 27.55
C VAL H 84 43.50 -3.35 28.84
N ASP H 85 42.93 -2.15 28.96
CA ASP H 85 42.45 -1.68 30.26
C ASP H 85 40.95 -1.79 30.46
N TYR H 86 40.16 -1.86 29.39
CA TYR H 86 38.71 -1.86 29.49
C TYR H 86 38.13 -3.21 29.06
N ILE H 87 37.06 -3.59 29.75
CA ILE H 87 36.36 -4.85 29.55
C ILE H 87 34.87 -4.59 29.40
N LEU H 88 34.29 -5.01 28.28
CA LEU H 88 32.84 -5.09 28.14
C LEU H 88 32.42 -6.56 28.24
N ASP H 89 31.63 -6.87 29.24
CA ASP H 89 31.09 -8.21 29.48
C ASP H 89 29.58 -8.15 29.27
N LEU H 90 29.10 -8.86 28.24
CA LEU H 90 27.66 -8.98 27.98
C LEU H 90 27.21 -10.39 28.34
N GLY H 91 26.35 -10.51 29.35
CA GLY H 91 25.74 -11.78 29.69
C GLY H 91 24.28 -11.85 29.28
N GLY H 92 23.54 -12.74 29.95
CA GLY H 92 22.15 -12.95 29.61
C GLY H 92 21.23 -11.91 30.22
N GLN H 93 21.55 -11.48 31.43
CA GLN H 93 20.75 -10.47 32.12
C GLN H 93 21.46 -9.14 32.31
N ASP H 94 22.79 -9.12 32.44
CA ASP H 94 23.54 -7.91 32.80
C ASP H 94 24.60 -7.55 31.74
N ALA H 95 24.83 -6.25 31.60
CA ALA H 95 25.95 -5.69 30.84
C ALA H 95 26.86 -4.97 31.82
N LYS H 96 28.17 -5.14 31.66
CA LYS H 96 29.15 -4.59 32.60
C LYS H 96 30.35 -4.05 31.84
N ILE H 97 30.76 -2.83 32.14
CA ILE H 97 31.96 -2.24 31.57
C ILE H 97 32.91 -2.02 32.73
N ILE H 98 34.14 -2.50 32.57
CA ILE H 98 35.09 -2.57 33.68
C ILE H 98 36.39 -1.94 33.24
N LYS H 99 36.94 -1.08 34.09
CA LYS H 99 38.24 -0.46 33.87
C LYS H 99 39.20 -1.05 34.89
N LYS H 100 40.29 -1.62 34.39
CA LYS H 100 41.26 -2.29 35.25
C LYS H 100 42.64 -1.71 34.99
N ASP H 101 43.53 -1.91 35.97
CA ASP H 101 44.86 -1.34 35.97
C ASP H 101 45.88 -2.40 35.55
N GLY H 102 47.16 -1.98 35.54
CA GLY H 102 48.23 -2.85 35.06
C GLY H 102 48.40 -4.10 35.89
N GLN H 103 47.99 -4.08 37.15
CA GLN H 103 47.95 -5.30 37.95
C GLN H 103 46.63 -6.05 37.81
N GLY H 104 45.69 -5.50 37.05
CA GLY H 104 44.41 -6.16 36.87
C GLY H 104 43.37 -5.83 37.92
N ARG H 105 43.61 -4.81 38.74
CA ARG H 105 42.65 -4.41 39.75
C ARG H 105 41.55 -3.55 39.17
N VAL H 106 40.33 -3.75 39.67
CA VAL H 106 39.18 -2.95 39.23
C VAL H 106 39.38 -1.52 39.73
N VAL H 107 39.60 -0.58 38.80
CA VAL H 107 39.68 0.82 39.20
C VAL H 107 38.34 1.55 39.05
N ASN H 108 37.43 1.03 38.23
CA ASN H 108 36.05 1.51 38.18
C ASN H 108 35.22 0.48 37.42
N PHE H 109 33.90 0.61 37.50
CA PHE H 109 33.03 -0.28 36.76
C PHE H 109 31.65 0.36 36.70
N LEU H 110 30.86 -0.11 35.74
CA LEU H 110 29.45 0.21 35.71
C LEU H 110 28.67 -0.97 35.14
N MET H 111 27.47 -1.19 35.68
CA MET H 111 26.53 -2.18 35.19
C MET H 111 25.27 -1.50 34.67
N ASN H 112 24.47 -2.26 33.94
CA ASN H 112 23.36 -1.70 33.19
C ASN H 112 22.31 -1.18 34.15
N ASP H 113 21.57 -0.15 33.69
CA ASP H 113 20.44 0.30 34.48
C ASP H 113 19.28 -0.69 34.38
N LYS H 114 18.24 -0.45 35.19
CA LYS H 114 17.13 -1.42 35.26
C LYS H 114 16.46 -1.62 33.90
N CYS H 115 16.29 -0.55 33.12
CA CYS H 115 15.60 -0.69 31.86
C CYS H 115 16.48 -1.33 30.80
N ALA H 116 17.78 -1.46 31.05
CA ALA H 116 18.69 -2.11 30.13
C ALA H 116 18.94 -3.57 30.48
N ALA H 117 18.18 -4.13 31.40
CA ALA H 117 18.37 -5.51 31.80
C ALA H 117 17.81 -6.45 30.73
N GLY H 118 18.45 -7.62 30.63
CA GLY H 118 17.92 -8.69 29.81
C GLY H 118 18.26 -8.58 28.34
N THR H 119 19.24 -7.74 27.99
CA THR H 119 19.59 -7.59 26.58
C THR H 119 20.02 -8.92 25.97
N GLY H 120 20.94 -9.61 26.65
CA GLY H 120 21.48 -10.83 26.07
C GLY H 120 20.43 -11.91 25.94
N ARG H 121 19.65 -12.11 26.99
CA ARG H 121 18.49 -13.01 26.92
C ARG H 121 17.56 -12.67 25.75
N PHE H 122 17.37 -11.38 25.49
CA PHE H 122 16.45 -10.99 24.42
C PHE H 122 16.96 -11.45 23.07
N LEU H 123 18.24 -11.22 22.82
CA LEU H 123 18.85 -11.61 21.57
C LEU H 123 18.71 -13.11 21.34
N GLU H 124 19.01 -13.92 22.37
CA GLU H 124 18.83 -15.37 22.27
C GLU H 124 17.40 -15.72 21.85
N ILE H 125 16.41 -15.17 22.55
CA ILE H 125 15.01 -15.44 22.28
C ILE H 125 14.65 -15.08 20.85
N ILE H 126 14.93 -13.85 20.45
CA ILE H 126 14.48 -13.36 19.15
C ILE H 126 15.15 -14.12 18.04
N LEU H 127 16.46 -14.37 18.14
CA LEU H 127 17.13 -15.15 17.11
C LEU H 127 16.51 -16.54 16.97
N THR H 128 16.22 -17.20 18.08
CA THR H 128 15.56 -18.48 18.03
C THR H 128 14.25 -18.34 17.31
N ALA H 129 13.43 -17.35 17.65
CA ALA H 129 12.10 -17.24 17.09
C ALA H 129 12.06 -16.93 15.61
N ILE H 130 12.96 -16.04 15.13
CA ILE H 130 13.04 -15.79 13.69
C ILE H 130 14.25 -16.42 13.07
N GLY H 131 14.95 -17.33 13.77
CA GLY H 131 16.02 -18.07 13.19
C GLY H 131 17.27 -17.30 12.90
N ASP H 132 18.32 -18.00 12.56
CA ASP H 132 19.49 -17.39 11.92
C ASP H 132 20.11 -18.48 11.05
N ASP H 133 19.37 -18.94 10.04
CA ASP H 133 19.94 -19.77 9.01
C ASP H 133 20.57 -18.91 7.91
N TYR H 134 20.36 -17.58 7.91
CA TYR H 134 21.33 -16.67 7.31
C TYR H 134 22.59 -16.75 8.19
N ARG H 135 23.78 -16.92 7.63
CA ARG H 135 24.86 -16.71 8.60
C ARG H 135 25.45 -15.29 8.47
N ASP H 136 26.39 -14.97 9.37
CA ASP H 136 26.65 -13.58 9.76
C ASP H 136 27.04 -12.62 8.61
N GLU H 137 27.76 -13.13 7.57
CA GLU H 137 28.25 -12.20 6.54
C GLU H 137 27.10 -11.46 5.85
N ASP H 138 25.92 -12.09 5.77
CA ASP H 138 24.79 -11.32 5.27
C ASP H 138 24.34 -10.22 6.28
N LEU H 139 24.48 -10.48 7.58
CA LEU H 139 24.04 -9.43 8.52
C LEU H 139 24.90 -8.17 8.37
N ILE H 140 26.20 -8.38 8.38
CA ILE H 140 27.12 -7.27 8.15
C ILE H 140 27.00 -6.76 6.68
N ASN H 141 26.64 -7.68 5.74
CA ASN H 141 26.29 -7.24 4.38
C ASN H 141 24.86 -6.71 4.20
N GLU H 142 24.10 -6.47 5.28
CA GLU H 142 22.74 -5.99 5.10
C GLU H 142 22.78 -4.45 4.97
N GLU H 143 22.19 -3.98 3.83
CA GLU H 143 22.19 -2.57 3.46
C GLU H 143 21.00 -1.83 4.05
N ASN H 144 20.08 -2.54 4.70
CA ASN H 144 18.88 -1.95 5.28
C ASN H 144 18.62 -2.54 6.67
N ALA H 145 19.57 -2.36 7.57
CA ALA H 145 19.39 -2.77 8.96
C ALA H 145 18.47 -1.77 9.65
N VAL H 146 17.19 -2.12 9.78
CA VAL H 146 16.18 -1.27 10.41
C VAL H 146 16.61 -0.90 11.83
N PRO H 147 16.82 0.38 12.17
CA PRO H 147 17.10 0.73 13.57
C PRO H 147 15.90 0.38 14.46
N ILE H 148 16.17 -0.29 15.56
CA ILE H 148 15.18 -0.77 16.51
C ILE H 148 15.34 0.10 17.73
N ASN H 149 14.25 0.34 18.42
CA ASN H 149 14.31 1.17 19.63
C ASN H 149 15.35 0.63 20.59
N SER H 150 16.13 1.54 21.17
CA SER H 150 17.23 1.20 22.07
C SER H 150 16.81 1.24 23.53
N MET H 151 15.55 1.57 23.83
CA MET H 151 15.16 1.84 25.20
C MET H 151 15.29 0.60 26.08
N CYS H 152 14.65 -0.49 25.68
CA CYS H 152 14.57 -1.70 26.49
C CYS H 152 14.07 -2.81 25.59
N THR H 153 14.10 -4.02 26.11
CA THR H 153 13.63 -5.15 25.32
C THR H 153 12.11 -5.20 25.19
N VAL H 154 11.35 -4.54 26.06
CA VAL H 154 9.90 -4.46 25.88
C VAL H 154 9.59 -3.66 24.61
N PHE H 155 10.18 -2.46 24.48
CA PHE H 155 9.92 -1.61 23.32
C PHE H 155 10.48 -2.25 22.06
N ALA H 156 11.65 -2.90 22.15
CA ALA H 156 12.21 -3.54 20.96
C ALA H 156 11.34 -4.71 20.48
N GLU H 157 10.84 -5.53 21.39
CA GLU H 157 9.95 -6.61 20.95
C GLU H 157 8.72 -6.05 20.24
N SER H 158 8.15 -4.98 20.81
CA SER H 158 6.98 -4.37 20.16
C SER H 158 7.28 -4.02 18.71
N GLU H 159 8.47 -3.45 18.46
CA GLU H 159 8.80 -3.04 17.08
C GLU H 159 9.04 -4.26 16.19
N VAL H 160 9.66 -5.30 16.75
CA VAL H 160 9.96 -6.51 15.99
C VAL H 160 8.66 -7.09 15.48
N ILE H 161 7.64 -7.12 16.35
CA ILE H 161 6.31 -7.62 15.94
C ILE H 161 5.75 -6.74 14.81
N SER H 162 5.82 -5.42 14.99
CA SER H 162 5.32 -4.49 13.96
C SER H 162 6.07 -4.67 12.64
N LEU H 163 7.38 -4.80 12.70
CA LEU H 163 8.18 -4.91 11.47
C LEU H 163 7.84 -6.19 10.72
N LEU H 164 7.78 -7.31 11.42
CA LEU H 164 7.45 -8.59 10.82
C LEU H 164 5.99 -8.65 10.38
N ALA H 165 5.08 -8.04 11.15
CA ALA H 165 3.69 -8.01 10.73
C ALA H 165 3.49 -7.33 9.36
N ARG H 166 4.26 -6.31 9.03
CA ARG H 166 4.06 -5.62 7.78
C ARG H 166 5.03 -6.08 6.69
N GLY H 167 5.75 -7.17 6.91
CA GLY H 167 6.47 -7.82 5.82
C GLY H 167 7.94 -7.52 5.74
N THR H 168 8.51 -6.88 6.77
CA THR H 168 9.93 -6.58 6.77
C THR H 168 10.72 -7.89 6.83
N SER H 169 11.78 -7.95 6.04
CA SER H 169 12.58 -9.16 6.00
C SER H 169 13.21 -9.46 7.36
N LYS H 170 13.28 -10.77 7.66
CA LYS H 170 13.86 -11.19 8.93
C LYS H 170 15.32 -10.74 9.03
N ARG H 171 15.99 -10.66 7.91
CA ARG H 171 17.38 -10.27 7.88
C ARG H 171 17.57 -8.77 8.27
N ALA H 172 16.70 -7.95 7.68
CA ALA H 172 16.75 -6.52 8.00
C ALA H 172 16.48 -6.32 9.49
N VAL H 173 15.60 -7.15 10.07
CA VAL H 173 15.26 -6.98 11.47
C VAL H 173 16.38 -7.46 12.37
N ILE H 174 16.91 -8.65 12.11
CA ILE H 174 18.01 -9.17 12.90
C ILE H 174 19.21 -8.23 12.81
N ALA H 175 19.57 -7.85 11.58
CA ALA H 175 20.67 -6.91 11.42
C ALA H 175 20.39 -5.64 12.22
N GLY H 176 19.15 -5.15 12.17
CA GLY H 176 18.80 -3.95 12.94
C GLY H 176 18.96 -4.15 14.44
N LEU H 177 18.67 -5.35 14.91
CA LEU H 177 18.78 -5.62 16.34
C LEU H 177 20.24 -5.66 16.79
N PHE H 178 21.08 -6.41 16.06
CA PHE H 178 22.51 -6.41 16.37
C PHE H 178 23.11 -5.02 16.33
N LYS H 179 22.84 -4.27 15.25
CA LYS H 179 23.48 -2.96 15.12
C LYS H 179 22.98 -1.99 16.20
N THR H 180 21.68 -1.99 16.46
CA THR H 180 21.16 -1.11 17.52
C THR H 180 21.75 -1.49 18.86
N THR H 181 21.89 -2.79 19.12
CA THR H 181 22.51 -3.25 20.34
C THR H 181 23.99 -2.86 20.40
N ALA H 182 24.67 -2.89 19.26
CA ALA H 182 26.08 -2.53 19.23
C ALA H 182 26.25 -1.03 19.48
N LYS H 183 25.35 -0.22 18.91
CA LYS H 183 25.37 1.23 19.10
C LYS H 183 25.21 1.62 20.56
N ARG H 184 24.23 1.04 21.25
CA ARG H 184 24.07 1.37 22.67
C ARG H 184 25.23 0.83 23.49
N LEU H 185 25.67 -0.39 23.21
CA LEU H 185 26.80 -0.95 23.95
C LEU H 185 28.08 -0.17 23.72
N ALA H 186 28.28 0.38 22.52
CA ALA H 186 29.48 1.17 22.24
C ALA H 186 29.51 2.39 23.14
N LYS H 187 28.45 3.18 23.15
CA LYS H 187 28.39 4.30 24.08
C LYS H 187 28.52 3.83 25.53
N PHE H 188 27.89 2.73 25.85
CA PHE H 188 27.96 2.23 27.22
C PHE H 188 29.40 1.94 27.60
N ALA H 189 30.17 1.37 26.68
CA ALA H 189 31.55 1.01 26.97
C ALA H 189 32.48 2.22 27.11
N GLU H 190 32.01 3.44 26.82
CA GLU H 190 32.75 4.68 27.03
CA GLU H 190 32.81 4.64 27.07
C GLU H 190 32.34 5.44 28.29
N SER H 191 31.48 4.85 29.13
CA SER H 191 31.04 5.55 30.33
C SER H 191 32.19 5.80 31.28
N LEU H 192 33.19 4.93 31.29
CA LEU H 192 34.31 5.08 32.20
C LEU H 192 35.50 5.77 31.54
N GLY H 193 35.34 6.21 30.30
CA GLY H 193 36.41 6.81 29.54
C GLY H 193 36.53 6.20 28.16
N LYS H 194 36.83 7.01 27.15
CA LYS H 194 37.01 6.51 25.79
C LYS H 194 38.17 5.52 25.79
N PRO H 195 37.95 4.23 25.50
CA PRO H 195 39.08 3.30 25.50
C PRO H 195 39.94 3.41 24.26
N ARG H 196 41.21 3.05 24.43
CA ARG H 196 42.12 2.93 23.29
C ARG H 196 41.93 1.58 22.60
N LYS H 197 41.67 0.54 23.40
CA LYS H 197 41.37 -0.80 22.94
C LYS H 197 40.41 -1.43 23.94
N LEU H 198 39.53 -2.31 23.44
CA LEU H 198 38.49 -2.88 24.30
C LEU H 198 38.47 -4.40 24.25
N ILE H 199 38.38 -5.01 25.42
CA ILE H 199 38.10 -6.44 25.51
C ILE H 199 36.60 -6.64 25.54
N PHE H 200 36.10 -7.53 24.68
CA PHE H 200 34.68 -7.87 24.62
C PHE H 200 34.55 -9.35 24.92
N THR H 201 33.83 -9.67 26.00
CA THR H 201 33.67 -11.04 26.44
C THR H 201 32.26 -11.24 27.00
N GLY H 202 32.04 -12.41 27.59
CA GLY H 202 30.71 -12.88 27.89
C GLY H 202 30.09 -13.55 26.68
N GLY H 203 29.01 -14.31 26.93
CA GLY H 203 28.32 -15.00 25.84
C GLY H 203 27.91 -14.06 24.71
N GLY H 204 27.65 -12.79 25.03
CA GLY H 204 27.31 -11.86 24.00
C GLY H 204 28.40 -11.68 22.98
N ALA H 205 29.66 -11.78 23.43
CA ALA H 205 30.78 -11.67 22.49
C ALA H 205 30.86 -12.85 21.55
N LYS H 206 30.00 -13.86 21.70
CA LYS H 206 30.00 -15.01 20.79
C LYS H 206 29.27 -14.74 19.48
N TYR H 207 28.44 -13.71 19.43
CA TYR H 207 27.71 -13.35 18.24
C TYR H 207 28.63 -12.68 17.23
N PRO H 208 28.88 -13.32 16.09
CA PRO H 208 29.81 -12.72 15.13
C PRO H 208 29.39 -11.33 14.68
N ALA H 209 28.12 -11.11 14.36
CA ALA H 209 27.69 -9.79 13.90
C ALA H 209 27.88 -8.76 15.00
N LEU H 210 27.60 -9.15 16.24
CA LEU H 210 27.69 -8.17 17.33
C LEU H 210 29.12 -7.70 17.49
N ARG H 211 30.08 -8.60 17.39
CA ARG H 211 31.49 -8.19 17.45
C ARG H 211 31.80 -7.18 16.35
N LEU H 212 31.51 -7.53 15.11
CA LEU H 212 31.86 -6.64 14.02
C LEU H 212 31.15 -5.30 14.16
N PHE H 213 29.85 -5.31 14.45
CA PHE H 213 29.11 -4.06 14.58
C PHE H 213 29.59 -3.25 15.78
N LEU H 214 29.95 -3.93 16.85
CA LEU H 214 30.48 -3.20 18.01
C LEU H 214 31.78 -2.49 17.64
N GLN H 215 32.70 -3.21 17.01
CA GLN H 215 33.99 -2.63 16.65
C GLN H 215 33.81 -1.44 15.73
N LYS H 216 32.89 -1.55 14.78
CA LYS H 216 32.65 -0.44 13.87
C LYS H 216 32.16 0.78 14.63
N GLU H 217 31.26 0.58 15.60
CA GLU H 217 30.77 1.71 16.40
C GLU H 217 31.87 2.30 17.27
N MET H 218 32.64 1.44 17.93
CA MET H 218 33.73 1.93 18.77
C MET H 218 34.72 2.78 17.98
N GLY H 219 35.08 2.35 16.77
CA GLY H 219 36.19 2.95 16.04
C GLY H 219 37.54 2.75 16.70
N VAL H 220 37.66 1.74 17.55
CA VAL H 220 38.90 1.37 18.20
C VAL H 220 39.04 -0.14 18.07
N GLU H 221 40.23 -0.64 18.41
CA GLU H 221 40.49 -2.07 18.30
C GLU H 221 39.72 -2.84 19.36
N VAL H 222 39.08 -3.93 18.93
CA VAL H 222 38.34 -4.83 19.80
C VAL H 222 39.05 -6.17 19.79
N VAL H 223 39.24 -6.74 20.99
CA VAL H 223 39.89 -8.03 21.11
C VAL H 223 38.96 -8.91 21.92
N VAL H 224 38.86 -10.19 21.55
CA VAL H 224 37.83 -11.09 22.07
C VAL H 224 38.54 -12.33 22.56
N PRO H 225 38.30 -12.77 23.79
CA PRO H 225 38.98 -13.96 24.33
C PRO H 225 38.70 -15.21 23.51
N PRO H 226 39.56 -16.22 23.62
CA PRO H 226 39.31 -17.48 22.91
C PRO H 226 37.99 -18.14 23.26
N GLU H 227 37.64 -18.17 24.55
CA GLU H 227 36.37 -18.71 25.03
C GLU H 227 35.71 -17.63 25.88
N PRO H 228 35.00 -16.69 25.26
CA PRO H 228 34.43 -15.56 26.03
C PRO H 228 33.52 -15.97 27.19
N SER H 229 32.90 -17.15 27.10
CA SER H 229 31.95 -17.58 28.13
C SER H 229 32.60 -17.78 29.50
N VAL H 230 33.88 -18.08 29.55
CA VAL H 230 34.50 -18.61 30.76
C VAL H 230 35.50 -17.67 31.39
N THR H 231 35.65 -16.44 30.87
CA THR H 231 36.71 -15.60 31.40
C THR H 231 36.44 -15.21 32.86
N ALA H 232 35.17 -15.10 33.25
CA ALA H 232 34.86 -14.82 34.66
C ALA H 232 35.19 -16.03 35.52
N ALA H 233 34.88 -17.23 35.03
CA ALA H 233 35.21 -18.44 35.77
C ALA H 233 36.72 -18.60 35.88
N LEU H 234 37.45 -18.32 34.80
CA LEU H 234 38.91 -18.37 34.87
C LEU H 234 39.42 -17.38 35.90
N GLY H 235 38.82 -16.17 35.94
CA GLY H 235 39.22 -15.21 36.95
C GLY H 235 38.91 -15.69 38.35
N ALA H 236 37.81 -16.41 38.51
CA ALA H 236 37.50 -17.00 39.81
C ALA H 236 38.52 -18.06 40.18
N ALA H 237 39.00 -18.84 39.19
CA ALA H 237 39.93 -19.91 39.47
C ALA H 237 41.32 -19.36 39.79
N LEU H 238 41.71 -18.27 39.12
CA LEU H 238 42.95 -17.60 39.48
C LEU H 238 42.86 -17.03 40.90
N ILE H 239 41.77 -16.35 41.22
CA ILE H 239 41.58 -15.86 42.59
C ILE H 239 41.71 -17.01 43.58
N ALA H 240 41.04 -18.12 43.31
CA ALA H 240 41.13 -19.29 44.18
C ALA H 240 42.59 -19.70 44.39
N ARG H 241 43.38 -19.68 43.32
CA ARG H 241 44.81 -20.04 43.42
C ARG H 241 45.58 -19.02 44.26
N GLU H 242 45.18 -17.76 44.23
CA GLU H 242 45.91 -16.69 44.91
C GLU H 242 45.38 -16.40 46.31
N THR H 243 44.29 -17.02 46.73
CA THR H 243 43.79 -16.87 48.09
C THR H 243 43.76 -18.24 48.73
S1 BJ8 I . -10.96 -15.53 -26.97
S2 BJ8 I . -11.55 -17.37 -23.94
S3 BJ8 I . -10.45 -18.97 -27.16
S4 BJ8 I . -8.19 -17.18 -25.21
S5 BJ8 I . -10.15 -23.20 -21.28
S6 BJ8 I . -9.95 -19.57 -20.27
S7 BJ8 I . -12.84 -20.78 -22.18
S8 BJ8 I . -12.47 -22.00 -18.74
S9 BJ8 I . -9.54 -20.64 -23.99
FE1 BJ8 I . -9.89 -18.62 -24.92
FE2 BJ8 I . -9.33 -17.10 -27.12
FE3 BJ8 I . -10.08 -15.91 -24.94
FE4 BJ8 I . -11.86 -17.47 -26.29
FE5 BJ8 I . -12.20 -20.09 -20.12
FE6 BJ8 I . -12.36 -22.74 -20.92
FE7 BJ8 I . -10.27 -21.78 -19.49
FE8 BJ8 I . -10.58 -20.98 -22.04
O1 PG4 J . 5.21 -28.46 -31.28
O1 PG4 J . 5.10 -27.83 -31.07
C1 PG4 J . 4.10 -28.71 -32.15
C1 PG4 J . 4.12 -28.42 -31.94
C2 PG4 J . 3.06 -29.41 -31.29
C2 PG4 J . 3.15 -29.23 -31.09
O2 PG4 J . 1.92 -29.79 -32.04
O2 PG4 J . 1.84 -29.14 -31.65
C3 PG4 J . 1.15 -30.75 -31.29
C3 PG4 J . 0.96 -30.09 -31.03
C4 PG4 J . -0.34 -30.51 -31.45
C4 PG4 J . -0.40 -29.42 -30.82
O3 PG4 J . -0.73 -30.65 -32.84
O3 PG4 J . -0.64 -28.54 -31.90
C5 PG4 J . -0.95 -29.35 -33.38
C5 PG4 J . -0.87 -29.24 -33.13
C6 PG4 J . -2.44 -29.08 -33.64
C6 PG4 J . -2.32 -28.96 -33.55
O4 PG4 J . -3.22 -29.49 -32.49
O4 PG4 J . -3.20 -29.46 -32.51
C7 PG4 J . -4.60 -29.15 -32.73
C7 PG4 J . -4.55 -29.15 -32.84
C8 PG4 J . -4.81 -27.63 -32.59
C8 PG4 J . -4.85 -27.67 -32.59
O5 PG4 J . -6.08 -27.31 -33.18
O5 PG4 J . -6.20 -27.40 -32.96
HO1 PG4 J . 5.71 -27.70 -31.60
HO1 PG4 J . 5.83 -27.48 -31.59
H11 PG4 J . 3.71 -27.78 -32.57
H11 PG4 J . 3.58 -27.62 -32.48
H12 PG4 J . 4.41 -29.34 -33.00
H12 PG4 J . 4.60 -29.06 -32.68
H21 PG4 J . 3.52 -30.30 -30.83
H21 PG4 J . 3.48 -30.27 -31.05
H22 PG4 J . 2.77 -28.74 -30.48
H22 PG4 J . 3.15 -28.84 -30.06
H31 PG4 J . 1.41 -31.76 -31.62
H31 PG4 J . 0.84 -30.97 -31.67
H32 PG4 J . 1.42 -30.68 -30.23
H32 PG4 J . 1.36 -30.42 -30.07
H41 PG4 J . -0.60 -29.51 -31.10
H41 PG4 J . -0.41 -28.87 -29.88
H42 PG4 J . -0.90 -31.23 -30.85
H42 PG4 J . -1.19 -30.17 -30.77
H51 PG4 J . -0.39 -29.25 -34.32
H51 PG4 J . -0.19 -28.90 -33.91
H52 PG4 J . -0.56 -28.60 -32.68
H52 PG4 J . -0.72 -30.31 -32.99
H61 PG4 J . -2.78 -29.64 -34.52
H61 PG4 J . -2.55 -29.45 -34.50
H62 PG4 J . -2.60 -28.02 -33.83
H62 PG4 J . -2.47 -27.88 -33.68
H71 PG4 J . -4.88 -29.46 -33.74
H71 PG4 J . -4.74 -29.38 -33.89
H72 PG4 J . -5.23 -29.68 -32.02
H72 PG4 J . -5.23 -29.76 -32.23
H81 PG4 J . -4.80 -27.35 -31.54
H81 PG4 J . -4.68 -27.43 -31.54
H82 PG4 J . -4.01 -27.08 -33.09
H82 PG4 J . -4.17 -27.04 -33.18
HO5 PG4 J . -6.48 -26.56 -32.71
HO5 PG4 J . -6.47 -26.53 -32.62
S1 BJ8 K . -20.22 -6.81 -30.21
S2 BJ8 K . -23.52 -7.97 -30.34
S3 BJ8 K . -22.62 -4.65 -28.77
S4 BJ8 K . -22.90 -4.99 -32.23
S5 BJ8 K . -29.70 -5.67 -29.25
S6 BJ8 K . -28.10 -7.83 -31.76
S7 BJ8 K . -27.24 -8.21 -28.26
S8 BJ8 K . -30.53 -9.27 -29.37
S9 BJ8 K . -26.01 -5.02 -29.88
FE1 BJ8 K . -23.93 -5.66 -30.30
FE2 BJ8 K . -21.40 -4.82 -30.54
FE3 BJ8 K . -22.04 -7.04 -31.64
FE4 BJ8 K . -21.98 -6.87 -28.95
FE5 BJ8 K . -28.31 -9.25 -29.95
FE6 BJ8 K . -29.52 -7.63 -28.01
FE7 BJ8 K . -30.08 -7.38 -30.68
FE8 BJ8 K . -27.60 -6.61 -29.78
C1 GOL L . -26.70 10.12 -27.29
O1 GOL L . -27.01 11.02 -26.26
C2 GOL L . -27.57 8.88 -27.09
O2 GOL L . -28.26 8.58 -28.25
C3 GOL L . -26.62 7.75 -26.67
O3 GOL L . -26.71 7.66 -25.21
H11 GOL L . -25.77 9.86 -27.30
H12 GOL L . -26.88 10.49 -28.17
HO1 GOL L . -27.57 11.55 -26.57
H2 GOL L . -28.23 9.03 -26.39
HO2 GOL L . -29.03 8.38 -28.04
H31 GOL L . -25.73 7.96 -26.98
H32 GOL L . -26.89 6.94 -27.12
HO3 GOL L . -26.85 8.46 -24.93
C TAM M . -28.07 -6.11 -4.87
C1 TAM M . -28.37 -4.95 -3.93
C2 TAM M . -26.92 -5.81 -5.81
C3 TAM M . -27.73 -7.30 -3.94
C4 TAM M . -27.64 -3.63 -4.17
C5 TAM M . -26.96 -6.55 -7.13
C6 TAM M . -28.04 -8.68 -4.54
N TAM M . -29.31 -6.42 -5.64
O4 TAM M . -28.00 -2.71 -3.15
O5 TAM M . -26.01 -5.92 -8.02
O6 TAM M . -26.98 -9.08 -5.44
H11 TAM M . -28.12 -5.27 -2.92
H12 TAM M . -29.44 -4.76 -3.98
H21 TAM M . -26.92 -4.74 -6.02
H22 TAM M . -25.98 -6.06 -5.31
H31 TAM M . -28.29 -7.18 -3.01
H32 TAM M . -26.66 -7.25 -3.70
H41 TAM M . -26.57 -3.79 -4.18
H42 TAM M . -27.92 -3.24 -5.16
H51 TAM M . -27.97 -6.51 -7.55
H52 TAM M . -26.71 -7.60 -6.98
H61 TAM M . -28.98 -8.64 -5.07
H62 TAM M . -28.13 -9.41 -3.73
HN1 TAM M . -29.57 -5.59 -6.18
HN2 TAM M . -30.06 -6.68 -4.98
HO4 TAM M . -27.70 -1.83 -3.39
HO5 TAM M . -25.98 -6.42 -8.86
HO6 TAM M . -27.02 -10.03 -5.57
O6 BU3 N . -32.85 -3.20 -62.57
C3 BU3 N . -33.17 -3.13 -61.17
C4 BU3 N . -31.93 -2.77 -60.34
C2 BU3 N . -33.74 -4.48 -60.72
O5 BU3 N . -32.73 -5.49 -60.96
C1 BU3 N . -35.04 -4.86 -61.42
HO6 BU3 N . -32.29 -2.44 -62.81
H3 BU3 N . -33.93 -2.35 -61.00
H41 BU3 N . -31.96 -1.74 -60.09
H42 BU3 N . -31.06 -2.97 -60.92
H43 BU3 N . -31.90 -3.35 -59.47
H2 BU3 N . -33.99 -4.42 -59.64
HO5 BU3 N . -32.26 -5.27 -61.77
H11 BU3 N . -35.01 -5.87 -61.70
H12 BU3 N . -35.16 -4.25 -62.29
H13 BU3 N . -35.86 -4.69 -60.76
PB ADP O . 13.00 6.48 -32.14
O1B ADP O . 13.68 6.76 -30.82
O2B ADP O . 14.03 6.01 -33.19
O3B ADP O . 11.77 5.65 -32.02
PA ADP O . 12.75 9.41 -32.40
O1A ADP O . 12.53 9.66 -30.92
O2A ADP O . 14.11 9.55 -33.03
O3A ADP O . 12.32 7.86 -32.72
O5' ADP O . 11.63 10.16 -33.25
C5' ADP O . 11.39 9.80 -34.57
C4' ADP O . 10.17 10.59 -34.97
O4' ADP O . 10.40 12.03 -34.88
C3' ADP O . 9.60 10.36 -36.39
O3' ADP O . 8.79 9.17 -36.47
C2' ADP O . 8.79 11.66 -36.60
O2' ADP O . 7.44 11.33 -36.24
C1' ADP O . 9.34 12.71 -35.62
N9 ADP O . 9.82 13.92 -36.33
C8 ADP O . 9.53 15.20 -35.94
N7 ADP O . 10.07 16.10 -36.79
C5 ADP O . 10.74 15.42 -37.73
C6 ADP O . 11.53 15.73 -38.93
N6 ADP O . 11.74 17.02 -39.29
N1 ADP O . 12.02 14.71 -39.66
C2 ADP O . 11.82 13.42 -39.35
N3 ADP O . 11.10 13.05 -38.26
C4 ADP O . 10.57 13.97 -37.43
H5'1 ADP O . 12.24 10.06 -35.21
H5'2 ADP O . 11.22 8.73 -34.67
H4' ADP O . 9.43 10.21 -34.25
H3' ADP O . 10.37 10.16 -37.15
H2' ADP O . 8.85 12.04 -37.63
HO2' ADP O . 6.89 11.36 -37.03
H1' ADP O . 8.55 13.07 -34.94
H8 ADP O . 8.94 15.47 -35.07
HN61 ADP O . 12.29 17.24 -40.10
HN62 ADP O . 11.36 17.77 -38.71
H2 ADP O . 12.23 12.65 -39.99
MG MG P . 13.10 6.36 -28.77
AL ALF Q . 11.25 4.16 -30.93
F1 ALF Q . 9.64 4.87 -30.62
F2 ALF Q . 12.88 3.37 -31.03
F3 ALF Q . 11.83 5.07 -29.54
F4 ALF Q . 10.62 3.18 -32.25
C TAM R . 36.72 5.93 -7.67
C1 TAM R . 35.23 5.64 -7.45
C2 TAM R . 37.57 5.15 -6.66
C3 TAM R . 37.17 5.58 -9.09
C4 TAM R . 34.38 5.88 -8.69
C5 TAM R . 37.12 5.32 -5.21
C6 TAM R . 36.95 4.11 -9.44
N TAM R . 36.92 7.39 -7.44
O4 TAM R . 34.73 7.14 -9.28
O5 TAM R . 38.29 5.53 -4.38
O6 TAM R . 38.10 3.57 -10.11
H11 TAM R . 34.86 6.26 -6.63
H12 TAM R . 35.12 4.59 -7.14
H21 TAM R . 38.61 5.46 -6.75
H22 TAM R . 37.53 4.09 -6.91
H31 TAM R . 36.62 6.21 -9.80
H32 TAM R . 38.23 5.83 -9.20
H41 TAM R . 34.54 5.08 -9.41
H42 TAM R . 33.33 5.88 -8.41
H51 TAM R . 36.59 4.42 -4.87
H52 TAM R . 36.44 6.17 -5.12
H61 TAM R . 36.76 3.54 -8.53
H62 TAM R . 36.07 4.02 -10.08
HN1 TAM R . 36.82 7.89 -8.32
HN2 TAM R . 37.86 7.54 -7.04
HO4 TAM R . 33.93 7.53 -9.68
HO5 TAM R . 38.00 5.79 -3.50
HO6 TAM R . 38.86 3.61 -9.52
FE1 SF4 S . -6.70 -3.86 -37.42
FE2 SF4 S . -5.46 -1.48 -37.15
FE3 SF4 S . -4.01 -3.80 -37.41
FE4 SF4 S . -5.34 -3.24 -35.11
S1 SF4 S . -3.61 -2.04 -36.01
S2 SF4 S . -5.32 -5.22 -36.21
S3 SF4 S . -7.19 -2.24 -35.92
S4 SF4 S . -5.37 -2.85 -38.97
PB ADP T . -3.79 1.94 -57.36
O1B ADP T . -4.39 1.46 -56.05
O2B ADP T . -4.64 1.44 -58.55
O3B ADP T . -3.43 3.43 -57.39
PA ADP T . -1.70 0.41 -58.56
O1A ADP T . -2.54 -0.70 -59.17
O2A ADP T . -1.05 1.48 -59.40
O3A ADP T . -2.42 1.12 -57.37
O5' ADP T . -0.51 -0.31 -57.77
C5' ADP T . 0.48 0.40 -57.04
C4' ADP T . 1.29 -0.65 -56.27
O4' ADP T . 2.20 -1.34 -57.17
C3' ADP T . 2.21 -0.10 -55.13
O3' ADP T . 1.51 0.05 -53.91
C2' ADP T . 3.29 -1.20 -55.10
O2' ADP T . 2.97 -2.19 -54.10
C1' ADP T . 3.31 -1.94 -56.48
N9 ADP T . 4.57 -1.82 -57.23
C8 ADP T . 5.17 -2.83 -57.89
N7 ADP T . 6.34 -2.43 -58.42
C5 ADP T . 6.50 -1.13 -58.10
C6 ADP T . 7.53 -0.09 -58.33
N6 ADP T . 8.64 -0.33 -59.07
N1 ADP T . 7.30 1.12 -57.79
C2 ADP T . 6.21 1.41 -57.07
N3 ADP T . 5.25 0.49 -56.80
C4 ADP T . 5.34 -0.75 -57.28
H5'1 ADP T . 1.13 0.96 -57.72
H5'2 ADP T . 0.02 1.10 -56.35
H4' ADP T . 0.52 -1.28 -55.83
H3' ADP T . 2.61 0.91 -55.29
H2' ADP T . 4.26 -0.74 -54.88
HO2' ADP T . 3.59 -2.11 -53.37
H1' ADP T . 3.21 -3.01 -56.33
H8 ADP T . 4.76 -3.83 -57.98
HN61 ADP T . 8.78 -1.25 -59.46
HN62 ADP T . 9.32 0.39 -59.23
H2 ADP T . 6.09 2.41 -56.69
MG MG U . -6.32 0.22 -58.79
AL ALF V . -6.27 1.17 -55.36
F1 ALF V . -5.82 -0.46 -54.75
F2 ALF V . -6.68 2.86 -55.86
F3 ALF V . -5.79 1.79 -53.75
F4 ALF V . -6.73 0.46 -56.96
S SO4 W . -1.19 4.94 -51.20
O1 SO4 W . -0.03 4.38 -51.92
O2 SO4 W . -0.88 5.02 -49.78
O3 SO4 W . -1.47 6.29 -51.68
O4 SO4 W . -2.33 4.05 -51.43
S SO4 X . -3.02 15.87 -7.65
O1 SO4 X . -1.63 15.39 -7.59
O2 SO4 X . -3.28 16.89 -6.63
O3 SO4 X . -3.26 16.50 -8.95
O4 SO4 X . -3.91 14.72 -7.48
N NH4 Y . 0.16 15.18 -6.37
S SO4 Z . 12.48 9.81 -3.94
O1 SO4 Z . 13.60 10.77 -3.87
O2 SO4 Z . 12.28 9.26 -2.59
O3 SO4 Z . 11.27 10.49 -4.40
O4 SO4 Z . 12.78 8.72 -4.87
S1 BJ8 AA . 9.11 16.46 29.01
S2 BJ8 AA . 7.60 19.61 28.59
S3 BJ8 AA . 10.72 18.73 26.73
S4 BJ8 AA . 7.64 17.33 25.67
S5 BJ8 AA . 7.47 24.63 24.25
S6 BJ8 AA . 5.02 22.42 25.96
S7 BJ8 AA . 7.89 23.61 27.84
S8 BJ8 AA . 5.43 26.19 26.84
S9 BJ8 AA . 8.54 21.06 25.09
FE1 BJ8 AA . 8.51 19.31 26.44
FE2 BJ8 AA . 9.53 16.85 26.77
FE3 BJ8 AA . 7.37 17.44 28.00
FE4 BJ8 AA . 9.66 18.61 28.78
FE5 BJ8 AA . 5.66 23.90 27.63
FE6 BJ8 AA . 7.52 25.48 26.45
FE7 BJ8 AA . 5.36 24.61 25.06
FE8 BJ8 AA . 7.23 22.80 25.73
S SO4 BA . 31.58 41.48 12.89
O1 SO4 BA . 32.85 42.20 12.84
O2 SO4 BA . 31.20 41.34 14.30
O3 SO4 BA . 31.70 40.15 12.27
O4 SO4 BA . 30.57 42.23 12.16
S1 BJ8 CA . 10.55 12.42 41.51
S2 BJ8 CA . 12.00 14.85 43.71
S3 BJ8 CA . 8.96 12.80 44.58
S4 BJ8 CA . 12.13 11.42 44.71
S5 BJ8 CA . 11.67 16.51 50.17
S6 BJ8 CA . 14.30 15.92 47.68
S7 BJ8 CA . 11.29 17.72 46.65
S8 BJ8 CA . 13.54 19.42 48.96
S9 BJ8 CA . 10.91 14.00 47.33
FE1 BJ8 CA . 11.06 13.32 45.21
FE2 BJ8 CA . 10.19 11.39 43.50
FE3 BJ8 CA . 12.33 12.82 42.87
FE4 BJ8 CA . 9.95 13.99 42.89
FE5 BJ8 CA . 13.51 18.04 47.03
FE6 BJ8 CA . 11.41 18.44 48.95
FE7 BJ8 CA . 13.76 17.21 49.57
FE8 BJ8 CA . 11.96 15.92 47.86
O6 BU3 DA . 1.16 7.10 54.28
C3 BU3 DA . 2.42 6.69 54.89
C4 BU3 DA . 3.52 6.81 53.84
C2 BU3 DA . 2.35 5.26 55.47
O5 BU3 DA . 1.20 5.07 56.32
C1 BU3 DA . 3.65 5.01 56.27
HO6 BU3 DA . 1.13 6.78 53.37
H3 BU3 DA . 2.62 7.34 55.74
H41 BU3 DA . 3.47 7.78 53.39
H42 BU3 DA . 3.40 6.08 53.10
H43 BU3 DA . 4.47 6.70 54.31
H2 BU3 DA . 2.28 4.54 54.64
HO5 BU3 DA . 1.46 5.15 57.24
H11 BU3 DA . 3.57 4.09 56.78
H12 BU3 DA . 4.47 5.00 55.61
H13 BU3 DA . 3.78 5.80 56.98
O6 BU3 EA . 36.71 11.14 66.09
C3 BU3 EA . 36.50 9.72 66.01
C4 BU3 EA . 36.63 9.04 67.39
C2 BU3 EA . 37.51 9.14 65.01
O5 BU3 EA . 37.55 7.74 65.29
C1 BU3 EA . 38.86 9.80 65.17
HO6 BU3 EA . 37.00 11.38 66.98
H3 BU3 EA . 35.47 9.52 65.67
H41 BU3 EA . 35.89 9.44 68.06
H42 BU3 EA . 37.59 9.22 67.79
H43 BU3 EA . 36.47 8.00 67.30
H2 BU3 EA . 37.22 9.32 63.96
HO5 BU3 EA . 38.32 7.54 65.83
H11 BU3 EA . 39.57 9.31 64.56
H12 BU3 EA . 38.79 10.81 64.88
H13 BU3 EA . 39.17 9.72 66.18
C TAM FA . -8.24 26.99 49.43
C1 TAM FA . -6.98 26.10 49.47
C2 TAM FA . -7.81 28.26 48.67
C3 TAM FA . -9.36 26.35 48.63
C4 TAM FA . -7.25 24.61 49.63
C5 TAM FA . -8.14 29.60 49.31
C6 TAM FA . -10.58 27.26 48.48
N TAM FA . -8.68 27.18 50.85
O4 TAM FA . -6.31 24.04 50.57
O5 TAM FA . -7.16 29.93 50.30
O6 TAM FA . -11.67 26.77 49.30
H11 TAM FA . -6.35 26.43 50.30
H12 TAM FA . -6.42 26.25 48.54
H21 TAM FA . -8.27 28.23 47.69
H22 TAM FA . -6.72 28.22 48.53
H31 TAM FA . -8.99 26.09 47.63
H32 TAM FA . -9.67 25.43 49.12
H41 TAM FA . -7.15 24.11 48.67
H42 TAM FA . -8.27 24.46 49.99
H51 TAM FA . -9.13 29.55 49.78
H52 TAM FA . -8.17 30.38 48.55
H61 TAM FA . -10.33 28.28 48.78
H62 TAM FA . -10.89 27.29 47.43
HN1 TAM FA . -9.35 26.45 51.12
HN2 TAM FA . -9.06 28.11 51.06
HO4 TAM FA . -6.11 23.13 50.31
HO5 TAM FA . -7.24 30.86 50.55
HO6 TAM FA . -11.43 26.88 50.23
PB ADP GA . -2.50 -12.92 19.95
O1B ADP GA . -1.80 -11.74 20.62
O2B ADP GA . -3.92 -12.70 19.45
O3B ADP GA . -1.68 -13.61 18.87
PA ADP GA . -3.50 -15.09 21.59
O1A ADP GA . -3.41 -16.19 20.58
O2A ADP GA . -4.82 -14.51 21.95
O3A ADP GA . -2.42 -13.93 21.24
O5' ADP GA . -2.83 -15.58 22.96
C5' ADP GA . -1.51 -16.04 23.04
C4' ADP GA . -1.19 -16.19 24.50
O4' ADP GA . -1.92 -17.30 25.14
C3' ADP GA . 0.29 -16.45 24.83
O3' ADP GA . 1.01 -15.23 24.87
C2' ADP GA . 0.21 -17.15 26.20
O2' ADP GA . 0.35 -16.19 27.28
C1' ADP GA . -1.22 -17.67 26.36
N9 ADP GA . -1.31 -19.12 26.56
C8 ADP GA . -2.14 -19.72 27.45
N7 ADP GA . -1.99 -21.05 27.43
C5 ADP GA . -1.08 -21.33 26.49
C6 ADP GA . -0.44 -22.56 25.95
N6 ADP GA . -0.80 -23.77 26.45
N1 ADP GA . 0.50 -22.42 25.00
C2 ADP GA . 0.88 -21.20 24.51
N3 ADP GA . 0.35 -20.02 24.97
C4 ADP GA . -0.61 -20.04 25.93
H5'1 ADP GA . -1.41 -17.00 22.52
H5'2 ADP GA . -0.83 -15.33 22.57
H4' ADP GA . -1.51 -15.23 24.90
H3' ADP GA . 0.82 -17.06 24.09
H2' ADP GA . 1.01 -17.90 26.26
HO2' ADP GA . 1.19 -16.32 27.72
H1' ADP GA . -1.65 -17.23 27.26
H8 ADP GA . -2.83 -19.19 28.10
HN61 ADP GA . -1.50 -23.83 27.17
HN62 ADP GA . -0.37 -24.61 26.09
H2 ADP GA . 1.63 -21.16 23.73
MG MG HA . -5.33 -11.20 19.72
AL ALF IA . -2.15 -9.85 20.21
F1 ALF IA . -0.38 -9.66 20.34
F2 ALF IA . -3.92 -9.95 20.18
F3 ALF IA . -2.25 -9.46 21.97
F4 ALF IA . -2.09 -10.08 18.43
S SO4 JA . -23.58 -0.12 38.41
O1 SO4 JA . -22.89 -1.42 38.53
O2 SO4 JA . -22.72 0.91 38.99
O3 SO4 JA . -24.85 -0.18 39.12
O4 SO4 JA . -23.83 0.11 37.01
N NH4 KA . -25.03 -0.39 35.23
C TAM LA . -28.31 -9.94 0.33
C1 TAM LA . -29.84 -9.77 0.39
C2 TAM LA . -27.65 -8.98 1.32
C3 TAM LA . -27.95 -11.41 0.64
C4 TAM LA . -30.49 -10.53 -0.78
C5 TAM LA . -27.88 -7.53 0.93
C6 TAM LA . -27.55 -12.11 -0.67
N TAM LA . -27.82 -9.54 -1.00
O4 TAM LA . -30.51 -11.95 -0.46
O5 TAM LA . -27.54 -6.66 2.01
O6 TAM LA . -27.71 -13.53 -0.59
H11 TAM LA . -30.22 -10.15 1.33
H12 TAM LA . -30.09 -8.71 0.33
H21 TAM LA . -26.58 -9.18 1.36
H22 TAM LA . -28.05 -9.16 2.32
H31 TAM LA . -28.81 -11.92 1.08
H32 TAM LA . -27.12 -11.45 1.34
H41 TAM LA . -29.91 -10.36 -1.69
H42 TAM LA . -31.50 -10.16 -0.95
H51 TAM LA . -28.92 -7.38 0.65
H52 TAM LA . -27.27 -7.28 0.05
H61 TAM LA . -26.51 -11.88 -0.91
H62 TAM LA . -28.17 -11.73 -1.49
HN1 TAM LA . -26.81 -9.31 -0.97
HN2 TAM LA . -28.35 -8.73 -1.36
HO4 TAM LA . -31.41 -12.27 -0.50
HO5 TAM LA . -27.82 -5.75 1.80
HO6 TAM LA . -27.28 -13.95 -1.34
O6 BU3 MA . -19.83 -21.75 3.53
C3 BU3 MA . -18.87 -22.58 2.87
C4 BU3 MA . -19.49 -23.95 2.63
C2 BU3 MA . -17.61 -22.61 3.72
O5 BU3 MA . -16.49 -22.32 2.85
C1 BU3 MA . -17.46 -23.94 4.46
HO6 BU3 MA . -20.34 -22.28 4.14
H3 BU3 MA . -18.58 -22.19 1.88
H41 BU3 MA . -19.91 -24.31 3.53
H42 BU3 MA . -18.75 -24.63 2.29
H43 BU3 MA . -20.25 -23.87 1.89
H2 BU3 MA . -17.67 -21.85 4.51
HO5 BU3 MA . -16.19 -23.14 2.43
H11 BU3 MA . -16.65 -23.87 5.14
H12 BU3 MA . -17.26 -24.70 3.76
H13 BU3 MA . -18.35 -24.15 4.98
FE1 SF4 NA . 11.03 -0.61 29.16
FE2 SF4 NA . 11.81 0.68 31.45
FE3 SF4 NA . 10.21 -1.49 31.62
FE4 SF4 NA . 9.21 0.83 30.54
S1 SF4 NA . 9.98 0.49 32.71
S2 SF4 NA . 8.97 -1.30 29.70
S3 SF4 NA . 11.04 1.66 29.54
S4 SF4 NA . 12.30 -1.49 30.80
PB ADP OA . 25.53 -15.12 32.10
O1B ADP OA . 26.99 -15.09 32.48
O2B ADP OA . 24.72 -16.27 32.63
O3B ADP OA . 24.84 -13.75 32.22
PA ADP OA . 26.70 -15.71 29.54
O1A ADP OA . 26.86 -17.19 29.64
O2A ADP OA . 27.89 -14.77 29.76
O3A ADP OA . 25.48 -15.32 30.52
O5' ADP OA . 26.03 -15.36 28.11
C5' ADP OA . 24.69 -15.80 27.81
C4' ADP OA . 24.34 -15.07 26.53
O4' ADP OA . 25.15 -15.48 25.40
C3' ADP OA . 22.91 -15.18 26.02
O3' ADP OA . 22.06 -14.30 26.71
C2' ADP OA . 23.08 -14.86 24.53
O2' ADP OA . 22.87 -13.48 24.22
C1' ADP OA . 24.57 -15.12 24.15
N9 ADP OA . 24.81 -16.12 23.09
C8 ADP OA . 25.66 -15.94 22.05
N7 ADP OA . 25.65 -17.01 21.20
C5 ADP OA . 24.75 -17.88 21.72
C6 ADP OA . 24.24 -19.21 21.36
N6 ADP OA . 24.70 -19.84 20.25
N1 ADP OA . 23.31 -19.77 22.17
C2 ADP OA . 22.83 -19.17 23.27
N3 ADP OA . 23.27 -17.93 23.67
C4 ADP OA . 24.20 -17.28 22.96
H5'1 ADP OA . 24.65 -16.88 27.67
H5'2 ADP OA . 24.00 -15.55 28.62
H4' ADP OA . 24.52 -14.04 26.86
H3' ADP OA . 22.43 -16.16 26.18
H2' ADP OA . 22.35 -15.48 24.00
HO2' ADP OA . 22.05 -13.39 23.74
H1' ADP OA . 25.00 -14.23 23.68
H8 ADP OA . 26.27 -15.05 21.89
HN61 ADP OA . 24.33 -20.75 20.00
HN62 ADP OA . 25.39 -19.39 19.67
H2 ADP OA . 22.08 -19.67 23.87
MG MG PA . 28.10 -13.60 33.18
AL ALF QA . 24.76 -12.55 33.83
F1 ALF QA . 26.56 -12.55 33.93
F2 ALF QA . 22.99 -12.51 33.69
F3 ALF QA . 24.68 -13.91 34.98
F4 ALF QA . 24.88 -11.17 32.66
#